data_9H4Q
#
_entry.id   9H4Q
#
loop_
_entity.id
_entity.type
_entity.pdbx_description
1 polymer 'Maintenance of telomere capping protein 5'
2 polymer 'GTP-binding protein GTR1'
3 polymer 'GTP-binding protein GTR2'
4 polymer 'Nitrogen permease regulator 2'
5 polymer 'Nitrogen permease regulator 3'
6 polymer 'Vacuolar membrane-associated protein IML1'
7 polymer 'Protein MEH1'
8 polymer 'Protein EGO2'
9 polymer 'Protein SLM4'
10 non-polymer 'MAGNESIUM ION'
11 non-polymer 'ALUMINUM FLUORIDE'
12 non-polymer "GUANOSINE-5'-DIPHOSPHATE"
#
loop_
_entity_poly.entity_id
_entity_poly.type
_entity_poly.pdbx_seq_one_letter_code
_entity_poly.pdbx_strand_id
1 'polypeptide(L)'
;MCSSINEGPYNSPTFGKSLSLKVDGGFNAVSINPSGRDIVLASRQGLYIIDLDDPFTPPRWLHHITPWQVADVQWSPHPA
KPYWIVSTSNQKAIIWNLAKSSSNAIEFVLHGHSRAITDINFNPQHPDVLATCSVDTYVHAWDMRSPHRPFYSTSSWRSA
ASQVKWNYKDPNVLASSHGNDIFVWDLRKGSTPLCSLKGHVSSVNSIDFNRFKYSEIMSSSNDGTVKFWDYSKSTTESKR
TVTTNFPIWRGRYLPFGEGYCIMPMVGGNNAVYLINLCDDDDSEQNKKTKLQPIYAFKGHSDRVIDFLWRSRHTCDGDYD
DREFQLVTWSKDCDLKLWPISDSIYGKVNFDRGKRLEEKLPDYDYCSYNKEPENRENVQKNEFRRLRENFVTTSGLKKNK
TNHITWLSGIRMNSATSQEDLFNETKIQNLGEEVSAIGHKFPKVVFEKISVSTRELCLTLNGPWSEENPDDYIFLRISIN
FPLNYPNKGDPPKFTIEENSNLTMSKRQEILSNLATIGQKYTDSNLYCLEPCIRFVLGEKVSLEDIEEGQEPLLNFDIAD
HIDFEELSSLDSSYSDSQNPENLSSQSDIESYKEALVFPDTSNQGLDFGRNLALDTTPVPNGCGSCWTATGELFCFFANE
KKPEKKQNAIIKLSQKEAGVEKHPFKIEPQVLYDKEVDSSVITAADELKARPKRYVDTLGLGGGTNGDSRTYFDDETSSD
DSFDSVADDWDDILRNDIIVRTKIPILRGNFKAFSSVHSESGKTVESTKKNKNLVISKNFSSLLSDRKELALEYLFMDAT
PEGFARNNALVAEKFDLDEISHCWQILSDMLIDQSDYDPYTTIWNNHPMGIKWFIKEAIVYFERQQNLQMLAMLCCVILS
ARRKKIPARYYGQELENMEGTIVFNDNESQNTSFWKGSDAFSTRSRSSTVTPNFYGNHLRGKNIHGGDNSSIRSDDHHAR
LRTHNTLNGSSKFTEPAQKQGSRAISSSPFHSRMPDIKVELLHDDIIEAYEQEDLLHLEVSDIPKFQTYIYQYSKLLFRW
GLPLERVKILKVSTDFRSSYSSQGIPPNNNKKSPYNGVLTHWIENNEFGEEKFLARNCNYCDLRVTRSSFICGNCQHVLH
SSCARIWWEIGDECPSGCGCNCPEMFDA
;
C
2 'polypeptide(L)'
;MSSNNRKKLLLMGRSGSGKSSMRSIIFSNYSAFDTRRLGATIDVEHSHLRFLGNMTLNLWDCGGQDVFMENYFTKQKDHI
FQMVQVLIHVFDVESTEVLKDIEIFAKALKQLRKYSPDAKIFVLLHKMDLVQLDKREELFQIMMKNLSETSSEFGFPNLI
GFPTSIWDESLYKAWSQIVCSLIPNMSNHQSNLKKFKEIMNALEIILFERTTFLVICSSNGENSNENHDSSDNNNVLLDP
KRFEKISNIMKNFKQSCTKLKSGFKTLILNNNIYVSELSSNMVCFIVLKDMNIPQELVLENIKKAKEFFQ
;
a
3 'polypeptide(L)'
;MSLEATDSKAMVLLMGVRRCGKSSICKVVFHNMQPLDTLYLESTSNPSLEHFSTLIDLAVMELPGQLNYFEPSYDSERLF
KSVGALVYVIDSQDEYINAITNLAMIIEYAYKVNPSINIEVLIHKVDGLSEDFKVDAQRDIMQRTGEELLELGLDGVQVS
FYLTSIFDHSIYEAFSRIVQKLIPELSFLENMLDNLIQHSKIEKAFLFDVNSKIYVSTDSNPVDIQMYEVCSEFIDVTID
LFDLYKAPVLRNSQKSSDKDNVINPRNELQNVSQLANGVIIYLRQMIRGLALVAIIRPNGTDMESCLTVADYNIDIFKKG
LEDIWANARASQAKNSIEDDV
;
c
4 'polypeptide(L)'
;MLSYFQGFVPIHTIFYSVFHPTEGSKIKYEFPPNNLKNHGINFNTFKNYIIPKPILCHKLITFKYGTYRIVCYPVTINSP
IYARNFFSFNFVFVFPYDCETSPYEPAITRLGKMFKVLEEQNQLLSKSERDPVFFDLKVLENSTTTPSTAGPSSTPNPSS
NTTPTHPTSEKDTKDMRSSRYSDLIKDLGLPQSAFSIQDLLMRIFQDLNNYSECLIPIDEGNAVDIKIFPLLRPPTTCVS
LEDVPLSSVNLKKIIDVNWDPTMMSIVPYIDGLNSIAKISKLSNSDPGLVIECIRHLIYYKCVTLSDIFQFSNIYAPSSL
IRNFLTDPLMASDCQSYVTFPEVSKISNLPLNKSLGSGDQDSPSFSVRRKSKSSSIPSNPDSRTTSFSSTSRVSQNSSLN
SSFSSIYKDWRQSQTSCSSSNIHVINNRNRFLPTRSCLFDLYRSLSQGQTLKTWYESKYMILKENNIDIRRFITFGLEKR
IIYRCYSFPVMINAGSREPKEMTPIITKDLVNNDKLLEKRNHNHLLSATGSRNTAQSGNLKPERPSKVSFEMQRVSSLAT
GKSTMPKLSDEEEGILEESIRNAETFDKICVLLSKPKLEVESYLNELGEFKVINS
;
T
5 'polypeptide(L)'
;MDECLPNSCLLGVHLVISTHSGPQIVYHYPPSNTAFLTNNPTKHQHLYGNHANLNKNTSTNKEEKLFNSGSTKTASQIAL
NESAKSYNTAITPSMTNTNTNNVTLPPTRSHANTVGSQSSIPAATNGVGYRKTDIEDTSRTFQYQETESETSSSGLSDSE
LSTDYLDISSDSFSISSSLSSSSLSSSPSSSSSSSPPQDGLSRTNSSFQSTDSMSPTSPQMIMENDSISVAESYLDSGTN
NKSRAASKRSQNFFHKLSTKKSTDSKTHSPVRKLKSKPSQSTKKGNKLLKNTSNETDGNAFTGSCSISSKKSLSSTGEHN
QELRNSSLNDTPGQSPHHYHHRYHHYHKNAATSQRNSHTQYDVEEEDMEVSAMLQDGKISMNEIFFEEENFQDINKILEF
DNDFVAEFCSPEREMCNTRFEFTVDNFCFLGLPIHVDSQGRWRKSKHKNKTRSKRSSSTTTNISRKKSIASKISSLSENT
LKKVNSGEADTVYDSNIGHEASTDTPNLRINTDVSGNEFEREKEDLGKNMNMFHVCFVMNPHLIEYNKRIDDMYQFVVTR
LSLLLRYVQSKTSYISSECHIILKEKERVLKHSKTYQSIRGAGNKGKYLYQRILAKSSLARALTECVDKIQRNEIACLEI
NDDKVISLQIPIQNEFEKMPNFKLQPVLRGSYLTSILNMKFLEKSSLRIESQNRQNDQAQFSDTNNNIYRFGNNINSTGH
CGAANVDDGDDNESNYYCDDNDDLLNYALLLLDEPNNIISSLETFSYQDDIGTIILKHLVRNIQPNIPLRSYRYLITDLL
DNPSSLDDLTTETNSLESSILRSCALHLMYWRHARIVIPLSSKYTYIVSPLAPIQGYTIDDYKSTSQNDGNVKKMDDREN
NKSGSDRVPLIYQNSMLFRSKFPSLPSLPIFLSLLSTDKPQAYSNIIPSREHKPVYLNALAWLIQYGYVTQLLTFINIRV
DKHIKMAVDEDLEKEGFRKTNTARRPSMDYKKTDKKLDDEDGQSRDANASEACSGKNEGMQSNDNNKDVDEKDNENDSRV
DDRDDNEIAIADEEEILHFEYDDPEMQHDYTIILEPERATAIEKRWLYRCIYGQPSDIQILFNKLLKYFNGKVPMELVII
KEEISRHDLKKLLNALDKYLIEIHHW
;
h
6 'polypeptide(L)'
;MFAKLHGKKQRPISSINSQTPRTSNTTHANSISLSSGNLIVGSNRNLRQKKEQFGSQQRASGRKLISNKENDDNVNNGGD
NNYDNGERVHRHHIPGLKIKAYQAELGYHESRFSENLVMLNLVEFPDIKPGDLVELKTYHKNPSASNGDKKIYFIAKDFD
GETKRRAKTSNVSILSGQLQTLLDLPSRSRIWIKLKPNKFDLQADVVEFNIKDCLLNRGDMWVLSSKLVDTCVFMDQRLA
FLDSIRGTIKGIYRNGKKIVSGYIGEQTRIIFRSESARLIFLIQITDEMWNFEETGEQLFQKMVNSFFPKIFKKWKDVDT
HHTITIAFAISMDLSDTSFKDLTPGESLKNSQDYFRIVVDQVSIIHWVDIMETLREEFMEIRKDLLNKQTDKGYSVANGR
FSPVIKSNFLELVNFATTILTDPFKQLDLRHTTTHVMIISPGSGLFDVDYSLLRLTGKKLLSLEMTMDLICLSKAPLHIV
PLFRYRDFENKLHHCVPLWLSVFFWNDHDKKSNSEWTPRCKIYDLQMMGITENELIREVDVEYLQLNKKVKSLSEFMNDY
DKNAFEVKILCAGSNTKQSKKLNSKFDTVFENDVVVKARKIPATATTTHGNTKFIWRGPKVALPAIKDIQKPNVIPDLSI
KTIEASFYDDCNTTNDKISTPTTSNNDNLEMNDSLVSVRSADNQNTSLALDSLKGLSKRNSLKDFTQRVITKFISNIDTS
KNKKIKSTLLRDDVDNSPLGSNTPLPSSESKISGLKLQQKGLADENVISKRGNLIIKKNLSIFGLPSNEIMSGSPSSYLG
SSHTRTSSKLSNMSDKAAFITEGQKSKHDDSNTYSLTQQLKHRISETWVDIKSPSIPVSSEFANELLPIRWKDVWPKYVA
RKYSKWRSFTTPAELPITISDFPSKDDFDRNFIFRNHSVTLNTDQEQYNQTYKDLLRDMIYMRLLTGFQICVGRQVEKIE
LSRESGESETVVNKYLDFNQNDAFKLYLMIDSEIHRITCSSSGIIDVERYLRKDEANLFDQVPSYIPLVKTRYESSFRDA
MIDPLHVKRESLNWNQIDQVLAGYGDNLIDRKWHGFRAKYVVLPTDIPPNTYSMVINGKSETLNPEEIRVEGLRRLIGSI
TRSRLRTEKEKKGRKTKREEIQPEVMFYTGPLYNFINEQQTSLESSAINFKDSIFVNDNNLLNRNVELSKLAYQIQRGED
RITLVNRKWHWKKHEKCFVGSEMVNWLIRNFSDIDTREDAIKYGQKVMKEGLFVHVLNKHNFLDGHYFYQFSPEYVMDTN
KLEKTNSHRSTLSDPKQMLRKASTGSSNDPSAMTPFSSVVPAISASNASVADAKEPSRPILMLSNSLVIDVDPAGKSSKQ
ESCTVHYDRVHNPDHCFHIRLEWLTTTPKLIDDLVGNWSRLCERYGLKMIEIPWEELCTIPSVNPFHSFVEIKLAINPWE
DPEFKDRELFAKSKFYYHVYLLKASGFLLDNRASKFLQNQDIEFDIMYSWGKPQFKYVQYIHHTGAYVAELRENGCLFLA
PNNIYISRVNPGNIIGKIHSASSSSLDAQKVILNFKSTCLDYQKLRSIFLDAKEMWITGKIVED
;
X
7 'polypeptide(L)'
;MGAVLSCCRNHSGEENEALLREQQAGYGSQGNANDEYDAEQMRLKEHEHEQKLLAREQELRDIVANTNDKLIDISMINNS
GIVIQGTDLQEALDKRQQEEGGDSREDERSAGDDNLSGHSVPSSGSAQATTHQTAPRTNTFTLLTSPDSAKISKEQLKKL
HSNILNEIFSQSQVNKPGPLTVPF
;
R
8 'polypeptide(L)' MEAEKQSDIKGTIAFDTHGNVIESTGVGSQRIEDIGDLSKVTLDAEGFAQVQGDSLLVHLYKRNDITLAVYTSAQ U
9 'polypeptide(L)'
;MVMLHSKNVKGFLENTLKPYDLHSVDFKTSSLQSSMIITATNGGILSYATSNNDVPKNSINEINSVNNLKMMSLLIKDKW
SEDENDTEEQHSNSCYPVEIDSFKTKIYTYEMEDLHTCVAQIPNSDLLLLFIAEGSFPYGLLVIKIERAMRELTDLFGYK
LG
;
Y
#
loop_
_chem_comp.id
_chem_comp.type
_chem_comp.name
_chem_comp.formula
AF3 non-polymer 'ALUMINUM FLUORIDE' 'Al F3'
GDP RNA linking GUANOSINE-5'-DIPHOSPHATE 'C10 H15 N5 O11 P2'
MG non-polymer 'MAGNESIUM ION' 'Mg 2'
#
# COMPACT_ATOMS: atom_id res chain seq x y z
N GLY A 8 17.82 27.27 -62.08
CA GLY A 8 16.87 26.22 -62.44
C GLY A 8 17.17 24.90 -61.78
N PRO A 9 16.35 23.88 -62.09
CA PRO A 9 16.61 22.55 -61.52
C PRO A 9 17.68 21.77 -62.25
N TYR A 10 17.99 22.12 -63.50
CA TYR A 10 18.80 21.28 -64.36
C TYR A 10 20.30 21.52 -64.22
N ASN A 11 20.71 22.47 -63.38
CA ASN A 11 22.11 22.66 -63.06
C ASN A 11 22.46 22.11 -61.68
N SER A 12 21.56 21.33 -61.08
CA SER A 12 21.76 20.81 -59.73
C SER A 12 22.79 19.68 -59.77
N PRO A 13 23.83 19.73 -58.94
CA PRO A 13 24.86 18.68 -58.96
C PRO A 13 24.49 17.44 -58.14
N THR A 14 23.37 17.46 -57.41
CA THR A 14 22.98 16.34 -56.56
C THR A 14 21.75 15.61 -57.08
N PHE A 15 21.35 15.85 -58.32
CA PHE A 15 20.27 15.08 -58.93
C PHE A 15 20.90 13.95 -59.76
N GLY A 16 20.39 12.74 -59.56
CA GLY A 16 20.90 11.60 -60.28
C GLY A 16 22.18 11.01 -59.72
N LYS A 17 22.70 11.56 -58.63
CA LYS A 17 23.89 11.05 -57.98
C LYS A 17 23.55 10.72 -56.53
N SER A 18 23.98 9.54 -56.09
CA SER A 18 23.68 9.10 -54.73
C SER A 18 24.48 9.91 -53.73
N LEU A 19 23.80 10.59 -52.83
CA LEU A 19 24.44 11.40 -51.81
C LEU A 19 23.78 11.11 -50.46
N SER A 20 24.61 11.00 -49.43
CA SER A 20 24.14 10.66 -48.09
C SER A 20 24.57 11.74 -47.11
N LEU A 21 23.60 12.40 -46.49
CA LEU A 21 23.89 13.41 -45.48
C LEU A 21 24.12 12.75 -44.13
N LYS A 22 24.35 13.58 -43.11
CA LYS A 22 24.44 13.10 -41.73
C LYS A 22 23.92 14.22 -40.83
N VAL A 23 22.65 14.13 -40.46
CA VAL A 23 22.02 15.18 -39.68
C VAL A 23 21.73 14.66 -38.27
N ASP A 24 22.65 14.90 -37.35
CA ASP A 24 22.50 14.44 -35.98
C ASP A 24 21.49 15.31 -35.24
N GLY A 25 20.74 14.68 -34.34
CA GLY A 25 19.81 15.43 -33.51
C GLY A 25 18.49 14.74 -33.25
N GLY A 26 18.28 13.57 -33.82
CA GLY A 26 17.05 12.83 -33.60
C GLY A 26 15.85 13.46 -34.25
N PHE A 27 15.78 13.42 -35.58
CA PHE A 27 14.73 14.05 -36.35
C PHE A 27 13.72 12.98 -36.77
N ASN A 28 12.46 13.20 -36.45
CA ASN A 28 11.41 12.19 -36.63
C ASN A 28 10.46 12.61 -37.75
N ALA A 29 10.78 13.68 -38.47
CA ALA A 29 9.89 14.13 -39.54
C ALA A 29 10.71 14.82 -40.62
N VAL A 30 10.38 14.52 -41.87
CA VAL A 30 11.06 15.11 -43.01
C VAL A 30 10.02 15.51 -44.06
N SER A 31 10.29 16.62 -44.75
CA SER A 31 9.43 17.06 -45.84
C SER A 31 10.30 17.78 -46.88
N ILE A 32 9.79 17.86 -48.09
CA ILE A 32 10.56 18.35 -49.24
C ILE A 32 9.82 19.52 -49.89
N ASN A 33 10.58 20.52 -50.29
CA ASN A 33 10.06 21.61 -51.10
C ASN A 33 9.60 21.04 -52.44
N PRO A 34 8.38 21.33 -52.90
CA PRO A 34 7.96 20.88 -54.24
C PRO A 34 8.81 21.43 -55.36
N SER A 35 9.51 22.54 -55.15
CA SER A 35 10.45 23.02 -56.14
C SER A 35 11.63 22.07 -56.31
N GLY A 36 11.97 21.33 -55.27
CA GLY A 36 13.05 20.38 -55.34
C GLY A 36 14.42 20.88 -54.89
N ARG A 37 14.47 21.92 -54.07
CA ARG A 37 15.74 22.43 -53.58
C ARG A 37 15.91 22.32 -52.07
N ASP A 38 14.85 22.45 -51.29
CA ASP A 38 14.95 22.48 -49.84
C ASP A 38 14.35 21.23 -49.21
N ILE A 39 14.99 20.75 -48.15
CA ILE A 39 14.44 19.71 -47.30
C ILE A 39 14.36 20.24 -45.88
N VAL A 40 13.20 20.09 -45.25
CA VAL A 40 13.00 20.48 -43.86
C VAL A 40 12.94 19.21 -43.00
N LEU A 41 13.66 19.25 -41.88
CA LEU A 41 13.68 18.18 -40.90
C LEU A 41 13.25 18.74 -39.57
N ALA A 42 12.36 18.03 -38.88
CA ALA A 42 11.76 18.51 -37.64
C ALA A 42 12.30 17.70 -36.47
N SER A 43 12.64 18.39 -35.39
CA SER A 43 13.08 17.76 -34.16
C SER A 43 12.41 18.45 -32.99
N ARG A 44 12.78 18.05 -31.78
CA ARG A 44 12.25 18.69 -30.59
C ARG A 44 12.82 20.09 -30.38
N GLN A 45 13.95 20.40 -31.01
CA GLN A 45 14.56 21.72 -30.91
C GLN A 45 14.14 22.68 -32.01
N GLY A 46 13.41 22.20 -33.02
CA GLY A 46 12.96 23.08 -34.08
C GLY A 46 13.07 22.47 -35.47
N LEU A 47 13.47 23.29 -36.43
CA LEU A 47 13.56 22.86 -37.83
C LEU A 47 14.96 23.11 -38.38
N TYR A 48 15.44 22.15 -39.16
CA TYR A 48 16.60 22.35 -40.02
C TYR A 48 16.15 22.41 -41.47
N ILE A 49 16.65 23.41 -42.19
CA ILE A 49 16.41 23.54 -43.62
C ILE A 49 17.73 23.33 -44.34
N ILE A 50 17.74 22.42 -45.30
CA ILE A 50 18.94 22.01 -46.01
C ILE A 50 18.72 22.23 -47.50
N ASP A 51 19.63 22.99 -48.13
CA ASP A 51 19.66 23.08 -49.58
C ASP A 51 20.16 21.78 -50.16
N LEU A 52 19.46 21.25 -51.18
CA LEU A 52 19.93 20.04 -51.83
C LEU A 52 21.06 20.33 -52.81
N ASP A 53 21.02 21.47 -53.48
CA ASP A 53 22.02 21.76 -54.51
C ASP A 53 23.39 22.04 -53.91
N ASP A 54 23.44 22.61 -52.72
CA ASP A 54 24.69 22.85 -51.99
C ASP A 54 24.54 22.26 -50.59
N PRO A 55 24.72 20.94 -50.45
CA PRO A 55 24.58 20.33 -49.12
C PRO A 55 25.67 20.73 -48.15
N PHE A 56 26.80 21.27 -48.62
CA PHE A 56 27.91 21.57 -47.74
C PHE A 56 27.64 22.77 -46.83
N THR A 57 26.65 23.59 -47.15
CA THR A 57 26.27 24.66 -46.26
C THR A 57 25.58 24.09 -45.01
N PRO A 58 25.89 24.60 -43.82
CA PRO A 58 25.20 24.15 -42.63
C PRO A 58 23.71 24.47 -42.71
N PRO A 59 22.86 23.64 -42.12
CA PRO A 59 21.43 23.86 -42.24
C PRO A 59 20.96 25.06 -41.44
N ARG A 60 19.92 25.71 -41.96
CA ARG A 60 19.31 26.81 -41.23
C ARG A 60 18.47 26.27 -40.09
N TRP A 61 18.67 26.82 -38.90
CA TRP A 61 18.03 26.34 -37.67
C TRP A 61 16.97 27.34 -37.24
N LEU A 62 15.73 26.88 -37.17
CA LEU A 62 14.64 27.65 -36.60
C LEU A 62 14.28 27.06 -35.24
N HIS A 63 14.26 27.90 -34.21
CA HIS A 63 14.26 27.46 -32.82
C HIS A 63 12.83 27.30 -32.31
N HIS A 64 12.51 26.12 -31.78
CA HIS A 64 11.28 25.90 -31.02
C HIS A 64 11.50 24.66 -30.15
N ILE A 65 11.66 24.87 -28.85
CA ILE A 65 11.97 23.79 -27.92
C ILE A 65 10.67 23.25 -27.35
N THR A 66 10.41 21.97 -27.58
CA THR A 66 9.28 21.27 -26.98
C THR A 66 9.76 19.96 -26.39
N PRO A 67 9.18 19.53 -25.27
CA PRO A 67 9.63 18.25 -24.68
C PRO A 67 9.18 17.05 -25.48
N TRP A 68 7.93 17.04 -25.94
CA TRP A 68 7.39 15.90 -26.68
C TRP A 68 7.96 15.85 -28.10
N GLN A 69 7.98 14.65 -28.66
CA GLN A 69 8.54 14.45 -29.99
C GLN A 69 7.60 14.99 -31.06
N VAL A 70 8.16 15.62 -32.09
CA VAL A 70 7.36 16.10 -33.20
C VAL A 70 6.88 14.91 -34.02
N ALA A 71 5.70 15.09 -34.64
CA ALA A 71 5.07 14.00 -35.38
C ALA A 71 5.37 14.06 -36.87
N ASP A 72 4.98 15.14 -37.54
CA ASP A 72 5.13 15.25 -38.97
C ASP A 72 5.37 16.71 -39.35
N VAL A 73 6.01 16.91 -40.49
CA VAL A 73 6.27 18.22 -41.05
C VAL A 73 5.88 18.20 -42.52
N GLN A 74 5.35 19.32 -43.00
CA GLN A 74 4.84 19.38 -44.36
C GLN A 74 5.11 20.75 -44.96
N TRP A 75 5.71 20.77 -46.16
CA TRP A 75 5.88 22.01 -46.89
C TRP A 75 4.55 22.39 -47.53
N SER A 76 4.33 23.69 -47.71
CA SER A 76 3.09 24.14 -48.31
C SER A 76 3.17 24.05 -49.83
N PRO A 77 2.27 23.34 -50.50
CA PRO A 77 2.30 23.25 -51.97
C PRO A 77 1.68 24.42 -52.70
N HIS A 78 1.28 25.47 -52.00
CA HIS A 78 0.75 26.66 -52.66
C HIS A 78 1.89 27.38 -53.36
N PRO A 79 1.85 27.55 -54.68
CA PRO A 79 3.00 28.14 -55.38
C PRO A 79 3.19 29.63 -55.09
N ALA A 80 2.14 30.33 -54.70
CA ALA A 80 2.26 31.75 -54.38
C ALA A 80 2.90 31.96 -53.01
N LYS A 81 2.92 30.95 -52.15
CA LYS A 81 3.50 31.05 -50.81
C LYS A 81 4.47 29.90 -50.62
N PRO A 82 5.69 30.01 -51.14
CA PRO A 82 6.69 28.95 -50.96
C PRO A 82 7.51 29.06 -49.68
N TYR A 83 7.07 29.88 -48.72
CA TYR A 83 7.80 30.09 -47.48
C TYR A 83 7.03 29.60 -46.26
N TRP A 84 6.12 28.64 -46.44
CA TRP A 84 5.27 28.15 -45.37
C TRP A 84 5.58 26.69 -45.10
N ILE A 85 5.90 26.38 -43.85
CA ILE A 85 6.19 25.02 -43.39
C ILE A 85 5.32 24.76 -42.16
N VAL A 86 4.53 23.71 -42.21
CA VAL A 86 3.63 23.36 -41.11
C VAL A 86 4.26 22.23 -40.33
N SER A 87 4.46 22.46 -39.02
CA SER A 87 5.09 21.47 -38.16
C SER A 87 4.25 21.26 -36.91
N THR A 88 4.24 20.02 -36.42
CA THR A 88 3.51 19.72 -35.20
C THR A 88 4.32 20.11 -33.98
N SER A 89 3.63 20.69 -32.98
CA SER A 89 4.19 20.92 -31.65
C SER A 89 3.16 20.40 -30.68
N ASN A 90 3.22 19.08 -30.41
CA ASN A 90 2.32 18.37 -29.54
C ASN A 90 0.88 18.63 -29.95
N GLN A 91 0.17 19.49 -29.21
CA GLN A 91 -1.25 19.71 -29.43
C GLN A 91 -1.54 20.86 -30.38
N LYS A 92 -0.52 21.53 -30.90
CA LYS A 92 -0.73 22.70 -31.73
C LYS A 92 0.06 22.56 -33.02
N ALA A 93 -0.27 23.37 -34.01
CA ALA A 93 0.44 23.34 -35.29
C ALA A 93 1.05 24.71 -35.55
N ILE A 94 2.28 24.73 -36.05
CA ILE A 94 3.01 25.98 -36.27
C ILE A 94 3.19 26.15 -37.76
N ILE A 95 2.76 27.29 -38.29
CA ILE A 95 3.05 27.66 -39.67
C ILE A 95 4.22 28.63 -39.65
N TRP A 96 5.39 28.15 -40.06
CA TRP A 96 6.60 28.94 -40.04
C TRP A 96 6.64 29.87 -41.26
N ASN A 97 7.54 30.84 -41.20
CA ASN A 97 7.79 31.75 -42.32
C ASN A 97 9.28 31.89 -42.47
N LEU A 98 9.83 31.38 -43.58
CA LEU A 98 11.26 31.40 -43.79
C LEU A 98 11.78 32.77 -44.22
N ALA A 99 10.87 33.69 -44.59
CA ALA A 99 11.29 35.04 -44.94
C ALA A 99 11.58 35.91 -43.74
N LYS A 100 11.23 35.46 -42.54
CA LYS A 100 11.51 36.21 -41.33
C LYS A 100 12.88 35.82 -40.79
N SER A 101 13.19 36.25 -39.57
CA SER A 101 14.47 35.92 -38.95
C SER A 101 14.46 34.47 -38.47
N SER A 102 15.66 33.97 -38.17
CA SER A 102 15.79 32.59 -37.71
C SER A 102 15.20 32.39 -36.33
N SER A 103 15.24 33.43 -35.49
CA SER A 103 14.69 33.33 -34.14
C SER A 103 13.25 33.80 -34.05
N ASN A 104 12.68 34.36 -35.11
CA ASN A 104 11.30 34.85 -35.12
C ASN A 104 10.60 34.40 -36.39
N ALA A 105 10.70 33.11 -36.70
CA ALA A 105 10.14 32.56 -37.93
C ALA A 105 8.71 32.07 -37.77
N ILE A 106 8.15 32.10 -36.56
CA ILE A 106 6.79 31.62 -36.34
C ILE A 106 5.81 32.69 -36.80
N GLU A 107 4.90 32.30 -37.71
CA GLU A 107 3.90 33.25 -38.20
C GLU A 107 2.60 33.15 -37.40
N PHE A 108 1.96 31.99 -37.44
CA PHE A 108 0.77 31.77 -36.63
C PHE A 108 0.66 30.30 -36.28
N VAL A 109 -0.08 30.04 -35.20
CA VAL A 109 -0.21 28.71 -34.62
C VAL A 109 -1.68 28.33 -34.59
N LEU A 110 -2.00 27.19 -35.20
CA LEU A 110 -3.32 26.58 -35.07
C LEU A 110 -3.43 25.96 -33.68
N HIS A 111 -4.37 26.47 -32.89
CA HIS A 111 -4.59 26.08 -31.49
C HIS A 111 -5.78 25.16 -31.33
N GLY A 112 -6.02 24.25 -32.25
CA GLY A 112 -7.07 23.27 -32.10
C GLY A 112 -6.62 22.12 -31.21
N HIS A 113 -7.44 21.06 -31.21
CA HIS A 113 -7.17 19.79 -30.55
C HIS A 113 -7.03 19.91 -29.04
N SER A 114 -6.78 18.78 -28.38
CA SER A 114 -6.47 18.76 -26.96
C SER A 114 -5.28 17.89 -26.63
N ARG A 115 -4.86 17.00 -27.53
CA ARG A 115 -3.69 16.16 -27.33
C ARG A 115 -2.86 16.16 -28.61
N ALA A 116 -1.90 15.25 -28.72
CA ALA A 116 -0.85 15.35 -29.72
C ALA A 116 -1.39 15.25 -31.14
N ILE A 117 -0.93 16.14 -32.01
CA ILE A 117 -1.25 16.06 -33.42
C ILE A 117 -0.48 14.90 -34.03
N THR A 118 -1.18 14.10 -34.84
CA THR A 118 -0.60 12.88 -35.40
C THR A 118 -0.14 13.04 -36.84
N ASP A 119 -0.97 13.62 -37.71
CA ASP A 119 -0.62 13.73 -39.12
C ASP A 119 -1.21 14.99 -39.73
N ILE A 120 -0.52 15.52 -40.73
CA ILE A 120 -0.86 16.75 -41.43
C ILE A 120 -0.86 16.48 -42.93
N ASN A 121 -1.93 16.89 -43.61
CA ASN A 121 -1.96 16.80 -45.07
C ASN A 121 -2.58 18.04 -45.69
N PHE A 122 -2.09 18.38 -46.88
CA PHE A 122 -2.60 19.50 -47.67
C PHE A 122 -3.51 18.99 -48.79
N ASN A 123 -4.53 19.77 -49.10
CA ASN A 123 -5.41 19.44 -50.21
C ASN A 123 -4.68 19.67 -51.52
N PRO A 124 -4.57 18.68 -52.40
CA PRO A 124 -3.82 18.88 -53.65
C PRO A 124 -4.52 19.77 -54.66
N GLN A 125 -5.83 20.00 -54.54
CA GLN A 125 -6.55 20.86 -55.47
C GLN A 125 -6.69 22.28 -54.94
N HIS A 126 -6.96 22.44 -53.65
CA HIS A 126 -6.97 23.74 -52.99
C HIS A 126 -5.80 23.78 -52.03
N PRO A 127 -4.65 24.33 -52.43
CA PRO A 127 -3.43 24.18 -51.63
C PRO A 127 -3.38 25.03 -50.37
N ASP A 128 -4.48 25.71 -50.03
CA ASP A 128 -4.56 26.48 -48.81
C ASP A 128 -5.49 25.85 -47.77
N VAL A 129 -5.90 24.62 -47.99
CA VAL A 129 -6.77 23.89 -47.06
C VAL A 129 -5.95 22.76 -46.45
N LEU A 130 -6.00 22.64 -45.13
CA LEU A 130 -5.17 21.71 -44.37
C LEU A 130 -6.07 20.75 -43.60
N ALA A 131 -5.55 19.56 -43.32
CA ALA A 131 -6.23 18.60 -42.46
C ALA A 131 -5.24 18.02 -41.47
N THR A 132 -5.55 18.14 -40.19
CA THR A 132 -4.73 17.60 -39.12
C THR A 132 -5.52 16.57 -38.33
N CYS A 133 -4.97 15.37 -38.21
CA CYS A 133 -5.54 14.33 -37.38
C CYS A 133 -4.67 14.18 -36.14
N SER A 134 -5.33 13.96 -35.00
CA SER A 134 -4.65 14.00 -33.71
C SER A 134 -4.98 12.76 -32.89
N VAL A 135 -4.23 12.59 -31.80
CA VAL A 135 -4.41 11.45 -30.91
C VAL A 135 -5.75 11.50 -30.20
N ASP A 136 -6.35 12.69 -30.04
CA ASP A 136 -7.59 12.82 -29.28
C ASP A 136 -8.83 12.51 -30.13
N THR A 137 -8.67 11.66 -31.15
CA THR A 137 -9.68 11.16 -32.08
C THR A 137 -10.17 12.21 -33.07
N TYR A 138 -9.65 13.43 -33.02
CA TYR A 138 -10.17 14.53 -33.82
C TYR A 138 -9.42 14.68 -35.13
N VAL A 139 -10.19 14.75 -36.21
CA VAL A 139 -9.70 15.19 -37.51
C VAL A 139 -10.29 16.57 -37.76
N HIS A 140 -9.41 17.56 -37.90
CA HIS A 140 -9.79 18.96 -38.08
C HIS A 140 -9.36 19.43 -39.45
N ALA A 141 -10.16 20.28 -40.06
CA ALA A 141 -9.83 20.92 -41.33
C ALA A 141 -9.63 22.41 -41.09
N TRP A 142 -8.50 22.93 -41.54
CA TRP A 142 -8.12 24.32 -41.34
C TRP A 142 -8.05 25.05 -42.67
N ASP A 143 -8.28 26.35 -42.63
CA ASP A 143 -8.05 27.23 -43.77
C ASP A 143 -6.97 28.23 -43.39
N MET A 144 -5.96 28.37 -44.24
CA MET A 144 -4.84 29.25 -43.94
C MET A 144 -5.20 30.72 -44.04
N ARG A 145 -6.33 31.06 -44.65
CA ARG A 145 -6.73 32.46 -44.74
C ARG A 145 -7.29 32.97 -43.42
N SER A 146 -8.01 32.12 -42.69
CA SER A 146 -8.56 32.46 -41.37
C SER A 146 -8.16 31.37 -40.39
N PRO A 147 -6.91 31.39 -39.92
CA PRO A 147 -6.40 30.30 -39.07
C PRO A 147 -6.66 30.51 -37.58
N HIS A 148 -7.92 30.72 -37.24
CA HIS A 148 -8.34 30.85 -35.85
C HIS A 148 -9.10 29.65 -35.34
N ARG A 149 -10.00 29.10 -36.16
CA ARG A 149 -10.85 27.98 -35.78
C ARG A 149 -10.88 27.00 -36.95
N PRO A 150 -11.13 25.72 -36.68
CA PRO A 150 -11.31 24.77 -37.79
C PRO A 150 -12.72 24.83 -38.35
N PHE A 151 -12.81 24.82 -39.67
CA PHE A 151 -14.11 24.91 -40.33
C PHE A 151 -14.78 23.55 -40.48
N TYR A 152 -14.13 22.47 -40.04
CA TYR A 152 -14.71 21.14 -40.10
C TYR A 152 -14.06 20.29 -39.02
N SER A 153 -14.89 19.64 -38.21
CA SER A 153 -14.41 18.80 -37.12
C SER A 153 -15.12 17.46 -37.20
N THR A 154 -14.37 16.37 -37.09
CA THR A 154 -14.97 15.05 -37.05
C THR A 154 -14.15 14.15 -36.15
N SER A 155 -14.75 13.02 -35.76
CA SER A 155 -14.09 12.13 -34.82
C SER A 155 -14.56 10.71 -35.06
N SER A 156 -13.74 9.77 -34.58
CA SER A 156 -14.11 8.35 -34.56
C SER A 156 -14.58 7.89 -33.19
N TRP A 157 -14.31 8.67 -32.15
CA TRP A 157 -14.78 8.47 -30.78
C TRP A 157 -14.28 7.20 -30.12
N ARG A 158 -13.39 6.47 -30.78
CA ARG A 158 -12.89 5.22 -30.19
C ARG A 158 -11.38 5.13 -30.14
N SER A 159 -10.68 5.57 -31.18
CA SER A 159 -9.26 5.28 -31.32
C SER A 159 -8.51 6.53 -31.75
N ALA A 160 -7.23 6.57 -31.38
CA ALA A 160 -6.37 7.65 -31.81
C ALA A 160 -6.10 7.56 -33.30
N ALA A 161 -6.18 8.70 -33.98
CA ALA A 161 -5.94 8.73 -35.41
C ALA A 161 -4.47 8.49 -35.72
N SER A 162 -4.20 7.98 -36.91
CA SER A 162 -2.83 7.75 -37.35
C SER A 162 -2.46 8.52 -38.60
N GLN A 163 -3.35 8.58 -39.59
CA GLN A 163 -3.13 9.43 -40.76
C GLN A 163 -4.44 10.03 -41.23
N VAL A 164 -4.31 11.19 -41.89
CA VAL A 164 -5.40 11.84 -42.60
C VAL A 164 -4.89 12.19 -44.00
N LYS A 165 -5.71 11.92 -45.01
CA LYS A 165 -5.32 12.17 -46.39
C LYS A 165 -6.49 12.76 -47.15
N TRP A 166 -6.19 13.60 -48.14
CA TRP A 166 -7.23 14.18 -48.99
C TRP A 166 -7.37 13.36 -50.27
N ASN A 167 -8.53 13.53 -50.92
CA ASN A 167 -8.76 12.89 -52.21
C ASN A 167 -8.27 13.82 -53.32
N TYR A 168 -7.51 13.26 -54.26
CA TYR A 168 -6.91 14.07 -55.31
C TYR A 168 -7.95 14.57 -56.31
N LYS A 169 -9.02 13.82 -56.52
CA LYS A 169 -10.01 14.18 -57.52
C LYS A 169 -11.18 14.94 -56.91
N ASP A 170 -11.79 14.39 -55.87
CA ASP A 170 -12.91 15.06 -55.22
C ASP A 170 -12.37 15.98 -54.12
N PRO A 171 -12.58 17.30 -54.22
CA PRO A 171 -11.90 18.22 -53.29
C PRO A 171 -12.41 18.18 -51.87
N ASN A 172 -13.53 17.53 -51.59
CA ASN A 172 -14.12 17.55 -50.25
C ASN A 172 -14.28 16.14 -49.70
N VAL A 173 -13.40 15.23 -50.10
CA VAL A 173 -13.37 13.86 -49.58
C VAL A 173 -12.02 13.64 -48.94
N LEU A 174 -12.02 13.17 -47.69
CA LEU A 174 -10.78 12.90 -46.98
C LEU A 174 -10.91 11.62 -46.18
N ALA A 175 -9.88 10.80 -46.20
CA ALA A 175 -9.85 9.56 -45.45
C ALA A 175 -9.03 9.72 -44.19
N SER A 176 -9.42 8.98 -43.15
CA SER A 176 -8.72 8.97 -41.89
C SER A 176 -8.54 7.53 -41.44
N SER A 177 -7.42 7.27 -40.75
CA SER A 177 -7.15 5.95 -40.20
C SER A 177 -7.19 6.03 -38.68
N HIS A 178 -8.03 5.19 -38.06
CA HIS A 178 -8.19 5.14 -36.61
C HIS A 178 -8.09 3.68 -36.21
N GLY A 179 -6.96 3.33 -35.59
CA GLY A 179 -6.76 1.95 -35.16
C GLY A 179 -6.68 1.02 -36.34
N ASN A 180 -7.58 0.03 -36.36
CA ASN A 180 -7.67 -0.91 -37.46
C ASN A 180 -8.76 -0.55 -38.46
N ASP A 181 -9.43 0.60 -38.30
CA ASP A 181 -10.54 0.97 -39.15
C ASP A 181 -10.26 2.29 -39.85
N ILE A 182 -10.54 2.36 -41.14
CA ILE A 182 -10.37 3.58 -41.91
C ILE A 182 -11.73 4.11 -42.30
N PHE A 183 -11.93 5.40 -42.10
CA PHE A 183 -13.17 6.08 -42.44
C PHE A 183 -12.92 7.00 -43.63
N VAL A 184 -13.97 7.24 -44.42
CA VAL A 184 -13.91 8.18 -45.53
C VAL A 184 -14.95 9.26 -45.29
N TRP A 185 -14.50 10.43 -44.85
CA TRP A 185 -15.36 11.55 -44.52
C TRP A 185 -15.56 12.43 -45.76
N ASP A 186 -16.73 13.07 -45.80
CA ASP A 186 -17.06 14.04 -46.83
C ASP A 186 -17.41 15.35 -46.14
N LEU A 187 -16.82 16.46 -46.63
CA LEU A 187 -17.04 17.74 -45.99
C LEU A 187 -18.48 18.21 -46.08
N ARG A 188 -19.18 17.82 -47.15
CA ARG A 188 -20.58 18.21 -47.30
C ARG A 188 -21.45 17.53 -46.26
N LYS A 189 -21.18 16.26 -45.95
CA LYS A 189 -21.97 15.57 -44.93
C LYS A 189 -21.46 15.90 -43.53
N GLY A 190 -20.25 15.47 -43.21
CA GLY A 190 -19.67 15.76 -41.90
C GLY A 190 -20.16 14.82 -40.81
N SER A 191 -19.22 14.28 -40.03
CA SER A 191 -19.43 13.47 -38.84
C SER A 191 -20.16 12.15 -39.10
N THR A 192 -20.54 11.85 -40.34
CA THR A 192 -21.08 10.55 -40.72
C THR A 192 -20.34 10.14 -41.98
N PRO A 193 -19.53 9.08 -41.93
CA PRO A 193 -18.67 8.77 -43.08
C PRO A 193 -19.46 8.27 -44.28
N LEU A 194 -18.90 8.50 -45.46
CA LEU A 194 -19.42 7.85 -46.66
C LEU A 194 -19.26 6.34 -46.56
N CYS A 195 -18.10 5.88 -46.11
CA CYS A 195 -17.84 4.46 -45.99
C CYS A 195 -16.73 4.22 -44.96
N SER A 196 -16.92 3.18 -44.16
CA SER A 196 -15.95 2.75 -43.15
C SER A 196 -15.43 1.39 -43.59
N LEU A 197 -14.21 1.37 -44.14
CA LEU A 197 -13.64 0.14 -44.67
C LEU A 197 -13.08 -0.69 -43.53
N LYS A 198 -13.64 -1.88 -43.32
CA LYS A 198 -13.28 -2.76 -42.20
C LYS A 198 -12.88 -4.11 -42.76
N GLY A 199 -11.57 -4.30 -42.96
CA GLY A 199 -11.08 -5.58 -43.45
C GLY A 199 -9.76 -5.99 -42.84
N HIS A 200 -9.23 -5.17 -41.92
CA HIS A 200 -7.93 -5.41 -41.34
C HIS A 200 -8.04 -6.18 -40.03
N VAL A 201 -6.91 -6.72 -39.58
CA VAL A 201 -6.81 -7.43 -38.31
C VAL A 201 -5.97 -6.62 -37.31
N SER A 202 -4.83 -6.10 -37.75
CA SER A 202 -4.00 -5.23 -36.93
C SER A 202 -4.30 -3.78 -37.26
N SER A 203 -3.62 -2.87 -36.56
CA SER A 203 -3.88 -1.45 -36.71
C SER A 203 -3.36 -0.94 -38.05
N VAL A 204 -4.03 0.09 -38.57
CA VAL A 204 -3.68 0.69 -39.85
C VAL A 204 -2.66 1.80 -39.60
N ASN A 205 -1.52 1.72 -40.28
CA ASN A 205 -0.44 2.67 -40.06
C ASN A 205 -0.44 3.80 -41.08
N SER A 206 -0.68 3.49 -42.35
CA SER A 206 -0.65 4.48 -43.40
C SER A 206 -1.89 4.37 -44.27
N ILE A 207 -2.25 5.49 -44.88
CA ILE A 207 -3.37 5.56 -45.82
C ILE A 207 -2.95 6.45 -46.98
N ASP A 208 -3.38 6.07 -48.19
CA ASP A 208 -2.99 6.84 -49.36
C ASP A 208 -4.07 6.73 -50.43
N PHE A 209 -4.06 7.70 -51.33
CA PHE A 209 -5.03 7.82 -52.40
C PHE A 209 -4.34 7.67 -53.75
N ASN A 210 -5.06 7.08 -54.70
CA ASN A 210 -4.56 7.04 -56.07
C ASN A 210 -4.65 8.42 -56.69
N ARG A 211 -3.60 8.81 -57.41
CA ARG A 211 -3.51 10.16 -57.95
C ARG A 211 -4.51 10.38 -59.08
N PHE A 212 -4.69 9.38 -59.94
CA PHE A 212 -5.58 9.50 -61.09
C PHE A 212 -6.92 8.82 -60.91
N LYS A 213 -7.00 7.79 -60.07
CA LYS A 213 -8.27 7.13 -59.82
C LYS A 213 -9.10 7.91 -58.81
N TYR A 214 -10.41 7.91 -59.02
CA TYR A 214 -11.30 8.73 -58.20
C TYR A 214 -11.52 8.14 -56.82
N SER A 215 -11.63 6.83 -56.72
CA SER A 215 -12.09 6.18 -55.49
C SER A 215 -11.26 4.95 -55.17
N GLU A 216 -9.94 5.05 -55.29
CA GLU A 216 -9.04 3.96 -54.94
C GLU A 216 -8.23 4.37 -53.72
N ILE A 217 -8.19 3.49 -52.72
CA ILE A 217 -7.58 3.80 -51.42
C ILE A 217 -6.67 2.64 -51.03
N MET A 218 -5.45 2.94 -50.62
CA MET A 218 -4.50 1.93 -50.17
C MET A 218 -4.22 2.12 -48.69
N SER A 219 -4.18 1.01 -47.95
CA SER A 219 -3.78 1.06 -46.56
C SER A 219 -2.73 -0.01 -46.29
N SER A 220 -1.83 0.30 -45.36
CA SER A 220 -0.92 -0.68 -44.79
C SER A 220 -1.38 -1.05 -43.39
N SER A 221 -0.68 -2.00 -42.77
CA SER A 221 -1.07 -2.47 -41.45
C SER A 221 0.11 -3.12 -40.76
N ASN A 222 -0.05 -3.38 -39.47
CA ASN A 222 1.01 -3.98 -38.68
C ASN A 222 1.18 -5.47 -38.97
N ASP A 223 0.13 -6.14 -39.41
CA ASP A 223 0.21 -7.58 -39.67
C ASP A 223 0.69 -7.91 -41.07
N GLY A 224 1.38 -6.97 -41.73
CA GLY A 224 1.91 -7.20 -43.06
C GLY A 224 0.87 -7.36 -44.14
N THR A 225 -0.20 -6.55 -44.10
CA THR A 225 -1.28 -6.65 -45.07
C THR A 225 -1.51 -5.29 -45.71
N VAL A 226 -1.13 -5.15 -46.98
CA VAL A 226 -1.43 -3.96 -47.77
C VAL A 226 -2.74 -4.25 -48.50
N LYS A 227 -3.76 -3.47 -48.21
CA LYS A 227 -5.09 -3.69 -48.76
C LYS A 227 -5.49 -2.52 -49.66
N PHE A 228 -5.97 -2.87 -50.85
CA PHE A 228 -6.42 -1.91 -51.85
C PHE A 228 -7.93 -1.99 -51.99
N TRP A 229 -8.60 -0.86 -51.78
CA TRP A 229 -10.04 -0.74 -51.91
C TRP A 229 -10.42 0.13 -53.10
N ASP A 230 -11.55 -0.22 -53.71
CA ASP A 230 -12.31 0.66 -54.60
C ASP A 230 -13.66 0.82 -53.90
N TYR A 231 -13.79 1.87 -53.08
CA TYR A 231 -14.92 1.94 -52.17
C TYR A 231 -16.23 2.28 -52.85
N SER A 232 -16.22 2.65 -54.13
CA SER A 232 -17.47 2.86 -54.85
C SER A 232 -18.20 1.55 -55.10
N LYS A 233 -17.46 0.43 -55.16
CA LYS A 233 -18.09 -0.86 -55.39
C LYS A 233 -18.62 -1.47 -54.10
N SER A 234 -17.75 -1.75 -53.14
CA SER A 234 -18.15 -2.36 -51.88
C SER A 234 -17.24 -1.88 -50.77
N THR A 235 -17.85 -1.50 -49.63
CA THR A 235 -17.07 -0.99 -48.51
C THR A 235 -16.28 -2.10 -47.82
N THR A 236 -16.92 -3.24 -47.59
CA THR A 236 -16.24 -4.37 -46.96
C THR A 236 -15.32 -5.05 -47.97
N GLU A 237 -14.58 -6.05 -47.45
CA GLU A 237 -13.61 -6.80 -48.29
C GLU A 237 -12.52 -5.85 -48.80
N SER A 238 -11.87 -6.19 -49.91
CA SER A 238 -10.86 -5.37 -50.54
C SER A 238 -10.71 -5.78 -51.99
N LYS A 239 -10.34 -4.81 -52.83
CA LYS A 239 -10.08 -5.13 -54.23
C LYS A 239 -8.80 -5.93 -54.38
N ARG A 240 -7.82 -5.71 -53.50
CA ARG A 240 -6.59 -6.48 -53.57
C ARG A 240 -5.97 -6.58 -52.18
N THR A 241 -5.25 -7.67 -51.93
CA THR A 241 -4.55 -7.89 -50.67
C THR A 241 -3.16 -8.44 -50.95
N VAL A 242 -2.14 -7.76 -50.41
CA VAL A 242 -0.75 -8.18 -50.55
C VAL A 242 -0.21 -8.46 -49.16
N THR A 243 0.43 -9.61 -48.99
CA THR A 243 0.96 -10.03 -47.70
C THR A 243 2.48 -10.07 -47.77
N THR A 244 3.13 -9.38 -46.82
CA THR A 244 4.58 -9.34 -46.72
C THR A 244 5.01 -10.12 -45.47
N ASN A 245 6.31 -10.09 -45.20
CA ASN A 245 6.89 -10.76 -44.04
C ASN A 245 7.23 -9.79 -42.92
N PHE A 246 6.79 -8.54 -43.00
CA PHE A 246 7.13 -7.50 -42.05
C PHE A 246 5.96 -6.54 -41.90
N PRO A 247 5.85 -5.87 -40.74
CA PRO A 247 4.92 -4.74 -40.65
C PRO A 247 5.36 -3.61 -41.57
N ILE A 248 4.39 -2.90 -42.13
CA ILE A 248 4.65 -1.79 -43.03
C ILE A 248 4.29 -0.50 -42.31
N TRP A 249 5.23 0.45 -42.27
CA TRP A 249 5.02 1.70 -41.56
C TRP A 249 4.38 2.75 -42.45
N ARG A 250 4.95 2.99 -43.63
CA ARG A 250 4.42 3.97 -44.57
C ARG A 250 4.28 3.31 -45.94
N GLY A 251 3.06 3.31 -46.47
CA GLY A 251 2.82 2.84 -47.81
C GLY A 251 2.16 3.93 -48.64
N ARG A 252 2.81 4.36 -49.72
CA ARG A 252 2.33 5.46 -50.53
C ARG A 252 2.34 5.07 -52.00
N TYR A 253 1.40 5.65 -52.75
CA TYR A 253 1.32 5.40 -54.17
C TYR A 253 2.44 6.09 -54.92
N LEU A 254 2.78 5.54 -56.08
CA LEU A 254 3.78 6.15 -56.93
C LEU A 254 3.20 7.41 -57.58
N PRO A 255 4.01 8.45 -57.78
CA PRO A 255 3.54 9.61 -58.56
C PRO A 255 3.56 9.37 -60.05
N PHE A 256 4.33 8.40 -60.52
CA PHE A 256 4.48 8.12 -61.95
C PHE A 256 4.15 6.66 -62.23
N GLY A 257 3.42 6.43 -63.31
CA GLY A 257 3.05 5.08 -63.69
C GLY A 257 2.05 4.47 -62.72
N GLU A 258 1.99 3.15 -62.74
CA GLU A 258 1.14 2.37 -61.85
C GLU A 258 2.03 1.51 -60.97
N GLY A 259 2.09 1.84 -59.68
CA GLY A 259 2.93 1.10 -58.76
C GLY A 259 2.84 1.72 -57.37
N TYR A 260 3.54 1.10 -56.43
CA TYR A 260 3.51 1.58 -55.06
C TYR A 260 4.79 1.19 -54.34
N CYS A 261 5.23 2.06 -53.43
CA CYS A 261 6.44 1.84 -52.66
C CYS A 261 6.08 1.72 -51.19
N ILE A 262 6.59 0.69 -50.54
CA ILE A 262 6.31 0.45 -49.12
C ILE A 262 7.62 0.28 -48.36
N MET A 263 7.58 0.57 -47.06
CA MET A 263 8.75 0.43 -46.21
C MET A 263 8.34 -0.07 -44.84
N PRO A 264 9.21 -0.80 -44.15
CA PRO A 264 8.86 -1.33 -42.84
C PRO A 264 9.30 -0.45 -41.69
N MET A 265 8.65 -0.64 -40.53
CA MET A 265 9.14 -0.01 -39.31
C MET A 265 10.22 -0.87 -38.67
N VAL A 266 10.05 -2.19 -38.70
CA VAL A 266 11.06 -3.15 -38.28
C VAL A 266 11.03 -4.30 -39.27
N GLY A 267 12.10 -5.07 -39.29
CA GLY A 267 12.19 -6.18 -40.22
C GLY A 267 12.55 -5.72 -41.61
N GLY A 268 12.51 -6.68 -42.54
CA GLY A 268 13.04 -6.42 -43.85
C GLY A 268 14.55 -6.21 -43.79
N ASN A 269 15.06 -5.44 -44.75
CA ASN A 269 16.45 -5.01 -44.72
C ASN A 269 16.56 -3.51 -44.46
N ASN A 270 15.53 -2.92 -43.86
CA ASN A 270 15.39 -1.48 -43.69
C ASN A 270 15.53 -0.76 -45.03
N ALA A 271 14.84 -1.29 -46.03
CA ALA A 271 14.87 -0.76 -47.39
C ALA A 271 13.44 -0.54 -47.87
N VAL A 272 13.31 0.37 -48.83
CA VAL A 272 12.01 0.67 -49.44
C VAL A 272 11.86 -0.21 -50.67
N TYR A 273 10.72 -0.90 -50.76
CA TYR A 273 10.45 -1.82 -51.87
C TYR A 273 9.47 -1.16 -52.83
N LEU A 274 9.79 -1.23 -54.13
CA LEU A 274 8.93 -0.68 -55.17
C LEU A 274 8.28 -1.82 -55.94
N ILE A 275 6.95 -1.79 -56.05
CA ILE A 275 6.16 -2.90 -56.53
C ILE A 275 5.29 -2.41 -57.70
N ASN A 276 5.33 -3.14 -58.80
CA ASN A 276 4.48 -2.83 -59.94
C ASN A 276 3.02 -3.16 -59.62
N LEU A 277 2.12 -2.43 -60.28
CA LEU A 277 0.69 -2.62 -60.11
C LEU A 277 0.02 -3.22 -61.34
N CYS A 278 0.74 -3.37 -62.44
CA CYS A 278 0.18 -3.95 -63.66
C CYS A 278 -0.11 -5.44 -63.49
N ASN A 286 -10.59 -9.22 -55.16
CA ASN A 286 -10.27 -10.11 -54.05
C ASN A 286 -9.28 -11.19 -54.48
N LYS A 287 -7.99 -10.91 -54.31
CA LYS A 287 -6.94 -11.86 -54.69
C LYS A 287 -5.78 -11.66 -53.74
N LYS A 288 -5.72 -12.49 -52.70
CA LYS A 288 -4.59 -12.46 -51.78
C LYS A 288 -3.33 -12.96 -52.46
N THR A 289 -2.26 -12.17 -52.38
CA THR A 289 -1.01 -12.51 -53.05
C THR A 289 0.14 -12.14 -52.14
N LYS A 290 1.36 -12.44 -52.60
CA LYS A 290 2.58 -12.12 -51.87
C LYS A 290 3.29 -10.94 -52.53
N LEU A 291 4.13 -10.27 -51.74
CA LEU A 291 4.83 -9.09 -52.22
C LEU A 291 5.90 -9.48 -53.21
N GLN A 292 5.92 -8.82 -54.37
CA GLN A 292 6.90 -9.05 -55.41
C GLN A 292 7.48 -7.71 -55.82
N PRO A 293 8.49 -7.22 -55.10
CA PRO A 293 9.07 -5.92 -55.44
C PRO A 293 9.89 -5.98 -56.71
N ILE A 294 10.06 -4.81 -57.33
CA ILE A 294 10.91 -4.66 -58.50
C ILE A 294 12.30 -4.19 -58.10
N TYR A 295 12.39 -3.16 -57.26
CA TYR A 295 13.67 -2.61 -56.84
C TYR A 295 13.60 -2.28 -55.36
N ALA A 296 14.68 -2.59 -54.64
CA ALA A 296 14.80 -2.33 -53.22
C ALA A 296 15.98 -1.40 -52.98
N PHE A 297 15.77 -0.36 -52.18
CA PHE A 297 16.79 0.64 -51.90
C PHE A 297 17.64 0.16 -50.73
N LYS A 298 18.53 -0.78 -51.02
CA LYS A 298 19.35 -1.40 -50.00
C LYS A 298 20.36 -0.43 -49.42
N GLY A 299 20.51 -0.45 -48.10
CA GLY A 299 21.29 0.46 -47.31
C GLY A 299 20.55 0.75 -46.03
N HIS A 300 20.94 1.84 -45.35
CA HIS A 300 20.22 2.36 -44.20
C HIS A 300 20.14 1.32 -43.08
N SER A 301 21.28 1.15 -42.40
CA SER A 301 21.44 0.10 -41.40
C SER A 301 20.36 0.12 -40.32
N ASP A 302 19.87 1.30 -39.95
CA ASP A 302 18.76 1.39 -39.01
C ASP A 302 17.46 1.63 -39.76
N ARG A 303 16.35 1.66 -39.02
CA ARG A 303 15.03 1.73 -39.63
C ARG A 303 14.80 3.09 -40.29
N VAL A 304 13.94 3.08 -41.32
CA VAL A 304 13.69 4.25 -42.16
C VAL A 304 12.51 5.03 -41.60
N ILE A 305 12.71 6.33 -41.42
CA ILE A 305 11.67 7.19 -40.86
C ILE A 305 10.66 7.61 -41.92
N ASP A 306 11.13 8.10 -43.07
CA ASP A 306 10.24 8.49 -44.16
C ASP A 306 10.97 8.46 -45.49
N PHE A 307 10.18 8.49 -46.56
CA PHE A 307 10.68 8.64 -47.92
C PHE A 307 9.87 9.72 -48.63
N LEU A 308 10.55 10.49 -49.48
CA LEU A 308 9.95 11.60 -50.21
C LEU A 308 10.38 11.51 -51.67
N TRP A 309 9.64 12.20 -52.52
CA TRP A 309 9.91 12.21 -53.95
C TRP A 309 10.32 13.59 -54.41
N ARG A 310 11.43 13.67 -55.12
CA ARG A 310 11.96 14.90 -55.68
C ARG A 310 11.72 14.90 -57.18
N SER A 311 11.08 15.94 -57.69
CA SER A 311 10.67 16.04 -59.08
C SER A 311 11.48 17.09 -59.82
N ARG A 312 11.55 16.95 -61.13
CA ARG A 312 12.34 17.86 -61.96
C ARG A 312 11.80 17.79 -63.39
N HIS A 313 11.30 18.91 -63.89
CA HIS A 313 10.73 18.97 -65.23
C HIS A 313 10.96 20.35 -65.82
N THR A 314 10.74 20.46 -67.13
CA THR A 314 10.95 21.71 -67.83
C THR A 314 9.86 22.72 -67.48
N CYS A 315 10.13 23.98 -67.80
CA CYS A 315 9.29 25.07 -67.30
C CYS A 315 7.97 25.16 -68.07
N ASP A 316 8.04 25.44 -69.37
CA ASP A 316 6.85 25.70 -70.17
C ASP A 316 6.53 24.56 -71.13
N GLY A 317 7.22 23.43 -71.03
CA GLY A 317 6.99 22.34 -71.94
C GLY A 317 5.65 21.67 -71.71
N ASP A 318 5.12 21.08 -72.79
CA ASP A 318 3.86 20.35 -72.75
C ASP A 318 4.08 18.84 -72.75
N TYR A 319 5.27 18.38 -72.39
CA TYR A 319 5.62 16.97 -72.40
C TYR A 319 6.01 16.52 -70.99
N ASP A 320 5.73 15.25 -70.70
CA ASP A 320 5.97 14.68 -69.37
C ASP A 320 7.35 14.05 -69.36
N ASP A 321 8.36 14.90 -69.21
CA ASP A 321 9.75 14.46 -69.20
C ASP A 321 10.39 14.61 -67.83
N ARG A 322 9.59 14.59 -66.77
CA ARG A 322 10.14 14.78 -65.43
C ARG A 322 10.93 13.56 -64.99
N GLU A 323 12.03 13.82 -64.29
CA GLU A 323 12.86 12.78 -63.70
C GLU A 323 12.70 12.81 -62.19
N PHE A 324 12.64 11.62 -61.59
CA PHE A 324 12.27 11.47 -60.20
C PHE A 324 13.45 10.92 -59.38
N GLN A 325 13.59 11.44 -58.17
CA GLN A 325 14.59 10.98 -57.21
C GLN A 325 13.89 10.66 -55.90
N LEU A 326 14.48 9.79 -55.09
CA LEU A 326 13.91 9.44 -53.80
C LEU A 326 14.81 9.96 -52.69
N VAL A 327 14.21 10.45 -51.61
CA VAL A 327 14.93 10.95 -50.46
C VAL A 327 14.48 10.15 -49.25
N THR A 328 15.38 9.37 -48.66
CA THR A 328 15.06 8.56 -47.50
C THR A 328 15.75 9.12 -46.26
N TRP A 329 14.95 9.39 -45.23
CA TRP A 329 15.46 9.75 -43.92
C TRP A 329 15.21 8.58 -42.98
N SER A 330 16.26 8.17 -42.27
CA SER A 330 16.23 6.96 -41.46
C SER A 330 16.74 7.27 -40.06
N LYS A 331 16.63 6.27 -39.18
CA LYS A 331 16.97 6.45 -37.77
C LYS A 331 18.47 6.54 -37.55
N ASP A 332 19.28 6.09 -38.50
CA ASP A 332 20.74 6.11 -38.38
C ASP A 332 21.34 7.47 -38.69
N CYS A 333 20.53 8.53 -38.66
CA CYS A 333 20.95 9.90 -38.93
C CYS A 333 21.60 10.04 -40.31
N ASP A 334 21.03 9.36 -41.30
CA ASP A 334 21.47 9.43 -42.67
C ASP A 334 20.31 9.85 -43.55
N LEU A 335 20.54 10.84 -44.40
CA LEU A 335 19.56 11.30 -45.37
C LEU A 335 20.11 10.96 -46.74
N LYS A 336 19.64 9.87 -47.32
CA LYS A 336 20.20 9.37 -48.57
C LYS A 336 19.33 9.73 -49.76
N LEU A 337 20.01 10.02 -50.87
CA LEU A 337 19.37 10.35 -52.13
C LEU A 337 19.55 9.16 -53.08
N TRP A 338 18.43 8.60 -53.52
CA TRP A 338 18.42 7.44 -54.40
C TRP A 338 18.02 7.86 -55.81
N PRO A 339 18.91 7.75 -56.79
CA PRO A 339 18.49 7.99 -58.18
C PRO A 339 17.60 6.86 -58.68
N ILE A 340 16.77 7.19 -59.66
CA ILE A 340 15.89 6.23 -60.29
C ILE A 340 16.35 6.05 -61.73
N SER A 341 16.77 4.84 -62.08
CA SER A 341 17.28 4.55 -63.40
C SER A 341 16.13 4.38 -64.39
N ASP A 342 16.48 4.35 -65.68
CA ASP A 342 15.48 4.19 -66.73
C ASP A 342 14.84 2.80 -66.72
N SER A 343 15.53 1.81 -66.17
CA SER A 343 14.95 0.47 -66.07
C SER A 343 13.73 0.47 -65.16
N ILE A 344 13.77 1.25 -64.08
CA ILE A 344 12.60 1.37 -63.21
C ILE A 344 11.49 2.13 -63.94
N TYR A 345 11.85 3.12 -64.75
CA TYR A 345 10.87 3.81 -65.58
C TYR A 345 10.22 2.90 -66.61
N GLY A 346 10.92 1.85 -67.03
CA GLY A 346 10.36 0.91 -67.98
C GLY A 346 9.55 -0.20 -67.36
N LYS A 347 10.06 -0.79 -66.27
CA LYS A 347 9.37 -1.90 -65.62
C LYS A 347 8.04 -1.47 -65.03
N VAL A 348 8.00 -0.30 -64.41
CA VAL A 348 6.73 0.33 -64.08
C VAL A 348 6.19 0.98 -65.34
N ASN A 349 4.86 0.97 -65.51
CA ASN A 349 4.27 1.49 -66.73
C ASN A 349 4.29 3.02 -66.78
N PHE A 350 5.49 3.59 -66.87
CA PHE A 350 5.68 5.03 -66.96
C PHE A 350 6.22 5.38 -68.34
N ASP A 351 5.52 6.27 -69.02
CA ASP A 351 5.93 6.71 -70.35
C ASP A 351 5.86 8.23 -70.42
N ARG A 352 6.72 8.81 -71.24
CA ARG A 352 6.72 10.26 -71.44
C ARG A 352 5.54 10.62 -72.33
N GLY A 353 4.52 11.22 -71.74
CA GLY A 353 3.30 11.51 -72.47
C GLY A 353 3.52 12.55 -73.55
N LYS A 354 3.11 12.21 -74.78
CA LYS A 354 3.28 13.12 -75.91
C LYS A 354 2.44 14.39 -75.74
N ARG A 355 1.23 14.24 -75.20
CA ARG A 355 0.36 15.37 -74.94
C ARG A 355 -0.10 15.31 -73.49
N LEU A 356 -0.07 16.45 -72.82
CA LEU A 356 -0.55 16.56 -71.45
C LEU A 356 -1.87 17.31 -71.42
N GLU A 357 -2.84 16.75 -70.68
CA GLU A 357 -4.13 17.40 -70.53
C GLU A 357 -4.00 18.71 -69.79
N GLU A 358 -3.13 18.77 -68.78
CA GLU A 358 -2.88 19.98 -68.02
C GLU A 358 -1.37 20.17 -67.85
N LYS A 359 -0.92 21.40 -68.00
CA LYS A 359 0.49 21.71 -67.76
C LYS A 359 0.82 21.61 -66.28
N LEU A 360 2.00 21.06 -65.99
CA LEU A 360 2.43 20.88 -64.62
C LEU A 360 2.70 22.23 -63.95
N PRO A 361 2.46 22.34 -62.64
CA PRO A 361 2.75 23.59 -61.94
C PRO A 361 4.24 23.90 -61.92
N ASP A 362 4.54 25.20 -61.95
CA ASP A 362 5.91 25.68 -61.93
C ASP A 362 6.19 26.36 -60.60
N TYR A 363 7.28 25.97 -59.96
CA TYR A 363 7.63 26.45 -58.63
C TYR A 363 8.86 27.34 -58.68
N ASP A 364 8.91 28.31 -57.77
CA ASP A 364 10.08 29.17 -57.66
C ASP A 364 11.24 28.39 -57.05
N TYR A 365 12.39 28.46 -57.71
CA TYR A 365 13.56 27.67 -57.30
C TYR A 365 14.50 28.52 -56.46
N CYS A 366 14.03 28.87 -55.27
CA CYS A 366 14.80 29.71 -54.35
C CYS A 366 15.48 28.85 -53.29
N SER A 367 16.39 29.48 -52.55
CA SER A 367 17.16 28.82 -51.49
C SER A 367 16.77 29.45 -50.17
N TYR A 368 15.94 28.74 -49.39
CA TYR A 368 15.52 29.24 -48.08
C TYR A 368 16.45 28.74 -46.98
N ASN A 369 17.74 28.91 -47.17
CA ASN A 369 18.74 28.46 -46.22
C ASN A 369 19.57 29.59 -45.64
N LYS A 370 19.96 30.56 -46.44
CA LYS A 370 20.73 31.70 -45.95
C LYS A 370 19.85 32.60 -45.11
N GLU A 371 20.45 33.18 -44.07
CA GLU A 371 19.70 34.04 -43.16
C GLU A 371 19.29 35.32 -43.86
N PRO A 372 18.01 35.69 -43.84
CA PRO A 372 17.58 36.90 -44.54
C PRO A 372 18.10 38.16 -43.87
N GLU A 373 18.29 39.20 -44.68
CA GLU A 373 18.73 40.49 -44.16
C GLU A 373 17.54 41.20 -43.51
N ASN A 374 17.72 41.62 -42.26
CA ASN A 374 16.65 42.28 -41.52
C ASN A 374 17.19 43.49 -40.75
N PHE A 383 12.45 56.94 -31.43
CA PHE A 383 13.46 57.83 -31.98
C PHE A 383 14.33 57.10 -32.99
N ARG A 384 15.37 57.77 -33.48
CA ARG A 384 16.25 57.23 -34.51
C ARG A 384 17.61 56.95 -33.90
N ARG A 385 18.11 55.73 -34.12
CA ARG A 385 19.44 55.38 -33.64
C ARG A 385 20.51 56.05 -34.48
N LEU A 386 21.69 56.20 -33.88
CA LEU A 386 22.84 56.77 -34.57
C LEU A 386 23.72 55.64 -35.09
N ARG A 387 24.25 55.82 -36.29
CA ARG A 387 25.08 54.79 -36.91
C ARG A 387 26.45 54.75 -36.26
N GLU A 388 26.82 53.59 -35.73
CA GLU A 388 28.13 53.40 -35.13
C GLU A 388 28.49 51.93 -35.14
N ASN A 389 29.77 51.66 -34.93
CA ASN A 389 30.29 50.30 -34.78
C ASN A 389 30.67 50.14 -33.32
N PHE A 390 29.79 49.53 -32.53
CA PHE A 390 30.00 49.44 -31.09
C PHE A 390 31.16 48.50 -30.76
N VAL A 391 31.16 47.31 -31.34
CA VAL A 391 32.20 46.32 -31.08
C VAL A 391 32.62 45.71 -32.41
N THR A 392 33.90 45.36 -32.50
CA THR A 392 34.43 44.77 -33.70
C THR A 392 33.83 43.38 -33.92
N THR A 393 33.44 43.10 -35.17
CA THR A 393 32.87 41.81 -35.49
C THR A 393 33.86 40.67 -35.26
N SER A 394 35.12 40.89 -35.62
CA SER A 394 36.15 39.90 -35.31
C SER A 394 36.38 39.84 -33.81
N GLY A 395 36.62 38.64 -33.30
CA GLY A 395 36.67 38.39 -31.87
C GLY A 395 35.31 38.04 -31.31
N LEU A 396 34.29 38.78 -31.73
CA LEU A 396 32.90 38.42 -31.44
C LEU A 396 32.49 37.14 -32.17
N LYS A 397 33.21 36.79 -33.23
CA LYS A 397 32.88 35.62 -34.04
C LYS A 397 33.02 34.33 -33.25
N LYS A 398 32.21 33.34 -33.64
CA LYS A 398 32.33 31.97 -33.15
C LYS A 398 33.06 31.17 -34.21
N ASN A 399 34.15 30.51 -33.82
CA ASN A 399 34.93 29.72 -34.76
C ASN A 399 34.12 28.50 -35.20
N LYS A 400 33.98 28.33 -36.52
CA LYS A 400 33.06 27.35 -37.08
C LYS A 400 33.66 25.95 -36.94
N THR A 401 33.42 25.33 -35.80
CA THR A 401 33.76 23.93 -35.60
C THR A 401 32.62 22.99 -35.97
N ASN A 402 31.40 23.50 -36.08
CA ASN A 402 30.28 22.71 -36.56
C ASN A 402 30.34 22.51 -38.07
N HIS A 403 30.99 23.41 -38.79
CA HIS A 403 31.13 23.28 -40.24
C HIS A 403 31.95 22.05 -40.60
N ILE A 404 33.01 21.78 -39.83
CA ILE A 404 33.86 20.61 -40.10
C ILE A 404 33.09 19.33 -39.82
N THR A 405 32.29 19.31 -38.75
CA THR A 405 31.48 18.14 -38.43
C THR A 405 30.42 17.90 -39.50
N TRP A 406 29.83 18.97 -40.03
CA TRP A 406 28.88 18.81 -41.13
C TRP A 406 29.57 18.32 -42.39
N LEU A 407 30.76 18.83 -42.68
CA LEU A 407 31.48 18.42 -43.88
C LEU A 407 31.97 16.99 -43.78
N SER A 408 32.15 16.48 -42.56
CA SER A 408 32.52 15.09 -42.38
C SER A 408 31.37 14.13 -42.66
N GLY A 409 30.14 14.62 -42.71
CA GLY A 409 28.99 13.74 -42.88
C GLY A 409 28.33 13.80 -44.25
N ILE A 410 29.01 14.36 -45.23
CA ILE A 410 28.51 14.43 -46.60
C ILE A 410 29.36 13.51 -47.45
N ARG A 411 28.70 12.60 -48.17
CA ARG A 411 29.36 11.57 -48.97
C ARG A 411 28.78 11.60 -50.38
N MET A 412 29.39 12.38 -51.26
CA MET A 412 28.98 12.43 -52.66
C MET A 412 29.44 11.16 -53.37
N ASN A 413 28.53 10.54 -54.12
CA ASN A 413 28.75 9.28 -54.83
C ASN A 413 29.24 8.17 -53.91
N LYS A 426 39.94 7.54 -51.14
CA LYS A 426 40.69 8.40 -50.24
C LYS A 426 39.99 9.75 -50.07
N ILE A 427 40.23 10.65 -51.01
CA ILE A 427 39.63 12.00 -50.99
C ILE A 427 38.88 12.20 -52.29
N GLN A 428 37.63 12.63 -52.20
CA GLN A 428 36.74 12.75 -53.35
C GLN A 428 36.57 14.19 -53.84
N ASN A 429 36.18 15.11 -52.97
CA ASN A 429 35.84 16.47 -53.39
C ASN A 429 36.50 17.45 -52.43
N LEU A 430 36.14 18.73 -52.59
CA LEU A 430 36.71 19.79 -51.77
C LEU A 430 36.22 19.71 -50.34
N GLY A 431 34.96 19.31 -50.15
CA GLY A 431 34.38 19.28 -48.81
C GLY A 431 35.04 18.25 -47.91
N GLU A 432 35.33 17.07 -48.43
CA GLU A 432 36.04 16.05 -47.66
C GLU A 432 37.45 16.52 -47.32
N GLU A 433 38.09 17.25 -48.24
CA GLU A 433 39.42 17.81 -47.98
C GLU A 433 39.37 18.82 -46.84
N VAL A 434 38.35 19.69 -46.84
CA VAL A 434 38.22 20.67 -45.78
C VAL A 434 37.93 19.99 -44.43
N SER A 435 37.10 18.95 -44.45
CA SER A 435 36.85 18.18 -43.24
C SER A 435 38.12 17.52 -42.72
N ALA A 436 38.92 16.94 -43.61
CA ALA A 436 40.15 16.28 -43.20
C ALA A 436 41.15 17.27 -42.62
N ILE A 437 41.32 18.44 -43.26
CA ILE A 437 42.27 19.41 -42.72
C ILE A 437 41.74 20.04 -41.44
N GLY A 438 40.43 20.10 -41.27
CA GLY A 438 39.88 20.55 -39.99
C GLY A 438 40.12 19.58 -38.87
N HIS A 439 39.97 18.28 -39.15
CA HIS A 439 40.15 17.27 -38.10
C HIS A 439 41.62 17.04 -37.77
N LYS A 440 42.51 17.09 -38.77
CA LYS A 440 43.91 16.76 -38.53
C LYS A 440 44.63 17.86 -37.76
N PHE A 441 44.17 19.11 -37.86
CA PHE A 441 44.82 20.25 -37.23
C PHE A 441 43.79 20.98 -36.38
N PRO A 442 43.61 20.59 -35.13
CA PRO A 442 42.62 21.27 -34.27
C PRO A 442 43.03 22.68 -33.85
N LYS A 443 44.28 23.08 -34.09
CA LYS A 443 44.76 24.40 -33.68
C LYS A 443 44.75 25.40 -34.83
N VAL A 444 44.09 25.08 -35.94
CA VAL A 444 43.91 26.01 -37.05
C VAL A 444 42.47 26.48 -37.04
N VAL A 445 42.26 27.76 -36.80
CA VAL A 445 40.92 28.33 -36.66
C VAL A 445 40.45 28.79 -38.03
N PHE A 446 39.30 28.29 -38.46
CA PHE A 446 38.75 28.61 -39.76
C PHE A 446 37.84 29.83 -39.63
N GLU A 447 38.11 30.86 -40.42
CA GLU A 447 37.30 32.07 -40.38
C GLU A 447 36.10 32.01 -41.32
N LYS A 448 36.30 31.49 -42.53
CA LYS A 448 35.23 31.38 -43.52
C LYS A 448 35.46 30.14 -44.36
N ILE A 449 34.45 29.27 -44.42
CA ILE A 449 34.48 28.08 -45.25
C ILE A 449 33.33 28.18 -46.24
N SER A 450 33.64 28.05 -47.53
CA SER A 450 32.59 28.07 -48.55
C SER A 450 33.05 27.14 -49.67
N VAL A 451 32.56 25.90 -49.64
CA VAL A 451 32.88 24.92 -50.67
C VAL A 451 32.24 25.30 -52.00
N SER A 452 31.01 25.85 -51.94
CA SER A 452 30.30 26.19 -53.17
C SER A 452 30.98 27.33 -53.91
N THR A 453 31.45 28.34 -53.21
CA THR A 453 32.15 29.46 -53.83
C THR A 453 33.67 29.31 -53.78
N ARG A 454 34.17 28.19 -53.25
CA ARG A 454 35.59 27.86 -53.21
C ARG A 454 36.42 28.91 -52.49
N GLU A 455 35.91 29.44 -51.38
CA GLU A 455 36.59 30.46 -50.60
C GLU A 455 36.88 29.93 -49.21
N LEU A 456 38.16 29.95 -48.81
CA LEU A 456 38.57 29.36 -47.54
C LEU A 456 39.51 30.31 -46.83
N CYS A 457 39.00 31.08 -45.88
CA CYS A 457 39.81 31.98 -45.07
C CYS A 457 40.07 31.32 -43.72
N LEU A 458 41.34 31.05 -43.43
CA LEU A 458 41.70 30.37 -42.19
C LEU A 458 42.89 31.09 -41.55
N THR A 459 42.97 30.95 -40.23
CA THR A 459 43.99 31.64 -39.43
C THR A 459 44.87 30.62 -38.73
N LEU A 460 46.15 30.96 -38.58
CA LEU A 460 47.08 30.09 -37.87
C LEU A 460 48.23 30.94 -37.34
N ASN A 461 48.97 30.35 -36.40
CA ASN A 461 50.17 30.96 -35.84
C ASN A 461 51.38 30.27 -36.42
N GLY A 462 52.30 31.06 -36.99
CA GLY A 462 53.45 30.50 -37.66
C GLY A 462 54.77 31.12 -37.28
N PRO A 463 55.83 30.31 -37.24
CA PRO A 463 57.18 30.82 -36.94
C PRO A 463 57.81 31.50 -38.16
N TRP A 464 57.32 32.69 -38.46
CA TRP A 464 57.72 33.42 -39.67
C TRP A 464 58.04 34.87 -39.33
N SER A 465 58.84 35.08 -38.30
CA SER A 465 59.30 36.40 -37.89
C SER A 465 60.79 36.54 -38.18
N GLU A 466 61.15 37.58 -38.92
CA GLU A 466 62.55 37.84 -39.20
C GLU A 466 63.33 38.27 -37.96
N GLU A 467 62.65 38.81 -36.96
CA GLU A 467 63.33 39.25 -35.74
C GLU A 467 63.63 38.07 -34.82
N ASN A 468 62.60 37.32 -34.43
CA ASN A 468 62.75 36.17 -33.54
C ASN A 468 62.06 34.97 -34.16
N PRO A 469 62.82 33.98 -34.65
CA PRO A 469 62.18 32.82 -35.29
C PRO A 469 61.39 31.93 -34.34
N ASP A 470 61.65 32.02 -33.02
CA ASP A 470 60.96 31.15 -32.09
C ASP A 470 59.52 31.58 -31.83
N ASP A 471 59.24 32.89 -31.90
CA ASP A 471 57.90 33.38 -31.64
C ASP A 471 56.98 33.08 -32.82
N TYR A 472 55.68 33.18 -32.57
CA TYR A 472 54.65 32.87 -33.55
C TYR A 472 53.90 34.12 -33.97
N ILE A 473 53.53 34.17 -35.24
CA ILE A 473 52.84 35.30 -35.83
C ILE A 473 51.45 34.84 -36.27
N PHE A 474 50.44 35.60 -35.87
CA PHE A 474 49.07 35.33 -36.27
C PHE A 474 48.85 35.76 -37.71
N LEU A 475 48.27 34.87 -38.53
CA LEU A 475 48.02 35.15 -39.93
C LEU A 475 46.54 34.97 -40.24
N ARG A 476 46.13 35.46 -41.41
CA ARG A 476 44.74 35.37 -41.87
C ARG A 476 44.70 34.96 -43.33
N ILE A 477 45.38 33.84 -43.64
CA ILE A 477 45.52 33.39 -45.02
C ILE A 477 44.16 33.06 -45.62
N SER A 478 43.89 33.61 -46.81
CA SER A 478 42.71 33.31 -47.59
C SER A 478 43.10 32.49 -48.82
N ILE A 479 42.26 31.53 -49.18
CA ILE A 479 42.52 30.59 -50.26
C ILE A 479 41.38 30.65 -51.25
N ASN A 480 41.72 30.77 -52.54
CA ASN A 480 40.79 30.67 -53.64
C ASN A 480 41.14 29.46 -54.48
N PHE A 481 40.13 28.62 -54.77
CA PHE A 481 40.29 27.42 -55.58
C PHE A 481 39.65 27.61 -56.96
N PRO A 482 40.18 26.97 -58.00
CA PRO A 482 39.59 27.09 -59.33
C PRO A 482 38.36 26.22 -59.51
N LEU A 483 37.82 26.18 -60.73
CA LEU A 483 36.68 25.32 -61.02
C LEU A 483 37.06 23.84 -60.92
N ASN A 484 38.14 23.45 -61.58
CA ASN A 484 38.66 22.09 -61.52
C ASN A 484 39.90 22.14 -60.65
N TYR A 485 39.72 21.92 -59.35
CA TYR A 485 40.81 22.09 -58.41
C TYR A 485 41.88 21.01 -58.51
N PRO A 486 41.60 19.70 -58.37
CA PRO A 486 42.69 18.74 -58.47
C PRO A 486 42.85 18.14 -59.86
N ASN A 487 41.93 18.49 -60.78
CA ASN A 487 41.93 17.87 -62.09
C ASN A 487 43.09 18.37 -62.94
N LYS A 488 43.31 19.67 -62.95
CA LYS A 488 44.36 20.27 -63.76
C LYS A 488 45.53 20.70 -62.89
N GLY A 489 46.53 21.30 -63.52
CA GLY A 489 47.71 21.78 -62.84
C GLY A 489 47.57 23.12 -62.17
N ASP A 490 46.39 23.72 -62.22
CA ASP A 490 46.17 25.02 -61.62
C ASP A 490 46.13 24.95 -60.10
N PRO A 491 46.97 25.69 -59.39
CA PRO A 491 47.04 25.59 -57.93
C PRO A 491 46.06 26.55 -57.27
N PRO A 492 45.91 26.49 -55.94
CA PRO A 492 45.18 27.55 -55.26
C PRO A 492 45.90 28.89 -55.34
N LYS A 493 45.12 29.96 -55.27
CA LYS A 493 45.68 31.31 -55.23
C LYS A 493 45.60 31.82 -53.80
N PHE A 494 46.69 31.69 -53.06
CA PHE A 494 46.73 32.13 -51.68
C PHE A 494 46.96 33.63 -51.60
N THR A 495 46.15 34.32 -50.80
CA THR A 495 46.32 35.74 -50.52
C THR A 495 46.38 35.92 -49.00
N ILE A 496 47.46 36.52 -48.51
CA ILE A 496 47.67 36.70 -47.09
C ILE A 496 47.50 38.18 -46.75
N GLU A 497 46.72 38.45 -45.71
CA GLU A 497 46.48 39.83 -45.30
C GLU A 497 47.75 40.44 -44.73
N GLU A 498 47.89 41.75 -44.92
CA GLU A 498 49.10 42.45 -44.51
C GLU A 498 49.21 42.51 -42.99
N ASN A 499 50.43 42.35 -42.49
CA ASN A 499 50.73 42.48 -41.08
C ASN A 499 52.01 43.28 -40.92
N SER A 500 52.08 44.08 -39.86
CA SER A 500 53.32 44.78 -39.55
C SER A 500 54.38 43.83 -39.04
N ASN A 501 53.96 42.70 -38.46
CA ASN A 501 54.90 41.69 -38.01
C ASN A 501 55.49 40.88 -39.17
N LEU A 502 54.85 40.91 -40.34
CA LEU A 502 55.30 40.16 -41.49
C LEU A 502 55.95 41.11 -42.50
N THR A 503 57.16 40.77 -42.93
CA THR A 503 57.88 41.58 -43.90
C THR A 503 57.47 41.20 -45.32
N MET A 504 57.88 42.04 -46.28
CA MET A 504 57.61 41.75 -47.68
C MET A 504 58.40 40.54 -48.16
N SER A 505 59.63 40.38 -47.66
CA SER A 505 60.47 39.26 -48.07
C SER A 505 59.88 37.93 -47.60
N LYS A 506 59.42 37.88 -46.35
CA LYS A 506 58.79 36.67 -45.84
C LYS A 506 57.49 36.36 -46.57
N ARG A 507 56.71 37.40 -46.89
CA ARG A 507 55.48 37.21 -47.64
C ARG A 507 55.76 36.64 -49.03
N GLN A 508 56.78 37.18 -49.71
CA GLN A 508 57.14 36.67 -51.03
C GLN A 508 57.65 35.23 -50.95
N GLU A 509 58.43 34.92 -49.92
CA GLU A 509 58.94 33.55 -49.74
C GLU A 509 57.79 32.57 -49.50
N ILE A 510 56.84 32.94 -48.63
CA ILE A 510 55.72 32.07 -48.31
C ILE A 510 54.84 31.86 -49.54
N LEU A 511 54.54 32.94 -50.26
CA LEU A 511 53.70 32.82 -51.46
C LEU A 511 54.38 32.00 -52.54
N SER A 512 55.68 32.20 -52.75
CA SER A 512 56.40 31.44 -53.76
C SER A 512 56.47 29.97 -53.40
N ASN A 513 56.69 29.65 -52.11
CA ASN A 513 56.75 28.26 -51.69
C ASN A 513 55.40 27.58 -51.79
N LEU A 514 54.32 28.29 -51.42
CA LEU A 514 52.98 27.73 -51.57
C LEU A 514 52.63 27.51 -53.04
N ALA A 515 53.01 28.44 -53.91
CA ALA A 515 52.76 28.28 -55.33
C ALA A 515 53.55 27.10 -55.89
N THR A 516 54.80 26.93 -55.44
CA THR A 516 55.60 25.79 -55.89
C THR A 516 54.98 24.47 -55.43
N ILE A 517 54.52 24.42 -54.18
CA ILE A 517 53.89 23.20 -53.65
C ILE A 517 52.62 22.89 -54.41
N GLY A 518 51.79 23.91 -54.67
CA GLY A 518 50.55 23.69 -55.40
C GLY A 518 50.77 23.29 -56.84
N GLN A 519 51.77 23.88 -57.49
CA GLN A 519 52.06 23.52 -58.88
C GLN A 519 52.61 22.11 -58.99
N LYS A 520 53.51 21.73 -58.07
CA LYS A 520 54.11 20.40 -58.14
C LYS A 520 53.13 19.32 -57.71
N TYR A 521 52.28 19.61 -56.73
CA TYR A 521 51.42 18.59 -56.14
C TYR A 521 50.13 18.38 -56.91
N THR A 522 49.78 19.27 -57.85
CA THR A 522 48.66 19.04 -58.74
C THR A 522 49.06 18.31 -60.02
N ASP A 523 50.36 18.06 -60.22
CA ASP A 523 50.78 17.26 -61.36
C ASP A 523 50.36 15.80 -61.21
N SER A 524 50.31 15.31 -59.97
CA SER A 524 49.80 13.98 -59.68
C SER A 524 48.30 13.96 -59.45
N ASN A 525 47.64 15.11 -59.62
CA ASN A 525 46.19 15.27 -59.46
C ASN A 525 45.72 14.89 -58.05
N LEU A 526 46.55 15.14 -57.06
CA LEU A 526 46.18 14.90 -55.67
C LEU A 526 45.62 16.18 -55.06
N TYR A 527 45.47 16.21 -53.74
CA TYR A 527 44.83 17.32 -53.03
C TYR A 527 45.89 18.05 -52.22
N CYS A 528 46.22 19.27 -52.61
CA CYS A 528 47.27 20.06 -51.96
C CYS A 528 46.65 21.08 -51.02
N LEU A 529 46.17 20.60 -49.88
CA LEU A 529 45.76 21.52 -48.82
C LEU A 529 46.29 21.05 -47.48
N GLU A 530 46.54 19.73 -47.37
CA GLU A 530 47.27 19.23 -46.21
C GLU A 530 48.74 19.70 -46.19
N PRO A 531 49.55 19.49 -47.25
CA PRO A 531 50.95 19.93 -47.15
C PRO A 531 51.11 21.44 -47.11
N CYS A 532 50.19 22.20 -47.73
CA CYS A 532 50.30 23.66 -47.69
C CYS A 532 50.11 24.19 -46.28
N ILE A 533 49.05 23.75 -45.59
CA ILE A 533 48.80 24.21 -44.23
C ILE A 533 49.85 23.66 -43.28
N ARG A 534 50.33 22.43 -43.53
CA ARG A 534 51.42 21.89 -42.72
C ARG A 534 52.69 22.72 -42.87
N PHE A 535 52.98 23.17 -44.10
CA PHE A 535 54.19 23.97 -44.32
C PHE A 535 54.05 25.37 -43.73
N VAL A 536 52.88 25.98 -43.86
CA VAL A 536 52.69 27.30 -43.27
C VAL A 536 52.74 27.23 -41.75
N LEU A 537 52.25 26.14 -41.16
CA LEU A 537 52.44 25.92 -39.73
C LEU A 537 53.89 25.63 -39.39
N GLY A 538 54.71 25.27 -40.37
CA GLY A 538 56.12 25.04 -40.12
C GLY A 538 56.44 23.74 -39.44
N GLU A 539 55.55 22.75 -39.50
CA GLU A 539 55.79 21.47 -38.83
C GLU A 539 56.86 20.67 -39.54
N LYS A 540 56.85 20.67 -40.87
CA LYS A 540 57.78 19.85 -41.64
C LYS A 540 57.93 20.47 -43.03
N VAL A 541 58.56 19.73 -43.93
CA VAL A 541 58.73 20.13 -45.32
C VAL A 541 58.43 18.92 -46.20
N SER A 542 57.77 19.15 -47.32
CA SER A 542 57.38 18.09 -48.24
C SER A 542 57.94 18.37 -49.63
N LEU A 543 58.29 17.29 -50.33
CA LEU A 543 58.82 17.40 -51.69
C LEU A 543 58.33 16.25 -52.56
N ASN B 5 29.29 -27.44 11.78
CA ASN B 5 28.43 -28.56 11.43
C ASN B 5 27.29 -28.12 10.53
N ARG B 6 27.61 -27.62 9.35
CA ARG B 6 26.62 -27.19 8.38
C ARG B 6 26.45 -28.27 7.32
N LYS B 7 25.21 -28.71 7.13
CA LYS B 7 24.88 -29.75 6.16
C LYS B 7 24.04 -29.14 5.04
N LYS B 8 24.50 -29.30 3.80
CA LYS B 8 23.84 -28.73 2.63
C LYS B 8 22.98 -29.79 1.98
N LEU B 9 21.67 -29.67 2.14
CA LEU B 9 20.71 -30.57 1.52
C LEU B 9 20.06 -29.87 0.33
N LEU B 10 20.00 -30.58 -0.79
CA LEU B 10 19.32 -30.10 -1.99
C LEU B 10 18.00 -30.83 -2.10
N LEU B 11 16.94 -30.09 -2.44
CA LEU B 11 15.60 -30.66 -2.59
C LEU B 11 15.13 -30.30 -3.99
N MET B 12 15.28 -31.23 -4.93
CA MET B 12 15.00 -30.97 -6.33
C MET B 12 13.86 -31.85 -6.82
N GLY B 13 13.32 -31.48 -7.97
CA GLY B 13 12.21 -32.20 -8.56
C GLY B 13 11.69 -31.47 -9.78
N ARG B 14 10.52 -31.89 -10.24
CA ARG B 14 9.86 -31.23 -11.34
C ARG B 14 8.81 -30.26 -10.79
N SER B 15 8.09 -29.59 -11.70
CA SER B 15 7.08 -28.63 -11.30
C SER B 15 5.92 -29.33 -10.59
N GLY B 16 5.50 -28.78 -9.46
CA GLY B 16 4.38 -29.33 -8.73
C GLY B 16 4.65 -30.63 -8.02
N SER B 17 5.92 -31.00 -7.85
CA SER B 17 6.27 -32.28 -7.25
C SER B 17 6.01 -32.35 -5.75
N GLY B 18 5.77 -31.22 -5.10
CA GLY B 18 5.48 -31.24 -3.68
C GLY B 18 6.68 -31.11 -2.77
N LYS B 19 7.77 -30.50 -3.26
CA LYS B 19 8.95 -30.33 -2.43
C LYS B 19 8.69 -29.36 -1.28
N SER B 20 8.09 -28.21 -1.59
CA SER B 20 7.79 -27.22 -0.56
C SER B 20 6.74 -27.74 0.40
N SER B 21 5.86 -28.64 -0.04
CA SER B 21 4.91 -29.26 0.87
C SER B 21 5.62 -30.11 1.92
N MET B 22 6.62 -30.90 1.50
CA MET B 22 7.44 -31.66 2.45
C MET B 22 8.17 -30.73 3.40
N ARG B 23 8.78 -29.67 2.86
CA ARG B 23 9.54 -28.74 3.69
C ARG B 23 8.64 -28.04 4.70
N SER B 24 7.41 -27.74 4.31
CA SER B 24 6.50 -27.04 5.22
C SER B 24 5.97 -27.99 6.29
N ILE B 25 5.60 -29.21 5.91
CA ILE B 25 5.00 -30.14 6.87
C ILE B 25 6.04 -30.64 7.87
N ILE B 26 7.21 -31.03 7.38
CA ILE B 26 8.21 -31.64 8.26
C ILE B 26 8.82 -30.58 9.18
N PHE B 27 9.18 -29.43 8.64
CA PHE B 27 9.99 -28.45 9.37
C PHE B 27 9.23 -27.20 9.76
N SER B 28 8.42 -26.64 8.88
CA SER B 28 7.74 -25.37 9.15
C SER B 28 6.41 -25.56 9.87
N ASN B 29 6.03 -26.80 10.18
CA ASN B 29 4.81 -27.13 10.93
C ASN B 29 3.55 -26.63 10.22
N TYR B 30 3.31 -27.17 9.03
CA TYR B 30 2.08 -26.95 8.31
C TYR B 30 1.29 -28.26 8.20
N SER B 31 -0.03 -28.14 8.19
CA SER B 31 -0.89 -29.29 8.03
C SER B 31 -0.92 -29.73 6.57
N ALA B 32 -1.54 -30.89 6.34
CA ALA B 32 -1.68 -31.39 4.97
C ALA B 32 -2.64 -30.53 4.16
N PHE B 33 -3.70 -30.01 4.80
CA PHE B 33 -4.66 -29.16 4.11
C PHE B 33 -4.12 -27.76 3.86
N ASP B 34 -3.05 -27.38 4.55
CA ASP B 34 -2.48 -26.04 4.43
C ASP B 34 -1.38 -25.96 3.38
N THR B 35 -1.08 -27.06 2.68
CA THR B 35 -0.11 -27.02 1.60
C THR B 35 -0.74 -26.67 0.26
N ARG B 36 -2.07 -26.61 0.17
CA ARG B 36 -2.72 -26.23 -1.08
C ARG B 36 -2.56 -24.75 -1.36
N ARG B 37 -2.44 -23.93 -0.31
CA ARG B 37 -2.29 -22.49 -0.46
C ARG B 37 -0.87 -22.07 -0.83
N LEU B 38 0.07 -23.01 -0.86
CA LEU B 38 1.45 -22.69 -1.18
C LEU B 38 1.57 -22.25 -2.63
N GLY B 39 2.43 -21.26 -2.86
CA GLY B 39 2.70 -20.78 -4.20
C GLY B 39 3.84 -21.54 -4.84
N ALA B 40 4.29 -21.01 -5.97
CA ALA B 40 5.35 -21.63 -6.74
C ALA B 40 6.70 -21.07 -6.31
N THR B 41 7.62 -21.96 -5.95
CA THR B 41 8.95 -21.55 -5.52
C THR B 41 9.75 -21.01 -6.70
N ILE B 42 10.21 -19.78 -6.58
CA ILE B 42 10.95 -19.13 -7.65
C ILE B 42 12.44 -19.23 -7.34
N ASP B 43 13.20 -19.77 -8.29
CA ASP B 43 14.64 -20.03 -8.18
C ASP B 43 14.86 -20.96 -7.01
N VAL B 44 15.77 -20.67 -6.09
CA VAL B 44 16.08 -21.54 -4.96
C VAL B 44 15.73 -20.81 -3.67
N GLU B 45 14.95 -21.47 -2.82
CA GLU B 45 14.58 -20.92 -1.52
C GLU B 45 15.43 -21.61 -0.45
N HIS B 46 16.21 -20.83 0.28
CA HIS B 46 17.08 -21.38 1.31
C HIS B 46 16.38 -21.35 2.67
N SER B 47 16.53 -22.44 3.41
CA SER B 47 15.98 -22.54 4.76
C SER B 47 17.08 -23.05 5.69
N HIS B 48 17.38 -22.29 6.73
CA HIS B 48 18.37 -22.67 7.72
C HIS B 48 17.65 -23.19 8.95
N LEU B 49 17.64 -24.51 9.12
CA LEU B 49 16.88 -25.17 10.17
C LEU B 49 17.83 -25.81 11.18
N ARG B 50 17.63 -25.50 12.46
CA ARG B 50 18.51 -26.00 13.51
C ARG B 50 18.02 -27.36 13.99
N PHE B 51 18.80 -28.39 13.74
CA PHE B 51 18.49 -29.75 14.17
C PHE B 51 19.33 -30.10 15.39
N LEU B 52 18.68 -30.72 16.37
CA LEU B 52 19.22 -31.03 17.70
C LEU B 52 19.65 -29.70 18.32
N GLY B 53 20.89 -29.55 18.78
CA GLY B 53 21.34 -28.28 19.29
C GLY B 53 22.64 -27.87 18.65
N ASN B 54 23.16 -28.73 17.79
CA ASN B 54 24.46 -28.50 17.16
C ASN B 54 24.39 -28.53 15.64
N MET B 55 23.44 -29.29 15.09
CA MET B 55 23.35 -29.41 13.64
C MET B 55 22.59 -28.25 13.05
N THR B 56 23.08 -27.74 11.92
CA THR B 56 22.31 -26.79 11.13
C THR B 56 22.18 -27.32 9.71
N LEU B 57 20.97 -27.27 9.18
CA LEU B 57 20.62 -27.83 7.89
C LEU B 57 20.30 -26.67 6.94
N ASN B 58 21.05 -26.60 5.85
CA ASN B 58 20.81 -25.61 4.81
C ASN B 58 20.04 -26.30 3.69
N LEU B 59 18.71 -26.27 3.81
CA LEU B 59 17.85 -26.93 2.86
C LEU B 59 17.56 -25.99 1.68
N TRP B 60 17.81 -26.47 0.47
CA TRP B 60 17.67 -25.68 -0.74
C TRP B 60 16.45 -26.17 -1.51
N ASP B 61 15.30 -25.57 -1.24
CA ASP B 61 14.08 -25.90 -1.96
C ASP B 61 14.18 -25.28 -3.36
N CYS B 62 14.57 -26.11 -4.33
CA CYS B 62 14.78 -25.63 -5.68
C CYS B 62 13.46 -25.46 -6.41
N GLY B 63 13.52 -24.77 -7.55
CA GLY B 63 12.33 -24.40 -8.29
C GLY B 63 11.58 -25.56 -8.90
N GLY B 64 12.20 -26.25 -9.86
CA GLY B 64 11.59 -27.40 -10.50
C GLY B 64 10.93 -27.15 -11.83
N GLN B 65 10.78 -25.89 -12.24
CA GLN B 65 10.19 -25.56 -13.53
C GLN B 65 11.29 -25.45 -14.59
N ASP B 66 10.86 -25.41 -15.85
CA ASP B 66 11.75 -25.71 -16.96
C ASP B 66 12.86 -24.67 -17.10
N VAL B 67 12.53 -23.39 -16.94
CA VAL B 67 13.55 -22.35 -17.05
C VAL B 67 14.56 -22.46 -15.91
N PHE B 68 14.06 -22.67 -14.68
CA PHE B 68 14.95 -22.85 -13.53
C PHE B 68 15.80 -24.11 -13.69
N MET B 69 15.19 -25.19 -14.17
CA MET B 69 15.92 -26.45 -14.30
C MET B 69 16.99 -26.36 -15.38
N GLU B 70 16.71 -25.67 -16.48
CA GLU B 70 17.74 -25.44 -17.48
C GLU B 70 18.80 -24.47 -16.99
N ASN B 71 18.44 -23.56 -16.09
CA ASN B 71 19.41 -22.63 -15.53
C ASN B 71 20.35 -23.31 -14.55
N TYR B 72 19.87 -24.35 -13.86
CA TYR B 72 20.68 -25.00 -12.83
C TYR B 72 21.90 -25.70 -13.44
N PHE B 73 21.72 -26.37 -14.58
CA PHE B 73 22.77 -27.20 -15.14
C PHE B 73 23.63 -26.47 -16.17
N THR B 74 23.43 -25.17 -16.37
CA THR B 74 24.21 -24.39 -17.32
C THR B 74 25.04 -23.31 -16.65
N LYS B 75 24.41 -22.42 -15.88
CA LYS B 75 25.09 -21.26 -15.31
C LYS B 75 25.39 -21.39 -13.83
N GLN B 76 24.46 -21.90 -13.04
CA GLN B 76 24.64 -22.02 -11.60
C GLN B 76 25.19 -23.38 -11.18
N LYS B 77 25.68 -24.18 -12.14
CA LYS B 77 26.16 -25.53 -11.86
C LYS B 77 27.35 -25.52 -10.92
N ASP B 78 28.13 -24.45 -10.90
CA ASP B 78 29.27 -24.33 -10.01
C ASP B 78 28.90 -23.82 -8.64
N HIS B 79 27.62 -23.60 -8.37
CA HIS B 79 27.19 -23.08 -7.08
C HIS B 79 26.21 -23.99 -6.35
N ILE B 80 25.24 -24.57 -7.07
CA ILE B 80 24.21 -25.34 -6.38
C ILE B 80 24.73 -26.72 -5.99
N PHE B 81 25.67 -27.26 -6.76
CA PHE B 81 26.07 -28.66 -6.62
C PHE B 81 27.46 -28.84 -6.00
N GLN B 82 27.99 -27.81 -5.36
CA GLN B 82 29.29 -27.91 -4.68
C GLN B 82 29.08 -27.97 -3.18
N MET B 83 29.90 -28.79 -2.51
CA MET B 83 29.82 -29.03 -1.06
C MET B 83 28.43 -29.50 -0.65
N VAL B 84 27.89 -30.47 -1.39
CA VAL B 84 26.56 -31.00 -1.17
C VAL B 84 26.69 -32.35 -0.46
N GLN B 85 25.94 -32.50 0.64
CA GLN B 85 25.93 -33.75 1.39
C GLN B 85 24.81 -34.69 0.96
N VAL B 86 23.57 -34.20 0.82
CA VAL B 86 22.42 -35.03 0.50
C VAL B 86 21.61 -34.35 -0.59
N LEU B 87 21.31 -35.09 -1.66
CA LEU B 87 20.32 -34.70 -2.64
C LEU B 87 19.05 -35.50 -2.41
N ILE B 88 17.90 -34.83 -2.44
CA ILE B 88 16.60 -35.46 -2.32
C ILE B 88 15.84 -35.10 -3.59
N HIS B 89 15.66 -36.08 -4.46
CA HIS B 89 14.92 -35.87 -5.70
C HIS B 89 13.50 -36.40 -5.53
N VAL B 90 12.54 -35.53 -5.81
CA VAL B 90 11.12 -35.84 -5.61
C VAL B 90 10.51 -36.11 -6.97
N PHE B 91 10.07 -37.36 -7.18
CA PHE B 91 9.44 -37.77 -8.42
C PHE B 91 7.93 -37.86 -8.21
N ASP B 92 7.19 -37.17 -9.06
CA ASP B 92 5.73 -37.22 -9.03
C ASP B 92 5.28 -38.36 -9.92
N VAL B 93 4.46 -39.26 -9.35
CA VAL B 93 3.90 -40.36 -10.13
C VAL B 93 2.71 -39.92 -10.97
N GLU B 94 2.22 -38.69 -10.78
CA GLU B 94 1.20 -38.13 -11.64
C GLU B 94 1.79 -37.53 -12.92
N SER B 95 3.10 -37.50 -13.05
CA SER B 95 3.74 -36.88 -14.20
C SER B 95 3.56 -37.74 -15.45
N THR B 96 3.31 -37.08 -16.57
CA THR B 96 3.19 -37.74 -17.87
C THR B 96 4.48 -37.65 -18.68
N GLU B 97 5.54 -37.09 -18.09
CA GLU B 97 6.82 -36.91 -18.78
C GLU B 97 7.93 -37.63 -18.02
N VAL B 98 7.70 -38.91 -17.71
CA VAL B 98 8.56 -39.66 -16.81
C VAL B 98 9.99 -39.76 -17.36
N LEU B 99 10.13 -39.90 -18.69
CA LEU B 99 11.46 -39.94 -19.29
C LEU B 99 12.18 -38.61 -19.10
N LYS B 100 11.46 -37.50 -19.19
CA LYS B 100 12.08 -36.20 -18.92
C LYS B 100 12.50 -36.07 -17.47
N ASP B 101 11.72 -36.63 -16.55
CA ASP B 101 12.10 -36.65 -15.13
C ASP B 101 13.37 -37.45 -14.92
N ILE B 102 13.48 -38.61 -15.57
CA ILE B 102 14.67 -39.43 -15.44
C ILE B 102 15.87 -38.73 -16.06
N GLU B 103 15.67 -38.00 -17.15
CA GLU B 103 16.78 -37.26 -17.75
C GLU B 103 17.24 -36.11 -16.86
N ILE B 104 16.29 -35.42 -16.21
CA ILE B 104 16.63 -34.37 -15.26
C ILE B 104 17.42 -34.95 -14.09
N PHE B 105 16.97 -36.10 -13.58
CA PHE B 105 17.70 -36.77 -12.51
C PHE B 105 19.09 -37.20 -12.96
N ALA B 106 19.22 -37.63 -14.21
CA ALA B 106 20.52 -38.02 -14.74
C ALA B 106 21.47 -36.83 -14.81
N LYS B 107 20.95 -35.67 -15.24
CA LYS B 107 21.77 -34.45 -15.26
C LYS B 107 22.19 -34.03 -13.85
N ALA B 108 21.27 -34.15 -12.89
CA ALA B 108 21.60 -33.81 -11.50
C ALA B 108 22.67 -34.74 -10.94
N LEU B 109 22.54 -36.04 -11.22
CA LEU B 109 23.55 -37.00 -10.79
C LEU B 109 24.89 -36.73 -11.44
N LYS B 110 24.89 -36.36 -12.73
CA LYS B 110 26.13 -36.04 -13.41
C LYS B 110 26.81 -34.83 -12.79
N GLN B 111 26.04 -33.79 -12.49
CA GLN B 111 26.62 -32.60 -11.86
C GLN B 111 27.16 -32.91 -10.47
N LEU B 112 26.43 -33.71 -9.70
CA LEU B 112 26.90 -34.05 -8.36
C LEU B 112 28.15 -34.92 -8.40
N ARG B 113 28.23 -35.83 -9.38
CA ARG B 113 29.45 -36.62 -9.53
C ARG B 113 30.62 -35.73 -9.95
N LYS B 114 30.34 -34.73 -10.79
CA LYS B 114 31.40 -33.83 -11.24
C LYS B 114 31.95 -32.99 -10.08
N TYR B 115 31.08 -32.50 -9.20
CA TYR B 115 31.50 -31.49 -8.24
C TYR B 115 31.73 -32.05 -6.84
N SER B 116 30.76 -32.74 -6.26
CA SER B 116 30.87 -33.29 -4.91
C SER B 116 30.48 -34.76 -4.92
N PRO B 117 31.39 -35.64 -5.35
CA PRO B 117 31.03 -37.05 -5.54
C PRO B 117 30.96 -37.89 -4.28
N ASP B 118 30.97 -37.26 -3.10
CA ASP B 118 30.84 -37.98 -1.84
C ASP B 118 29.43 -37.85 -1.25
N ALA B 119 28.49 -37.32 -2.02
CA ALA B 119 27.16 -37.03 -1.52
C ALA B 119 26.32 -38.30 -1.43
N LYS B 120 25.10 -38.14 -0.90
CA LYS B 120 24.15 -39.23 -0.76
C LYS B 120 22.88 -38.86 -1.51
N ILE B 121 22.43 -39.75 -2.39
CA ILE B 121 21.26 -39.50 -3.21
C ILE B 121 20.08 -40.27 -2.64
N PHE B 122 18.95 -39.58 -2.47
CA PHE B 122 17.71 -40.19 -2.03
C PHE B 122 16.61 -39.78 -3.01
N VAL B 123 15.70 -40.70 -3.31
CA VAL B 123 14.59 -40.43 -4.21
C VAL B 123 13.28 -40.73 -3.49
N LEU B 124 12.34 -39.80 -3.59
CA LEU B 124 11.03 -39.93 -2.97
C LEU B 124 9.98 -39.93 -4.05
N LEU B 125 9.24 -41.04 -4.18
CA LEU B 125 8.13 -41.13 -5.13
C LEU B 125 6.90 -40.55 -4.45
N HIS B 126 6.76 -39.23 -4.57
CA HIS B 126 5.71 -38.52 -3.87
C HIS B 126 4.37 -38.70 -4.58
N LYS B 127 3.33 -38.17 -3.94
CA LYS B 127 1.95 -38.22 -4.43
C LYS B 127 1.47 -39.65 -4.67
N MET B 128 1.94 -40.59 -3.84
CA MET B 128 1.52 -41.98 -3.96
C MET B 128 0.31 -42.24 -3.05
N ASP B 129 -0.69 -41.38 -3.23
CA ASP B 129 -2.02 -41.60 -2.68
C ASP B 129 -3.10 -41.55 -3.75
N LEU B 130 -2.81 -40.97 -4.92
CA LEU B 130 -3.78 -40.98 -6.01
C LEU B 130 -3.86 -42.35 -6.68
N VAL B 131 -2.75 -43.10 -6.70
CA VAL B 131 -2.78 -44.43 -7.28
C VAL B 131 -3.55 -45.38 -6.37
N GLN B 132 -4.14 -46.40 -6.99
CA GLN B 132 -4.90 -47.40 -6.24
C GLN B 132 -3.97 -48.24 -5.38
N LEU B 133 -4.54 -48.77 -4.29
CA LEU B 133 -3.74 -49.46 -3.28
C LEU B 133 -3.11 -50.75 -3.82
N ASP B 134 -3.75 -51.39 -4.79
CA ASP B 134 -3.23 -52.67 -5.28
C ASP B 134 -1.98 -52.48 -6.13
N LYS B 135 -1.87 -51.35 -6.84
CA LYS B 135 -0.78 -51.13 -7.78
C LYS B 135 0.29 -50.20 -7.23
N ARG B 136 0.32 -49.94 -5.93
CA ARG B 136 1.29 -49.00 -5.39
C ARG B 136 2.70 -49.61 -5.41
N GLU B 137 2.90 -50.68 -4.65
CA GLU B 137 4.24 -51.22 -4.41
C GLU B 137 4.92 -51.64 -5.70
N GLU B 138 4.19 -52.33 -6.58
CA GLU B 138 4.71 -52.72 -7.88
C GLU B 138 5.18 -51.51 -8.67
N LEU B 139 4.38 -50.43 -8.66
CA LEU B 139 4.79 -49.20 -9.33
C LEU B 139 6.06 -48.65 -8.70
N PHE B 140 6.15 -48.69 -7.37
CA PHE B 140 7.37 -48.27 -6.69
C PHE B 140 8.55 -49.12 -7.10
N GLN B 141 8.31 -50.41 -7.36
CA GLN B 141 9.38 -51.25 -7.89
C GLN B 141 9.70 -50.86 -9.33
N ILE B 142 8.67 -50.63 -10.14
CA ILE B 142 8.84 -50.53 -11.59
C ILE B 142 9.70 -49.33 -11.94
N MET B 143 9.49 -48.21 -11.26
CA MET B 143 10.37 -47.07 -11.45
C MET B 143 11.74 -47.30 -10.83
N MET B 144 11.79 -47.87 -9.62
CA MET B 144 13.03 -47.85 -8.83
C MET B 144 14.15 -48.61 -9.51
N LYS B 145 13.84 -49.78 -10.07
CA LYS B 145 14.81 -50.54 -10.86
C LYS B 145 15.44 -49.66 -11.93
N ASN B 146 14.59 -48.97 -12.71
CA ASN B 146 15.09 -48.06 -13.73
C ASN B 146 15.98 -46.99 -13.11
N LEU B 147 15.53 -46.40 -11.99
CA LEU B 147 16.34 -45.39 -11.33
C LEU B 147 17.65 -45.97 -10.85
N SER B 148 17.64 -47.22 -10.37
CA SER B 148 18.88 -47.86 -9.99
C SER B 148 19.81 -47.99 -11.19
N GLU B 149 19.25 -48.38 -12.34
CA GLU B 149 20.06 -48.47 -13.55
C GLU B 149 20.54 -47.09 -13.98
N THR B 150 19.79 -46.04 -13.63
CA THR B 150 20.31 -44.70 -13.81
C THR B 150 21.34 -44.36 -12.74
N SER B 151 21.05 -44.71 -11.48
CA SER B 151 21.86 -44.22 -10.37
C SER B 151 23.25 -44.84 -10.39
N SER B 152 23.34 -46.12 -10.76
CA SER B 152 24.65 -46.76 -10.86
C SER B 152 25.43 -46.28 -12.08
N GLU B 153 24.76 -45.63 -13.04
CA GLU B 153 25.48 -45.19 -14.23
C GLU B 153 26.39 -44.00 -13.93
N PHE B 154 25.88 -43.00 -13.22
CA PHE B 154 26.65 -41.80 -12.91
C PHE B 154 27.22 -41.90 -11.49
N GLY B 155 28.20 -42.79 -11.34
CA GLY B 155 28.73 -43.06 -10.02
C GLY B 155 27.68 -43.75 -9.16
N PHE B 156 27.65 -43.38 -7.86
CA PHE B 156 26.59 -43.64 -6.89
C PHE B 156 26.06 -45.06 -6.92
N PRO B 157 26.80 -46.05 -6.41
CA PRO B 157 26.31 -47.44 -6.44
C PRO B 157 25.02 -47.66 -5.66
N ASN B 158 24.76 -46.85 -4.63
CA ASN B 158 23.59 -47.00 -3.79
C ASN B 158 22.65 -45.81 -3.96
N LEU B 159 21.35 -46.10 -3.97
CA LEU B 159 20.33 -45.06 -4.02
C LEU B 159 19.12 -45.57 -3.25
N ILE B 160 18.70 -44.81 -2.24
CA ILE B 160 17.60 -45.22 -1.38
C ILE B 160 16.36 -44.44 -1.76
N GLY B 161 15.24 -45.14 -1.90
CA GLY B 161 14.00 -44.52 -2.31
C GLY B 161 12.84 -44.83 -1.38
N PHE B 162 11.86 -43.93 -1.35
CA PHE B 162 10.73 -44.09 -0.44
C PHE B 162 9.42 -43.73 -1.12
N PRO B 163 8.40 -44.58 -1.02
CA PRO B 163 7.05 -44.19 -1.43
C PRO B 163 6.44 -43.23 -0.42
N THR B 164 6.33 -41.96 -0.77
CA THR B 164 5.95 -40.93 0.18
C THR B 164 4.65 -40.26 -0.25
N SER B 165 3.94 -39.72 0.75
CA SER B 165 2.77 -38.88 0.52
C SER B 165 2.56 -38.04 1.77
N ILE B 166 1.85 -36.93 1.61
CA ILE B 166 1.57 -36.06 2.74
C ILE B 166 0.31 -36.45 3.48
N TRP B 167 -0.44 -37.42 2.99
CA TRP B 167 -1.67 -37.87 3.61
C TRP B 167 -1.50 -39.17 4.38
N ASP B 168 -0.26 -39.62 4.55
CA ASP B 168 0.05 -40.76 5.42
C ASP B 168 1.31 -40.43 6.18
N GLU B 169 1.91 -41.43 6.81
CA GLU B 169 3.06 -41.22 7.68
C GLU B 169 4.39 -41.61 7.04
N SER B 170 4.41 -41.92 5.74
CA SER B 170 5.66 -42.33 5.10
C SER B 170 6.65 -41.19 4.96
N LEU B 171 6.16 -39.95 4.94
CA LEU B 171 7.02 -38.78 4.85
C LEU B 171 7.97 -38.71 6.04
N TYR B 172 7.46 -39.04 7.23
CA TYR B 172 8.29 -39.00 8.42
C TYR B 172 9.40 -40.03 8.37
N LYS B 173 9.11 -41.24 7.88
CA LYS B 173 10.16 -42.25 7.75
C LYS B 173 11.21 -41.83 6.73
N ALA B 174 10.78 -41.31 5.58
CA ALA B 174 11.73 -40.89 4.55
C ALA B 174 12.63 -39.77 5.05
N TRP B 175 12.04 -38.75 5.68
CA TRP B 175 12.84 -37.63 6.15
C TRP B 175 13.69 -38.02 7.35
N SER B 176 13.23 -38.94 8.19
CA SER B 176 14.03 -39.40 9.31
C SER B 176 15.27 -40.14 8.83
N GLN B 177 15.12 -41.03 7.85
CA GLN B 177 16.28 -41.73 7.33
C GLN B 177 17.18 -40.82 6.52
N ILE B 178 16.64 -39.77 5.90
CA ILE B 178 17.49 -38.81 5.18
C ILE B 178 18.32 -38.02 6.18
N VAL B 179 17.69 -37.52 7.26
CA VAL B 179 18.38 -36.67 8.22
C VAL B 179 19.39 -37.47 9.02
N CYS B 180 19.05 -38.71 9.41
CA CYS B 180 19.93 -39.52 10.25
C CYS B 180 21.22 -39.91 9.55
N SER B 181 21.30 -39.78 8.23
CA SER B 181 22.55 -40.04 7.52
C SER B 181 23.57 -38.92 7.71
N LEU B 182 23.19 -37.82 8.33
CA LEU B 182 24.08 -36.70 8.57
C LEU B 182 24.40 -36.48 10.05
N ILE B 183 23.69 -37.14 10.95
CA ILE B 183 23.86 -36.92 12.39
C ILE B 183 25.19 -37.54 12.84
N PRO B 184 26.09 -36.76 13.43
CA PRO B 184 27.36 -37.32 13.90
C PRO B 184 27.19 -38.09 15.21
N ASN B 185 28.15 -38.97 15.46
CA ASN B 185 28.22 -39.78 16.69
C ASN B 185 26.98 -40.64 16.87
N MET B 186 26.56 -41.33 15.80
CA MET B 186 25.41 -42.22 15.89
C MET B 186 25.73 -43.47 16.69
N SER B 187 26.97 -43.97 16.59
CA SER B 187 27.37 -45.17 17.32
C SER B 187 27.32 -44.94 18.83
N ASN B 188 27.78 -43.76 19.29
CA ASN B 188 27.72 -43.45 20.71
C ASN B 188 26.28 -43.36 21.20
N HIS B 189 25.39 -42.78 20.39
CA HIS B 189 23.98 -42.72 20.76
C HIS B 189 23.38 -44.13 20.84
N GLN B 190 23.74 -45.00 19.89
CA GLN B 190 23.23 -46.36 19.91
C GLN B 190 23.74 -47.13 21.13
N SER B 191 25.02 -46.95 21.46
CA SER B 191 25.58 -47.65 22.62
C SER B 191 24.97 -47.16 23.91
N ASN B 192 24.78 -45.84 24.05
CA ASN B 192 24.15 -45.31 25.25
C ASN B 192 22.70 -45.74 25.36
N LEU B 193 21.99 -45.81 24.22
CA LEU B 193 20.61 -46.28 24.23
C LEU B 193 20.54 -47.75 24.63
N LYS B 194 21.49 -48.56 24.16
CA LYS B 194 21.52 -49.96 24.54
C LYS B 194 21.82 -50.12 26.03
N LYS B 195 22.73 -49.29 26.56
CA LYS B 195 23.02 -49.33 27.99
C LYS B 195 21.80 -48.94 28.81
N PHE B 196 21.08 -47.90 28.39
CA PHE B 196 19.87 -47.47 29.11
C PHE B 196 18.77 -48.51 29.00
N LYS B 197 18.67 -49.18 27.84
CA LYS B 197 17.68 -50.25 27.67
C LYS B 197 17.98 -51.41 28.59
N GLU B 198 19.25 -51.78 28.72
CA GLU B 198 19.61 -52.85 29.65
C GLU B 198 19.38 -52.43 31.10
N ILE B 199 19.65 -51.15 31.42
CA ILE B 199 19.53 -50.69 32.80
C ILE B 199 18.08 -50.64 33.23
N MET B 200 17.21 -50.06 32.41
CA MET B 200 15.81 -49.91 32.78
C MET B 200 14.98 -51.16 32.48
N ASN B 201 15.54 -52.15 31.80
CA ASN B 201 14.85 -53.37 31.38
C ASN B 201 13.60 -53.03 30.56
N ALA B 202 13.84 -52.39 29.42
CA ALA B 202 12.78 -51.88 28.56
C ALA B 202 12.66 -52.74 27.32
N LEU B 203 11.42 -52.89 26.84
CA LEU B 203 11.19 -53.65 25.60
C LEU B 203 11.76 -52.91 24.39
N GLU B 204 11.52 -51.61 24.31
CA GLU B 204 12.06 -50.83 23.19
C GLU B 204 12.14 -49.36 23.56
N ILE B 205 13.31 -48.76 23.35
CA ILE B 205 13.54 -47.35 23.61
C ILE B 205 13.88 -46.66 22.30
N ILE B 206 13.11 -45.62 21.96
CA ILE B 206 13.29 -44.88 20.72
C ILE B 206 13.59 -43.43 21.08
N LEU B 207 14.58 -42.86 20.41
CA LEU B 207 14.98 -41.48 20.64
C LEU B 207 14.64 -40.65 19.40
N PHE B 208 13.88 -39.59 19.61
CA PHE B 208 13.39 -38.67 18.58
C PHE B 208 14.17 -37.37 18.63
N GLU B 209 13.72 -36.42 17.82
CA GLU B 209 14.05 -35.01 17.97
C GLU B 209 12.82 -34.28 18.48
N ARG B 210 13.04 -33.21 19.26
CA ARG B 210 11.92 -32.56 19.93
C ARG B 210 11.08 -31.73 18.97
N THR B 211 11.72 -30.99 18.07
CA THR B 211 10.97 -30.05 17.23
C THR B 211 10.32 -30.76 16.04
N THR B 212 11.14 -31.36 15.17
CA THR B 212 10.62 -31.99 13.97
C THR B 212 9.92 -33.31 14.25
N PHE B 213 10.14 -33.90 15.42
CA PHE B 213 9.58 -35.20 15.83
C PHE B 213 9.92 -36.29 14.82
N LEU B 214 11.16 -36.28 14.35
CA LEU B 214 11.68 -37.35 13.51
C LEU B 214 12.47 -38.33 14.36
N VAL B 215 12.46 -39.60 13.94
CA VAL B 215 13.18 -40.64 14.67
C VAL B 215 14.68 -40.43 14.49
N ILE B 216 15.42 -40.47 15.59
CA ILE B 216 16.87 -40.38 15.55
C ILE B 216 17.51 -41.76 15.69
N CYS B 217 17.09 -42.53 16.69
CA CYS B 217 17.61 -43.89 16.81
C CYS B 217 16.62 -44.76 17.57
N SER B 218 16.87 -46.06 17.53
CA SER B 218 16.03 -47.02 18.23
C SER B 218 16.91 -48.02 18.97
N SER B 219 16.34 -48.61 20.03
CA SER B 219 17.09 -49.58 20.84
C SER B 219 17.38 -50.85 20.05
N ASN B 220 16.40 -51.34 19.30
CA ASN B 220 16.55 -52.57 18.54
C ASN B 220 17.10 -52.36 17.14
N GLY B 221 17.39 -51.11 16.76
CA GLY B 221 17.92 -50.83 15.44
C GLY B 221 16.86 -50.43 14.44
N VAL B 236 6.83 -62.01 20.15
CA VAL B 236 5.96 -60.86 19.94
C VAL B 236 6.42 -60.08 18.71
N LEU B 237 5.67 -60.20 17.62
CA LEU B 237 5.97 -59.50 16.38
C LEU B 237 5.34 -58.12 16.42
N LEU B 238 6.12 -57.11 16.05
CA LEU B 238 5.68 -55.72 16.08
C LEU B 238 5.58 -55.16 14.67
N ASP B 239 4.87 -54.04 14.55
CA ASP B 239 4.69 -53.40 13.25
C ASP B 239 6.01 -52.78 12.80
N PRO B 240 6.47 -53.08 11.59
CA PRO B 240 7.74 -52.49 11.12
C PRO B 240 7.66 -51.00 10.88
N LYS B 241 6.47 -50.45 10.67
CA LYS B 241 6.27 -49.03 10.44
C LYS B 241 5.78 -48.31 11.68
N ARG B 242 6.20 -48.76 12.87
CA ARG B 242 5.73 -48.13 14.10
C ARG B 242 6.40 -46.78 14.36
N PHE B 243 7.65 -46.60 13.90
CA PHE B 243 8.37 -45.36 14.15
C PHE B 243 7.67 -44.17 13.49
N GLU B 244 7.32 -44.32 12.22
CA GLU B 244 6.67 -43.23 11.50
C GLU B 244 5.28 -42.95 12.04
N LYS B 245 4.57 -44.00 12.47
CA LYS B 245 3.25 -43.81 13.05
C LYS B 245 3.33 -43.08 14.39
N ILE B 246 4.34 -43.40 15.20
CA ILE B 246 4.54 -42.67 16.45
C ILE B 246 4.92 -41.22 16.17
N SER B 247 5.72 -40.98 15.13
CA SER B 247 6.08 -39.61 14.76
C SER B 247 4.84 -38.81 14.35
N ASN B 248 3.97 -39.40 13.54
CA ASN B 248 2.74 -38.72 13.14
C ASN B 248 1.82 -38.49 14.34
N ILE B 249 1.72 -39.47 15.22
CA ILE B 249 0.87 -39.33 16.41
C ILE B 249 1.40 -38.22 17.32
N MET B 250 2.72 -38.12 17.45
CA MET B 250 3.30 -37.08 18.30
C MET B 250 3.15 -35.70 17.68
N LYS B 251 3.23 -35.61 16.35
CA LYS B 251 2.97 -34.32 15.70
C LYS B 251 1.53 -33.89 15.90
N ASN B 252 0.59 -34.83 15.77
CA ASN B 252 -0.81 -34.52 16.04
C ASN B 252 -1.04 -34.12 17.48
N PHE B 253 -0.35 -34.79 18.42
CA PHE B 253 -0.55 -34.46 19.82
C PHE B 253 0.06 -33.11 20.17
N LYS B 254 1.19 -32.77 19.57
CA LYS B 254 1.76 -31.44 19.77
C LYS B 254 0.84 -30.36 19.23
N GLN B 255 0.26 -30.59 18.04
CA GLN B 255 -0.69 -29.63 17.49
C GLN B 255 -1.97 -29.56 18.32
N SER B 256 -2.33 -30.64 19.00
CA SER B 256 -3.48 -30.61 19.89
C SER B 256 -3.17 -29.86 21.19
N CYS B 257 -1.98 -30.07 21.74
CA CYS B 257 -1.60 -29.40 22.98
C CYS B 257 -1.29 -27.92 22.77
N THR B 258 -1.06 -27.49 21.53
CA THR B 258 -0.96 -26.06 21.27
C THR B 258 -2.29 -25.32 21.47
N LYS B 259 -3.41 -26.05 21.51
CA LYS B 259 -4.70 -25.41 21.74
C LYS B 259 -4.85 -24.96 23.19
N LEU B 260 -4.23 -25.67 24.13
CA LEU B 260 -4.32 -25.34 25.55
C LEU B 260 -3.29 -24.31 25.98
N LYS B 261 -2.68 -23.59 25.04
CA LYS B 261 -1.71 -22.52 25.29
C LYS B 261 -0.52 -23.03 26.12
N SER B 262 -0.01 -24.21 25.77
CA SER B 262 1.10 -24.81 26.49
C SER B 262 1.80 -25.79 25.57
N GLY B 263 2.85 -26.42 26.09
CA GLY B 263 3.63 -27.38 25.33
C GLY B 263 3.62 -28.74 25.99
N PHE B 264 3.66 -29.78 25.16
CA PHE B 264 3.65 -31.16 25.64
C PHE B 264 4.93 -31.49 26.40
N LYS B 265 4.79 -32.12 27.55
CA LYS B 265 5.94 -32.48 28.38
C LYS B 265 6.10 -33.98 28.57
N THR B 266 5.08 -34.66 29.08
CA THR B 266 5.18 -36.09 29.38
C THR B 266 3.88 -36.79 28.99
N LEU B 267 3.97 -38.11 28.81
CA LEU B 267 2.80 -38.91 28.48
C LEU B 267 3.04 -40.34 28.94
N ILE B 268 2.19 -40.84 29.84
CA ILE B 268 2.33 -42.19 30.38
C ILE B 268 1.09 -42.99 30.01
N LEU B 269 1.30 -44.10 29.32
CA LEU B 269 0.22 -44.96 28.85
C LEU B 269 0.36 -46.33 29.51
N ASN B 270 -0.65 -46.73 30.27
CA ASN B 270 -0.75 -48.03 30.94
C ASN B 270 0.41 -48.29 31.90
N ASN B 271 1.11 -47.23 32.32
CA ASN B 271 2.37 -47.33 33.07
C ASN B 271 3.37 -48.24 32.36
N ASN B 272 3.33 -48.24 31.02
CA ASN B 272 4.15 -49.13 30.22
C ASN B 272 4.86 -48.34 29.12
N ILE B 273 4.22 -47.26 28.67
CA ILE B 273 4.75 -46.44 27.58
C ILE B 273 4.98 -45.04 28.13
N TYR B 274 6.25 -44.63 28.16
CA TYR B 274 6.65 -43.32 28.69
C TYR B 274 7.19 -42.48 27.55
N VAL B 275 6.57 -41.32 27.34
CA VAL B 275 7.05 -40.33 26.38
C VAL B 275 7.49 -39.13 27.18
N SER B 276 8.79 -38.87 27.20
CA SER B 276 9.31 -37.86 28.11
C SER B 276 10.31 -36.96 27.41
N GLU B 277 10.33 -35.70 27.80
CA GLU B 277 11.28 -34.73 27.28
C GLU B 277 12.64 -35.04 27.89
N LEU B 278 13.45 -35.82 27.18
CA LEU B 278 14.74 -36.24 27.69
C LEU B 278 15.69 -35.06 27.87
N SER B 279 15.69 -34.13 26.92
CA SER B 279 16.56 -32.96 26.98
C SER B 279 15.81 -31.81 26.33
N SER B 280 16.54 -30.75 25.99
CA SER B 280 15.95 -29.64 25.24
C SER B 280 15.91 -29.90 23.74
N ASN B 281 16.43 -31.04 23.28
CA ASN B 281 16.49 -31.33 21.86
C ASN B 281 16.08 -32.75 21.50
N MET B 282 15.71 -33.60 22.46
CA MET B 282 15.35 -34.98 22.19
C MET B 282 14.12 -35.36 23.01
N VAL B 283 13.40 -36.38 22.53
CA VAL B 283 12.23 -36.93 23.21
C VAL B 283 12.40 -38.44 23.25
N CYS B 284 12.23 -39.03 24.43
CA CYS B 284 12.41 -40.47 24.59
C CYS B 284 11.05 -41.16 24.66
N PHE B 285 10.99 -42.31 23.99
CA PHE B 285 9.78 -43.14 23.89
C PHE B 285 10.18 -44.52 24.39
N ILE B 286 9.81 -44.84 25.62
CA ILE B 286 10.24 -46.06 26.29
C ILE B 286 9.04 -46.96 26.50
N VAL B 287 9.12 -48.18 25.97
CA VAL B 287 8.15 -49.23 26.26
C VAL B 287 8.87 -50.27 27.10
N LEU B 288 8.40 -50.46 28.33
CA LEU B 288 9.03 -51.33 29.32
C LEU B 288 8.42 -52.73 29.22
N LYS B 289 8.71 -53.57 30.21
CA LYS B 289 8.18 -54.92 30.26
C LYS B 289 7.27 -55.18 31.45
N ASP B 290 7.58 -54.60 32.61
CA ASP B 290 6.81 -54.83 33.83
C ASP B 290 5.88 -53.66 34.07
N MET B 291 4.60 -53.95 34.25
CA MET B 291 3.58 -52.93 34.45
C MET B 291 3.48 -52.46 35.90
N ASN B 292 4.20 -53.08 36.81
CA ASN B 292 4.07 -52.79 38.24
C ASN B 292 5.09 -51.78 38.74
N ILE B 293 5.92 -51.22 37.87
CA ILE B 293 6.90 -50.24 38.32
C ILE B 293 6.20 -48.93 38.65
N PRO B 294 6.47 -48.32 39.80
CA PRO B 294 5.90 -46.99 40.09
C PRO B 294 6.45 -45.95 39.13
N GLN B 295 5.62 -44.92 38.89
CA GLN B 295 5.96 -43.90 37.90
C GLN B 295 7.17 -43.09 38.30
N GLU B 296 7.34 -42.87 39.61
CA GLU B 296 8.42 -41.98 40.06
C GLU B 296 9.79 -42.58 39.84
N LEU B 297 9.93 -43.90 39.92
CA LEU B 297 11.22 -44.52 39.66
C LEU B 297 11.63 -44.36 38.20
N VAL B 298 10.69 -44.58 37.28
CA VAL B 298 10.99 -44.39 35.87
C VAL B 298 11.28 -42.93 35.57
N LEU B 299 10.52 -42.02 36.18
CA LEU B 299 10.76 -40.59 35.96
C LEU B 299 12.12 -40.16 36.51
N GLU B 300 12.51 -40.71 37.67
CA GLU B 300 13.80 -40.38 38.25
C GLU B 300 14.94 -40.92 37.39
N ASN B 301 14.80 -42.15 36.89
CA ASN B 301 15.82 -42.70 36.01
C ASN B 301 15.89 -41.96 34.68
N ILE B 302 14.76 -41.42 34.23
CA ILE B 302 14.76 -40.56 33.05
C ILE B 302 15.53 -39.27 33.34
N LYS B 303 15.31 -38.69 34.52
CA LYS B 303 15.98 -37.45 34.89
C LYS B 303 17.49 -37.66 35.09
N LYS B 304 17.90 -38.84 35.55
CA LYS B 304 19.33 -39.12 35.69
C LYS B 304 20.02 -39.19 34.35
N ALA B 305 19.36 -39.75 33.34
CA ALA B 305 19.93 -39.86 32.01
C ALA B 305 19.77 -38.60 31.19
N LYS B 306 19.14 -37.55 31.73
CA LYS B 306 18.96 -36.31 30.99
C LYS B 306 20.30 -35.66 30.68
N GLU B 307 21.22 -35.64 31.65
CA GLU B 307 22.54 -35.08 31.43
C GLU B 307 23.49 -36.05 30.74
N PHE B 308 23.13 -37.34 30.66
CA PHE B 308 24.03 -38.31 30.05
C PHE B 308 24.05 -38.19 28.53
N PHE B 309 22.88 -37.99 27.92
CA PHE B 309 22.80 -37.88 26.47
C PHE B 309 23.19 -36.51 25.95
N GLN B 310 23.42 -35.54 26.84
CA GLN B 310 23.82 -34.19 26.42
C GLN B 310 25.27 -34.16 25.97
N ALA C 10 -31.94 -48.01 22.34
CA ALA C 10 -32.04 -46.69 21.72
C ALA C 10 -31.35 -46.66 20.36
N MET C 11 -32.03 -47.18 19.35
CA MET C 11 -31.52 -47.18 17.98
C MET C 11 -32.05 -45.95 17.26
N VAL C 12 -31.15 -45.17 16.69
CA VAL C 12 -31.53 -43.97 15.96
C VAL C 12 -31.53 -44.27 14.47
N LEU C 13 -32.52 -43.72 13.77
CA LEU C 13 -32.69 -43.94 12.34
C LEU C 13 -32.29 -42.68 11.58
N LEU C 14 -31.37 -42.82 10.64
CA LEU C 14 -30.91 -41.72 9.82
C LEU C 14 -31.73 -41.69 8.53
N MET C 15 -32.34 -40.55 8.24
CA MET C 15 -33.19 -40.41 7.06
C MET C 15 -32.79 -39.17 6.28
N GLY C 16 -32.95 -39.25 4.97
CA GLY C 16 -32.66 -38.12 4.12
C GLY C 16 -32.74 -38.50 2.66
N VAL C 17 -32.64 -37.47 1.81
CA VAL C 17 -32.64 -37.68 0.38
C VAL C 17 -31.31 -38.30 -0.05
N ARG C 18 -31.31 -38.90 -1.25
CA ARG C 18 -30.08 -39.45 -1.80
C ARG C 18 -29.05 -38.35 -2.00
N ARG C 19 -27.78 -38.72 -1.79
CA ARG C 19 -26.63 -37.80 -1.88
C ARG C 19 -26.75 -36.61 -0.95
N CYS C 20 -27.29 -36.84 0.25
CA CYS C 20 -27.30 -35.80 1.27
C CYS C 20 -26.16 -35.97 2.28
N GLY C 21 -25.62 -37.18 2.39
CA GLY C 21 -24.43 -37.40 3.17
C GLY C 21 -24.57 -38.34 4.35
N LYS C 22 -25.64 -39.14 4.37
CA LYS C 22 -25.89 -40.02 5.51
C LYS C 22 -24.81 -41.07 5.66
N SER C 23 -24.42 -41.70 4.56
CA SER C 23 -23.37 -42.72 4.59
C SER C 23 -22.04 -42.11 4.99
N SER C 24 -21.75 -40.90 4.51
CA SER C 24 -20.50 -40.25 4.87
C SER C 24 -20.46 -39.89 6.35
N ILE C 25 -21.59 -39.43 6.91
CA ILE C 25 -21.67 -39.17 8.34
C ILE C 25 -21.47 -40.46 9.13
N CYS C 26 -22.11 -41.55 8.70
CA CYS C 26 -21.94 -42.82 9.40
C CYS C 26 -20.50 -43.30 9.35
N LYS C 27 -19.84 -43.17 8.19
CA LYS C 27 -18.46 -43.59 8.04
C LYS C 27 -17.52 -42.76 8.90
N VAL C 28 -17.74 -41.44 8.94
CA VAL C 28 -16.86 -40.56 9.69
C VAL C 28 -17.04 -40.77 11.19
N VAL C 29 -18.28 -40.84 11.65
CA VAL C 29 -18.53 -40.92 13.10
C VAL C 29 -18.33 -42.34 13.59
N PHE C 30 -19.13 -43.28 13.12
CA PHE C 30 -19.18 -44.61 13.72
C PHE C 30 -18.15 -45.57 13.15
N HIS C 31 -17.29 -45.12 12.24
CA HIS C 31 -16.24 -45.99 11.71
C HIS C 31 -14.87 -45.33 11.65
N ASN C 32 -14.77 -44.02 11.86
CA ASN C 32 -13.51 -43.26 11.82
C ASN C 32 -12.75 -43.44 10.51
N SER C 53 -29.19 -52.15 22.02
CA SER C 53 -28.60 -51.48 23.18
C SER C 53 -29.14 -50.05 23.31
N THR C 54 -28.59 -49.30 24.27
CA THR C 54 -29.07 -47.95 24.55
C THR C 54 -28.01 -46.88 24.29
N LEU C 55 -26.85 -46.98 24.95
CA LEU C 55 -25.87 -45.90 24.95
C LEU C 55 -24.72 -46.12 23.98
N ILE C 56 -24.38 -47.38 23.67
CA ILE C 56 -23.24 -47.65 22.80
C ILE C 56 -23.59 -47.26 21.36
N ASP C 57 -22.55 -46.94 20.59
CA ASP C 57 -22.71 -46.56 19.18
C ASP C 57 -23.07 -47.80 18.39
N LEU C 58 -24.36 -48.12 18.37
CA LEU C 58 -24.86 -49.28 17.67
C LEU C 58 -24.85 -49.06 16.16
N ALA C 59 -25.07 -50.14 15.42
CA ALA C 59 -25.17 -50.08 13.97
C ALA C 59 -26.49 -49.41 13.60
N VAL C 60 -26.43 -48.11 13.30
CA VAL C 60 -27.63 -47.33 13.00
C VAL C 60 -28.17 -47.71 11.64
N MET C 61 -29.40 -47.32 11.35
CA MET C 61 -30.08 -47.68 10.11
C MET C 61 -30.23 -46.44 9.24
N GLU C 62 -29.57 -46.45 8.09
CA GLU C 62 -29.79 -45.43 7.08
C GLU C 62 -31.04 -45.77 6.26
N LEU C 63 -31.71 -44.73 5.78
CA LEU C 63 -32.96 -44.90 5.05
C LEU C 63 -33.01 -43.90 3.90
N PRO C 64 -32.69 -44.32 2.69
CA PRO C 64 -32.80 -43.41 1.54
C PRO C 64 -34.24 -43.14 1.17
N GLY C 65 -34.73 -41.93 1.48
CA GLY C 65 -36.10 -41.58 1.18
C GLY C 65 -36.22 -40.61 0.02
N GLN C 66 -36.69 -41.11 -1.12
CA GLN C 66 -36.92 -40.29 -2.29
C GLN C 66 -38.35 -39.75 -2.28
N LEU C 67 -38.59 -38.73 -3.10
CA LEU C 67 -39.91 -38.12 -3.16
C LEU C 67 -40.90 -39.06 -3.85
N ASN C 68 -42.01 -39.34 -3.17
CA ASN C 68 -43.02 -40.28 -3.62
C ASN C 68 -44.24 -40.12 -2.73
N TYR C 69 -45.23 -40.98 -2.96
CA TYR C 69 -46.43 -41.04 -2.13
C TYR C 69 -46.24 -42.16 -1.11
N PHE C 70 -46.40 -41.82 0.17
CA PHE C 70 -46.15 -42.80 1.22
C PHE C 70 -47.31 -43.79 1.32
N GLU C 71 -46.98 -45.07 1.34
CA GLU C 71 -48.00 -46.11 1.47
C GLU C 71 -48.57 -46.11 2.88
N PRO C 72 -49.90 -46.16 3.04
CA PRO C 72 -50.47 -46.13 4.39
C PRO C 72 -50.30 -47.44 5.15
N SER C 73 -49.43 -47.41 6.17
CA SER C 73 -49.20 -48.53 7.10
C SER C 73 -48.74 -49.78 6.36
N TYR C 74 -47.57 -49.67 5.74
CA TYR C 74 -46.96 -50.79 5.02
C TYR C 74 -45.99 -51.55 5.93
N ASP C 75 -46.54 -52.04 7.05
CA ASP C 75 -45.82 -52.80 8.07
C ASP C 75 -44.62 -52.03 8.63
N SER C 76 -44.75 -50.71 8.74
CA SER C 76 -43.70 -49.85 9.26
C SER C 76 -43.96 -49.38 10.68
N GLU C 77 -45.03 -49.85 11.32
CA GLU C 77 -45.35 -49.41 12.66
C GLU C 77 -44.33 -49.92 13.68
N ARG C 78 -43.93 -51.19 13.56
CA ARG C 78 -42.92 -51.75 14.45
C ARG C 78 -41.57 -51.10 14.26
N LEU C 79 -41.22 -50.77 13.01
CA LEU C 79 -39.93 -50.15 12.72
C LEU C 79 -39.80 -48.79 13.40
N PHE C 80 -40.80 -47.93 13.22
CA PHE C 80 -40.76 -46.61 13.84
C PHE C 80 -41.05 -46.67 15.34
N LYS C 81 -41.70 -47.74 15.82
CA LYS C 81 -41.81 -47.93 17.26
C LYS C 81 -40.50 -48.40 17.88
N SER C 82 -39.60 -48.96 17.07
CA SER C 82 -38.31 -49.43 17.56
C SER C 82 -37.21 -48.40 17.46
N VAL C 83 -37.52 -47.17 17.03
CA VAL C 83 -36.53 -46.12 16.89
C VAL C 83 -36.66 -45.17 18.08
N GLY C 84 -35.56 -45.01 18.82
CA GLY C 84 -35.57 -44.12 19.97
C GLY C 84 -35.70 -42.65 19.58
N ALA C 85 -35.00 -42.25 18.51
CA ALA C 85 -35.04 -40.86 18.05
C ALA C 85 -34.73 -40.83 16.56
N LEU C 86 -35.60 -40.18 15.80
CA LEU C 86 -35.45 -40.09 14.35
C LEU C 86 -34.60 -38.87 14.00
N VAL C 87 -33.65 -39.04 13.08
CA VAL C 87 -32.75 -37.97 12.66
C VAL C 87 -32.94 -37.75 11.18
N TYR C 88 -33.16 -36.50 10.79
CA TYR C 88 -33.35 -36.10 9.41
C TYR C 88 -32.17 -35.25 8.95
N VAL C 89 -31.74 -35.46 7.71
CA VAL C 89 -30.58 -34.77 7.16
C VAL C 89 -31.04 -33.91 5.98
N ILE C 90 -30.73 -32.62 6.04
CA ILE C 90 -31.09 -31.67 5.00
C ILE C 90 -29.80 -31.06 4.45
N ASP C 91 -29.62 -31.15 3.15
CA ASP C 91 -28.45 -30.56 2.51
C ASP C 91 -28.69 -29.07 2.32
N SER C 92 -27.84 -28.25 2.94
CA SER C 92 -27.98 -26.81 2.83
C SER C 92 -27.53 -26.28 1.48
N GLN C 93 -26.76 -27.06 0.72
CA GLN C 93 -26.28 -26.59 -0.58
C GLN C 93 -27.40 -26.60 -1.62
N ASP C 94 -28.21 -27.64 -1.64
CA ASP C 94 -29.30 -27.77 -2.59
C ASP C 94 -30.57 -27.10 -2.05
N GLU C 95 -31.56 -26.97 -2.93
CA GLU C 95 -32.88 -26.50 -2.54
C GLU C 95 -33.52 -27.50 -1.58
N TYR C 96 -34.24 -26.99 -0.58
CA TYR C 96 -34.68 -27.83 0.52
C TYR C 96 -36.14 -27.64 0.93
N ILE C 97 -36.95 -26.92 0.15
CA ILE C 97 -38.35 -26.77 0.49
C ILE C 97 -39.10 -28.09 0.31
N ASN C 98 -38.80 -28.79 -0.79
CA ASN C 98 -39.35 -30.14 -0.98
C ASN C 98 -38.83 -31.10 0.07
N ALA C 99 -37.58 -30.94 0.51
CA ALA C 99 -37.04 -31.74 1.59
C ALA C 99 -37.80 -31.51 2.88
N ILE C 100 -38.15 -30.26 3.17
CA ILE C 100 -38.92 -29.95 4.36
C ILE C 100 -40.34 -30.51 4.24
N THR C 101 -40.90 -30.49 3.03
CA THR C 101 -42.22 -31.10 2.82
C THR C 101 -42.19 -32.60 3.08
N ASN C 102 -41.15 -33.28 2.58
CA ASN C 102 -40.99 -34.71 2.83
C ASN C 102 -40.78 -34.99 4.31
N LEU C 103 -40.01 -34.14 4.99
CA LEU C 103 -39.79 -34.30 6.42
C LEU C 103 -41.09 -34.16 7.20
N ALA C 104 -41.92 -33.19 6.83
CA ALA C 104 -43.22 -33.02 7.48
C ALA C 104 -44.12 -34.21 7.22
N MET C 105 -44.07 -34.77 6.00
CA MET C 105 -44.84 -35.96 5.69
C MET C 105 -44.39 -37.15 6.55
N ILE C 106 -43.08 -37.26 6.79
CA ILE C 106 -42.56 -38.34 7.63
C ILE C 106 -43.02 -38.15 9.08
N ILE C 107 -42.91 -36.94 9.60
CA ILE C 107 -43.31 -36.65 10.97
C ILE C 107 -44.81 -36.88 11.15
N GLU C 108 -45.60 -36.66 10.08
CA GLU C 108 -47.06 -36.76 10.16
C GLU C 108 -47.54 -38.13 10.62
N TYR C 109 -46.84 -39.20 10.24
CA TYR C 109 -47.15 -40.52 10.80
C TYR C 109 -46.21 -40.95 11.90
N ALA C 110 -44.99 -40.41 11.95
CA ALA C 110 -44.04 -40.77 13.01
C ALA C 110 -44.57 -40.36 14.38
N TYR C 111 -45.11 -39.15 14.49
CA TYR C 111 -45.66 -38.71 15.77
C TYR C 111 -47.00 -39.35 16.06
N LYS C 112 -47.74 -39.75 15.03
CA LYS C 112 -49.03 -40.42 15.26
C LYS C 112 -48.82 -41.82 15.81
N VAL C 113 -47.84 -42.55 15.29
CA VAL C 113 -47.59 -43.92 15.75
C VAL C 113 -47.10 -43.92 17.19
N ASN C 114 -46.11 -43.09 17.49
CA ASN C 114 -45.52 -43.05 18.83
C ASN C 114 -45.36 -41.61 19.29
N PRO C 115 -46.06 -41.19 20.34
CA PRO C 115 -45.95 -39.81 20.83
C PRO C 115 -44.76 -39.54 21.74
N SER C 116 -43.77 -40.43 21.78
CA SER C 116 -42.61 -40.25 22.65
C SER C 116 -41.29 -40.17 21.88
N ILE C 117 -41.35 -40.03 20.56
CA ILE C 117 -40.13 -39.99 19.76
C ILE C 117 -39.60 -38.57 19.71
N ASN C 118 -38.31 -38.41 20.03
CA ASN C 118 -37.64 -37.13 19.85
C ASN C 118 -37.21 -37.00 18.39
N ILE C 119 -37.44 -35.84 17.79
CA ILE C 119 -37.24 -35.64 16.37
C ILE C 119 -36.11 -34.64 16.16
N GLU C 120 -35.13 -35.04 15.34
CA GLU C 120 -33.89 -34.31 15.16
C GLU C 120 -33.68 -34.02 13.69
N VAL C 121 -33.21 -32.81 13.38
CA VAL C 121 -32.95 -32.39 12.01
C VAL C 121 -31.54 -31.79 11.95
N LEU C 122 -30.72 -32.30 11.05
CA LEU C 122 -29.35 -31.84 10.88
C LEU C 122 -29.24 -31.09 9.56
N ILE C 123 -28.78 -29.85 9.63
CA ILE C 123 -28.54 -29.01 8.47
C ILE C 123 -27.08 -29.26 8.08
N HIS C 124 -26.89 -30.24 7.21
CA HIS C 124 -25.55 -30.74 6.91
C HIS C 124 -24.98 -29.98 5.71
N LYS C 125 -23.65 -30.09 5.55
CA LYS C 125 -22.87 -29.37 4.53
C LYS C 125 -23.01 -27.86 4.67
N VAL C 126 -22.51 -27.34 5.79
CA VAL C 126 -22.51 -25.91 6.05
C VAL C 126 -21.08 -25.38 6.27
N ASP C 127 -20.09 -26.05 5.67
CA ASP C 127 -18.71 -25.65 5.89
C ASP C 127 -18.38 -24.34 5.19
N GLY C 128 -18.90 -24.13 3.98
CA GLY C 128 -18.58 -22.95 3.21
C GLY C 128 -19.61 -21.86 3.25
N LEU C 129 -20.16 -21.60 4.43
CA LEU C 129 -21.19 -20.56 4.60
C LEU C 129 -20.79 -19.62 5.71
N SER C 130 -21.26 -18.37 5.61
CA SER C 130 -20.98 -17.36 6.62
C SER C 130 -21.87 -17.57 7.84
N GLU C 131 -21.52 -16.88 8.93
CA GLU C 131 -22.28 -17.01 10.16
C GLU C 131 -23.68 -16.43 10.02
N ASP C 132 -23.80 -15.26 9.39
CA ASP C 132 -25.11 -14.65 9.17
C ASP C 132 -25.97 -15.50 8.25
N PHE C 133 -25.36 -16.03 7.18
CA PHE C 133 -26.09 -16.92 6.28
C PHE C 133 -26.52 -18.19 6.99
N LYS C 134 -25.66 -18.74 7.86
CA LYS C 134 -26.02 -19.93 8.61
C LYS C 134 -27.19 -19.68 9.54
N VAL C 135 -27.16 -18.56 10.27
CA VAL C 135 -28.24 -18.24 11.19
C VAL C 135 -29.54 -17.99 10.44
N ASP C 136 -29.47 -17.27 9.31
CA ASP C 136 -30.67 -17.01 8.51
C ASP C 136 -31.22 -18.31 7.92
N ALA C 137 -30.34 -19.20 7.48
CA ALA C 137 -30.79 -20.49 6.92
C ALA C 137 -31.47 -21.34 7.99
N GLN C 138 -30.90 -21.37 9.20
CA GLN C 138 -31.53 -22.12 10.28
C GLN C 138 -32.89 -21.52 10.65
N ARG C 139 -32.98 -20.19 10.67
CA ARG C 139 -34.25 -19.55 10.99
C ARG C 139 -35.30 -19.83 9.93
N ASP C 140 -34.90 -19.79 8.65
CA ASP C 140 -35.84 -20.09 7.57
C ASP C 140 -36.31 -21.53 7.63
N ILE C 141 -35.39 -22.46 7.90
CA ILE C 141 -35.76 -23.87 7.99
C ILE C 141 -36.71 -24.09 9.17
N MET C 142 -36.43 -23.45 10.31
CA MET C 142 -37.29 -23.57 11.48
C MET C 142 -38.68 -23.02 11.21
N GLN C 143 -38.76 -21.85 10.58
CA GLN C 143 -40.06 -21.25 10.28
C GLN C 143 -40.86 -22.10 9.29
N ARG C 144 -40.19 -22.62 8.26
CA ARG C 144 -40.87 -23.45 7.27
C ARG C 144 -41.39 -24.74 7.90
N THR C 145 -40.58 -25.39 8.74
CA THR C 145 -41.02 -26.61 9.40
C THR C 145 -42.18 -26.34 10.34
N GLY C 146 -42.12 -25.23 11.09
CA GLY C 146 -43.22 -24.89 11.97
C GLY C 146 -44.51 -24.60 11.22
N GLU C 147 -44.41 -23.88 10.10
CA GLU C 147 -45.59 -23.58 9.30
C GLU C 147 -46.18 -24.83 8.68
N GLU C 148 -45.33 -25.75 8.20
CA GLU C 148 -45.83 -26.98 7.61
C GLU C 148 -46.48 -27.88 8.66
N LEU C 149 -45.91 -27.92 9.86
CA LEU C 149 -46.52 -28.69 10.94
C LEU C 149 -47.82 -28.05 11.42
N LEU C 150 -47.92 -26.72 11.33
CA LEU C 150 -49.17 -26.05 11.65
C LEU C 150 -50.23 -26.38 10.60
N GLU C 151 -49.83 -26.43 9.33
CA GLU C 151 -50.77 -26.80 8.27
C GLU C 151 -51.24 -28.25 8.43
N LEU C 152 -50.33 -29.15 8.80
CA LEU C 152 -50.70 -30.55 8.96
C LEU C 152 -51.42 -30.84 10.27
N GLY C 153 -51.53 -29.86 11.17
CA GLY C 153 -52.31 -30.02 12.37
C GLY C 153 -51.60 -30.72 13.51
N LEU C 154 -50.32 -31.00 13.38
CA LEU C 154 -49.56 -31.62 14.48
C LEU C 154 -49.27 -30.57 15.55
N ASP C 155 -49.57 -30.92 16.80
CA ASP C 155 -49.33 -30.04 17.94
C ASP C 155 -48.60 -30.82 19.02
N GLY C 156 -47.91 -30.09 19.89
CA GLY C 156 -47.15 -30.71 20.96
C GLY C 156 -45.88 -31.38 20.53
N VAL C 157 -45.42 -31.13 19.29
CA VAL C 157 -44.20 -31.72 18.77
C VAL C 157 -43.10 -30.66 18.77
N GLN C 158 -41.92 -31.04 19.23
CA GLN C 158 -40.75 -30.17 19.23
C GLN C 158 -39.64 -30.84 18.45
N VAL C 159 -39.21 -30.21 17.37
CA VAL C 159 -38.18 -30.75 16.49
C VAL C 159 -36.92 -29.93 16.71
N SER C 160 -35.82 -30.59 17.05
CA SER C 160 -34.57 -29.89 17.29
C SER C 160 -33.77 -29.78 16.01
N PHE C 161 -32.95 -28.74 15.91
CA PHE C 161 -32.18 -28.45 14.72
C PHE C 161 -30.71 -28.23 15.08
N TYR C 162 -29.82 -28.85 14.31
CA TYR C 162 -28.39 -28.70 14.56
C TYR C 162 -27.65 -28.47 13.25
N LEU C 163 -26.78 -27.47 13.23
CA LEU C 163 -25.97 -27.17 12.06
C LEU C 163 -24.74 -28.06 12.10
N THR C 164 -24.70 -29.06 11.22
CA THR C 164 -23.67 -30.08 11.26
C THR C 164 -22.81 -30.03 10.00
N SER C 165 -21.57 -30.48 10.14
CA SER C 165 -20.67 -30.68 9.00
C SER C 165 -19.63 -31.71 9.39
N ILE C 166 -19.17 -32.47 8.39
CA ILE C 166 -18.19 -33.52 8.64
C ILE C 166 -16.84 -32.93 9.00
N PHE C 167 -16.44 -31.86 8.32
CA PHE C 167 -15.08 -31.35 8.42
C PHE C 167 -14.77 -30.71 9.76
N ASP C 168 -15.77 -30.50 10.63
CA ASP C 168 -15.52 -29.92 11.94
C ASP C 168 -16.17 -30.73 13.05
N HIS C 169 -16.20 -30.16 14.26
CA HIS C 169 -16.69 -30.84 15.45
C HIS C 169 -18.21 -30.86 15.55
N SER C 170 -18.92 -30.24 14.60
CA SER C 170 -20.35 -30.01 14.76
C SER C 170 -21.15 -31.30 14.78
N ILE C 171 -20.78 -32.27 13.94
CA ILE C 171 -21.55 -33.51 13.87
C ILE C 171 -21.37 -34.31 15.16
N TYR C 172 -20.17 -34.29 15.74
CA TYR C 172 -19.94 -34.97 17.01
C TYR C 172 -20.80 -34.38 18.11
N GLU C 173 -20.90 -33.05 18.19
CA GLU C 173 -21.72 -32.42 19.20
C GLU C 173 -23.21 -32.68 18.97
N ALA C 174 -23.63 -32.71 17.71
CA ALA C 174 -25.04 -32.99 17.41
C ALA C 174 -25.42 -34.40 17.83
N PHE C 175 -24.59 -35.38 17.48
CA PHE C 175 -24.84 -36.75 17.94
C PHE C 175 -24.71 -36.86 19.45
N SER C 176 -23.86 -36.04 20.07
CA SER C 176 -23.78 -36.03 21.52
C SER C 176 -25.09 -35.60 22.16
N ARG C 177 -25.70 -34.54 21.63
CA ARG C 177 -27.00 -34.09 22.14
C ARG C 177 -28.07 -35.13 21.88
N ILE C 178 -28.06 -35.75 20.70
CA ILE C 178 -29.07 -36.76 20.36
C ILE C 178 -28.95 -37.97 21.29
N VAL C 179 -27.73 -38.42 21.55
CA VAL C 179 -27.51 -39.55 22.46
C VAL C 179 -27.88 -39.18 23.88
N GLN C 180 -27.55 -37.95 24.30
CA GLN C 180 -27.88 -37.50 25.65
C GLN C 180 -29.38 -37.43 25.87
N LYS C 181 -30.14 -37.16 24.82
CA LYS C 181 -31.60 -37.20 24.95
C LYS C 181 -32.15 -38.61 25.18
N LEU C 182 -31.33 -39.65 25.01
CA LEU C 182 -31.78 -41.03 25.13
C LEU C 182 -31.13 -41.76 26.30
N ILE C 183 -30.53 -41.04 27.24
CA ILE C 183 -30.02 -41.61 28.48
C ILE C 183 -30.86 -41.06 29.62
N PRO C 184 -31.67 -41.87 30.29
CA PRO C 184 -32.56 -41.34 31.34
C PRO C 184 -31.83 -40.92 32.60
N GLU C 185 -30.57 -41.29 32.79
CA GLU C 185 -29.82 -40.99 34.00
C GLU C 185 -28.89 -39.79 33.81
N LEU C 186 -29.33 -38.80 33.02
CA LEU C 186 -28.44 -37.70 32.64
C LEU C 186 -28.10 -36.82 33.84
N SER C 187 -29.11 -36.40 34.60
CA SER C 187 -28.87 -35.47 35.70
C SER C 187 -28.05 -36.09 36.81
N PHE C 188 -28.20 -37.40 37.04
CA PHE C 188 -27.40 -38.07 38.06
C PHE C 188 -25.94 -38.16 37.64
N LEU C 189 -25.68 -38.42 36.35
CA LEU C 189 -24.31 -38.38 35.86
C LEU C 189 -23.74 -36.98 35.93
N GLU C 190 -24.57 -35.96 35.67
CA GLU C 190 -24.13 -34.58 35.79
C GLU C 190 -23.73 -34.26 37.22
N ASN C 191 -24.53 -34.71 38.20
CA ASN C 191 -24.20 -34.48 39.60
C ASN C 191 -22.93 -35.23 40.00
N MET C 192 -22.78 -36.47 39.53
CA MET C 192 -21.58 -37.24 39.85
C MET C 192 -20.32 -36.58 39.29
N LEU C 193 -20.39 -36.12 38.04
CA LEU C 193 -19.24 -35.46 37.45
C LEU C 193 -18.97 -34.10 38.09
N ASP C 194 -20.03 -33.38 38.49
CA ASP C 194 -19.84 -32.10 39.18
C ASP C 194 -19.18 -32.30 40.54
N ASN C 195 -19.60 -33.33 41.26
CA ASN C 195 -18.97 -33.63 42.55
C ASN C 195 -17.52 -34.09 42.36
N LEU C 196 -17.25 -34.89 41.33
CA LEU C 196 -15.88 -35.31 41.06
C LEU C 196 -15.00 -34.13 40.70
N ILE C 197 -15.53 -33.19 39.92
CA ILE C 197 -14.76 -32.02 39.51
C ILE C 197 -14.52 -31.09 40.69
N GLN C 198 -15.53 -30.91 41.55
CA GLN C 198 -15.40 -30.01 42.69
C GLN C 198 -14.41 -30.52 43.73
N HIS C 199 -14.07 -31.82 43.71
CA HIS C 199 -13.22 -32.41 44.74
C HIS C 199 -11.91 -32.93 44.19
N SER C 200 -11.54 -32.54 42.96
CA SER C 200 -10.28 -32.99 42.39
C SER C 200 -9.55 -31.90 41.62
N LYS C 201 -10.04 -30.65 41.67
CA LYS C 201 -9.48 -29.51 40.95
C LYS C 201 -9.45 -29.75 39.45
N ILE C 202 -10.47 -30.44 38.93
CA ILE C 202 -10.57 -30.75 37.52
C ILE C 202 -11.15 -29.54 36.79
N GLU C 203 -10.45 -29.11 35.73
CA GLU C 203 -10.98 -28.02 34.93
C GLU C 203 -12.20 -28.47 34.13
N LYS C 204 -12.12 -29.62 33.47
CA LYS C 204 -13.23 -30.08 32.63
C LYS C 204 -13.13 -31.57 32.41
N ALA C 205 -14.17 -32.31 32.77
CA ALA C 205 -14.18 -33.77 32.65
C ALA C 205 -15.26 -34.20 31.67
N PHE C 206 -14.88 -35.04 30.71
CA PHE C 206 -15.80 -35.58 29.71
C PHE C 206 -15.86 -37.09 29.86
N LEU C 207 -17.06 -37.64 29.70
CA LEU C 207 -17.27 -39.09 29.69
C LEU C 207 -17.48 -39.52 28.24
N PHE C 208 -16.37 -39.72 27.54
CA PHE C 208 -16.39 -40.10 26.15
C PHE C 208 -16.80 -41.57 25.99
N ASP C 209 -17.04 -41.96 24.75
CA ASP C 209 -17.10 -43.37 24.39
C ASP C 209 -15.89 -43.67 23.51
N VAL C 210 -15.41 -44.92 23.60
CA VAL C 210 -14.14 -45.28 22.97
C VAL C 210 -14.23 -45.14 21.45
N ASN C 211 -15.40 -45.39 20.88
CA ASN C 211 -15.64 -45.18 19.46
C ASN C 211 -16.48 -43.93 19.25
N SER C 212 -16.32 -43.32 18.09
CA SER C 212 -17.13 -42.22 17.55
C SER C 212 -16.94 -40.89 18.26
N LYS C 213 -16.18 -40.89 19.37
CA LYS C 213 -15.80 -39.67 20.10
C LYS C 213 -17.02 -38.85 20.52
N ILE C 214 -18.10 -39.55 20.85
CA ILE C 214 -19.36 -38.92 21.21
C ILE C 214 -19.41 -38.83 22.72
N TYR C 215 -19.13 -37.64 23.26
CA TYR C 215 -19.07 -37.48 24.71
C TYR C 215 -20.47 -37.61 25.30
N VAL C 216 -20.58 -38.41 26.36
CA VAL C 216 -21.88 -38.79 26.90
C VAL C 216 -22.33 -37.85 28.02
N SER C 217 -21.42 -37.46 28.90
CA SER C 217 -21.80 -36.57 29.98
C SER C 217 -20.65 -35.64 30.32
N THR C 218 -21.01 -34.52 30.94
CA THR C 218 -20.05 -33.51 31.35
C THR C 218 -20.57 -32.84 32.61
N ASP C 219 -19.96 -31.71 32.98
CA ASP C 219 -20.39 -30.95 34.14
C ASP C 219 -21.34 -29.84 33.71
N SER C 220 -21.66 -28.95 34.65
CA SER C 220 -22.47 -27.78 34.34
C SER C 220 -21.68 -26.70 33.63
N ASN C 221 -20.35 -26.82 33.58
CA ASN C 221 -19.54 -25.86 32.85
C ASN C 221 -19.81 -25.97 31.35
N PRO C 222 -19.73 -24.86 30.62
CA PRO C 222 -20.01 -24.91 29.18
C PRO C 222 -18.98 -25.75 28.44
N VAL C 223 -19.46 -26.47 27.43
CA VAL C 223 -18.61 -27.35 26.63
C VAL C 223 -17.80 -26.46 25.69
N ASP C 224 -16.56 -26.18 26.07
CA ASP C 224 -15.68 -25.42 25.19
C ASP C 224 -15.28 -26.28 23.99
N ILE C 225 -15.29 -25.66 22.80
CA ILE C 225 -15.00 -26.41 21.58
C ILE C 225 -13.52 -26.80 21.53
N GLN C 226 -12.64 -25.88 21.93
CA GLN C 226 -11.20 -26.15 21.90
C GLN C 226 -10.84 -27.28 22.87
N MET C 227 -11.41 -27.26 24.08
CA MET C 227 -11.14 -28.32 25.05
C MET C 227 -11.72 -29.65 24.58
N TYR C 228 -12.88 -29.61 23.92
CA TYR C 228 -13.46 -30.82 23.37
C TYR C 228 -12.57 -31.44 22.31
N GLU C 229 -12.01 -30.60 21.42
CA GLU C 229 -11.12 -31.11 20.39
C GLU C 229 -9.84 -31.65 21.00
N VAL C 230 -9.35 -31.00 22.06
CA VAL C 230 -8.17 -31.49 22.76
C VAL C 230 -8.42 -32.89 23.33
N CYS C 231 -9.56 -33.06 23.99
CA CYS C 231 -9.89 -34.36 24.57
C CYS C 231 -10.11 -35.43 23.50
N SER C 232 -10.75 -35.06 22.39
CA SER C 232 -10.98 -36.02 21.31
C SER C 232 -9.68 -36.47 20.66
N GLU C 233 -8.76 -35.54 20.42
CA GLU C 233 -7.49 -35.95 19.81
C GLU C 233 -6.61 -36.66 20.83
N PHE C 234 -6.85 -36.41 22.13
CA PHE C 234 -6.23 -37.23 23.16
C PHE C 234 -6.72 -38.68 23.11
N ILE C 235 -8.03 -38.86 22.92
CA ILE C 235 -8.60 -40.19 22.69
C ILE C 235 -7.92 -40.87 21.51
N ASP C 236 -7.75 -40.11 20.41
CA ASP C 236 -7.14 -40.66 19.21
C ASP C 236 -5.69 -41.08 19.46
N VAL C 237 -4.93 -40.24 20.17
CA VAL C 237 -3.53 -40.55 20.47
C VAL C 237 -3.43 -41.78 21.36
N THR C 238 -4.27 -41.85 22.39
CA THR C 238 -4.35 -43.03 23.25
C THR C 238 -4.60 -44.31 22.46
N ILE C 239 -5.65 -44.31 21.63
CA ILE C 239 -6.05 -45.54 20.96
C ILE C 239 -5.00 -45.95 19.93
N ASP C 240 -4.44 -44.99 19.20
CA ASP C 240 -3.44 -45.32 18.20
C ASP C 240 -2.16 -45.84 18.84
N LEU C 241 -1.69 -45.19 19.92
CA LEU C 241 -0.46 -45.65 20.57
C LEU C 241 -0.65 -47.02 21.22
N PHE C 242 -1.83 -47.26 21.80
CA PHE C 242 -2.10 -48.58 22.36
C PHE C 242 -2.16 -49.65 21.27
N ASP C 243 -2.76 -49.31 20.13
CA ASP C 243 -2.86 -50.28 19.04
C ASP C 243 -1.51 -50.55 18.38
N LEU C 244 -0.56 -49.62 18.48
CA LEU C 244 0.76 -49.85 17.90
C LEU C 244 1.51 -50.97 18.63
N TYR C 245 1.32 -51.09 19.94
CA TYR C 245 1.99 -52.11 20.75
C TYR C 245 0.92 -52.97 21.41
N LYS C 246 0.63 -54.12 20.80
CA LYS C 246 -0.36 -55.04 21.35
C LYS C 246 0.24 -56.44 21.48
N ALA C 247 -0.62 -57.42 21.80
CA ALA C 247 -0.28 -58.83 21.99
C ALA C 247 0.83 -59.00 23.01
N PRO C 248 0.57 -58.80 24.31
CA PRO C 248 1.61 -58.92 25.34
C PRO C 248 1.97 -60.38 25.62
N GLU C 268 -8.33 -51.92 30.48
CA GLU C 268 -8.00 -50.86 31.42
C GLU C 268 -6.97 -49.90 30.83
N LEU C 269 -7.44 -48.86 30.15
CA LEU C 269 -6.57 -47.87 29.53
C LEU C 269 -6.46 -46.65 30.43
N GLN C 270 -5.23 -46.30 30.81
CA GLN C 270 -4.96 -45.18 31.70
C GLN C 270 -3.91 -44.28 31.07
N ASN C 271 -4.09 -42.97 31.21
CA ASN C 271 -3.20 -42.00 30.59
C ASN C 271 -3.05 -40.77 31.48
N VAL C 272 -1.81 -40.30 31.59
CA VAL C 272 -1.49 -39.00 32.19
C VAL C 272 -0.61 -38.26 31.20
N SER C 273 -1.10 -37.13 30.68
CA SER C 273 -0.33 -36.29 29.78
C SER C 273 -0.21 -34.91 30.41
N GLN C 274 0.99 -34.54 30.83
CA GLN C 274 1.22 -33.29 31.53
C GLN C 274 1.83 -32.28 30.56
N LEU C 275 1.31 -31.06 30.59
CA LEU C 275 1.81 -30.00 29.73
C LEU C 275 2.88 -29.19 30.45
N ALA C 276 3.39 -28.14 29.81
CA ALA C 276 4.43 -27.32 30.42
C ALA C 276 3.89 -26.49 31.58
N ASN C 277 2.65 -26.05 31.50
CA ASN C 277 2.07 -25.20 32.54
C ASN C 277 1.44 -26.01 33.67
N GLY C 278 1.76 -27.29 33.79
CA GLY C 278 1.24 -28.12 34.85
C GLY C 278 -0.14 -28.70 34.60
N VAL C 279 -0.83 -28.24 33.56
CA VAL C 279 -2.16 -28.75 33.26
C VAL C 279 -2.04 -30.18 32.75
N ILE C 280 -2.75 -31.11 33.39
CA ILE C 280 -2.66 -32.52 33.05
C ILE C 280 -3.96 -32.95 32.40
N ILE C 281 -3.86 -33.98 31.56
CA ILE C 281 -5.00 -34.58 30.88
C ILE C 281 -4.98 -36.07 31.22
N TYR C 282 -6.08 -36.55 31.77
CA TYR C 282 -6.16 -37.88 32.35
C TYR C 282 -7.21 -38.73 31.66
N LEU C 283 -6.88 -39.98 31.41
CA LEU C 283 -7.78 -40.93 30.76
C LEU C 283 -7.87 -42.19 31.62
N ARG C 284 -9.11 -42.63 31.87
CA ARG C 284 -9.35 -43.90 32.56
C ARG C 284 -10.57 -44.56 31.96
N GLN C 285 -10.42 -45.81 31.52
CA GLN C 285 -11.52 -46.49 30.86
C GLN C 285 -12.61 -46.84 31.86
N MET C 286 -13.85 -46.47 31.53
CA MET C 286 -15.01 -46.77 32.36
C MET C 286 -15.62 -48.10 31.91
N ILE C 287 -16.81 -48.40 32.42
CA ILE C 287 -17.45 -49.68 32.13
C ILE C 287 -17.92 -49.69 30.67
N ARG C 288 -17.72 -50.82 30.01
CA ARG C 288 -18.02 -51.05 28.58
C ARG C 288 -17.18 -50.06 27.77
N GLY C 289 -17.75 -49.44 26.74
CA GLY C 289 -16.98 -48.56 25.88
C GLY C 289 -16.75 -47.16 26.39
N LEU C 290 -17.27 -46.84 27.57
CA LEU C 290 -17.10 -45.50 28.10
C LEU C 290 -15.68 -45.29 28.63
N ALA C 291 -15.20 -44.06 28.54
CA ALA C 291 -13.90 -43.67 29.08
C ALA C 291 -14.02 -42.26 29.62
N LEU C 292 -13.16 -41.90 30.57
CA LEU C 292 -13.19 -40.59 31.20
C LEU C 292 -11.92 -39.85 30.88
N VAL C 293 -12.05 -38.64 30.34
CA VAL C 293 -10.92 -37.76 30.04
C VAL C 293 -11.14 -36.45 30.77
N ALA C 294 -10.22 -36.12 31.66
CA ALA C 294 -10.35 -34.94 32.49
C ALA C 294 -9.13 -34.06 32.35
N ILE C 295 -9.38 -32.79 32.06
CA ILE C 295 -8.37 -31.74 32.11
C ILE C 295 -8.37 -31.23 33.54
N ILE C 296 -7.26 -31.44 34.23
CA ILE C 296 -7.10 -31.12 35.64
C ILE C 296 -5.98 -30.10 35.78
N ARG C 297 -6.24 -29.05 36.55
CA ARG C 297 -5.22 -28.02 36.75
C ARG C 297 -4.54 -28.21 38.10
N PRO C 298 -3.22 -27.96 38.19
CA PRO C 298 -2.52 -28.21 39.45
C PRO C 298 -2.75 -27.12 40.49
N ASN C 299 -2.93 -25.86 40.06
CA ASN C 299 -3.11 -24.71 40.94
C ASN C 299 -1.95 -24.57 41.93
N GLY C 300 -0.73 -24.77 41.43
CA GLY C 300 0.45 -24.63 42.25
C GLY C 300 0.59 -25.67 43.35
N THR C 301 0.21 -26.91 43.06
CA THR C 301 0.32 -28.01 44.02
C THR C 301 1.30 -29.05 43.49
N ASP C 302 1.55 -30.07 44.30
CA ASP C 302 2.42 -31.16 43.88
C ASP C 302 1.75 -31.97 42.79
N MET C 303 2.52 -32.31 41.76
CA MET C 303 1.99 -33.08 40.63
C MET C 303 1.59 -34.48 41.07
N GLU C 304 2.44 -35.15 41.84
CA GLU C 304 2.18 -36.53 42.21
C GLU C 304 1.07 -36.64 43.25
N SER C 305 0.98 -35.66 44.16
CA SER C 305 -0.12 -35.65 45.12
C SER C 305 -1.46 -35.43 44.42
N CYS C 306 -1.50 -34.50 43.46
CA CYS C 306 -2.71 -34.28 42.69
C CYS C 306 -3.07 -35.51 41.87
N LEU C 307 -2.06 -36.17 41.28
CA LEU C 307 -2.32 -37.40 40.53
C LEU C 307 -2.85 -38.50 41.43
N THR C 308 -2.32 -38.63 42.64
CA THR C 308 -2.78 -39.66 43.57
C THR C 308 -4.20 -39.41 44.02
N VAL C 309 -4.52 -38.17 44.38
CA VAL C 309 -5.88 -37.88 44.84
C VAL C 309 -6.87 -37.98 43.67
N ALA C 310 -6.45 -37.61 42.45
CA ALA C 310 -7.31 -37.77 41.29
C ALA C 310 -7.54 -39.24 40.97
N ASP C 311 -6.51 -40.06 41.08
CA ASP C 311 -6.65 -41.50 40.85
C ASP C 311 -7.60 -42.12 41.86
N TYR C 312 -7.46 -41.76 43.14
CA TYR C 312 -8.33 -42.31 44.17
C TYR C 312 -9.77 -41.87 43.96
N ASN C 313 -9.97 -40.58 43.65
CA ASN C 313 -11.32 -40.06 43.43
C ASN C 313 -11.97 -40.69 42.20
N ILE C 314 -11.19 -40.86 41.13
CA ILE C 314 -11.74 -41.42 39.89
C ILE C 314 -12.02 -42.92 40.06
N ASP C 315 -11.20 -43.63 40.83
CA ASP C 315 -11.50 -45.02 41.15
C ASP C 315 -12.79 -45.13 41.97
N ILE C 316 -12.99 -44.20 42.91
CA ILE C 316 -14.23 -44.16 43.67
C ILE C 316 -15.42 -43.90 42.75
N PHE C 317 -15.24 -42.96 41.80
CA PHE C 317 -16.30 -42.65 40.85
C PHE C 317 -16.64 -43.84 39.97
N LYS C 318 -15.61 -44.60 39.55
CA LYS C 318 -15.86 -45.79 38.75
C LYS C 318 -16.57 -46.86 39.57
N LYS C 319 -16.22 -46.99 40.84
CA LYS C 319 -16.93 -47.93 41.72
C LYS C 319 -18.39 -47.53 41.87
N GLY C 320 -18.66 -46.22 41.96
CA GLY C 320 -20.04 -45.76 41.99
C GLY C 320 -20.76 -45.99 40.67
N LEU C 321 -20.05 -45.81 39.55
CA LEU C 321 -20.62 -46.05 38.23
C LEU C 321 -20.87 -47.53 37.98
N GLU C 322 -20.19 -48.41 38.72
CA GLU C 322 -20.46 -49.84 38.60
C GLU C 322 -21.87 -50.18 39.06
N ASP C 323 -22.39 -49.48 40.07
CA ASP C 323 -23.71 -49.78 40.60
C ASP C 323 -24.81 -49.45 39.59
N ILE C 324 -24.76 -48.26 39.03
CA ILE C 324 -25.73 -47.86 38.02
C ILE C 324 -25.39 -48.53 36.69
N TRP C 325 -26.41 -49.07 36.03
CA TRP C 325 -26.19 -49.80 34.77
C TRP C 325 -26.20 -48.84 33.57
N ALA C 326 -25.38 -47.80 33.63
CA ALA C 326 -25.28 -46.85 32.53
C ALA C 326 -24.48 -47.38 31.35
N ASN C 327 -23.66 -48.41 31.57
CA ASN C 327 -22.87 -48.99 30.50
C ASN C 327 -23.76 -49.78 29.54
N ALA C 328 -23.38 -49.76 28.26
CA ALA C 328 -24.08 -50.45 27.17
C ALA C 328 -25.56 -50.08 27.09
N GLY D 7 14.66 16.41 -23.20
CA GLY D 7 14.22 15.44 -24.19
C GLY D 7 13.83 14.11 -23.58
N PHE D 8 13.03 13.34 -24.30
CA PHE D 8 12.56 12.04 -23.85
C PHE D 8 13.33 10.94 -24.57
N VAL D 9 13.79 9.97 -23.81
CA VAL D 9 14.53 8.83 -24.38
C VAL D 9 13.55 7.92 -25.13
N PRO D 10 13.88 7.45 -26.32
CA PRO D 10 13.03 6.46 -26.97
C PRO D 10 13.17 5.09 -26.31
N ILE D 11 12.05 4.36 -26.29
CA ILE D 11 12.07 3.00 -25.76
C ILE D 11 12.84 2.09 -26.70
N HIS D 12 13.61 1.17 -26.14
CA HIS D 12 14.41 0.26 -26.92
C HIS D 12 13.69 -1.06 -27.20
N THR D 13 13.10 -1.66 -26.18
CA THR D 13 12.38 -2.92 -26.34
C THR D 13 11.34 -3.03 -25.24
N ILE D 14 10.12 -3.39 -25.61
CA ILE D 14 9.02 -3.59 -24.67
C ILE D 14 8.58 -5.04 -24.76
N PHE D 15 8.54 -5.72 -23.62
CA PHE D 15 8.11 -7.11 -23.67
C PHE D 15 7.25 -7.47 -22.47
N TYR D 16 6.33 -8.39 -22.71
CA TYR D 16 5.34 -8.85 -21.74
C TYR D 16 5.73 -10.25 -21.30
N SER D 17 5.97 -10.39 -20.00
CA SER D 17 6.43 -11.62 -19.37
C SER D 17 5.34 -12.18 -18.45
N VAL D 18 5.19 -13.50 -18.47
CA VAL D 18 4.15 -14.18 -17.70
C VAL D 18 4.76 -15.41 -17.06
N PHE D 19 4.20 -15.80 -15.90
CA PHE D 19 4.67 -16.98 -15.18
C PHE D 19 3.84 -18.19 -15.59
N HIS D 20 4.41 -19.04 -16.41
CA HIS D 20 3.77 -20.30 -16.77
C HIS D 20 3.99 -21.33 -15.67
N PRO D 21 2.95 -22.06 -15.25
CA PRO D 21 3.10 -22.95 -14.10
C PRO D 21 3.90 -24.21 -14.38
N THR D 22 4.27 -24.48 -15.63
CA THR D 22 5.07 -25.64 -15.98
C THR D 22 6.43 -25.26 -16.57
N GLU D 23 6.46 -24.37 -17.55
CA GLU D 23 7.70 -24.00 -18.22
C GLU D 23 8.27 -22.69 -17.68
N GLY D 24 7.78 -22.21 -16.54
CA GLY D 24 8.44 -21.13 -15.82
C GLY D 24 8.19 -19.76 -16.41
N SER D 25 8.92 -18.79 -15.86
CA SER D 25 8.86 -17.42 -16.35
C SER D 25 9.47 -17.32 -17.74
N LYS D 26 8.79 -16.60 -18.63
CA LYS D 26 9.22 -16.52 -20.01
C LYS D 26 8.68 -15.25 -20.64
N ILE D 27 9.27 -14.87 -21.77
CA ILE D 27 8.85 -13.70 -22.53
C ILE D 27 7.66 -14.12 -23.39
N LYS D 28 6.45 -13.77 -22.96
CA LYS D 28 5.27 -14.13 -23.72
C LYS D 28 5.20 -13.38 -25.03
N TYR D 29 5.47 -12.07 -25.01
CA TYR D 29 5.50 -11.29 -26.24
C TYR D 29 6.62 -10.26 -26.15
N GLU D 30 7.10 -9.81 -27.29
CA GLU D 30 8.25 -8.90 -27.31
C GLU D 30 8.26 -8.11 -28.61
N PHE D 31 8.38 -6.78 -28.51
CA PHE D 31 8.54 -5.91 -29.66
C PHE D 31 9.72 -4.98 -29.43
N PRO D 32 10.66 -4.86 -30.37
CA PRO D 32 10.76 -5.51 -31.70
C PRO D 32 11.08 -7.00 -31.62
N PRO D 33 10.70 -7.78 -32.63
CA PRO D 33 10.92 -9.24 -32.55
C PRO D 33 12.39 -9.59 -32.65
N ASN D 34 12.83 -10.51 -31.79
CA ASN D 34 14.22 -10.94 -31.67
C ASN D 34 15.17 -9.77 -31.44
N ASN D 35 14.76 -8.83 -30.59
CA ASN D 35 15.63 -7.69 -30.27
C ASN D 35 16.57 -8.01 -29.11
N LEU D 36 16.05 -8.69 -28.08
CA LEU D 36 16.85 -9.02 -26.91
C LEU D 36 17.99 -9.96 -27.27
N LYS D 37 17.71 -10.98 -28.09
CA LYS D 37 18.74 -11.93 -28.46
C LYS D 37 19.77 -11.30 -29.39
N ASN D 38 19.33 -10.40 -30.27
CA ASN D 38 20.26 -9.74 -31.18
C ASN D 38 21.16 -8.75 -30.45
N HIS D 39 20.63 -8.07 -29.45
CA HIS D 39 21.39 -7.06 -28.73
C HIS D 39 22.14 -7.62 -27.54
N GLY D 40 21.96 -8.90 -27.20
CA GLY D 40 22.72 -9.54 -26.14
C GLY D 40 22.00 -9.67 -24.83
N ILE D 41 20.79 -9.12 -24.70
CA ILE D 41 20.06 -9.22 -23.45
C ILE D 41 19.52 -10.63 -23.29
N ASN D 42 19.78 -11.23 -22.13
CA ASN D 42 19.39 -12.60 -21.84
C ASN D 42 18.37 -12.61 -20.71
N PHE D 43 17.23 -13.24 -20.95
CA PHE D 43 16.21 -13.42 -19.91
C PHE D 43 16.46 -14.72 -19.13
N ASN D 44 17.67 -14.87 -18.63
CA ASN D 44 17.98 -15.93 -17.70
C ASN D 44 18.83 -15.41 -16.54
N THR D 45 19.21 -14.14 -16.58
CA THR D 45 19.97 -13.49 -15.52
C THR D 45 19.09 -12.68 -14.58
N PHE D 46 18.16 -11.90 -15.14
CA PHE D 46 17.30 -11.03 -14.34
C PHE D 46 15.86 -11.51 -14.32
N LYS D 47 15.61 -12.80 -14.59
CA LYS D 47 14.25 -13.33 -14.56
C LYS D 47 13.67 -13.34 -13.15
N ASN D 48 14.53 -13.34 -12.12
CA ASN D 48 14.06 -13.34 -10.75
C ASN D 48 13.62 -11.95 -10.28
N TYR D 49 13.97 -10.90 -11.01
CA TYR D 49 13.46 -9.56 -10.72
C TYR D 49 12.22 -9.23 -11.52
N ILE D 50 12.09 -9.78 -12.74
CA ILE D 50 10.91 -9.57 -13.55
C ILE D 50 9.71 -10.31 -12.95
N ILE D 51 9.92 -11.56 -12.54
CA ILE D 51 8.88 -12.33 -11.84
C ILE D 51 9.43 -12.66 -10.46
N PRO D 52 9.22 -11.80 -9.46
CA PRO D 52 9.88 -11.97 -8.17
C PRO D 52 9.03 -12.69 -7.14
N LYS D 53 9.63 -12.97 -5.99
CA LYS D 53 8.88 -13.42 -4.84
C LYS D 53 8.00 -12.29 -4.33
N PRO D 54 6.85 -12.60 -3.72
CA PRO D 54 5.88 -11.53 -3.40
C PRO D 54 6.29 -10.61 -2.26
N ILE D 55 7.51 -10.06 -2.34
CA ILE D 55 7.97 -9.02 -1.44
C ILE D 55 8.42 -7.85 -2.32
N LEU D 56 8.85 -8.17 -3.55
CA LEU D 56 9.19 -7.17 -4.54
C LEU D 56 8.04 -6.88 -5.49
N CYS D 57 6.94 -7.62 -5.41
CA CYS D 57 5.80 -7.39 -6.29
C CYS D 57 5.08 -6.10 -5.91
N HIS D 58 4.34 -5.56 -6.88
CA HIS D 58 3.66 -4.27 -6.77
C HIS D 58 4.63 -3.15 -6.40
N LYS D 59 5.82 -3.18 -7.01
CA LYS D 59 6.82 -2.15 -6.80
C LYS D 59 7.52 -1.88 -8.14
N LEU D 60 8.18 -0.73 -8.22
CA LEU D 60 8.78 -0.27 -9.47
C LEU D 60 10.25 -0.68 -9.53
N ILE D 61 10.49 -1.90 -9.99
CA ILE D 61 11.84 -2.42 -10.03
C ILE D 61 12.57 -1.86 -11.25
N THR D 62 13.66 -1.14 -11.01
CA THR D 62 14.47 -0.57 -12.07
C THR D 62 15.91 -0.94 -11.81
N PHE D 63 16.54 -1.63 -12.76
CA PHE D 63 17.92 -2.05 -12.59
C PHE D 63 18.69 -1.82 -13.88
N LYS D 64 19.95 -2.24 -13.88
CA LYS D 64 20.86 -2.00 -14.99
C LYS D 64 21.46 -3.32 -15.45
N TYR D 65 21.34 -3.59 -16.76
CA TYR D 65 21.90 -4.79 -17.40
C TYR D 65 22.81 -4.29 -18.51
N GLY D 66 24.12 -4.31 -18.25
CA GLY D 66 25.08 -3.89 -19.25
C GLY D 66 24.99 -2.42 -19.57
N THR D 67 24.50 -2.10 -20.76
CA THR D 67 24.26 -0.72 -21.17
C THR D 67 22.78 -0.38 -21.24
N TYR D 68 21.91 -1.25 -20.74
CA TYR D 68 20.46 -1.07 -20.83
C TYR D 68 19.86 -0.98 -19.44
N ARG D 69 19.11 0.08 -19.20
CA ARG D 69 18.36 0.24 -17.97
C ARG D 69 16.97 -0.35 -18.15
N ILE D 70 16.62 -1.29 -17.28
CA ILE D 70 15.39 -2.06 -17.41
C ILE D 70 14.44 -1.61 -16.31
N VAL D 71 13.25 -1.17 -16.71
CA VAL D 71 12.22 -0.69 -15.79
C VAL D 71 11.04 -1.64 -15.88
N CYS D 72 10.45 -1.98 -14.74
CA CYS D 72 9.33 -2.91 -14.71
C CYS D 72 8.50 -2.69 -13.46
N TYR D 73 7.24 -3.10 -13.54
CA TYR D 73 6.32 -3.10 -12.40
C TYR D 73 5.68 -4.48 -12.36
N PRO D 74 6.33 -5.44 -11.71
CA PRO D 74 5.77 -6.79 -11.65
C PRO D 74 4.50 -6.84 -10.83
N VAL D 75 3.55 -7.66 -11.28
CA VAL D 75 2.26 -7.79 -10.62
C VAL D 75 1.96 -9.27 -10.40
N THR D 76 1.63 -9.61 -9.16
CA THR D 76 1.23 -10.95 -8.79
C THR D 76 -0.17 -10.90 -8.20
N ILE D 77 -1.08 -11.71 -8.76
CA ILE D 77 -2.46 -11.77 -8.32
C ILE D 77 -2.68 -13.11 -7.61
N ASN D 78 -3.27 -13.05 -6.43
CA ASN D 78 -3.51 -14.23 -5.59
C ASN D 78 -5.00 -14.54 -5.59
N SER D 79 -5.36 -15.67 -6.21
CA SER D 79 -6.73 -16.13 -6.23
C SER D 79 -6.71 -17.63 -6.49
N PRO D 80 -7.69 -18.38 -5.95
CA PRO D 80 -7.72 -19.83 -6.19
C PRO D 80 -8.08 -20.21 -7.62
N ILE D 81 -8.57 -19.28 -8.43
CA ILE D 81 -8.94 -19.59 -9.81
C ILE D 81 -7.72 -19.98 -10.62
N TYR D 82 -6.63 -19.22 -10.50
CA TYR D 82 -5.42 -19.53 -11.23
C TYR D 82 -4.74 -20.75 -10.61
N ALA D 83 -4.04 -21.51 -11.45
CA ALA D 83 -3.27 -22.64 -10.97
C ALA D 83 -2.14 -22.15 -10.08
N ARG D 84 -1.84 -22.95 -9.05
CA ARG D 84 -0.85 -22.64 -8.02
C ARG D 84 -1.14 -21.34 -7.28
N ASN D 85 -2.41 -20.94 -7.25
CA ASN D 85 -2.94 -19.83 -6.45
C ASN D 85 -2.31 -18.48 -6.81
N PHE D 86 -1.66 -18.36 -7.96
CA PHE D 86 -0.97 -17.13 -8.30
C PHE D 86 -0.95 -16.94 -9.82
N PHE D 87 -0.93 -15.67 -10.23
CA PHE D 87 -0.72 -15.33 -11.63
C PHE D 87 0.20 -14.11 -11.65
N SER D 88 1.38 -14.26 -12.23
CA SER D 88 2.40 -13.22 -12.23
C SER D 88 2.69 -12.76 -13.65
N PHE D 89 2.72 -11.45 -13.85
CA PHE D 89 3.10 -10.89 -15.14
C PHE D 89 3.89 -9.60 -14.93
N ASN D 90 4.42 -9.09 -16.04
CA ASN D 90 5.24 -7.88 -16.01
C ASN D 90 5.31 -7.27 -17.40
N PHE D 91 5.01 -5.97 -17.50
CA PHE D 91 5.24 -5.20 -18.72
C PHE D 91 6.57 -4.49 -18.56
N VAL D 92 7.59 -4.97 -19.25
CA VAL D 92 8.97 -4.55 -19.00
C VAL D 92 9.41 -3.64 -20.15
N PHE D 93 9.93 -2.47 -19.78
CA PHE D 93 10.46 -1.49 -20.72
C PHE D 93 11.98 -1.49 -20.60
N VAL D 94 12.67 -1.36 -21.73
CA VAL D 94 14.13 -1.30 -21.76
C VAL D 94 14.54 0.01 -22.42
N PHE D 95 15.45 0.73 -21.78
CA PHE D 95 15.98 1.99 -22.26
C PHE D 95 17.49 1.88 -22.34
N PRO D 96 18.16 2.72 -23.13
CA PRO D 96 19.61 2.85 -22.99
C PRO D 96 19.94 3.43 -21.62
N TYR D 97 21.11 3.08 -21.10
CA TYR D 97 21.45 3.51 -19.74
C TYR D 97 21.67 5.01 -19.65
N ASP D 98 22.31 5.60 -20.66
CA ASP D 98 22.69 7.01 -20.61
C ASP D 98 21.50 7.88 -21.00
N CYS D 99 20.52 7.93 -20.10
CA CYS D 99 19.37 8.82 -20.26
C CYS D 99 18.78 9.07 -18.88
N GLU D 100 17.57 9.62 -18.85
CA GLU D 100 16.82 9.83 -17.63
C GLU D 100 15.48 9.13 -17.78
N THR D 101 15.32 7.99 -17.11
CA THR D 101 14.08 7.24 -17.13
C THR D 101 13.03 7.78 -16.17
N SER D 102 13.24 8.99 -15.65
CA SER D 102 12.28 9.59 -14.72
C SER D 102 10.89 9.81 -15.31
N PRO D 103 10.70 10.38 -16.51
CA PRO D 103 9.32 10.67 -16.95
C PRO D 103 8.51 9.43 -17.28
N TYR D 104 9.15 8.31 -17.62
CA TYR D 104 8.41 7.11 -18.01
C TYR D 104 8.00 6.26 -16.83
N GLU D 105 8.56 6.51 -15.64
CA GLU D 105 8.25 5.67 -14.48
C GLU D 105 6.80 5.75 -14.03
N PRO D 106 6.15 6.92 -13.88
CA PRO D 106 4.73 6.91 -13.54
C PRO D 106 3.84 6.26 -14.58
N ALA D 107 4.19 6.37 -15.87
CA ALA D 107 3.41 5.72 -16.91
C ALA D 107 3.48 4.21 -16.81
N ILE D 108 4.67 3.66 -16.57
CA ILE D 108 4.83 2.22 -16.40
C ILE D 108 4.09 1.74 -15.14
N THR D 109 4.20 2.50 -14.05
CA THR D 109 3.51 2.14 -12.81
C THR D 109 2.00 2.14 -13.01
N ARG D 110 1.46 3.15 -13.69
CA ARG D 110 0.02 3.22 -13.91
C ARG D 110 -0.46 2.16 -14.88
N LEU D 111 0.35 1.83 -15.89
CA LEU D 111 -0.01 0.75 -16.80
C LEU D 111 -0.09 -0.58 -16.08
N GLY D 112 0.89 -0.87 -15.22
CA GLY D 112 0.85 -2.08 -14.43
C GLY D 112 -0.33 -2.13 -13.49
N LYS D 113 -0.63 -1.00 -12.84
CA LYS D 113 -1.77 -0.95 -11.93
C LYS D 113 -3.09 -1.14 -12.66
N MET D 114 -3.23 -0.52 -13.84
CA MET D 114 -4.47 -0.65 -14.62
C MET D 114 -4.66 -2.08 -15.10
N PHE D 115 -3.61 -2.73 -15.56
CA PHE D 115 -3.76 -4.10 -16.02
C PHE D 115 -3.97 -5.06 -14.86
N LYS D 116 -3.41 -4.76 -13.68
CA LYS D 116 -3.73 -5.55 -12.49
C LYS D 116 -5.21 -5.42 -12.12
N VAL D 117 -5.75 -4.19 -12.20
CA VAL D 117 -7.16 -3.98 -11.91
C VAL D 117 -8.03 -4.74 -12.90
N LEU D 118 -7.67 -4.69 -14.19
CA LEU D 118 -8.46 -5.40 -15.19
C LEU D 118 -8.38 -6.91 -15.02
N GLU D 119 -7.19 -7.43 -14.66
CA GLU D 119 -7.04 -8.86 -14.41
C GLU D 119 -7.86 -9.30 -13.21
N GLU D 120 -7.89 -8.48 -12.17
CA GLU D 120 -8.73 -8.79 -11.01
C GLU D 120 -10.22 -8.67 -11.35
N GLN D 121 -10.57 -7.81 -12.31
CA GLN D 121 -11.96 -7.57 -12.63
C GLN D 121 -12.54 -8.68 -13.51
N ASN D 122 -12.00 -8.84 -14.72
CA ASN D 122 -12.60 -9.74 -15.70
C ASN D 122 -11.60 -10.67 -16.35
N GLN D 123 -10.38 -10.78 -15.78
CA GLN D 123 -9.35 -11.70 -16.24
C GLN D 123 -8.98 -11.46 -17.70
N LEU D 124 -8.69 -10.19 -18.02
CA LEU D 124 -8.41 -9.81 -19.40
C LEU D 124 -7.07 -10.36 -19.88
N LEU D 125 -6.11 -10.55 -18.98
CA LEU D 125 -4.78 -11.00 -19.36
C LEU D 125 -4.59 -12.51 -19.21
N SER D 126 -5.28 -13.13 -18.26
CA SER D 126 -5.11 -14.57 -18.07
C SER D 126 -5.78 -15.38 -19.16
N LYS D 127 -6.99 -14.98 -19.56
CA LYS D 127 -7.72 -15.69 -20.60
C LYS D 127 -7.18 -15.43 -21.99
N SER D 128 -6.38 -14.38 -22.17
CA SER D 128 -5.84 -14.08 -23.48
C SER D 128 -4.78 -15.07 -23.92
N GLU D 129 -4.22 -15.85 -22.99
CA GLU D 129 -3.24 -16.87 -23.35
C GLU D 129 -3.87 -18.05 -24.05
N ARG D 130 -5.19 -18.24 -23.91
CA ARG D 130 -5.94 -19.35 -24.50
C ARG D 130 -5.36 -20.71 -24.11
N ASP D 131 -4.97 -20.83 -22.84
CA ASP D 131 -4.38 -22.06 -22.31
C ASP D 131 -5.06 -22.36 -20.98
N PRO D 132 -5.68 -23.53 -20.81
CA PRO D 132 -6.32 -23.85 -19.53
C PRO D 132 -5.35 -24.32 -18.46
N VAL D 133 -4.04 -24.38 -18.77
CA VAL D 133 -3.06 -24.74 -17.75
C VAL D 133 -2.86 -23.61 -16.75
N PHE D 134 -3.26 -22.39 -17.09
CA PHE D 134 -3.17 -21.26 -16.17
C PHE D 134 -4.26 -21.26 -15.12
N PHE D 135 -5.26 -22.14 -15.24
CA PHE D 135 -6.42 -22.12 -14.38
C PHE D 135 -6.50 -23.40 -13.56
N ASP D 136 -7.40 -23.38 -12.57
CA ASP D 136 -7.54 -24.51 -11.66
C ASP D 136 -8.15 -25.72 -12.37
N LEU D 137 -9.11 -25.48 -13.26
CA LEU D 137 -9.85 -26.53 -13.99
C LEU D 137 -10.56 -27.49 -13.03
N LYS D 138 -10.94 -27.00 -11.86
CA LYS D 138 -11.73 -27.79 -10.92
C LYS D 138 -12.89 -27.02 -10.30
N VAL D 139 -12.93 -25.70 -10.43
CA VAL D 139 -14.04 -24.91 -9.90
C VAL D 139 -14.61 -24.02 -10.99
N PHE D 195 -8.80 -9.19 -28.28
CA PHE D 195 -7.68 -8.42 -27.75
C PHE D 195 -6.37 -9.16 -27.97
N SER D 196 -5.40 -8.47 -28.58
CA SER D 196 -4.09 -9.04 -28.85
C SER D 196 -3.03 -8.24 -28.09
N ILE D 197 -2.21 -8.94 -27.31
CA ILE D 197 -1.18 -8.28 -26.54
C ILE D 197 -0.07 -7.78 -27.45
N GLN D 198 0.22 -8.52 -28.52
CA GLN D 198 1.31 -8.14 -29.42
C GLN D 198 1.01 -6.83 -30.14
N ASP D 199 -0.22 -6.66 -30.61
CA ASP D 199 -0.60 -5.41 -31.26
C ASP D 199 -0.59 -4.24 -30.28
N LEU D 200 -1.01 -4.49 -29.03
CA LEU D 200 -0.97 -3.45 -28.01
C LEU D 200 0.46 -3.04 -27.71
N LEU D 201 1.38 -4.00 -27.63
CA LEU D 201 2.78 -3.67 -27.39
C LEU D 201 3.36 -2.89 -28.56
N MET D 202 3.02 -3.28 -29.79
CA MET D 202 3.48 -2.56 -30.98
C MET D 202 2.98 -1.12 -30.96
N ARG D 203 1.70 -0.93 -30.63
CA ARG D 203 1.13 0.40 -30.59
C ARG D 203 1.74 1.24 -29.48
N ILE D 204 1.98 0.65 -28.30
CA ILE D 204 2.61 1.39 -27.20
C ILE D 204 4.01 1.83 -27.61
N PHE D 205 4.80 0.92 -28.17
CA PHE D 205 6.17 1.22 -28.57
C PHE D 205 6.21 2.32 -29.62
N GLN D 206 5.39 2.18 -30.67
CA GLN D 206 5.45 3.13 -31.78
C GLN D 206 4.89 4.48 -31.38
N ASP D 207 3.79 4.51 -30.62
CA ASP D 207 3.17 5.77 -30.25
C ASP D 207 3.99 6.52 -29.22
N LEU D 208 4.65 5.80 -28.31
CA LEU D 208 5.52 6.47 -27.35
C LEU D 208 6.84 6.90 -27.97
N ASN D 209 7.30 6.21 -29.02
CA ASN D 209 8.49 6.69 -29.71
C ASN D 209 8.19 7.88 -30.60
N ASN D 210 6.99 7.94 -31.19
CA ASN D 210 6.67 8.98 -32.16
C ASN D 210 6.01 10.20 -31.54
N TYR D 211 4.98 10.00 -30.72
CA TYR D 211 4.11 11.09 -30.32
C TYR D 211 4.23 11.42 -28.83
N SER D 212 4.91 10.57 -28.06
CA SER D 212 4.96 10.63 -26.60
C SER D 212 3.58 10.56 -25.97
N GLU D 213 2.60 9.99 -26.69
CA GLU D 213 1.23 9.85 -26.22
C GLU D 213 0.62 8.63 -26.90
N CYS D 214 -0.42 8.10 -26.29
CA CYS D 214 -1.16 7.01 -26.89
C CYS D 214 -2.56 6.93 -26.30
N LEU D 215 -3.52 6.56 -27.15
CA LEU D 215 -4.93 6.33 -26.82
C LEU D 215 -5.36 4.99 -27.39
N ILE D 216 -4.61 3.94 -27.06
CA ILE D 216 -4.78 2.64 -27.70
C ILE D 216 -5.98 1.90 -27.11
N PRO D 217 -6.98 1.53 -27.90
CA PRO D 217 -8.12 0.79 -27.36
C PRO D 217 -7.84 -0.71 -27.27
N ILE D 218 -8.15 -1.28 -26.12
CA ILE D 218 -7.96 -2.70 -25.89
C ILE D 218 -9.26 -3.46 -25.69
N ASP D 219 -10.37 -2.78 -25.44
CA ASP D 219 -11.65 -3.42 -25.21
C ASP D 219 -12.75 -2.41 -25.51
N GLU D 220 -13.97 -2.72 -25.08
CA GLU D 220 -15.08 -1.80 -25.27
C GLU D 220 -15.12 -0.69 -24.23
N GLY D 221 -14.35 -0.78 -23.15
CA GLY D 221 -14.39 0.24 -22.13
C GLY D 221 -13.04 0.56 -21.52
N ASN D 222 -11.98 -0.09 -22.00
CA ASN D 222 -10.64 0.12 -21.48
C ASN D 222 -9.71 0.58 -22.59
N ALA D 223 -8.85 1.55 -22.28
CA ALA D 223 -7.92 2.08 -23.25
C ALA D 223 -6.63 2.47 -22.54
N VAL D 224 -5.50 2.07 -23.11
CA VAL D 224 -4.18 2.47 -22.62
C VAL D 224 -4.00 3.93 -23.02
N ASP D 225 -3.96 4.81 -22.02
CA ASP D 225 -3.99 6.25 -22.24
C ASP D 225 -2.76 6.82 -21.55
N ILE D 226 -1.74 7.16 -22.33
CA ILE D 226 -0.45 7.55 -21.77
C ILE D 226 -0.04 8.90 -22.36
N LYS D 227 0.34 9.83 -21.49
CA LYS D 227 1.05 11.03 -21.86
C LYS D 227 2.27 11.18 -20.97
N ILE D 228 3.40 11.54 -21.58
CA ILE D 228 4.67 11.64 -20.88
C ILE D 228 4.99 13.12 -20.68
N PHE D 229 5.09 13.53 -19.42
CA PHE D 229 5.38 14.89 -19.02
C PHE D 229 6.82 15.02 -18.56
N PRO D 230 7.47 16.16 -18.82
CA PRO D 230 8.81 16.37 -18.29
C PRO D 230 8.78 16.62 -16.79
N LEU D 231 9.92 16.33 -16.16
CA LEU D 231 10.08 16.50 -14.72
C LEU D 231 10.74 17.85 -14.45
N LEU D 232 10.18 18.60 -13.51
CA LEU D 232 10.63 19.95 -13.22
C LEU D 232 11.18 20.04 -11.80
N ARG D 233 12.18 20.90 -11.62
CA ARG D 233 12.79 21.05 -10.31
C ARG D 233 11.85 21.82 -9.38
N PRO D 234 11.78 21.42 -8.10
CA PRO D 234 10.98 22.20 -7.15
C PRO D 234 11.61 23.57 -6.92
N PRO D 235 10.81 24.58 -6.62
CA PRO D 235 11.33 25.94 -6.51
C PRO D 235 12.07 26.16 -5.20
N THR D 236 12.63 27.35 -5.09
CA THR D 236 13.36 27.75 -3.88
C THR D 236 12.40 27.95 -2.72
N THR D 237 12.94 27.81 -1.51
CA THR D 237 12.21 28.15 -0.30
C THR D 237 12.66 29.46 0.31
N CYS D 238 13.75 30.04 -0.16
CA CYS D 238 14.28 31.30 0.37
C CYS D 238 13.74 32.50 -0.41
N VAL D 239 12.41 32.58 -0.52
CA VAL D 239 11.73 33.75 -1.05
C VAL D 239 11.16 34.53 0.13
N SER D 240 11.36 35.84 0.13
CA SER D 240 11.03 36.65 1.30
C SER D 240 10.16 37.85 0.93
N LEU D 241 9.90 38.71 1.91
CA LEU D 241 9.00 39.83 1.71
C LEU D 241 9.65 41.02 1.01
N GLU D 242 10.98 41.05 0.89
CA GLU D 242 11.66 42.17 0.26
C GLU D 242 12.05 41.89 -1.19
N ASP D 243 11.63 40.77 -1.75
CA ASP D 243 11.97 40.39 -3.12
C ASP D 243 10.82 40.75 -4.05
N VAL D 244 11.12 41.54 -5.07
CA VAL D 244 10.10 41.91 -6.05
C VAL D 244 10.04 40.81 -7.11
N PRO D 245 8.86 40.43 -7.59
CA PRO D 245 8.80 39.44 -8.66
C PRO D 245 8.76 40.07 -10.04
N LEU D 246 9.53 39.54 -10.97
CA LEU D 246 9.42 39.90 -12.37
C LEU D 246 8.49 38.92 -13.06
N SER D 247 8.36 39.02 -14.38
CA SER D 247 7.54 38.07 -15.14
C SER D 247 8.10 38.03 -16.56
N SER D 248 8.86 36.99 -16.87
CA SER D 248 9.37 36.81 -18.22
C SER D 248 8.29 36.44 -19.22
N VAL D 249 7.11 36.05 -18.75
CA VAL D 249 5.99 35.72 -19.62
C VAL D 249 4.85 36.68 -19.32
N ASN D 250 3.95 36.84 -20.29
CA ASN D 250 2.79 37.68 -20.13
C ASN D 250 1.73 36.90 -19.37
N LEU D 251 1.51 37.25 -18.10
CA LEU D 251 0.59 36.52 -17.25
C LEU D 251 -0.87 36.86 -17.51
N LYS D 252 -1.16 37.81 -18.40
CA LYS D 252 -2.55 38.16 -18.67
C LYS D 252 -3.23 37.09 -19.51
N LYS D 253 -2.55 36.56 -20.52
CA LYS D 253 -3.14 35.61 -21.44
C LYS D 253 -3.09 34.16 -20.93
N ILE D 254 -2.38 33.91 -19.84
CA ILE D 254 -2.29 32.55 -19.30
C ILE D 254 -3.42 32.24 -18.32
N ILE D 255 -4.10 33.28 -17.80
CA ILE D 255 -5.14 33.06 -16.80
C ILE D 255 -6.34 32.40 -17.44
N ASP D 256 -6.73 31.23 -16.90
CA ASP D 256 -7.99 30.61 -17.30
C ASP D 256 -8.82 30.33 -16.06
N VAL D 257 -9.91 29.57 -16.23
CA VAL D 257 -10.92 29.44 -15.19
C VAL D 257 -10.45 28.59 -14.02
N ASN D 258 -9.39 27.81 -14.19
CA ASN D 258 -8.96 26.83 -13.19
C ASN D 258 -7.88 27.35 -12.25
N TRP D 259 -7.51 28.63 -12.33
CA TRP D 259 -6.44 29.16 -11.50
C TRP D 259 -6.88 29.28 -10.05
N ASP D 260 -5.89 29.37 -9.16
CA ASP D 260 -6.15 29.68 -7.77
C ASP D 260 -6.66 31.11 -7.66
N PRO D 261 -7.60 31.38 -6.75
CA PRO D 261 -8.09 32.76 -6.58
C PRO D 261 -7.01 33.76 -6.18
N THR D 262 -6.01 33.33 -5.41
CA THR D 262 -4.94 34.25 -5.03
C THR D 262 -4.05 34.57 -6.22
N MET D 263 -3.72 33.57 -7.03
CA MET D 263 -2.86 33.77 -8.18
C MET D 263 -3.52 34.64 -9.25
N MET D 264 -4.86 34.74 -9.24
CA MET D 264 -5.52 35.70 -10.11
C MET D 264 -5.24 37.13 -9.64
N SER D 265 -5.28 37.36 -8.33
CA SER D 265 -5.10 38.71 -7.79
C SER D 265 -3.64 39.15 -7.81
N ILE D 266 -2.69 38.21 -7.70
CA ILE D 266 -1.29 38.58 -7.70
C ILE D 266 -0.85 39.11 -9.07
N VAL D 267 -1.48 38.61 -10.14
CA VAL D 267 -1.00 38.89 -11.50
C VAL D 267 -0.99 40.38 -11.87
N PRO D 268 -2.05 41.17 -11.63
CA PRO D 268 -1.97 42.60 -12.00
C PRO D 268 -0.87 43.36 -11.29
N TYR D 269 -0.54 43.01 -10.06
CA TYR D 269 0.51 43.70 -9.31
C TYR D 269 1.86 43.01 -9.42
N ILE D 270 2.30 42.74 -10.65
CA ILE D 270 3.64 42.21 -10.91
C ILE D 270 4.20 43.05 -12.06
N ASP D 271 5.09 43.98 -11.74
CA ASP D 271 5.66 44.85 -12.76
C ASP D 271 7.14 45.13 -12.55
N GLY D 272 7.83 44.34 -11.74
CA GLY D 272 9.25 44.55 -11.51
C GLY D 272 9.59 45.60 -10.48
N LEU D 273 8.59 46.20 -9.82
CA LEU D 273 8.87 47.21 -8.81
C LEU D 273 7.99 47.11 -7.57
N ASN D 274 7.15 46.08 -7.46
CA ASN D 274 6.30 45.90 -6.30
C ASN D 274 6.84 44.78 -5.43
N SER D 275 7.06 45.09 -4.14
CA SER D 275 7.53 44.08 -3.20
C SER D 275 6.39 43.14 -2.83
N ILE D 276 6.76 41.97 -2.29
CA ILE D 276 5.78 40.94 -1.98
C ILE D 276 4.86 41.41 -0.85
N ALA D 277 5.39 42.15 0.11
CA ALA D 277 4.53 42.76 1.13
C ALA D 277 3.59 43.79 0.51
N LYS D 278 4.08 44.56 -0.46
CA LYS D 278 3.23 45.51 -1.17
C LYS D 278 2.15 44.81 -1.97
N ILE D 279 2.49 43.68 -2.60
CA ILE D 279 1.49 42.89 -3.32
C ILE D 279 0.45 42.35 -2.35
N SER D 280 0.91 41.87 -1.19
CA SER D 280 -0.01 41.31 -0.20
C SER D 280 -0.97 42.36 0.34
N LYS D 281 -0.48 43.57 0.60
CA LYS D 281 -1.35 44.62 1.12
C LYS D 281 -2.26 45.17 0.02
N LEU D 282 -1.76 45.26 -1.21
CA LEU D 282 -2.56 45.81 -2.30
C LEU D 282 -3.69 44.87 -2.71
N SER D 283 -3.40 43.58 -2.80
CA SER D 283 -4.37 42.58 -3.23
C SER D 283 -5.15 41.98 -2.06
N ASN D 284 -4.93 42.48 -0.85
CA ASN D 284 -5.60 42.01 0.37
C ASN D 284 -5.37 40.52 0.59
N SER D 285 -4.10 40.12 0.61
CA SER D 285 -3.71 38.73 0.68
C SER D 285 -2.74 38.52 1.83
N ASP D 286 -2.81 37.33 2.44
CA ASP D 286 -1.81 36.95 3.41
C ASP D 286 -0.48 36.71 2.71
N PRO D 287 0.63 37.16 3.30
CA PRO D 287 1.94 36.99 2.64
C PRO D 287 2.35 35.55 2.41
N GLY D 288 1.88 34.60 3.23
CA GLY D 288 2.25 33.21 3.04
C GLY D 288 1.71 32.62 1.75
N LEU D 289 0.45 32.90 1.43
CA LEU D 289 -0.12 32.40 0.19
C LEU D 289 0.48 33.08 -1.01
N VAL D 290 0.87 34.35 -0.88
CA VAL D 290 1.59 35.02 -1.96
C VAL D 290 2.94 34.37 -2.17
N ILE D 291 3.61 33.99 -1.08
CA ILE D 291 4.88 33.28 -1.16
C ILE D 291 4.70 31.96 -1.89
N GLU D 292 3.65 31.22 -1.55
CA GLU D 292 3.40 29.93 -2.20
C GLU D 292 3.05 30.09 -3.67
N CYS D 293 2.27 31.13 -4.01
CA CYS D 293 1.93 31.38 -5.41
C CYS D 293 3.16 31.78 -6.22
N ILE D 294 4.03 32.60 -5.65
CA ILE D 294 5.26 32.98 -6.32
C ILE D 294 6.15 31.75 -6.50
N ARG D 295 6.17 30.85 -5.51
CA ARG D 295 6.93 29.61 -5.63
C ARG D 295 6.37 28.74 -6.77
N HIS D 296 5.05 28.67 -6.89
CA HIS D 296 4.43 27.93 -7.99
C HIS D 296 4.80 28.54 -9.33
N LEU D 297 4.83 29.87 -9.42
CA LEU D 297 5.21 30.51 -10.68
C LEU D 297 6.69 30.31 -11.00
N ILE D 298 7.55 30.25 -9.98
CA ILE D 298 8.95 29.91 -10.20
C ILE D 298 9.07 28.47 -10.69
N TYR D 299 8.21 27.58 -10.19
CA TYR D 299 8.27 26.17 -10.55
C TYR D 299 8.10 25.94 -12.04
N TYR D 300 7.35 26.80 -12.72
CA TYR D 300 7.13 26.70 -14.16
C TYR D 300 8.11 27.55 -14.97
N LYS D 301 9.11 28.15 -14.32
CA LYS D 301 10.13 29.00 -14.95
C LYS D 301 9.50 30.17 -15.68
N CYS D 302 8.78 31.00 -14.92
CA CYS D 302 8.10 32.17 -15.49
C CYS D 302 8.45 33.44 -14.71
N VAL D 303 8.59 33.33 -13.40
CA VAL D 303 8.78 34.48 -12.52
C VAL D 303 10.13 34.33 -11.84
N THR D 304 10.95 35.38 -11.92
CA THR D 304 12.25 35.43 -11.27
C THR D 304 12.29 36.62 -10.32
N LEU D 305 12.84 36.41 -9.13
CA LEU D 305 12.87 37.45 -8.12
C LEU D 305 13.96 38.48 -8.42
N SER D 306 13.85 39.63 -7.78
CA SER D 306 14.79 40.73 -7.92
C SER D 306 14.70 41.58 -6.66
N ASP D 307 15.48 42.65 -6.62
CA ASP D 307 15.65 43.49 -5.44
C ASP D 307 14.78 44.74 -5.52
N ILE D 308 14.48 45.32 -4.36
CA ILE D 308 13.74 46.58 -4.31
C ILE D 308 14.66 47.70 -4.76
N PHE D 309 14.20 48.49 -5.73
CA PHE D 309 15.00 49.59 -6.25
C PHE D 309 14.82 50.82 -5.39
N GLN D 310 15.93 51.32 -4.85
CA GLN D 310 15.97 52.59 -4.13
C GLN D 310 17.01 53.49 -4.77
N PHE D 311 17.17 54.68 -4.23
CA PHE D 311 18.24 55.58 -4.62
C PHE D 311 19.39 55.57 -3.61
N SER D 312 19.36 54.62 -2.68
CA SER D 312 20.43 54.44 -1.70
C SER D 312 21.08 53.07 -1.82
N ASN D 313 21.06 52.47 -3.01
CA ASN D 313 21.58 51.13 -3.21
C ASN D 313 23.00 51.18 -3.76
N ILE D 314 23.69 50.04 -3.66
CA ILE D 314 25.14 49.97 -3.82
C ILE D 314 25.46 49.10 -5.03
N TYR D 315 24.67 49.26 -6.11
CA TYR D 315 24.80 48.45 -7.32
C TYR D 315 26.23 48.45 -7.85
N ALA D 316 26.67 47.28 -8.29
CA ALA D 316 28.06 47.06 -8.66
C ALA D 316 28.15 46.16 -9.89
N PRO D 317 29.18 46.32 -10.72
CA PRO D 317 29.33 45.44 -11.88
C PRO D 317 29.64 44.00 -11.48
N SER D 318 29.13 43.08 -12.29
CA SER D 318 29.30 41.65 -12.06
C SER D 318 30.40 41.11 -12.97
N SER D 319 30.57 39.80 -12.99
CA SER D 319 31.54 39.17 -13.87
C SER D 319 31.01 38.96 -15.28
N LEU D 320 29.75 39.30 -15.54
CA LEU D 320 29.13 39.13 -16.85
C LEU D 320 28.92 40.47 -17.55
N ILE D 321 29.69 41.50 -17.19
CA ILE D 321 29.55 42.78 -17.87
C ILE D 321 30.04 42.71 -19.31
N ARG D 322 30.97 41.81 -19.61
CA ARG D 322 31.43 41.59 -20.97
C ARG D 322 30.34 41.04 -21.88
N ASN D 323 29.28 40.47 -21.31
CA ASN D 323 28.12 40.08 -22.09
C ASN D 323 27.44 41.28 -22.75
N PHE D 324 27.67 42.50 -22.25
CA PHE D 324 27.15 43.67 -22.94
C PHE D 324 27.91 43.95 -24.23
N LEU D 325 29.05 43.30 -24.45
CA LEU D 325 29.76 43.40 -25.72
C LEU D 325 29.67 42.14 -26.57
N THR D 326 29.71 40.96 -25.94
CA THR D 326 29.73 39.70 -26.67
C THR D 326 28.36 39.22 -27.09
N ASP D 327 27.28 39.77 -26.54
CA ASP D 327 25.94 39.42 -26.99
C ASP D 327 25.51 40.41 -28.05
N PRO D 328 25.28 39.98 -29.30
CA PRO D 328 24.95 40.94 -30.35
C PRO D 328 23.58 41.59 -30.21
N LEU D 329 22.69 41.05 -29.37
CA LEU D 329 21.33 41.56 -29.27
C LEU D 329 21.02 42.15 -27.90
N MET D 330 22.03 42.46 -27.10
CA MET D 330 21.82 43.01 -25.76
C MET D 330 21.88 44.53 -25.74
N ALA D 331 22.88 45.12 -26.42
CA ALA D 331 23.01 46.58 -26.41
C ALA D 331 21.93 47.26 -27.23
N SER D 332 21.51 46.62 -28.33
CA SER D 332 20.51 47.21 -29.21
C SER D 332 19.17 47.35 -28.50
N ASP D 333 18.79 46.35 -27.70
CA ASP D 333 17.61 46.51 -26.86
C ASP D 333 17.86 47.45 -25.69
N CYS D 334 19.11 47.58 -25.27
CA CYS D 334 19.43 48.49 -24.17
C CYS D 334 19.25 49.94 -24.57
N GLN D 335 19.50 50.27 -25.84
CA GLN D 335 19.28 51.63 -26.31
C GLN D 335 17.80 52.02 -26.21
N SER D 336 16.92 51.13 -26.68
CA SER D 336 15.50 51.45 -26.70
C SER D 336 14.85 51.32 -25.32
N TYR D 337 15.39 50.45 -24.47
CA TYR D 337 14.73 50.20 -23.18
C TYR D 337 14.89 51.36 -22.22
N VAL D 338 16.11 51.92 -22.12
CA VAL D 338 16.43 52.87 -21.06
C VAL D 338 15.97 54.29 -21.35
N THR D 339 15.35 54.53 -22.49
CA THR D 339 15.04 55.89 -22.94
C THR D 339 13.59 56.22 -22.67
N PHE D 340 13.35 57.45 -22.20
CA PHE D 340 12.00 57.96 -22.06
C PHE D 340 11.33 58.05 -23.43
N PRO D 341 10.02 57.80 -23.50
CA PRO D 341 9.33 57.91 -24.80
C PRO D 341 9.36 59.30 -25.40
N GLU D 342 9.35 60.34 -24.57
CA GLU D 342 9.46 61.71 -25.06
C GLU D 342 10.59 62.41 -24.33
N VAL D 343 10.71 63.73 -24.52
CA VAL D 343 11.70 64.51 -23.77
C VAL D 343 11.12 64.77 -22.40
N SER D 344 11.39 63.86 -21.45
CA SER D 344 10.76 63.92 -20.15
C SER D 344 11.29 65.09 -19.34
N LYS D 345 10.46 65.57 -18.41
CA LYS D 345 10.86 66.68 -17.57
C LYS D 345 11.94 66.29 -16.58
N ILE D 346 12.02 65.01 -16.20
CA ILE D 346 13.03 64.56 -15.25
C ILE D 346 14.43 64.73 -15.85
N SER D 347 14.55 64.67 -17.17
CA SER D 347 15.78 64.99 -17.86
C SER D 347 15.99 66.49 -18.03
N ASN D 348 15.26 67.31 -17.27
CA ASN D 348 15.45 68.76 -17.29
C ASN D 348 15.54 69.39 -15.91
N LEU D 349 15.32 68.65 -14.83
CA LEU D 349 15.55 69.19 -13.50
C LEU D 349 17.05 69.42 -13.29
N PRO D 350 17.43 70.49 -12.59
CA PRO D 350 18.83 70.69 -12.25
C PRO D 350 19.25 69.75 -11.13
N LEU D 351 20.57 69.61 -10.97
CA LEU D 351 21.10 68.79 -9.89
C LEU D 351 20.80 69.42 -8.52
N ASN D 352 20.90 70.74 -8.43
CA ASN D 352 20.60 71.44 -7.18
C ASN D 352 20.05 72.82 -7.52
N LYS D 353 18.98 73.22 -6.83
CA LYS D 353 18.38 74.53 -7.03
C LYS D 353 17.61 74.97 -5.80
N PHE D 431 19.06 59.94 -31.84
CA PHE D 431 18.61 60.62 -30.63
C PHE D 431 18.65 59.66 -29.44
N LEU D 432 18.64 58.36 -29.74
CA LEU D 432 18.80 57.36 -28.70
C LEU D 432 20.23 57.36 -28.17
N PRO D 433 20.44 56.91 -26.94
CA PRO D 433 21.80 56.88 -26.37
C PRO D 433 22.74 55.98 -27.15
N THR D 434 24.00 56.41 -27.21
CA THR D 434 25.04 55.59 -27.81
C THR D 434 25.31 54.37 -26.95
N ARG D 435 25.64 53.25 -27.60
CA ARG D 435 25.95 52.03 -26.86
C ARG D 435 27.23 52.17 -26.04
N SER D 436 28.18 52.97 -26.52
CA SER D 436 29.38 53.24 -25.74
C SER D 436 29.04 54.02 -24.47
N CYS D 437 28.07 54.93 -24.56
CA CYS D 437 27.60 55.65 -23.38
C CYS D 437 27.00 54.70 -22.35
N LEU D 438 26.19 53.75 -22.81
CA LEU D 438 25.57 52.81 -21.89
C LEU D 438 26.61 51.87 -21.26
N PHE D 439 27.59 51.43 -22.04
CA PHE D 439 28.63 50.58 -21.50
C PHE D 439 29.50 51.34 -20.51
N ASP D 440 29.75 52.64 -20.76
CA ASP D 440 30.52 53.44 -19.82
C ASP D 440 29.73 53.71 -18.55
N LEU D 441 28.41 53.79 -18.65
CA LEU D 441 27.60 54.02 -17.45
C LEU D 441 27.45 52.75 -16.61
N TYR D 442 27.39 51.57 -17.25
CA TYR D 442 27.37 50.32 -16.49
C TYR D 442 28.63 50.13 -15.66
N ARG D 443 29.80 50.37 -16.24
CA ARG D 443 31.03 50.09 -15.54
C ARG D 443 31.43 51.19 -14.56
N SER D 444 30.69 52.30 -14.53
CA SER D 444 30.97 53.39 -13.60
C SER D 444 30.54 53.09 -12.18
N LEU D 445 29.70 52.09 -11.98
CA LEU D 445 29.25 51.74 -10.63
C LEU D 445 30.39 51.06 -9.87
N SER D 446 30.32 51.14 -8.54
CA SER D 446 31.39 50.59 -7.71
C SER D 446 30.82 50.16 -6.37
N GLN D 447 31.60 49.33 -5.67
CA GLN D 447 31.20 48.73 -4.40
C GLN D 447 31.45 49.72 -3.27
N GLY D 448 30.50 50.62 -3.08
CA GLY D 448 30.61 51.63 -2.05
C GLY D 448 30.05 52.96 -2.51
N GLN D 449 29.96 53.12 -3.82
CA GLN D 449 29.33 54.29 -4.41
C GLN D 449 27.83 54.04 -4.50
N THR D 450 27.07 54.71 -3.64
CA THR D 450 25.63 54.55 -3.68
C THR D 450 25.06 55.22 -4.93
N LEU D 451 23.81 54.87 -5.24
CA LEU D 451 23.21 55.36 -6.48
C LEU D 451 23.01 56.87 -6.47
N LYS D 452 22.80 57.45 -5.28
CA LYS D 452 22.70 58.90 -5.17
C LYS D 452 24.02 59.57 -5.57
N THR D 453 25.13 59.05 -5.05
CA THR D 453 26.44 59.64 -5.34
C THR D 453 26.82 59.45 -6.81
N TRP D 454 26.52 58.27 -7.37
CA TRP D 454 26.82 58.04 -8.78
C TRP D 454 25.94 58.89 -9.68
N TYR D 455 24.68 59.10 -9.31
CA TYR D 455 23.78 59.88 -10.14
C TYR D 455 24.09 61.36 -10.07
N GLU D 456 24.51 61.85 -8.90
CA GLU D 456 24.95 63.23 -8.80
C GLU D 456 26.38 63.43 -9.28
N SER D 457 27.12 62.35 -9.53
CA SER D 457 28.42 62.44 -10.16
C SER D 457 28.35 62.26 -11.67
N LYS D 458 27.28 61.67 -12.18
CA LYS D 458 27.01 61.54 -13.61
C LYS D 458 25.55 61.90 -13.82
N TYR D 459 25.28 63.20 -14.01
CA TYR D 459 23.93 63.67 -14.26
C TYR D 459 23.78 64.41 -15.58
N MET D 460 24.86 64.97 -16.13
CA MET D 460 24.80 65.53 -17.46
C MET D 460 24.68 64.43 -18.51
N ILE D 461 25.30 63.28 -18.27
CA ILE D 461 25.24 62.18 -19.22
C ILE D 461 23.85 61.57 -19.24
N LEU D 462 23.20 61.44 -18.08
CA LEU D 462 21.87 60.85 -18.01
C LEU D 462 20.77 61.85 -18.32
N LYS D 463 21.11 63.12 -18.56
CA LYS D 463 20.16 64.14 -18.96
C LYS D 463 20.18 64.42 -20.46
N GLU D 464 21.37 64.52 -21.05
CA GLU D 464 21.48 64.74 -22.49
C GLU D 464 21.01 63.53 -23.27
N ASN D 465 21.32 62.33 -22.78
CA ASN D 465 20.96 61.10 -23.47
C ASN D 465 19.54 60.65 -23.18
N ASN D 466 18.86 61.29 -22.23
CA ASN D 466 17.47 60.98 -21.85
C ASN D 466 17.33 59.53 -21.40
N ILE D 467 18.00 59.22 -20.29
CA ILE D 467 18.07 57.86 -19.77
C ILE D 467 17.30 57.79 -18.46
N ASP D 468 16.38 56.84 -18.37
CA ASP D 468 15.67 56.56 -17.12
C ASP D 468 16.56 55.69 -16.25
N ILE D 469 16.90 56.18 -15.06
CA ILE D 469 17.89 55.49 -14.21
C ILE D 469 17.31 54.19 -13.67
N ARG D 470 16.03 54.16 -13.32
CA ARG D 470 15.43 52.93 -12.81
C ARG D 470 15.40 51.85 -13.87
N ARG D 471 15.04 52.22 -15.11
CA ARG D 471 15.09 51.28 -16.22
C ARG D 471 16.52 50.87 -16.53
N PHE D 472 17.46 51.82 -16.38
CA PHE D 472 18.87 51.55 -16.60
C PHE D 472 19.39 50.49 -15.64
N ILE D 473 18.99 50.57 -14.37
CA ILE D 473 19.39 49.59 -13.37
C ILE D 473 18.68 48.27 -13.60
N THR D 474 17.38 48.32 -13.93
CA THR D 474 16.59 47.10 -14.05
C THR D 474 17.02 46.28 -15.27
N PHE D 475 17.44 46.92 -16.35
CA PHE D 475 17.94 46.16 -17.49
C PHE D 475 19.24 45.45 -17.14
N GLY D 476 20.11 46.11 -16.38
CA GLY D 476 21.34 45.46 -15.95
C GLY D 476 21.10 44.30 -15.01
N LEU D 477 20.13 44.46 -14.11
CA LEU D 477 19.82 43.38 -13.17
C LEU D 477 19.13 42.20 -13.88
N GLU D 478 18.30 42.48 -14.89
CA GLU D 478 17.65 41.41 -15.62
C GLU D 478 18.63 40.61 -16.47
N LYS D 479 19.65 41.27 -17.01
CA LYS D 479 20.65 40.60 -17.82
C LYS D 479 21.84 40.09 -17.00
N ARG D 480 21.79 40.28 -15.67
CA ARG D 480 22.80 39.78 -14.74
C ARG D 480 24.20 40.31 -15.06
N ILE D 481 24.27 41.57 -15.48
CA ILE D 481 25.56 42.22 -15.70
C ILE D 481 25.94 43.12 -14.53
N ILE D 482 25.00 43.53 -13.69
CA ILE D 482 25.27 44.21 -12.44
C ILE D 482 24.44 43.55 -11.36
N TYR D 483 24.92 43.63 -10.12
CA TYR D 483 24.25 43.06 -8.96
C TYR D 483 24.11 44.14 -7.90
N ARG D 484 23.48 43.78 -6.79
CA ARG D 484 23.26 44.69 -5.67
C ARG D 484 24.12 44.27 -4.50
N CYS D 485 24.81 45.23 -3.90
CA CYS D 485 25.53 45.01 -2.65
C CYS D 485 24.56 45.32 -1.51
N TYR D 486 24.11 44.28 -0.81
CA TYR D 486 23.15 44.45 0.25
C TYR D 486 23.78 45.14 1.46
N SER D 487 22.94 45.84 2.21
CA SER D 487 23.35 46.56 3.41
C SER D 487 22.93 45.76 4.64
N PHE D 488 23.90 45.46 5.51
CA PHE D 488 23.65 44.68 6.73
C PHE D 488 23.97 45.52 7.95
N PRO D 489 22.99 45.83 8.79
CA PRO D 489 23.21 46.56 10.07
C PRO D 489 23.62 45.67 11.24
N VAL D 490 24.92 45.44 11.38
CA VAL D 490 25.44 44.58 12.44
C VAL D 490 25.80 45.42 13.64
N MET D 491 25.34 45.00 14.81
CA MET D 491 25.58 45.75 16.03
C MET D 491 26.95 45.43 16.63
N ILE D 492 27.42 46.36 17.45
CA ILE D 492 28.67 46.18 18.18
C ILE D 492 28.53 46.71 19.60
N MET D 565 13.03 60.90 17.97
CA MET D 565 12.24 59.95 17.19
C MET D 565 10.87 59.73 17.83
N PRO D 566 9.86 59.41 17.02
CA PRO D 566 8.56 59.03 17.58
C PRO D 566 8.65 57.72 18.33
N LYS D 567 7.78 57.58 19.32
CA LYS D 567 7.76 56.39 20.18
C LYS D 567 7.09 55.25 19.42
N LEU D 568 7.90 54.33 18.89
CA LEU D 568 7.36 53.16 18.21
C LEU D 568 6.72 52.21 19.21
N SER D 569 5.73 51.47 18.72
CA SER D 569 4.95 50.60 19.60
C SER D 569 5.74 49.33 19.93
N ASP D 570 5.12 48.50 20.78
CA ASP D 570 5.81 47.33 21.32
C ASP D 570 6.04 46.27 20.25
N GLU D 571 5.08 46.08 19.34
CA GLU D 571 5.24 45.10 18.27
C GLU D 571 6.36 45.50 17.33
N GLU D 572 6.43 46.79 16.98
CA GLU D 572 7.49 47.27 16.10
C GLU D 572 8.86 47.11 16.73
N GLU D 573 9.00 47.42 18.03
CA GLU D 573 10.31 47.25 18.66
C GLU D 573 10.65 45.78 18.85
N GLY D 574 9.64 44.93 19.05
CA GLY D 574 9.90 43.51 19.14
C GLY D 574 10.40 42.93 17.83
N ILE D 575 9.74 43.27 16.72
CA ILE D 575 10.21 42.77 15.43
C ILE D 575 11.52 43.43 15.04
N LEU D 576 11.78 44.65 15.54
CA LEU D 576 13.07 45.28 15.31
C LEU D 576 14.19 44.52 15.99
N GLU D 577 13.99 44.15 17.26
CA GLU D 577 14.99 43.36 17.97
C GLU D 577 15.17 41.98 17.36
N GLU D 578 14.06 41.35 16.94
CA GLU D 578 14.16 40.05 16.30
C GLU D 578 14.89 40.12 14.97
N SER D 579 14.69 41.20 14.20
CA SER D 579 15.40 41.36 12.95
C SER D 579 16.87 41.66 13.17
N ILE D 580 17.19 42.43 14.21
CA ILE D 580 18.59 42.75 14.48
C ILE D 580 19.34 41.51 14.97
N ARG D 581 18.68 40.67 15.77
CA ARG D 581 19.34 39.47 16.28
C ARG D 581 19.64 38.46 15.16
N ASN D 582 18.86 38.48 14.08
CA ASN D 582 19.06 37.56 12.97
C ASN D 582 19.89 38.16 11.85
N ALA D 583 20.45 39.35 12.05
CA ALA D 583 21.29 40.05 11.07
C ALA D 583 20.57 40.26 9.74
N GLU D 584 19.30 40.63 9.83
CA GLU D 584 18.52 40.88 8.62
C GLU D 584 18.97 42.18 7.95
N THR D 585 18.75 42.26 6.65
CA THR D 585 19.17 43.41 5.87
C THR D 585 18.31 44.63 6.20
N PHE D 586 18.74 45.78 5.68
CA PHE D 586 17.93 46.99 5.83
C PHE D 586 16.62 46.88 5.05
N ASP D 587 16.62 46.10 3.97
CA ASP D 587 15.41 45.95 3.16
C ASP D 587 14.30 45.28 3.94
N LYS D 588 14.62 44.19 4.67
CA LYS D 588 13.58 43.48 5.40
C LYS D 588 13.07 44.29 6.58
N ILE D 589 13.96 45.01 7.27
CA ILE D 589 13.53 45.85 8.38
C ILE D 589 12.66 46.99 7.89
N CYS D 590 13.03 47.59 6.76
CA CYS D 590 12.21 48.64 6.17
C CYS D 590 10.84 48.11 5.72
N VAL D 591 10.82 46.90 5.16
CA VAL D 591 9.56 46.29 4.74
C VAL D 591 8.66 46.02 5.95
N LEU D 592 9.23 45.45 7.00
CA LEU D 592 8.44 45.05 8.16
C LEU D 592 7.94 46.25 8.96
N LEU D 593 8.77 47.29 9.09
CA LEU D 593 8.36 48.48 9.84
C LEU D 593 7.59 49.49 8.99
N SER D 594 7.53 49.28 7.68
CA SER D 594 6.89 50.21 6.73
C SER D 594 7.47 51.62 6.84
N LYS D 595 8.79 51.70 6.98
CA LYS D 595 9.51 52.96 7.11
C LYS D 595 10.73 52.96 6.21
N PRO D 596 11.18 54.14 5.74
CA PRO D 596 12.35 54.18 4.86
C PRO D 596 13.67 53.93 5.59
N LYS D 597 14.78 54.09 4.88
CA LYS D 597 16.08 53.72 5.43
C LYS D 597 16.53 54.70 6.51
N LEU D 598 16.24 55.99 6.35
CA LEU D 598 16.72 56.99 7.30
C LEU D 598 16.07 56.83 8.67
N GLU D 599 14.76 56.58 8.70
CA GLU D 599 14.06 56.39 9.96
C GLU D 599 14.55 55.14 10.67
N VAL D 600 14.79 54.07 9.92
CA VAL D 600 15.29 52.83 10.50
C VAL D 600 16.69 53.03 11.06
N GLU D 601 17.54 53.78 10.34
CA GLU D 601 18.88 54.06 10.84
C GLU D 601 18.84 54.90 12.12
N SER D 602 17.95 55.89 12.17
CA SER D 602 17.81 56.71 13.38
C SER D 602 17.31 55.87 14.55
N TYR D 603 16.34 54.99 14.30
CA TYR D 603 15.82 54.11 15.36
C TYR D 603 16.90 53.16 15.86
N LEU D 604 17.70 52.60 14.95
CA LEU D 604 18.77 51.70 15.36
C LEU D 604 19.84 52.43 16.15
N ASN D 605 20.22 53.63 15.72
CA ASN D 605 21.20 54.42 16.46
C ASN D 605 20.66 54.81 17.83
N GLU D 606 19.36 55.01 17.96
CA GLU D 606 18.77 55.19 19.28
C GLU D 606 18.84 53.91 20.10
N LEU D 607 18.70 52.75 19.45
CA LEU D 607 18.75 51.49 20.18
C LEU D 607 20.17 51.11 20.58
N GLY D 608 21.15 51.34 19.71
CA GLY D 608 22.53 50.98 20.04
C GLY D 608 23.45 51.27 18.88
N GLU D 609 24.75 51.21 19.17
CA GLU D 609 25.75 51.45 18.15
C GLU D 609 25.82 50.29 17.18
N PHE D 610 26.03 50.60 15.90
CA PHE D 610 26.00 49.59 14.84
C PHE D 610 26.78 50.09 13.64
N LYS D 611 27.11 49.15 12.76
CA LYS D 611 27.84 49.44 11.53
C LYS D 611 27.13 48.77 10.35
N VAL D 612 27.39 49.31 9.17
CA VAL D 612 26.75 48.85 7.94
C VAL D 612 27.79 48.13 7.08
N ILE D 613 27.49 46.90 6.71
CA ILE D 613 28.35 46.11 5.82
C ILE D 613 27.70 46.07 4.45
N ASN D 614 28.47 46.41 3.42
CA ASN D 614 27.95 46.45 2.05
C ASN D 614 28.49 45.22 1.30
N SER D 615 27.71 44.15 1.33
CA SER D 615 28.11 42.89 0.73
C SER D 615 27.25 42.52 -0.46
N GLU E 3 21.16 21.54 -7.97
CA GLU E 3 21.40 22.00 -6.62
C GLU E 3 22.88 21.90 -6.25
N CYS E 4 23.48 23.06 -5.97
CA CYS E 4 24.90 23.09 -5.58
C CYS E 4 25.11 22.77 -4.10
N LEU E 5 24.05 22.71 -3.31
CA LEU E 5 24.18 22.33 -1.92
C LEU E 5 24.54 20.85 -1.83
N PRO E 6 25.61 20.49 -1.12
CA PRO E 6 26.02 19.09 -1.06
C PRO E 6 25.08 18.28 -0.18
N ASN E 7 24.67 17.12 -0.69
CA ASN E 7 23.82 16.20 0.07
C ASN E 7 24.04 14.81 -0.51
N SER E 8 24.87 14.01 0.18
CA SER E 8 25.09 12.62 -0.21
C SER E 8 23.95 11.80 0.39
N CYS E 9 22.94 11.50 -0.42
CA CYS E 9 21.71 10.88 0.06
C CYS E 9 21.97 9.41 0.36
N LEU E 10 22.59 9.16 1.51
CA LEU E 10 22.97 7.82 1.92
C LEU E 10 22.13 7.40 3.11
N LEU E 11 21.83 6.11 3.20
CA LEU E 11 21.07 5.56 4.32
C LEU E 11 21.79 4.45 5.07
N GLY E 12 22.57 3.62 4.40
CA GLY E 12 23.27 2.56 5.10
C GLY E 12 24.10 1.72 4.16
N VAL E 13 24.81 0.76 4.75
CA VAL E 13 25.67 -0.16 4.02
C VAL E 13 25.36 -1.58 4.47
N HIS E 14 25.53 -2.53 3.55
CA HIS E 14 25.42 -3.95 3.81
C HIS E 14 26.66 -4.66 3.30
N LEU E 15 27.09 -5.69 4.02
CA LEU E 15 28.17 -6.57 3.57
C LEU E 15 27.53 -7.93 3.32
N VAL E 16 27.28 -8.24 2.05
CA VAL E 16 26.60 -9.47 1.66
C VAL E 16 27.62 -10.39 1.00
N ILE E 17 27.87 -11.53 1.62
CA ILE E 17 28.75 -12.53 1.04
C ILE E 17 27.91 -13.73 0.60
N SER E 18 28.43 -14.45 -0.39
CA SER E 18 27.74 -15.60 -0.96
C SER E 18 28.64 -16.82 -0.78
N THR E 19 28.38 -17.58 0.27
CA THR E 19 29.07 -18.85 0.47
C THR E 19 28.37 -19.93 -0.35
N HIS E 20 28.93 -21.14 -0.32
CA HIS E 20 28.30 -22.26 -0.98
C HIS E 20 27.07 -22.77 -0.24
N SER E 21 26.83 -22.30 0.97
CA SER E 21 25.62 -22.62 1.73
C SER E 21 24.54 -21.57 1.54
N GLY E 22 24.74 -20.61 0.65
CA GLY E 22 23.74 -19.62 0.35
C GLY E 22 24.19 -18.21 0.71
N PRO E 23 23.52 -17.21 0.15
CA PRO E 23 23.86 -15.82 0.46
C PRO E 23 23.46 -15.46 1.88
N GLN E 24 24.20 -14.51 2.46
CA GLN E 24 23.94 -14.08 3.83
C GLN E 24 24.45 -12.65 4.01
N ILE E 25 23.91 -11.99 5.03
CA ILE E 25 24.33 -10.65 5.41
C ILE E 25 25.21 -10.75 6.64
N VAL E 26 26.41 -10.19 6.56
CA VAL E 26 27.36 -10.27 7.66
C VAL E 26 27.26 -9.05 8.56
N TYR E 27 27.10 -7.87 7.98
CA TYR E 27 27.14 -6.64 8.77
C TYR E 27 26.43 -5.53 8.02
N HIS E 28 25.43 -4.93 8.66
CA HIS E 28 24.84 -3.69 8.19
C HIS E 28 24.89 -2.68 9.33
N TYR E 29 25.40 -1.48 9.04
CA TYR E 29 25.72 -0.59 10.15
C TYR E 29 24.48 0.08 10.76
N PRO E 30 23.65 0.84 10.05
CA PRO E 30 22.55 1.53 10.72
C PRO E 30 21.38 0.60 10.93
N PRO E 31 21.04 0.29 12.19
CA PRO E 31 19.87 -0.56 12.45
C PRO E 31 18.57 0.21 12.62
N SER E 32 18.53 1.48 12.22
CA SER E 32 17.31 2.27 12.36
C SER E 32 16.29 1.86 11.31
N ASN E 33 15.05 2.24 11.54
CA ASN E 33 13.95 1.88 10.66
C ASN E 33 13.86 2.86 9.49
N THR E 34 12.89 2.62 8.61
CA THR E 34 12.69 3.46 7.45
C THR E 34 12.20 4.85 7.85
N ALA E 35 11.39 4.94 8.91
CA ALA E 35 10.78 6.20 9.30
C ALA E 35 11.83 7.23 9.73
N PHE E 36 12.81 6.81 10.53
CA PHE E 36 13.84 7.75 10.95
C PHE E 36 14.84 8.04 9.84
N LEU E 37 15.16 7.04 9.02
CA LEU E 37 16.18 7.20 8.00
C LEU E 37 15.70 8.09 6.86
N THR E 38 14.48 7.85 6.37
CA THR E 38 13.98 8.60 5.22
C THR E 38 13.63 10.04 5.61
N ASN E 39 12.94 10.22 6.73
CA ASN E 39 12.52 11.54 7.16
C ASN E 39 13.69 12.33 7.72
N GLU E 365 36.68 -10.84 32.06
CA GLU E 365 36.85 -10.03 30.86
C GLU E 365 35.55 -9.93 30.08
N GLU E 366 34.79 -8.86 30.32
CA GLU E 366 33.54 -8.62 29.61
C GLU E 366 33.59 -7.37 28.77
N ASP E 367 33.91 -6.21 29.35
CA ASP E 367 33.92 -4.93 28.66
C ASP E 367 35.25 -4.23 28.85
N MET E 368 36.35 -4.99 28.89
CA MET E 368 37.66 -4.37 29.06
C MET E 368 38.13 -3.71 27.77
N GLU E 369 38.28 -4.50 26.70
CA GLU E 369 38.75 -3.96 25.44
C GLU E 369 37.74 -3.00 24.81
N VAL E 370 36.44 -3.26 25.01
CA VAL E 370 35.41 -2.39 24.45
C VAL E 370 35.48 -1.00 25.07
N SER E 371 35.55 -0.93 26.40
CA SER E 371 35.65 0.36 27.07
C SER E 371 36.99 1.03 26.81
N ALA E 372 38.07 0.25 26.72
CA ALA E 372 39.39 0.82 26.41
C ALA E 372 39.41 1.45 25.02
N MET E 373 38.81 0.77 24.03
CA MET E 373 38.76 1.33 22.69
C MET E 373 37.78 2.49 22.59
N LEU E 374 36.70 2.46 23.37
CA LEU E 374 35.74 3.56 23.35
C LEU E 374 36.33 4.82 23.96
N GLN E 375 37.05 4.69 25.08
CA GLN E 375 37.72 5.85 25.66
C GLN E 375 38.90 6.31 24.82
N ASP E 376 39.60 5.37 24.19
CA ASP E 376 40.71 5.73 23.31
C ASP E 376 40.23 6.36 22.02
N GLY E 377 39.00 6.08 21.59
CA GLY E 377 38.44 6.68 20.40
C GLY E 377 38.49 5.84 19.15
N LYS E 378 38.85 4.56 19.25
CA LYS E 378 38.90 3.71 18.08
C LYS E 378 37.54 3.18 17.66
N ILE E 379 36.51 3.31 18.51
CA ILE E 379 35.17 2.89 18.15
C ILE E 379 34.31 4.13 17.95
N SER E 380 34.24 4.60 16.71
CA SER E 380 33.41 5.74 16.35
C SER E 380 32.10 5.22 15.80
N MET E 381 31.00 5.50 16.50
CA MET E 381 29.70 4.96 16.13
C MET E 381 28.62 5.89 16.65
N ASN E 382 27.68 6.25 15.79
CA ASN E 382 26.63 7.18 16.18
C ASN E 382 25.68 6.53 17.18
N GLU E 383 25.00 7.37 17.95
CA GLU E 383 24.13 6.91 19.02
C GLU E 383 22.64 7.12 18.75
N ILE E 384 22.28 8.00 17.81
CA ILE E 384 20.87 8.18 17.48
C ILE E 384 20.32 6.98 16.72
N PHE E 385 21.18 6.19 16.09
CA PHE E 385 20.75 4.98 15.40
C PHE E 385 20.36 3.87 16.35
N PHE E 386 20.68 3.99 17.63
CA PHE E 386 20.38 2.95 18.62
C PHE E 386 19.41 3.44 19.69
N GLU E 387 18.74 4.56 19.47
CA GLU E 387 17.70 5.00 20.39
C GLU E 387 16.48 4.11 20.24
N GLU E 388 15.60 4.15 21.26
CA GLU E 388 14.45 3.27 21.28
C GLU E 388 13.45 3.60 20.18
N GLU E 389 13.27 4.88 19.88
CA GLU E 389 12.34 5.27 18.82
C GLU E 389 12.95 5.13 17.42
N ASN E 390 14.24 4.83 17.32
CA ASN E 390 14.95 4.77 16.04
C ASN E 390 15.76 3.48 15.95
N PHE E 391 15.16 2.36 16.32
CA PHE E 391 15.84 1.07 16.25
C PHE E 391 14.95 0.03 15.60
N GLN E 392 15.57 -0.87 14.85
CA GLN E 392 14.91 -1.99 14.21
C GLN E 392 15.74 -3.24 14.49
N ASP E 393 15.10 -4.39 14.39
CA ASP E 393 15.80 -5.65 14.62
C ASP E 393 16.89 -5.85 13.56
N ILE E 394 17.91 -6.62 13.93
CA ILE E 394 19.02 -6.91 13.03
C ILE E 394 18.53 -7.72 11.84
N ASN E 395 17.52 -8.57 12.04
CA ASN E 395 17.01 -9.43 10.99
C ASN E 395 16.19 -8.69 9.94
N LYS E 396 15.88 -7.42 10.15
CA LYS E 396 15.06 -6.65 9.21
C LYS E 396 15.81 -5.42 8.74
N ILE E 397 15.85 -5.22 7.43
CA ILE E 397 16.47 -4.05 6.81
C ILE E 397 15.43 -3.40 5.91
N LEU E 398 14.86 -2.28 6.35
CA LEU E 398 13.93 -1.45 5.57
C LEU E 398 12.73 -2.26 5.11
N GLU E 399 12.05 -2.88 6.08
CA GLU E 399 10.88 -3.75 5.87
C GLU E 399 11.20 -4.98 5.04
N PHE E 400 12.48 -5.34 4.92
CA PHE E 400 12.90 -6.55 4.23
C PHE E 400 13.76 -7.38 5.18
N ASP E 401 13.63 -8.70 5.08
CA ASP E 401 14.44 -9.59 5.89
C ASP E 401 15.86 -9.65 5.36
N ASN E 402 16.77 -10.14 6.19
CA ASN E 402 18.17 -10.25 5.77
C ASN E 402 18.34 -11.31 4.69
N ASP E 403 17.56 -12.39 4.74
CA ASP E 403 17.69 -13.44 3.75
C ASP E 403 17.29 -12.95 2.37
N PHE E 404 16.19 -12.21 2.27
CA PHE E 404 15.75 -11.72 0.97
C PHE E 404 16.68 -10.65 0.42
N VAL E 405 17.16 -9.75 1.30
CA VAL E 405 18.12 -8.73 0.86
C VAL E 405 19.40 -9.40 0.39
N ALA E 406 19.89 -10.38 1.14
CA ALA E 406 21.07 -11.11 0.73
C ALA E 406 20.84 -11.87 -0.56
N GLU E 407 19.59 -12.26 -0.84
CA GLU E 407 19.30 -12.94 -2.11
C GLU E 407 19.32 -11.97 -3.27
N PHE E 408 18.54 -10.89 -3.21
CA PHE E 408 18.43 -10.02 -4.38
C PHE E 408 19.56 -9.01 -4.50
N CYS E 409 20.40 -8.86 -3.47
CA CYS E 409 21.64 -8.11 -3.63
C CYS E 409 22.81 -9.01 -4.01
N SER E 410 22.55 -10.29 -4.24
CA SER E 410 23.55 -11.21 -4.76
C SER E 410 23.18 -11.58 -6.19
N PRO E 411 23.77 -10.94 -7.18
CA PRO E 411 23.38 -11.18 -8.57
C PRO E 411 24.00 -12.48 -9.08
N GLU E 412 23.71 -12.78 -10.34
CA GLU E 412 24.32 -13.92 -11.02
C GLU E 412 25.73 -13.52 -11.46
N ARG E 413 26.40 -14.42 -12.18
CA ARG E 413 27.75 -14.12 -12.65
C ARG E 413 27.76 -13.04 -13.71
N GLU E 414 26.70 -12.96 -14.53
CA GLU E 414 26.66 -11.98 -15.60
C GLU E 414 26.42 -10.57 -15.08
N MET E 415 25.79 -10.42 -13.92
CA MET E 415 25.51 -9.11 -13.35
C MET E 415 26.47 -8.74 -12.23
N CYS E 416 27.56 -9.50 -12.06
CA CYS E 416 28.59 -9.19 -11.09
C CYS E 416 29.81 -8.63 -11.81
N ASN E 417 30.77 -8.14 -11.01
CA ASN E 417 31.97 -7.45 -11.48
C ASN E 417 31.62 -6.23 -12.34
N THR E 418 30.52 -5.57 -12.03
CA THR E 418 30.08 -4.36 -12.70
C THR E 418 29.13 -3.62 -11.77
N ARG E 419 28.52 -2.55 -12.26
CA ARG E 419 27.57 -1.80 -11.44
C ARG E 419 26.31 -2.62 -11.19
N PHE E 420 25.75 -2.45 -9.99
CA PHE E 420 24.53 -3.12 -9.57
C PHE E 420 23.51 -2.08 -9.13
N GLU E 421 23.21 -1.12 -10.01
CA GLU E 421 22.25 -0.08 -9.68
C GLU E 421 20.83 -0.64 -9.67
N PHE E 422 20.35 -1.03 -8.48
CA PHE E 422 19.04 -1.65 -8.32
C PHE E 422 18.14 -0.71 -7.53
N THR E 423 16.94 -0.46 -8.06
CA THR E 423 15.99 0.45 -7.43
C THR E 423 14.68 -0.27 -7.20
N VAL E 424 14.13 -0.16 -5.99
CA VAL E 424 12.90 -0.86 -5.66
C VAL E 424 11.74 0.13 -5.61
N ASP E 425 11.76 1.06 -4.65
CA ASP E 425 10.78 2.15 -4.60
C ASP E 425 11.40 3.24 -3.73
N ASN E 426 11.95 4.27 -4.39
CA ASN E 426 12.68 5.36 -3.73
C ASN E 426 13.83 4.81 -2.88
N PHE E 427 14.45 3.73 -3.36
CA PHE E 427 15.53 3.06 -2.62
C PHE E 427 16.47 2.45 -3.64
N CYS E 428 17.61 3.10 -3.85
CA CYS E 428 18.63 2.61 -4.79
C CYS E 428 19.63 1.78 -4.01
N PHE E 429 19.65 0.48 -4.31
CA PHE E 429 20.70 -0.41 -3.81
C PHE E 429 21.85 -0.38 -4.81
N LEU E 430 22.97 0.24 -4.44
CA LEU E 430 24.06 0.48 -5.36
C LEU E 430 25.35 -0.14 -4.85
N GLY E 431 26.09 -0.80 -5.72
CA GLY E 431 27.36 -1.36 -5.31
C GLY E 431 28.08 -1.97 -6.49
N LEU E 432 29.30 -2.42 -6.21
CA LEU E 432 30.14 -3.11 -7.19
C LEU E 432 30.43 -4.50 -6.61
N PRO E 433 29.60 -5.49 -6.91
CA PRO E 433 29.88 -6.85 -6.44
C PRO E 433 31.15 -7.39 -7.07
N ILE E 434 31.90 -8.15 -6.28
CA ILE E 434 33.13 -8.79 -6.76
C ILE E 434 32.91 -10.28 -6.67
N HIS E 435 33.02 -10.96 -7.81
CA HIS E 435 32.72 -12.38 -7.93
C HIS E 435 33.95 -13.11 -8.41
N VAL E 436 34.12 -14.35 -7.93
CA VAL E 436 35.26 -15.15 -8.33
C VAL E 436 35.12 -15.56 -9.79
N ASP E 437 36.25 -15.81 -10.45
CA ASP E 437 36.27 -16.16 -11.86
C ASP E 437 35.92 -17.65 -12.02
N SER E 438 36.19 -18.19 -13.21
CA SER E 438 35.95 -19.62 -13.44
C SER E 438 36.79 -20.49 -12.50
N GLN E 439 38.04 -20.10 -12.28
CA GLN E 439 38.88 -20.74 -11.28
C GLN E 439 38.55 -20.16 -9.90
N GLY E 440 39.42 -20.41 -8.93
CA GLY E 440 39.28 -19.81 -7.62
C GLY E 440 39.92 -18.45 -7.47
N ARG E 441 40.26 -17.79 -8.57
CA ARG E 441 41.00 -16.53 -8.51
C ARG E 441 40.07 -15.36 -8.30
N TRP E 442 40.39 -14.52 -7.31
CA TRP E 442 39.61 -13.32 -7.06
C TRP E 442 39.93 -12.22 -8.07
N ARG E 443 41.20 -12.10 -8.47
CA ARG E 443 41.59 -11.12 -9.46
C ARG E 443 42.80 -11.65 -10.23
N LYS E 444 43.01 -11.08 -11.41
CA LYS E 444 44.09 -11.52 -12.29
C LYS E 444 45.21 -10.49 -12.27
N SER E 445 46.43 -10.95 -12.05
CA SER E 445 47.59 -10.08 -12.02
C SER E 445 47.96 -9.61 -13.43
N GLU E 520 42.03 -21.41 14.56
CA GLU E 520 40.71 -21.50 13.95
C GLU E 520 40.80 -21.91 12.49
N ARG E 521 40.09 -22.98 12.13
CA ARG E 521 40.08 -23.50 10.77
C ARG E 521 38.79 -23.19 10.03
N GLU E 522 37.81 -22.53 10.68
CA GLU E 522 36.65 -22.05 9.96
C GLU E 522 37.00 -20.88 9.05
N LYS E 523 38.05 -20.14 9.39
CA LYS E 523 38.48 -19.00 8.57
C LYS E 523 38.95 -19.45 7.20
N GLU E 524 39.82 -20.46 7.15
CA GLU E 524 40.30 -20.98 5.88
C GLU E 524 39.18 -21.65 5.10
N ASP E 525 38.27 -22.32 5.80
CA ASP E 525 37.13 -22.96 5.14
C ASP E 525 36.22 -21.92 4.49
N LEU E 526 35.96 -20.81 5.17
CA LEU E 526 35.14 -19.77 4.58
C LEU E 526 35.89 -19.04 3.46
N GLY E 527 37.21 -18.93 3.57
CA GLY E 527 37.97 -18.33 2.49
C GLY E 527 37.96 -19.18 1.23
N LYS E 528 38.00 -20.50 1.39
CA LYS E 528 37.94 -21.40 0.25
C LYS E 528 36.51 -21.66 -0.22
N ASN E 529 35.51 -21.32 0.58
CA ASN E 529 34.12 -21.56 0.21
C ASN E 529 33.41 -20.33 -0.33
N MET E 530 33.85 -19.13 0.04
CA MET E 530 33.21 -17.92 -0.44
C MET E 530 33.51 -17.69 -1.91
N ASN E 531 32.52 -17.22 -2.65
CA ASN E 531 32.67 -16.94 -4.08
C ASN E 531 32.29 -15.53 -4.48
N MET E 532 31.70 -14.74 -3.59
CA MET E 532 31.30 -13.38 -3.93
C MET E 532 31.14 -12.58 -2.65
N PHE E 533 31.58 -11.33 -2.68
CA PHE E 533 31.29 -10.37 -1.62
C PHE E 533 30.83 -9.06 -2.23
N HIS E 534 29.91 -8.38 -1.56
CA HIS E 534 29.27 -7.20 -2.08
C HIS E 534 29.09 -6.17 -0.98
N VAL E 535 29.46 -4.93 -1.26
CA VAL E 535 29.30 -3.81 -0.35
C VAL E 535 28.20 -2.93 -0.94
N CYS E 536 27.00 -3.03 -0.38
CA CYS E 536 25.81 -2.41 -0.97
C CYS E 536 25.40 -1.18 -0.17
N PHE E 537 25.34 -0.04 -0.84
CA PHE E 537 24.92 1.21 -0.22
C PHE E 537 23.47 1.49 -0.59
N VAL E 538 22.66 1.80 0.42
CA VAL E 538 21.26 2.14 0.20
C VAL E 538 21.16 3.66 0.13
N MET E 539 20.60 4.16 -0.97
CA MET E 539 20.49 5.59 -1.21
C MET E 539 19.03 5.94 -1.45
N ASN E 540 18.67 7.18 -1.12
CA ASN E 540 17.34 7.71 -1.43
C ASN E 540 17.47 9.10 -2.05
N PRO E 541 18.01 9.19 -3.26
CA PRO E 541 18.06 10.50 -3.92
C PRO E 541 16.69 10.88 -4.45
N HIS E 542 16.48 12.18 -4.59
CA HIS E 542 15.24 12.65 -5.18
C HIS E 542 15.21 12.30 -6.67
N LEU E 543 14.00 12.28 -7.22
CA LEU E 543 13.81 11.86 -8.61
C LEU E 543 14.46 12.80 -9.61
N ILE E 544 14.71 14.05 -9.23
CA ILE E 544 15.34 15.00 -10.13
C ILE E 544 16.85 14.96 -10.07
N GLU E 545 17.44 14.35 -9.04
CA GLU E 545 18.88 14.31 -8.86
C GLU E 545 19.42 12.89 -8.75
N TYR E 546 18.70 11.92 -9.30
CA TYR E 546 19.15 10.53 -9.25
C TYR E 546 20.45 10.33 -10.00
N ASN E 547 20.49 10.78 -11.25
CA ASN E 547 21.63 10.54 -12.14
C ASN E 547 22.89 11.30 -11.71
N LYS E 548 22.78 12.26 -10.79
CA LYS E 548 23.96 12.93 -10.28
C LYS E 548 24.46 12.27 -9.00
N ARG E 549 23.58 12.09 -8.01
CA ARG E 549 23.98 11.52 -6.73
C ARG E 549 24.48 10.09 -6.89
N ILE E 550 23.75 9.26 -7.64
CA ILE E 550 24.16 7.86 -7.79
C ILE E 550 25.48 7.78 -8.54
N ASP E 551 25.64 8.61 -9.58
CA ASP E 551 26.88 8.59 -10.35
C ASP E 551 28.08 9.05 -9.54
N ASP E 552 27.93 10.12 -8.75
CA ASP E 552 29.07 10.57 -7.97
C ASP E 552 29.40 9.62 -6.83
N MET E 553 28.37 9.01 -6.22
CA MET E 553 28.61 8.03 -5.17
C MET E 553 29.33 6.80 -5.71
N TYR E 554 28.94 6.35 -6.91
CA TYR E 554 29.63 5.21 -7.50
C TYR E 554 31.04 5.58 -7.95
N GLN E 555 31.24 6.81 -8.44
CA GLN E 555 32.53 7.18 -8.97
C GLN E 555 33.56 7.46 -7.87
N PHE E 556 33.12 8.03 -6.76
CA PHE E 556 34.04 8.50 -5.74
C PHE E 556 34.17 7.60 -4.53
N VAL E 557 33.15 6.80 -4.20
CA VAL E 557 33.17 6.02 -2.97
C VAL E 557 33.19 4.52 -3.24
N VAL E 558 32.19 4.03 -3.98
CA VAL E 558 31.95 2.60 -4.07
C VAL E 558 33.05 1.91 -4.88
N THR E 559 33.45 2.51 -6.01
CA THR E 559 34.36 1.85 -6.93
C THR E 559 35.73 1.62 -6.29
N ARG E 560 36.32 2.67 -5.73
CA ARG E 560 37.65 2.56 -5.13
C ARG E 560 37.64 1.65 -3.91
N LEU E 561 36.62 1.76 -3.07
CA LEU E 561 36.52 0.92 -1.88
C LEU E 561 36.39 -0.55 -2.25
N SER E 562 35.52 -0.86 -3.22
CA SER E 562 35.35 -2.25 -3.62
C SER E 562 36.57 -2.80 -4.34
N LEU E 563 37.26 -1.98 -5.12
CA LEU E 563 38.48 -2.45 -5.78
C LEU E 563 39.60 -2.72 -4.78
N LEU E 564 39.74 -1.86 -3.77
CA LEU E 564 40.72 -2.10 -2.71
C LEU E 564 40.36 -3.35 -1.92
N LEU E 565 39.07 -3.56 -1.65
CA LEU E 565 38.65 -4.76 -0.94
C LEU E 565 38.93 -6.01 -1.76
N ARG E 566 38.69 -5.96 -3.07
CA ARG E 566 39.00 -7.08 -3.93
C ARG E 566 40.50 -7.37 -3.94
N TYR E 567 41.33 -6.33 -3.98
CA TYR E 567 42.78 -6.52 -3.99
C TYR E 567 43.26 -7.14 -2.69
N VAL E 568 42.76 -6.64 -1.55
CA VAL E 568 43.22 -7.17 -0.27
C VAL E 568 42.69 -8.58 -0.05
N GLN E 569 41.51 -8.90 -0.59
CA GLN E 569 41.04 -10.29 -0.53
C GLN E 569 41.88 -11.19 -1.43
N SER E 570 42.34 -10.68 -2.56
CA SER E 570 43.14 -11.48 -3.48
C SER E 570 44.50 -11.81 -2.89
N LYS E 571 45.16 -10.83 -2.26
CA LYS E 571 46.50 -11.10 -1.75
C LYS E 571 46.46 -11.89 -0.43
N THR E 572 45.88 -11.31 0.61
CA THR E 572 45.82 -11.96 1.92
C THR E 572 44.40 -11.85 2.44
N SER E 573 43.69 -12.99 2.47
CA SER E 573 42.24 -13.05 2.67
C SER E 573 41.76 -12.29 3.89
N TYR E 574 41.00 -11.23 3.66
CA TYR E 574 40.63 -10.26 4.69
C TYR E 574 39.13 -10.22 4.92
N ILE E 575 38.33 -10.15 3.84
CA ILE E 575 36.88 -10.17 3.99
C ILE E 575 36.42 -11.52 4.53
N SER E 576 37.11 -12.60 4.14
CA SER E 576 36.85 -13.90 4.74
C SER E 576 37.11 -13.88 6.24
N SER E 577 38.28 -13.39 6.64
CA SER E 577 38.65 -13.34 8.06
C SER E 577 37.76 -12.37 8.82
N GLU E 578 37.50 -11.19 8.26
CA GLU E 578 36.66 -10.21 8.95
C GLU E 578 35.22 -10.70 9.08
N CYS E 579 34.69 -11.32 8.04
CA CYS E 579 33.34 -11.86 8.12
C CYS E 579 33.28 -13.00 9.14
N HIS E 580 34.33 -13.84 9.18
CA HIS E 580 34.36 -14.93 10.14
C HIS E 580 34.40 -14.41 11.57
N ILE E 581 35.20 -13.38 11.84
CA ILE E 581 35.26 -12.87 13.21
C ILE E 581 33.99 -12.10 13.56
N ILE E 582 33.34 -11.46 12.59
CA ILE E 582 32.05 -10.81 12.85
C ILE E 582 30.99 -11.84 13.23
N LEU E 583 30.91 -12.93 12.47
CA LEU E 583 29.93 -13.97 12.77
C LEU E 583 30.23 -14.67 14.09
N LYS E 584 31.52 -14.90 14.37
CA LYS E 584 31.90 -15.51 15.64
C LYS E 584 31.57 -14.60 16.82
N GLU E 585 31.79 -13.30 16.67
CA GLU E 585 31.46 -12.37 17.76
C GLU E 585 29.95 -12.26 17.96
N LYS E 586 29.18 -12.31 16.87
CA LYS E 586 27.73 -12.34 17.00
C LYS E 586 27.27 -13.59 17.73
N GLU E 587 27.88 -14.74 17.41
CA GLU E 587 27.55 -15.98 18.11
C GLU E 587 27.92 -15.90 19.58
N ARG E 588 29.08 -15.32 19.89
CA ARG E 588 29.52 -15.21 21.28
C ARG E 588 28.72 -14.18 22.07
N VAL E 589 28.10 -13.21 21.40
CA VAL E 589 27.29 -12.21 22.09
C VAL E 589 25.86 -12.71 22.30
N LEU E 590 25.28 -13.36 21.28
CA LEU E 590 23.88 -13.76 21.39
C LEU E 590 23.71 -14.98 22.28
N LYS E 591 24.67 -15.91 22.24
CA LYS E 591 24.54 -17.16 22.99
C LYS E 591 25.37 -17.19 24.27
N HIS E 592 26.33 -16.28 24.42
CA HIS E 592 27.19 -16.23 25.60
C HIS E 592 27.32 -14.77 26.04
N SER E 593 28.30 -14.47 26.88
CA SER E 593 28.60 -13.11 27.34
C SER E 593 27.39 -12.50 28.06
N LYS E 594 27.14 -13.06 29.25
CA LYS E 594 25.96 -12.78 30.08
C LYS E 594 25.75 -11.30 30.41
N THR E 595 26.75 -10.45 30.15
CA THR E 595 26.54 -9.01 30.24
C THR E 595 25.49 -8.54 29.24
N TYR E 596 25.43 -9.17 28.07
CA TYR E 596 24.43 -8.80 27.06
C TYR E 596 23.01 -9.09 27.54
N GLN E 597 22.82 -10.20 28.25
CA GLN E 597 21.49 -10.58 28.70
C GLN E 597 20.94 -9.60 29.74
N SER E 598 21.81 -9.10 30.62
CA SER E 598 21.36 -8.18 31.67
C SER E 598 21.00 -6.80 31.15
N ILE E 599 21.37 -6.47 29.91
CA ILE E 599 21.08 -5.14 29.38
C ILE E 599 19.61 -5.04 29.02
N ARG E 600 18.94 -4.01 29.53
CA ARG E 600 17.53 -3.79 29.31
C ARG E 600 17.34 -2.83 28.15
N GLY E 601 16.44 -3.19 27.23
CA GLY E 601 16.19 -2.38 26.06
C GLY E 601 16.78 -2.98 24.80
N ALA E 602 15.98 -3.01 23.72
CA ALA E 602 16.46 -3.57 22.46
C ALA E 602 17.54 -2.68 21.84
N GLY E 603 17.38 -1.36 21.95
CA GLY E 603 18.35 -0.45 21.38
C GLY E 603 19.70 -0.53 22.06
N ASN E 604 19.70 -0.61 23.39
CA ASN E 604 20.96 -0.74 24.12
C ASN E 604 21.60 -2.10 23.88
N LYS E 605 20.79 -3.15 23.71
CA LYS E 605 21.31 -4.46 23.35
C LYS E 605 22.00 -4.41 21.99
N GLY E 606 21.37 -3.75 21.01
CA GLY E 606 22.00 -3.60 19.72
C GLY E 606 23.25 -2.75 19.77
N LYS E 607 23.24 -1.72 20.62
CA LYS E 607 24.42 -0.88 20.78
C LYS E 607 25.59 -1.68 21.35
N TYR E 608 25.31 -2.52 22.34
CA TYR E 608 26.36 -3.37 22.90
C TYR E 608 26.87 -4.38 21.88
N LEU E 609 25.96 -4.97 21.09
CA LEU E 609 26.37 -5.93 20.07
C LEU E 609 27.25 -5.27 19.01
N TYR E 610 26.84 -4.08 18.54
CA TYR E 610 27.63 -3.37 17.56
C TYR E 610 28.97 -2.90 18.13
N GLN E 611 29.00 -2.53 19.41
CA GLN E 611 30.24 -2.14 20.04
C GLN E 611 31.21 -3.31 20.13
N ARG E 612 30.73 -4.50 20.50
CA ARG E 612 31.59 -5.66 20.54
C ARG E 612 32.06 -6.07 19.14
N ILE E 613 31.17 -5.96 18.15
CA ILE E 613 31.55 -6.27 16.77
C ILE E 613 32.65 -5.32 16.28
N LEU E 614 32.46 -4.02 16.53
CA LEU E 614 33.45 -3.04 16.09
C LEU E 614 34.75 -3.14 16.89
N ALA E 615 34.68 -3.63 18.13
CA ALA E 615 35.89 -3.82 18.92
C ALA E 615 36.67 -5.03 18.43
N LYS E 616 35.97 -6.07 17.95
CA LYS E 616 36.66 -7.25 17.46
C LYS E 616 37.04 -7.14 15.98
N SER E 617 36.16 -6.57 15.16
CA SER E 617 36.38 -6.52 13.72
C SER E 617 37.12 -5.25 13.31
N SER E 618 37.63 -5.27 12.09
CA SER E 618 38.27 -4.11 11.48
C SER E 618 37.54 -3.58 10.26
N LEU E 619 36.91 -4.45 9.46
CA LEU E 619 36.12 -3.99 8.33
C LEU E 619 34.84 -3.30 8.77
N ALA E 620 34.28 -3.73 9.91
CA ALA E 620 33.06 -3.11 10.43
C ALA E 620 33.30 -1.66 10.80
N ARG E 621 34.45 -1.37 11.40
CA ARG E 621 34.81 0.01 11.72
C ARG E 621 34.97 0.85 10.45
N ALA E 622 35.55 0.25 9.41
CA ALA E 622 35.74 0.97 8.15
C ALA E 622 34.40 1.32 7.51
N LEU E 623 33.48 0.34 7.46
CA LEU E 623 32.16 0.61 6.87
C LEU E 623 31.37 1.61 7.69
N THR E 624 31.46 1.51 9.03
CA THR E 624 30.77 2.45 9.90
C THR E 624 31.30 3.87 9.72
N GLU E 625 32.62 4.02 9.64
CA GLU E 625 33.21 5.34 9.43
C GLU E 625 32.83 5.90 8.06
N CYS E 626 32.81 5.04 7.04
CA CYS E 626 32.42 5.49 5.70
C CYS E 626 30.99 6.00 5.67
N VAL E 627 30.06 5.26 6.30
CA VAL E 627 28.67 5.70 6.34
C VAL E 627 28.52 6.98 7.15
N ASP E 628 29.19 7.05 8.31
CA ASP E 628 29.02 8.20 9.19
C ASP E 628 29.67 9.46 8.64
N LYS E 629 30.71 9.34 7.82
CA LYS E 629 31.40 10.51 7.31
C LYS E 629 30.94 10.93 5.92
N ILE E 630 30.49 10.00 5.08
CA ILE E 630 29.90 10.40 3.81
C ILE E 630 28.56 11.10 4.04
N GLN E 631 27.80 10.65 5.04
CA GLN E 631 26.58 11.34 5.42
C GLN E 631 26.85 12.74 5.93
N ARG E 632 27.94 12.93 6.66
CA ARG E 632 28.32 14.23 7.21
C ARG E 632 29.02 15.12 6.20
N ASN E 633 29.20 14.63 4.97
CA ASN E 633 29.93 15.33 3.89
C ASN E 633 31.36 15.65 4.32
N GLU E 634 32.04 14.66 4.88
CA GLU E 634 33.41 14.80 5.34
C GLU E 634 34.30 13.78 4.65
N ILE E 635 35.60 13.98 4.77
CA ILE E 635 36.58 13.03 4.23
C ILE E 635 36.67 11.86 5.19
N ALA E 636 36.42 10.66 4.68
CA ALA E 636 36.45 9.44 5.48
C ALA E 636 37.76 8.72 5.25
N CYS E 637 38.58 8.61 6.30
CA CYS E 637 39.82 7.85 6.25
C CYS E 637 39.57 6.50 6.88
N LEU E 638 39.74 5.44 6.10
CA LEU E 638 39.43 4.09 6.53
C LEU E 638 40.72 3.27 6.61
N GLU E 639 40.90 2.60 7.75
CA GLU E 639 42.02 1.69 7.97
C GLU E 639 41.62 0.32 7.45
N ILE E 640 42.40 -0.23 6.52
CA ILE E 640 42.12 -1.53 5.93
C ILE E 640 43.39 -2.37 6.02
N ASN E 641 43.25 -3.59 6.56
CA ASN E 641 44.30 -4.60 6.69
C ASN E 641 45.43 -4.17 7.60
N ASP E 642 45.22 -3.13 8.42
CA ASP E 642 46.21 -2.55 9.34
C ASP E 642 47.49 -2.11 8.63
N ASP E 643 47.44 -1.97 7.31
CA ASP E 643 48.58 -1.53 6.51
C ASP E 643 48.22 -0.50 5.46
N LYS E 644 46.94 -0.38 5.08
CA LYS E 644 46.53 0.56 4.05
C LYS E 644 45.48 1.50 4.61
N VAL E 645 45.43 2.71 4.06
CA VAL E 645 44.39 3.68 4.37
C VAL E 645 43.77 4.14 3.06
N ILE E 646 42.45 4.29 3.07
CA ILE E 646 41.74 4.80 1.90
C ILE E 646 40.96 6.05 2.32
N SER E 647 41.16 7.14 1.60
CA SER E 647 40.47 8.39 1.85
C SER E 647 39.38 8.56 0.81
N LEU E 648 38.12 8.63 1.27
CA LEU E 648 36.97 8.72 0.39
C LEU E 648 36.22 10.01 0.68
N GLN E 649 35.87 10.73 -0.38
CA GLN E 649 35.07 11.94 -0.24
C GLN E 649 34.21 12.12 -1.48
N ILE E 650 33.16 12.91 -1.33
CA ILE E 650 32.36 13.43 -2.42
C ILE E 650 32.66 14.92 -2.55
N PRO E 651 33.09 15.40 -3.72
CA PRO E 651 33.55 16.79 -3.83
C PRO E 651 32.43 17.79 -3.57
N ILE E 652 32.80 18.91 -2.97
CA ILE E 652 31.89 19.97 -2.59
C ILE E 652 32.10 21.15 -3.52
N GLN E 653 31.04 21.62 -4.15
CA GLN E 653 31.09 22.77 -5.05
C GLN E 653 30.92 24.04 -4.22
N ASN E 654 32.05 24.60 -3.78
CA ASN E 654 32.07 25.86 -3.05
C ASN E 654 32.86 26.94 -3.76
N GLU E 655 33.19 26.73 -5.03
CA GLU E 655 33.88 27.71 -5.85
C GLU E 655 32.96 28.14 -6.98
N PHE E 656 32.87 29.44 -7.20
CA PHE E 656 31.97 29.97 -8.22
C PHE E 656 32.61 31.17 -8.90
N GLU E 657 32.19 31.42 -10.12
CA GLU E 657 32.69 32.50 -10.96
C GLU E 657 31.59 33.40 -11.49
N LYS E 658 30.41 32.84 -11.77
CA LYS E 658 29.34 33.57 -12.44
C LYS E 658 28.32 34.16 -11.48
N MET E 659 28.57 34.06 -10.17
CA MET E 659 27.67 34.55 -9.11
C MET E 659 26.30 33.91 -9.24
N PRO E 660 26.15 32.65 -8.84
CA PRO E 660 24.86 31.97 -8.99
C PRO E 660 23.77 32.68 -8.19
N ASN E 661 22.56 32.66 -8.74
CA ASN E 661 21.42 33.35 -8.14
C ASN E 661 21.01 32.60 -6.88
N PHE E 662 21.53 33.04 -5.74
CA PHE E 662 21.28 32.35 -4.48
C PHE E 662 19.84 32.50 -4.01
N LYS E 663 19.09 33.44 -4.59
CA LYS E 663 17.67 33.53 -4.28
C LYS E 663 16.89 32.35 -4.84
N LEU E 664 17.30 31.83 -5.99
CA LEU E 664 16.60 30.74 -6.65
C LEU E 664 17.34 29.42 -6.52
N GLN E 665 18.60 29.34 -6.94
CA GLN E 665 19.39 28.15 -6.70
C GLN E 665 20.32 28.38 -5.52
N PRO E 666 20.13 27.68 -4.41
CA PRO E 666 20.92 27.98 -3.20
C PRO E 666 22.39 27.62 -3.38
N VAL E 667 23.22 28.39 -2.67
CA VAL E 667 24.67 28.26 -2.70
C VAL E 667 25.14 28.16 -1.26
N LEU E 668 26.14 27.31 -1.02
CA LEU E 668 26.77 27.23 0.29
C LEU E 668 27.28 28.61 0.72
N ARG E 669 26.91 29.03 1.91
CA ARG E 669 27.32 30.33 2.42
C ARG E 669 28.82 30.34 2.66
N GLY E 670 29.47 31.43 2.23
CA GLY E 670 30.91 31.47 2.28
C GLY E 670 31.58 30.80 1.11
N SER E 671 30.87 30.58 0.02
CA SER E 671 31.48 30.02 -1.17
C SER E 671 32.45 31.02 -1.79
N TYR E 672 33.57 30.52 -2.28
CA TYR E 672 34.65 31.37 -2.78
C TYR E 672 34.26 31.88 -4.16
N LEU E 673 33.74 33.11 -4.21
CA LEU E 673 33.31 33.73 -5.46
C LEU E 673 34.49 34.47 -6.07
N THR E 674 35.37 33.71 -6.70
CA THR E 674 36.57 34.26 -7.32
C THR E 674 36.71 33.72 -8.73
N SER E 675 37.31 34.54 -9.61
CA SER E 675 37.60 34.11 -10.97
C SER E 675 38.84 33.24 -11.04
N ILE E 676 39.56 33.09 -9.94
CA ILE E 676 40.66 32.13 -9.83
C ILE E 676 40.12 30.93 -9.09
N LEU E 677 40.02 29.80 -9.78
CA LEU E 677 39.37 28.61 -9.26
C LEU E 677 40.38 27.47 -9.13
N ASN E 678 40.23 26.69 -8.07
CA ASN E 678 41.08 25.50 -7.90
C ASN E 678 40.79 24.46 -8.96
N MET E 679 39.51 24.30 -9.34
CA MET E 679 39.10 23.20 -10.20
C MET E 679 39.66 23.32 -11.62
N LYS E 680 40.02 24.52 -12.06
CA LYS E 680 40.63 24.68 -13.36
C LYS E 680 42.03 24.09 -13.43
N PHE E 681 42.68 23.86 -12.29
CA PHE E 681 43.98 23.20 -12.26
C PHE E 681 43.86 21.70 -12.15
N LEU E 682 42.87 21.20 -11.41
CA LEU E 682 42.60 19.76 -11.40
C LEU E 682 42.15 19.28 -12.78
N GLU E 683 41.34 20.08 -13.48
CA GLU E 683 40.90 19.69 -14.81
C GLU E 683 42.04 19.80 -15.83
N LYS E 684 42.98 20.72 -15.63
CA LYS E 684 44.16 20.74 -16.48
C LYS E 684 45.19 19.70 -16.10
N SER E 685 45.04 19.06 -14.93
CA SER E 685 45.92 17.99 -14.52
C SER E 685 45.65 16.67 -15.23
N SER E 686 44.57 16.60 -16.02
CA SER E 686 44.23 15.38 -16.76
C SER E 686 45.25 15.11 -17.86
N ASN E 741 50.71 27.81 -20.90
CA ASN E 741 49.49 28.32 -20.28
C ASN E 741 49.82 28.98 -18.94
N ASP E 742 49.05 28.64 -17.90
CA ASP E 742 49.24 29.17 -16.56
C ASP E 742 49.86 28.12 -15.68
N ASP E 743 50.89 28.50 -14.94
CA ASP E 743 51.61 27.58 -14.05
C ASP E 743 51.08 27.75 -12.63
N LEU E 744 50.96 26.62 -11.93
CA LEU E 744 50.41 26.63 -10.58
C LEU E 744 51.40 27.18 -9.57
N LEU E 745 52.70 27.17 -9.88
CA LEU E 745 53.71 27.66 -8.95
C LEU E 745 53.60 29.17 -8.75
N ASN E 746 52.98 29.88 -9.69
CA ASN E 746 52.84 31.33 -9.58
C ASN E 746 51.92 31.74 -8.45
N TYR E 747 51.04 30.84 -8.00
CA TYR E 747 50.04 31.15 -7.01
C TYR E 747 50.47 30.63 -5.64
N ALA E 748 49.80 31.12 -4.60
CA ALA E 748 50.14 30.81 -3.22
C ALA E 748 49.01 30.05 -2.56
N LEU E 749 49.36 29.11 -1.68
CA LEU E 749 48.36 28.30 -1.00
C LEU E 749 47.94 28.97 0.30
N LEU E 750 46.63 29.03 0.53
CA LEU E 750 46.06 29.59 1.74
C LEU E 750 45.39 28.45 2.52
N LEU E 751 45.89 28.18 3.71
CA LEU E 751 45.39 27.07 4.50
C LEU E 751 44.00 27.37 5.03
N LEU E 752 43.10 26.40 4.90
CA LEU E 752 41.73 26.54 5.35
C LEU E 752 41.56 26.22 6.83
N ASP E 753 42.65 25.86 7.52
CA ASP E 753 42.62 25.60 8.95
C ASP E 753 43.98 25.95 9.53
N GLU E 754 44.10 25.86 10.85
CA GLU E 754 45.38 26.07 11.50
C GLU E 754 46.34 24.94 11.12
N PRO E 755 47.64 25.23 11.00
CA PRO E 755 48.59 24.22 10.53
C PRO E 755 48.69 22.99 11.42
N ASN E 756 48.54 23.14 12.74
CA ASN E 756 48.60 21.97 13.62
C ASN E 756 47.41 21.04 13.39
N ASN E 757 46.23 21.60 13.17
CA ASN E 757 45.07 20.77 12.82
C ASN E 757 45.24 20.11 11.46
N ILE E 758 45.88 20.80 10.52
CA ILE E 758 46.16 20.19 9.22
C ILE E 758 47.14 19.02 9.38
N ILE E 759 48.13 19.16 10.25
CA ILE E 759 49.06 18.07 10.51
C ILE E 759 48.35 16.91 11.19
N SER E 760 47.44 17.20 12.13
CA SER E 760 46.68 16.14 12.79
C SER E 760 45.79 15.40 11.80
N SER E 761 45.18 16.13 10.85
CA SER E 761 44.39 15.48 9.81
C SER E 761 45.26 14.71 8.83
N LEU E 762 46.48 15.19 8.58
CA LEU E 762 47.40 14.53 7.66
C LEU E 762 48.08 13.32 8.28
N GLU E 763 48.00 13.17 9.59
CA GLU E 763 48.47 11.95 10.26
C GLU E 763 47.53 10.77 10.06
N THR E 764 46.36 10.99 9.47
CA THR E 764 45.41 9.92 9.18
C THR E 764 45.43 9.51 7.72
N PHE E 765 46.25 10.13 6.89
CA PHE E 765 46.33 9.79 5.46
C PHE E 765 47.39 8.74 5.16
N SER E 766 48.12 8.27 6.17
CA SER E 766 49.11 7.22 5.99
C SER E 766 49.30 6.50 7.31
N TYR E 767 49.27 5.16 7.27
CA TYR E 767 49.44 4.37 8.49
C TYR E 767 50.84 4.55 9.07
N GLN E 768 51.86 4.59 8.20
CA GLN E 768 53.22 4.88 8.61
C GLN E 768 53.72 6.10 7.84
N ASP E 769 54.71 6.77 8.42
CA ASP E 769 55.22 8.00 7.83
C ASP E 769 56.05 7.72 6.58
N ASP E 770 55.41 7.78 5.41
CA ASP E 770 56.11 7.62 4.15
C ASP E 770 56.74 8.96 3.76
N ILE E 771 57.29 9.03 2.55
CA ILE E 771 57.92 10.27 2.11
C ILE E 771 56.86 11.31 1.75
N GLY E 772 55.63 10.86 1.46
CA GLY E 772 54.58 11.81 1.12
C GLY E 772 54.16 12.67 2.30
N THR E 773 53.92 12.03 3.45
CA THR E 773 53.49 12.74 4.64
C THR E 773 54.65 13.36 5.41
N ILE E 774 55.88 13.22 4.92
CA ILE E 774 56.99 14.01 5.42
C ILE E 774 57.11 15.33 4.66
N ILE E 775 57.12 15.24 3.33
CA ILE E 775 57.19 16.43 2.49
C ILE E 775 55.96 17.29 2.68
N LEU E 776 54.77 16.66 2.74
CA LEU E 776 53.53 17.41 2.91
C LEU E 776 53.47 18.10 4.28
N LYS E 777 53.89 17.40 5.34
CA LYS E 777 53.91 17.99 6.67
C LYS E 777 54.89 19.14 6.77
N HIS E 778 56.09 18.98 6.19
CA HIS E 778 57.08 20.04 6.25
C HIS E 778 56.66 21.24 5.40
N LEU E 779 55.92 20.99 4.31
CA LEU E 779 55.41 22.09 3.50
C LEU E 779 54.30 22.84 4.23
N VAL E 780 53.43 22.12 4.93
CA VAL E 780 52.36 22.76 5.69
C VAL E 780 52.93 23.59 6.84
N ARG E 781 53.95 23.06 7.52
CA ARG E 781 54.56 23.78 8.64
C ARG E 781 55.29 25.05 8.20
N ASN E 782 55.68 25.15 6.93
CA ASN E 782 56.51 26.25 6.44
C ASN E 782 55.90 26.88 5.21
N ILE E 783 54.62 27.21 5.26
CA ILE E 783 53.93 27.87 4.16
C ILE E 783 53.30 29.15 4.67
N GLN E 784 53.12 30.12 3.76
CA GLN E 784 52.53 31.40 4.06
C GLN E 784 51.81 31.89 2.83
N PRO E 785 50.63 32.52 2.96
CA PRO E 785 49.86 32.98 1.81
C PRO E 785 50.25 34.37 1.31
N ASN E 786 51.55 34.64 1.29
CA ASN E 786 52.04 35.91 0.77
C ASN E 786 53.28 35.74 -0.10
N ILE E 787 53.67 34.52 -0.41
CA ILE E 787 54.85 34.26 -1.22
C ILE E 787 54.47 33.23 -2.29
N PRO E 788 54.97 33.36 -3.52
CA PRO E 788 54.68 32.35 -4.54
C PRO E 788 55.28 31.00 -4.20
N LEU E 789 54.66 29.95 -4.73
CA LEU E 789 55.12 28.60 -4.48
C LEU E 789 56.47 28.31 -5.13
N ARG E 790 56.86 29.09 -6.14
CA ARG E 790 58.20 28.97 -6.73
C ARG E 790 59.28 29.17 -5.68
N SER E 791 59.04 30.04 -4.71
CA SER E 791 59.99 30.28 -3.63
C SER E 791 60.01 29.16 -2.59
N TYR E 792 59.11 28.18 -2.67
CA TYR E 792 59.09 27.08 -1.73
C TYR E 792 59.71 25.81 -2.31
N ARG E 793 60.58 25.94 -3.30
CA ARG E 793 61.35 24.80 -3.77
C ARG E 793 62.39 24.36 -2.75
N TYR E 794 62.93 25.29 -1.96
CA TYR E 794 64.03 24.97 -1.07
C TYR E 794 63.62 23.97 0.00
N LEU E 795 62.36 24.00 0.44
CA LEU E 795 61.87 23.00 1.39
C LEU E 795 61.96 21.60 0.79
N ILE E 796 61.69 21.47 -0.51
CA ILE E 796 61.93 20.20 -1.18
C ILE E 796 63.44 19.96 -1.32
N THR E 797 64.21 21.04 -1.58
CA THR E 797 65.63 20.89 -1.88
C THR E 797 66.41 20.32 -0.70
N ASP E 798 66.11 20.79 0.51
CA ASP E 798 66.83 20.29 1.68
C ASP E 798 66.36 18.90 2.08
N LEU E 799 65.10 18.57 1.82
CA LEU E 799 64.52 17.30 2.25
C LEU E 799 64.65 16.19 1.23
N LEU E 800 65.36 16.42 0.12
CA LEU E 800 65.58 15.37 -0.87
C LEU E 800 66.96 15.54 -1.48
N ASP E 801 67.60 14.41 -1.77
CA ASP E 801 68.95 14.42 -2.31
C ASP E 801 68.98 13.76 -3.69
N THR E 813 61.82 25.27 -12.92
CA THR E 813 61.93 24.71 -14.27
C THR E 813 61.12 23.42 -14.39
N ASN E 814 61.74 22.40 -14.97
CA ASN E 814 61.12 21.09 -15.11
C ASN E 814 61.74 20.08 -14.14
N SER E 815 62.28 20.56 -13.04
CA SER E 815 62.93 19.69 -12.08
C SER E 815 61.91 18.86 -11.31
N LEU E 816 62.40 17.78 -10.70
CA LEU E 816 61.53 16.92 -9.90
C LEU E 816 61.03 17.61 -8.64
N GLU E 817 61.75 18.63 -8.15
CA GLU E 817 61.28 19.40 -7.01
C GLU E 817 59.99 20.14 -7.34
N SER E 818 59.94 20.75 -8.53
CA SER E 818 58.72 21.44 -8.95
C SER E 818 57.56 20.48 -9.13
N SER E 819 57.82 19.30 -9.69
CA SER E 819 56.77 18.30 -9.86
C SER E 819 56.26 17.80 -8.51
N ILE E 820 57.17 17.59 -7.56
CA ILE E 820 56.78 17.15 -6.22
C ILE E 820 55.95 18.23 -5.54
N LEU E 821 56.34 19.49 -5.70
CA LEU E 821 55.59 20.59 -5.11
C LEU E 821 54.22 20.75 -5.76
N ARG E 822 54.13 20.53 -7.07
CA ARG E 822 52.84 20.53 -7.76
C ARG E 822 51.93 19.43 -7.23
N SER E 823 52.48 18.23 -7.05
CA SER E 823 51.68 17.11 -6.53
C SER E 823 51.22 17.39 -5.10
N CYS E 824 52.10 17.97 -4.28
CA CYS E 824 51.72 18.30 -2.91
C CYS E 824 50.66 19.39 -2.86
N ALA E 825 50.77 20.39 -3.74
CA ALA E 825 49.76 21.43 -3.78
C ALA E 825 48.41 20.90 -4.26
N LEU E 826 48.42 20.03 -5.26
CA LEU E 826 47.19 19.38 -5.72
C LEU E 826 46.57 18.54 -4.60
N HIS E 827 47.40 17.81 -3.87
CA HIS E 827 46.91 16.99 -2.76
C HIS E 827 46.32 17.85 -1.66
N LEU E 828 46.93 19.00 -1.37
CA LEU E 828 46.42 19.86 -0.32
C LEU E 828 45.12 20.53 -0.73
N MET E 829 45.03 20.99 -1.99
CA MET E 829 43.84 21.71 -2.42
C MET E 829 42.72 20.80 -2.88
N TYR E 830 42.96 19.49 -2.99
CA TYR E 830 41.89 18.57 -3.32
C TYR E 830 41.16 18.06 -2.08
N TRP E 831 41.88 17.85 -0.98
CA TRP E 831 41.31 17.25 0.22
C TRP E 831 40.85 18.29 1.24
N ARG E 832 40.44 19.47 0.78
CA ARG E 832 39.86 20.54 1.62
C ARG E 832 40.84 20.98 2.71
N HIS E 833 42.02 21.39 2.28
CA HIS E 833 43.01 21.83 3.26
C HIS E 833 43.59 23.21 2.96
N ALA E 834 43.80 23.56 1.69
CA ALA E 834 44.46 24.81 1.35
C ALA E 834 44.01 25.25 -0.05
N ARG E 835 43.18 26.28 -0.09
CA ARG E 835 42.73 26.82 -1.37
C ARG E 835 43.84 27.67 -2.00
N ILE E 836 44.04 27.56 -3.30
CA ILE E 836 45.09 28.35 -3.93
C ILE E 836 44.52 29.71 -4.32
N VAL E 837 45.32 30.75 -4.12
CA VAL E 837 44.94 32.14 -4.33
C VAL E 837 46.12 32.88 -4.95
N ILE E 838 45.90 34.14 -5.29
CA ILE E 838 46.93 35.06 -5.76
C ILE E 838 47.83 35.34 -4.55
N PRO E 839 49.14 35.59 -4.73
CA PRO E 839 50.00 35.89 -3.59
C PRO E 839 49.68 37.22 -2.93
N LEU E 840 48.78 37.17 -1.95
CA LEU E 840 48.22 38.35 -1.29
C LEU E 840 49.28 39.34 -0.83
N SER E 841 49.04 40.61 -1.13
CA SER E 841 49.91 41.70 -0.72
C SER E 841 49.03 42.84 -0.23
N SER E 842 49.67 43.91 0.24
CA SER E 842 48.94 45.07 0.70
C SER E 842 48.61 46.04 -0.42
N LYS E 843 49.01 45.73 -1.66
CA LYS E 843 48.80 46.61 -2.79
C LYS E 843 47.57 46.25 -3.60
N TYR E 844 46.85 45.18 -3.26
CA TYR E 844 45.69 44.75 -4.00
C TYR E 844 44.42 45.36 -3.42
N THR E 845 43.35 45.30 -4.21
CA THR E 845 42.05 45.82 -3.82
C THR E 845 41.15 44.68 -3.40
N TYR E 846 40.62 44.77 -2.18
CA TYR E 846 39.82 43.71 -1.59
C TYR E 846 38.46 44.25 -1.20
N ILE E 847 37.40 43.56 -1.61
CA ILE E 847 36.03 43.97 -1.32
C ILE E 847 35.33 42.85 -0.58
N VAL E 848 34.14 43.15 -0.08
CA VAL E 848 33.32 42.15 0.59
C VAL E 848 32.52 41.40 -0.46
N SER E 849 32.65 40.08 -0.49
CA SER E 849 31.96 39.28 -1.47
C SER E 849 30.45 39.28 -1.20
N PRO E 850 29.63 39.22 -2.26
CA PRO E 850 28.18 39.12 -2.04
C PRO E 850 27.76 37.87 -1.30
N LEU E 851 28.51 36.77 -1.47
CA LEU E 851 28.26 35.53 -0.74
C LEU E 851 29.06 35.48 0.55
N ALA E 852 28.96 36.53 1.35
CA ALA E 852 29.67 36.57 2.62
C ALA E 852 28.86 35.81 3.67
N PRO E 853 29.51 35.02 4.51
CA PRO E 853 28.77 34.31 5.57
C PRO E 853 28.27 35.25 6.65
N ILE E 854 27.18 35.98 6.36
CA ILE E 854 26.61 36.91 7.33
C ILE E 854 25.36 36.31 7.95
N GLN E 855 24.36 36.01 7.13
CA GLN E 855 23.13 35.45 7.65
C GLN E 855 23.24 33.94 7.79
N GLY E 856 22.23 33.35 8.43
CA GLY E 856 22.18 31.92 8.58
C GLY E 856 22.85 31.42 9.84
N TYR E 857 22.22 30.47 10.52
CA TYR E 857 22.79 29.92 11.75
C TYR E 857 23.88 28.89 11.48
N THR E 858 24.02 28.45 10.23
CA THR E 858 25.10 27.55 9.85
C THR E 858 25.44 27.79 8.38
N ILE E 859 26.31 26.94 7.84
CA ILE E 859 26.78 27.13 6.47
C ILE E 859 25.67 26.84 5.46
N ASP E 860 24.77 25.91 5.80
CA ASP E 860 23.71 25.47 4.89
C ASP E 860 22.37 25.49 5.59
N ASP E 861 22.04 26.61 6.25
CA ASP E 861 20.79 26.68 7.01
C ASP E 861 19.58 26.79 6.09
N TYR E 862 19.48 27.91 5.37
CA TYR E 862 18.39 28.20 4.43
C TYR E 862 16.98 27.91 4.96
N ARG E 887 21.21 30.16 18.98
CA ARG E 887 20.92 30.56 17.61
C ARG E 887 21.49 31.94 17.32
N VAL E 888 22.71 31.97 16.77
CA VAL E 888 23.45 33.19 16.53
C VAL E 888 23.90 33.17 15.08
N PRO E 889 23.77 34.27 14.34
CA PRO E 889 24.19 34.28 12.93
C PRO E 889 25.69 34.12 12.77
N LEU E 890 26.09 33.81 11.52
CA LEU E 890 27.48 33.50 11.24
C LEU E 890 28.40 34.71 11.41
N ILE E 891 27.86 35.93 11.24
CA ILE E 891 28.68 37.12 11.39
C ILE E 891 29.17 37.27 12.83
N TYR E 892 28.30 37.03 13.82
CA TYR E 892 28.74 37.19 15.21
C TYR E 892 29.60 36.03 15.68
N GLN E 893 29.34 34.81 15.20
CA GLN E 893 30.22 33.68 15.51
C GLN E 893 31.62 33.90 14.95
N ASN E 894 31.70 34.32 13.69
CA ASN E 894 33.00 34.58 13.09
C ASN E 894 33.65 35.81 13.69
N SER E 895 32.86 36.77 14.18
CA SER E 895 33.43 37.91 14.90
C SER E 895 34.01 37.48 16.23
N MET E 896 33.35 36.55 16.93
CA MET E 896 33.90 36.00 18.16
C MET E 896 35.22 35.28 17.90
N LEU E 897 35.26 34.48 16.84
CA LEU E 897 36.50 33.80 16.47
C LEU E 897 37.59 34.79 16.08
N PHE E 898 37.20 35.89 15.41
CA PHE E 898 38.16 36.89 14.98
C PHE E 898 38.74 37.66 16.16
N ARG E 899 37.90 37.96 17.16
CA ARG E 899 38.39 38.61 18.37
C ARG E 899 39.28 37.66 19.16
N SER E 900 38.92 36.38 19.22
CA SER E 900 39.74 35.40 19.94
C SER E 900 41.10 35.22 19.28
N LYS E 901 41.14 35.19 17.94
CA LYS E 901 42.40 34.97 17.25
C LYS E 901 43.20 36.25 17.11
N PHE E 902 42.52 37.38 16.89
CA PHE E 902 43.19 38.67 16.69
C PHE E 902 42.61 39.68 17.69
N PRO E 903 43.16 39.74 18.90
CA PRO E 903 42.61 40.64 19.94
C PRO E 903 43.29 42.00 20.04
N SER E 904 44.19 42.35 19.11
CA SER E 904 44.91 43.61 19.15
C SER E 904 44.54 44.51 17.97
N LEU E 905 43.32 44.39 17.47
CA LEU E 905 42.89 45.09 16.27
C LEU E 905 41.36 45.14 16.26
N PRO E 906 40.76 46.08 15.53
CA PRO E 906 39.30 46.25 15.59
C PRO E 906 38.54 45.01 15.12
N SER E 907 37.30 44.93 15.59
CA SER E 907 36.49 43.74 15.42
C SER E 907 36.07 43.56 13.96
N LEU E 908 35.48 42.39 13.68
CA LEU E 908 35.06 42.07 12.33
C LEU E 908 34.02 43.00 11.74
N PRO E 909 32.97 43.46 12.45
CA PRO E 909 32.08 44.45 11.83
C PRO E 909 32.77 45.76 11.44
N ILE E 910 33.65 46.29 12.29
CA ILE E 910 34.39 47.50 11.94
C ILE E 910 35.30 47.24 10.75
N PHE E 911 35.96 46.08 10.74
CA PHE E 911 36.87 45.72 9.66
C PHE E 911 36.14 45.59 8.33
N LEU E 912 34.94 45.01 8.33
CA LEU E 912 34.19 44.85 7.10
C LEU E 912 33.54 46.16 6.65
N SER E 913 33.13 47.01 7.61
CA SER E 913 32.55 48.30 7.24
C SER E 913 33.60 49.24 6.67
N LEU E 914 34.85 49.14 7.14
CA LEU E 914 35.92 49.96 6.59
C LEU E 914 36.26 49.57 5.15
N LEU E 915 35.88 48.38 4.72
CA LEU E 915 36.24 47.87 3.40
C LEU E 915 35.08 47.93 2.41
N SER E 916 33.88 48.28 2.85
CA SER E 916 32.72 48.18 1.98
C SER E 916 31.98 49.51 1.83
N THR E 917 32.04 50.37 2.84
CA THR E 917 31.27 51.61 2.80
C THR E 917 31.85 52.61 1.82
N ASP E 918 33.17 52.77 1.81
CA ASP E 918 33.81 53.71 0.91
C ASP E 918 34.10 53.02 -0.44
N LYS E 919 34.74 53.76 -1.34
CA LYS E 919 35.11 53.19 -2.63
C LYS E 919 36.20 52.13 -2.43
N PRO E 920 36.21 51.08 -3.25
CA PRO E 920 37.25 50.06 -3.13
C PRO E 920 38.63 50.60 -3.51
N GLN E 921 39.50 50.74 -2.53
CA GLN E 921 40.87 51.14 -2.76
C GLN E 921 41.79 50.04 -2.26
N ALA E 922 43.09 50.33 -2.23
CA ALA E 922 44.08 49.35 -1.80
C ALA E 922 43.88 49.00 -0.33
N TYR E 923 44.25 47.76 0.01
CA TYR E 923 44.10 47.27 1.38
C TYR E 923 45.01 47.98 2.36
N SER E 924 46.09 48.60 1.88
CA SER E 924 47.05 49.26 2.77
C SER E 924 46.50 50.54 3.37
N ASN E 925 45.41 51.09 2.82
CA ASN E 925 44.84 52.31 3.38
C ASN E 925 44.10 52.08 4.69
N ILE E 926 43.87 50.83 5.07
CA ILE E 926 43.30 50.53 6.38
C ILE E 926 44.39 50.38 7.44
N ILE E 927 45.58 49.92 7.03
CA ILE E 927 46.71 49.71 7.94
C ILE E 927 47.23 51.07 8.40
N PRO E 928 47.26 51.35 9.71
CA PRO E 928 47.70 52.67 10.17
C PRO E 928 49.21 52.82 10.23
N SER E 929 49.92 51.73 10.52
CA SER E 929 51.36 51.82 10.73
C SER E 929 52.03 50.55 10.25
N ARG E 930 53.32 50.67 9.93
CA ARG E 930 54.13 49.53 9.51
C ARG E 930 54.39 48.55 10.65
N GLU E 931 54.10 48.93 11.90
CA GLU E 931 54.16 48.01 13.02
C GLU E 931 52.99 47.04 13.06
N HIS E 932 51.97 47.25 12.23
CA HIS E 932 50.79 46.39 12.20
C HIS E 932 50.62 45.70 10.85
N LYS E 933 51.56 45.90 9.92
CA LYS E 933 51.48 45.34 8.58
C LYS E 933 51.45 43.80 8.52
N PRO E 934 52.29 43.05 9.25
CA PRO E 934 52.20 41.59 9.13
C PRO E 934 50.92 41.01 9.71
N VAL E 935 50.52 41.43 10.92
CA VAL E 935 49.37 40.82 11.58
C VAL E 935 48.09 41.03 10.77
N TYR E 936 47.90 42.24 10.23
CA TYR E 936 46.74 42.49 9.37
C TYR E 936 46.73 41.61 8.14
N LEU E 937 47.92 41.34 7.58
CA LEU E 937 48.00 40.41 6.45
C LEU E 937 47.44 39.04 6.84
N ASN E 938 47.81 38.56 8.04
CA ASN E 938 47.23 37.32 8.54
C ASN E 938 45.72 37.44 8.63
N ALA E 939 45.23 38.57 9.16
CA ALA E 939 43.81 38.81 9.24
C ALA E 939 43.17 38.76 7.86
N LEU E 940 43.85 39.35 6.87
CA LEU E 940 43.33 39.34 5.51
C LEU E 940 43.20 37.91 5.01
N ALA E 941 44.22 37.08 5.27
CA ALA E 941 44.16 35.68 4.86
C ALA E 941 42.98 34.99 5.53
N TRP E 942 42.76 35.31 6.82
CA TRP E 942 41.63 34.74 7.55
C TRP E 942 40.32 35.06 6.86
N LEU E 943 40.19 36.32 6.41
CA LEU E 943 38.98 36.70 5.70
C LEU E 943 38.82 35.91 4.41
N ILE E 944 39.92 35.78 3.66
CA ILE E 944 39.83 35.01 2.42
C ILE E 944 39.70 33.52 2.73
N GLN E 945 40.10 33.11 3.94
CA GLN E 945 39.85 31.74 4.36
C GLN E 945 38.35 31.53 4.58
N TYR E 946 37.66 32.53 5.12
CA TYR E 946 36.25 32.36 5.44
C TYR E 946 35.33 32.86 4.35
N GLY E 947 35.86 33.39 3.25
CA GLY E 947 35.04 33.85 2.16
C GLY E 947 34.34 35.17 2.39
N TYR E 948 34.76 35.94 3.39
CA TYR E 948 34.15 37.24 3.63
C TYR E 948 34.60 38.25 2.59
N VAL E 949 35.86 38.19 2.18
CA VAL E 949 36.48 39.23 1.38
C VAL E 949 37.14 38.60 0.17
N THR E 950 36.78 39.07 -1.02
CA THR E 950 37.36 38.61 -2.28
C THR E 950 38.19 39.74 -2.89
N GLN E 951 38.83 39.43 -4.01
CA GLN E 951 39.76 40.35 -4.67
C GLN E 951 39.10 40.95 -5.89
N LEU E 952 39.15 42.28 -5.99
CA LEU E 952 38.61 43.00 -7.13
C LEU E 952 39.71 43.11 -8.18
N LEU E 953 39.60 42.33 -9.24
CA LEU E 953 40.60 42.32 -10.29
C LEU E 953 40.22 43.29 -11.41
N THR E 954 41.25 43.73 -12.14
CA THR E 954 41.14 44.75 -13.16
C THR E 954 41.30 44.12 -14.53
N PHE E 955 40.38 44.42 -15.43
CA PHE E 955 40.39 43.93 -16.80
C PHE E 955 40.37 45.14 -17.72
N ILE E 956 41.35 45.23 -18.60
CA ILE E 956 41.53 46.41 -19.43
C ILE E 956 41.05 46.09 -20.83
N ASN E 957 40.20 46.96 -21.37
CA ASN E 957 39.69 46.84 -22.73
C ASN E 957 40.21 48.02 -23.55
N ILE E 958 40.37 47.84 -24.83
CA ILE E 958 40.95 48.88 -25.67
C ILE E 958 39.85 49.53 -26.51
N ARG E 959 39.96 50.85 -26.68
CA ARG E 959 38.96 51.64 -27.36
C ARG E 959 39.63 52.52 -28.40
N VAL E 960 38.94 52.73 -29.52
CA VAL E 960 39.45 53.56 -30.60
C VAL E 960 38.39 54.60 -30.95
N ASP E 961 38.77 55.86 -30.95
CA ASP E 961 37.85 56.95 -31.24
C ASP E 961 37.91 57.31 -32.73
N LYS E 962 37.14 58.33 -33.11
CA LYS E 962 37.03 58.70 -34.51
C LYS E 962 38.30 59.37 -35.04
N HIS E 963 39.11 59.96 -34.16
CA HIS E 963 40.34 60.61 -34.61
C HIS E 963 41.33 59.60 -35.15
N ILE E 964 41.45 58.44 -34.50
CA ILE E 964 42.32 57.39 -34.99
C ILE E 964 41.78 56.82 -36.29
N LYS E 965 40.46 56.73 -36.43
CA LYS E 965 39.86 56.27 -37.68
C LYS E 965 40.18 57.23 -38.83
N MET E 966 40.06 58.54 -38.59
CA MET E 966 40.41 59.51 -39.61
C MET E 966 41.90 59.50 -39.90
N ALA E 967 42.73 59.27 -38.88
CA ALA E 967 44.17 59.24 -39.08
C ALA E 967 44.59 58.04 -39.93
N VAL E 968 44.02 56.87 -39.66
CA VAL E 968 44.37 55.72 -40.47
C VAL E 968 43.72 55.81 -41.85
N ASP E 969 42.61 56.53 -41.99
CA ASP E 969 42.08 56.80 -43.32
C ASP E 969 43.01 57.70 -44.12
N GLU E 970 43.60 58.71 -43.46
CA GLU E 970 44.59 59.56 -44.11
C GLU E 970 45.83 58.78 -44.48
N ASP E 971 46.27 57.87 -43.60
CA ASP E 971 47.41 57.01 -43.91
C ASP E 971 47.11 56.09 -45.09
N LEU E 972 45.89 55.54 -45.15
CA LEU E 972 45.47 54.74 -46.29
C LEU E 972 45.35 55.57 -47.56
N GLU E 973 45.11 56.88 -47.43
CA GLU E 973 45.14 57.77 -48.59
C GLU E 973 46.56 58.08 -49.02
N LYS E 974 47.55 57.84 -48.17
CA LYS E 974 48.96 58.02 -48.51
C LYS E 974 49.56 56.78 -49.16
N GLU E 975 48.78 55.72 -49.36
CA GLU E 975 49.27 54.52 -50.02
C GLU E 975 48.17 53.87 -50.85
N PHE E 1059 27.66 66.27 -39.89
CA PHE E 1059 27.98 66.47 -41.29
C PHE E 1059 29.29 67.25 -41.45
N GLU E 1060 29.42 67.97 -42.56
CA GLU E 1060 30.63 68.74 -42.83
C GLU E 1060 30.53 70.19 -42.39
N TYR E 1061 29.34 70.67 -42.02
CA TYR E 1061 29.18 72.07 -41.66
C TYR E 1061 29.42 72.33 -40.18
N ASP E 1062 29.12 71.35 -39.33
CA ASP E 1062 29.25 71.52 -37.89
C ASP E 1062 30.23 70.48 -37.33
N ASP E 1063 30.71 70.76 -36.11
CA ASP E 1063 31.62 69.87 -35.40
C ASP E 1063 31.08 69.63 -34.00
N PRO E 1064 30.13 68.70 -33.85
CA PRO E 1064 29.63 68.37 -32.50
C PRO E 1064 30.69 67.64 -31.69
N GLU E 1065 31.11 68.24 -30.59
CA GLU E 1065 32.20 67.72 -29.78
C GLU E 1065 31.73 66.71 -28.74
N MET E 1066 30.44 66.45 -28.64
CA MET E 1066 29.91 65.45 -27.72
C MET E 1066 29.73 64.08 -28.37
N GLN E 1067 30.10 63.92 -29.64
CA GLN E 1067 29.95 62.67 -30.36
C GLN E 1067 31.33 62.13 -30.73
N HIS E 1068 31.60 60.89 -30.33
CA HIS E 1068 32.82 60.19 -30.71
C HIS E 1068 32.44 58.82 -31.23
N ASP E 1069 32.90 58.47 -32.43
CA ASP E 1069 32.60 57.16 -33.01
C ASP E 1069 33.49 56.12 -32.34
N TYR E 1070 33.09 55.72 -31.15
CA TYR E 1070 33.89 54.81 -30.34
C TYR E 1070 33.70 53.37 -30.82
N THR E 1071 34.82 52.65 -30.97
CA THR E 1071 34.80 51.26 -31.38
C THR E 1071 35.68 50.48 -30.41
N ILE E 1072 35.13 49.41 -29.84
CA ILE E 1072 35.83 48.57 -28.88
C ILE E 1072 36.38 47.36 -29.61
N ILE E 1073 37.71 47.23 -29.60
CA ILE E 1073 38.36 46.06 -30.19
C ILE E 1073 38.26 44.94 -29.17
N LEU E 1074 37.39 43.95 -29.43
CA LEU E 1074 37.13 42.92 -28.44
C LEU E 1074 38.32 42.00 -28.26
N GLU E 1075 38.90 41.53 -29.35
CA GLU E 1075 40.10 40.70 -29.31
C GLU E 1075 41.22 41.39 -30.07
N PRO E 1076 42.13 42.09 -29.38
CA PRO E 1076 43.23 42.75 -30.08
C PRO E 1076 44.14 41.81 -30.85
N GLU E 1077 44.34 40.59 -30.34
CA GLU E 1077 45.16 39.63 -31.08
C GLU E 1077 44.44 39.13 -32.32
N ARG E 1078 43.12 38.94 -32.23
CA ARG E 1078 42.30 38.50 -33.36
C ARG E 1078 41.68 39.73 -34.00
N ALA E 1079 42.49 40.44 -34.79
CA ALA E 1079 42.05 41.66 -35.43
C ALA E 1079 42.53 41.69 -36.87
N THR E 1080 41.83 42.47 -37.68
CA THR E 1080 42.15 42.60 -39.10
C THR E 1080 43.25 43.65 -39.27
N ALA E 1081 43.50 44.06 -40.51
CA ALA E 1081 44.56 45.03 -40.77
C ALA E 1081 44.17 46.43 -40.30
N ILE E 1082 42.94 46.85 -40.58
CA ILE E 1082 42.51 48.20 -40.21
C ILE E 1082 42.40 48.36 -38.70
N GLU E 1083 41.97 47.31 -37.99
CA GLU E 1083 41.84 47.39 -36.54
C GLU E 1083 43.20 47.40 -35.87
N LYS E 1084 44.15 46.61 -36.38
CA LYS E 1084 45.52 46.69 -35.89
C LYS E 1084 46.15 48.03 -36.20
N ARG E 1085 45.78 48.63 -37.34
CA ARG E 1085 46.22 49.99 -37.64
C ARG E 1085 45.68 50.98 -36.63
N TRP E 1086 44.41 50.81 -36.25
CA TRP E 1086 43.82 51.63 -35.18
C TRP E 1086 44.62 51.50 -33.88
N LEU E 1087 44.87 50.27 -33.46
CA LEU E 1087 45.55 50.04 -32.18
C LEU E 1087 46.98 50.55 -32.20
N TYR E 1088 47.68 50.42 -33.33
CA TYR E 1088 49.05 50.91 -33.40
C TYR E 1088 49.12 52.43 -33.55
N ARG E 1089 48.11 53.04 -34.20
CA ARG E 1089 48.03 54.49 -34.24
C ARG E 1089 47.63 55.09 -32.91
N CYS E 1090 47.06 54.28 -32.02
CA CYS E 1090 46.71 54.75 -30.69
C CYS E 1090 47.92 55.18 -29.87
N ILE E 1091 49.12 54.68 -30.19
CA ILE E 1091 50.32 54.96 -29.41
C ILE E 1091 51.29 55.87 -30.15
N TYR E 1092 50.91 56.37 -31.34
CA TYR E 1092 51.80 57.18 -32.16
C TYR E 1092 51.98 58.54 -31.50
N GLY E 1093 53.06 58.67 -30.72
CA GLY E 1093 53.32 59.90 -29.99
C GLY E 1093 53.90 59.67 -28.61
N GLN E 1094 53.93 58.41 -28.18
CA GLN E 1094 54.43 58.03 -26.86
C GLN E 1094 55.87 57.51 -26.96
N PRO E 1095 56.66 57.62 -25.87
CA PRO E 1095 58.07 57.19 -25.93
C PRO E 1095 58.27 55.69 -26.08
N SER E 1096 59.53 55.27 -26.05
CA SER E 1096 59.89 53.89 -26.39
C SER E 1096 59.41 52.90 -25.34
N ASP E 1097 59.48 53.27 -24.06
CA ASP E 1097 59.06 52.35 -23.00
C ASP E 1097 57.57 52.06 -23.08
N ILE E 1098 56.76 53.08 -23.35
CA ILE E 1098 55.32 52.88 -23.47
C ILE E 1098 55.01 52.04 -24.70
N GLN E 1099 55.75 52.25 -25.78
CA GLN E 1099 55.54 51.46 -26.99
C GLN E 1099 55.89 49.99 -26.76
N ILE E 1100 56.99 49.71 -26.07
CA ILE E 1100 57.36 48.34 -25.79
C ILE E 1100 56.35 47.68 -24.85
N LEU E 1101 55.91 48.42 -23.82
CA LEU E 1101 54.93 47.89 -22.88
C LEU E 1101 53.58 47.64 -23.55
N PHE E 1102 53.21 48.47 -24.52
CA PHE E 1102 51.96 48.25 -25.23
C PHE E 1102 52.07 47.09 -26.21
N ASN E 1103 53.19 46.98 -26.91
CA ASN E 1103 53.36 45.90 -27.88
C ASN E 1103 53.51 44.54 -27.20
N LYS E 1104 54.00 44.50 -25.97
CA LYS E 1104 54.09 43.24 -25.24
C LYS E 1104 52.82 42.87 -24.50
N LEU E 1105 51.91 43.84 -24.28
CA LEU E 1105 50.70 43.59 -23.51
C LEU E 1105 49.43 44.01 -24.26
N LEU E 1106 49.48 44.09 -25.59
CA LEU E 1106 48.25 44.40 -26.34
C LEU E 1106 47.33 43.20 -26.41
N LYS E 1107 47.90 42.00 -26.55
CA LYS E 1107 47.11 40.77 -26.68
C LYS E 1107 46.37 40.40 -25.40
N TYR E 1108 46.69 41.02 -24.28
CA TYR E 1108 46.04 40.74 -23.02
C TYR E 1108 44.88 41.69 -22.72
N PHE E 1109 44.60 42.64 -23.61
CA PHE E 1109 43.53 43.61 -23.38
C PHE E 1109 42.21 43.15 -23.99
N ASN E 1110 41.78 41.95 -23.63
CA ASN E 1110 40.56 41.37 -24.19
C ASN E 1110 39.40 41.35 -23.21
N GLY E 1111 39.55 41.99 -22.06
CA GLY E 1111 38.48 42.05 -21.08
C GLY E 1111 38.29 40.80 -20.26
N LYS E 1112 39.17 39.81 -20.39
CA LYS E 1112 39.04 38.55 -19.67
C LYS E 1112 40.27 38.12 -18.92
N VAL E 1113 41.44 38.70 -19.20
CA VAL E 1113 42.68 38.38 -18.51
C VAL E 1113 42.90 39.44 -17.44
N PRO E 1114 42.92 39.08 -16.15
CA PRO E 1114 43.23 40.07 -15.11
C PRO E 1114 44.65 40.59 -15.25
N MET E 1115 44.82 41.88 -14.96
CA MET E 1115 46.12 42.50 -15.11
C MET E 1115 47.09 42.07 -14.02
N GLU E 1116 46.60 41.60 -12.89
CA GLU E 1116 47.49 41.09 -11.84
C GLU E 1116 48.20 39.83 -12.29
N LEU E 1117 47.47 38.92 -12.96
CA LEU E 1117 48.10 37.74 -13.53
C LEU E 1117 49.07 38.11 -14.63
N VAL E 1118 48.77 39.17 -15.38
CA VAL E 1118 49.69 39.66 -16.41
C VAL E 1118 50.99 40.16 -15.78
N ILE E 1119 50.87 40.91 -14.68
CA ILE E 1119 52.05 41.40 -13.97
C ILE E 1119 52.88 40.25 -13.45
N ILE E 1120 52.22 39.23 -12.88
CA ILE E 1120 52.94 38.08 -12.33
C ILE E 1120 53.64 37.31 -13.45
N LYS E 1121 52.93 37.05 -14.55
CA LYS E 1121 53.45 36.18 -15.59
C LYS E 1121 54.52 36.85 -16.44
N GLU E 1122 54.33 38.10 -16.83
CA GLU E 1122 55.24 38.76 -17.76
C GLU E 1122 56.40 39.45 -17.08
N GLU E 1123 56.43 39.46 -15.74
CA GLU E 1123 57.50 40.06 -14.94
C GLU E 1123 57.67 41.55 -15.27
N ILE E 1124 56.60 42.31 -15.01
CA ILE E 1124 56.59 43.74 -15.23
C ILE E 1124 56.27 44.44 -13.92
N SER E 1125 56.67 45.71 -13.83
CA SER E 1125 56.44 46.49 -12.63
C SER E 1125 55.01 46.99 -12.57
N ARG E 1126 54.50 47.15 -11.34
CA ARG E 1126 53.16 47.68 -11.15
C ARG E 1126 53.09 49.16 -11.53
N HIS E 1127 54.16 49.90 -11.22
CA HIS E 1127 54.22 51.30 -11.64
C HIS E 1127 54.30 51.43 -13.16
N ASP E 1128 54.88 50.43 -13.83
CA ASP E 1128 54.85 50.42 -15.29
C ASP E 1128 53.43 50.30 -15.83
N LEU E 1129 52.63 49.43 -15.20
CA LEU E 1129 51.22 49.32 -15.58
C LEU E 1129 50.47 50.60 -15.28
N LYS E 1130 50.80 51.26 -14.17
CA LYS E 1130 50.19 52.55 -13.85
C LYS E 1130 50.53 53.60 -14.89
N LYS E 1131 51.78 53.63 -15.35
CA LYS E 1131 52.19 54.54 -16.41
C LYS E 1131 51.45 54.26 -17.71
N LEU E 1132 51.34 52.97 -18.07
CA LEU E 1132 50.64 52.61 -19.30
C LEU E 1132 49.15 52.95 -19.23
N LEU E 1133 48.53 52.79 -18.07
CA LEU E 1133 47.10 53.08 -17.96
C LEU E 1133 46.84 54.58 -17.88
N ASN E 1134 47.73 55.34 -17.23
CA ASN E 1134 47.52 56.78 -17.13
C ASN E 1134 47.87 57.50 -18.44
N ALA E 1135 48.86 57.00 -19.18
CA ALA E 1135 49.23 57.64 -20.44
C ALA E 1135 48.12 57.50 -21.47
N LEU E 1136 47.55 56.30 -21.61
CA LEU E 1136 46.46 56.07 -22.54
C LEU E 1136 45.12 56.17 -21.81
N ASP E 1137 44.84 57.37 -21.33
CA ASP E 1137 43.69 57.56 -20.45
C ASP E 1137 42.38 57.52 -21.22
N LYS E 1138 42.34 58.09 -22.42
CA LYS E 1138 41.10 58.23 -23.17
C LYS E 1138 40.89 57.08 -24.16
N TYR E 1139 41.61 55.97 -24.00
CA TYR E 1139 41.41 54.81 -24.84
C TYR E 1139 41.37 53.50 -24.08
N LEU E 1140 41.52 53.51 -22.76
CA LEU E 1140 41.56 52.29 -21.96
C LEU E 1140 40.32 52.22 -21.06
N ILE E 1141 39.59 51.12 -21.18
CA ILE E 1141 38.40 50.85 -20.39
C ILE E 1141 38.78 49.96 -19.22
N GLU E 1142 38.46 50.41 -18.01
CA GLU E 1142 38.68 49.63 -16.80
C GLU E 1142 37.41 48.88 -16.44
N ILE E 1143 37.54 47.59 -16.19
CA ILE E 1143 36.44 46.77 -15.69
C ILE E 1143 36.91 46.12 -14.39
N HIS E 1144 36.21 46.39 -13.30
CA HIS E 1144 36.64 45.97 -11.97
C HIS E 1144 35.66 44.92 -11.46
N HIS E 1145 36.09 43.66 -11.43
CA HIS E 1145 35.26 42.61 -10.88
C HIS E 1145 36.15 41.46 -10.43
N TRP E 1146 35.56 40.55 -9.65
CA TRP E 1146 36.30 39.47 -9.02
C TRP E 1146 36.85 38.46 -10.00
N ALA F 101 -10.67 -2.09 46.38
CA ALA F 101 -10.88 -3.19 45.45
C ALA F 101 -11.12 -4.49 46.19
N TYR F 102 -11.74 -5.45 45.50
CA TYR F 102 -12.07 -6.75 46.06
C TYR F 102 -11.35 -7.84 45.27
N GLN F 103 -11.58 -9.09 45.68
CA GLN F 103 -11.02 -10.25 45.02
C GLN F 103 -12.14 -11.26 44.79
N ALA F 104 -12.10 -11.93 43.63
CA ALA F 104 -13.16 -12.86 43.28
C ALA F 104 -12.60 -13.96 42.39
N GLU F 105 -13.33 -15.08 42.36
CA GLU F 105 -12.98 -16.23 41.54
C GLU F 105 -13.89 -16.26 40.32
N LEU F 106 -13.28 -16.34 39.14
CA LEU F 106 -14.03 -16.29 37.90
C LEU F 106 -14.79 -17.59 37.67
N GLY F 107 -15.94 -17.48 37.00
CA GLY F 107 -16.73 -18.64 36.65
C GLY F 107 -17.36 -18.45 35.29
N TYR F 108 -17.86 -19.57 34.76
CA TYR F 108 -18.56 -19.59 33.48
C TYR F 108 -19.86 -20.35 33.64
N HIS F 109 -20.88 -19.97 32.86
CA HIS F 109 -22.15 -20.65 32.92
C HIS F 109 -22.79 -20.66 31.55
N GLU F 110 -23.61 -21.68 31.30
CA GLU F 110 -24.32 -21.81 30.04
C GLU F 110 -25.60 -20.97 30.06
N SER F 111 -26.20 -20.82 28.89
CA SER F 111 -27.41 -20.02 28.75
C SER F 111 -28.64 -20.71 29.33
N ARG F 112 -28.56 -21.99 29.68
CA ARG F 112 -29.68 -22.67 30.30
C ARG F 112 -30.00 -22.09 31.67
N PHE F 113 -28.97 -21.79 32.46
CA PHE F 113 -29.20 -21.23 33.79
C PHE F 113 -29.63 -19.78 33.70
N SER F 114 -28.76 -18.91 33.18
CA SER F 114 -29.02 -17.48 33.18
C SER F 114 -28.66 -16.88 31.84
N GLU F 115 -29.44 -15.89 31.43
CA GLU F 115 -29.21 -15.18 30.18
C GLU F 115 -28.32 -13.96 30.34
N ASN F 116 -28.12 -13.49 31.57
CA ASN F 116 -27.28 -12.32 31.79
C ASN F 116 -25.81 -12.65 31.51
N LEU F 117 -25.06 -11.62 31.13
CA LEU F 117 -23.66 -11.82 30.76
C LEU F 117 -22.79 -12.05 31.99
N VAL F 118 -22.85 -11.13 32.95
CA VAL F 118 -22.02 -11.20 34.15
C VAL F 118 -22.93 -11.26 35.36
N MET F 119 -22.66 -12.23 36.23
CA MET F 119 -23.39 -12.39 37.48
C MET F 119 -22.38 -12.43 38.62
N LEU F 120 -22.76 -11.88 39.77
CA LEU F 120 -21.90 -11.90 40.94
C LEU F 120 -22.68 -12.30 42.17
N ASN F 121 -21.98 -12.92 43.11
CA ASN F 121 -22.59 -13.37 44.36
C ASN F 121 -22.87 -12.14 45.22
N LEU F 122 -24.16 -11.82 45.40
CA LEU F 122 -24.52 -10.65 46.18
C LEU F 122 -24.33 -10.88 47.68
N VAL F 123 -24.38 -12.14 48.12
CA VAL F 123 -24.18 -12.42 49.54
C VAL F 123 -22.73 -12.18 49.93
N GLU F 124 -21.80 -12.53 49.07
CA GLU F 124 -20.40 -12.19 49.29
C GLU F 124 -20.17 -10.74 48.89
N PHE F 125 -19.18 -10.11 49.55
CA PHE F 125 -18.81 -8.69 49.46
C PHE F 125 -20.05 -7.79 49.42
N PRO F 126 -20.79 -7.67 50.52
CA PRO F 126 -22.11 -7.03 50.48
C PRO F 126 -22.09 -5.52 50.34
N ASP F 127 -20.96 -4.92 49.98
CA ASP F 127 -20.91 -3.48 49.72
C ASP F 127 -21.70 -3.12 48.47
N ILE F 128 -21.86 -4.06 47.55
CA ILE F 128 -22.49 -3.79 46.25
C ILE F 128 -23.98 -4.10 46.34
N LYS F 129 -24.80 -3.08 46.08
CA LYS F 129 -26.25 -3.25 46.01
C LYS F 129 -26.62 -3.91 44.69
N PRO F 130 -27.84 -4.44 44.57
CA PRO F 130 -28.23 -5.11 43.31
C PRO F 130 -28.11 -4.25 42.06
N GLY F 131 -28.44 -2.98 42.13
CA GLY F 131 -28.27 -2.12 40.96
C GLY F 131 -27.03 -1.26 41.06
N ASP F 132 -25.96 -1.67 40.37
CA ASP F 132 -24.68 -0.98 40.46
C ASP F 132 -23.90 -1.18 39.18
N LEU F 133 -22.86 -0.37 39.01
CA LEU F 133 -21.91 -0.49 37.92
C LEU F 133 -20.59 -1.00 38.50
N VAL F 134 -20.11 -2.12 37.99
CA VAL F 134 -18.99 -2.83 38.57
C VAL F 134 -17.93 -3.05 37.49
N GLU F 135 -16.69 -2.68 37.79
CA GLU F 135 -15.56 -3.04 36.95
C GLU F 135 -15.13 -4.48 37.25
N LEU F 136 -14.61 -5.14 36.22
CA LEU F 136 -14.16 -6.52 36.33
C LEU F 136 -12.71 -6.62 35.86
N LYS F 137 -11.88 -5.72 36.37
CA LYS F 137 -10.46 -5.72 36.00
C LYS F 137 -9.76 -6.94 36.56
N THR F 138 -8.85 -7.50 35.78
CA THR F 138 -8.09 -8.67 36.16
C THR F 138 -6.69 -8.33 36.65
N TYR F 139 -6.38 -7.05 36.83
CA TYR F 139 -5.06 -6.61 37.23
C TYR F 139 -5.14 -5.82 38.53
N HIS F 140 -4.18 -6.05 39.42
CA HIS F 140 -4.04 -5.28 40.65
C HIS F 140 -2.66 -4.62 40.59
N LYS F 141 -2.65 -3.35 40.16
CA LYS F 141 -1.46 -2.50 39.99
C LYS F 141 -0.54 -2.99 38.88
N ASN F 142 0.16 -2.06 38.22
CA ASN F 142 1.05 -2.30 37.10
C ASN F 142 0.34 -3.08 35.99
N PRO F 143 -0.57 -2.45 35.24
CA PRO F 143 -1.30 -3.16 34.20
C PRO F 143 -0.37 -3.68 33.10
N SER F 144 -0.70 -4.86 32.59
CA SER F 144 0.15 -5.55 31.63
C SER F 144 -0.59 -5.69 30.31
N ALA F 145 0.08 -5.28 29.22
CA ALA F 145 -0.48 -5.40 27.89
C ALA F 145 -0.06 -6.69 27.19
N SER F 146 1.23 -7.05 27.32
CA SER F 146 1.72 -8.29 26.71
C SER F 146 1.12 -9.51 27.39
N ASN F 147 1.01 -9.48 28.72
CA ASN F 147 0.38 -10.59 29.44
C ASN F 147 -1.11 -10.67 29.13
N GLY F 148 -1.77 -9.53 29.02
CA GLY F 148 -3.19 -9.49 28.70
C GLY F 148 -4.04 -9.20 29.91
N ASP F 149 -4.47 -7.94 30.05
CA ASP F 149 -5.34 -7.54 31.15
C ASP F 149 -6.34 -6.52 30.62
N LYS F 150 -7.60 -6.68 31.01
CA LYS F 150 -8.68 -5.88 30.48
C LYS F 150 -9.57 -5.39 31.61
N LYS F 151 -10.26 -4.27 31.36
CA LYS F 151 -11.30 -3.77 32.25
C LYS F 151 -12.62 -3.93 31.52
N ILE F 152 -13.56 -4.62 32.13
CA ILE F 152 -14.87 -4.89 31.54
C ILE F 152 -15.93 -4.39 32.51
N TYR F 153 -16.55 -3.26 32.17
CA TYR F 153 -17.67 -2.75 32.96
C TYR F 153 -18.88 -3.66 32.78
N PHE F 154 -19.66 -3.79 33.85
CA PHE F 154 -20.95 -4.46 33.72
C PHE F 154 -21.88 -3.93 34.80
N ILE F 155 -23.12 -4.42 34.77
CA ILE F 155 -24.13 -4.07 35.75
C ILE F 155 -24.36 -5.29 36.63
N ALA F 156 -24.41 -5.06 37.94
CA ALA F 156 -24.50 -6.16 38.90
C ALA F 156 -25.84 -6.86 38.82
N LYS F 157 -25.82 -8.19 38.86
CA LYS F 157 -27.02 -9.00 38.96
C LYS F 157 -26.69 -10.25 39.77
N ASP F 158 -27.71 -10.78 40.46
CA ASP F 158 -27.51 -11.89 41.37
C ASP F 158 -27.41 -13.20 40.60
N PHE F 159 -26.92 -14.25 41.28
CA PHE F 159 -26.90 -15.58 40.68
C PHE F 159 -28.31 -16.15 40.50
N ASP F 160 -28.41 -17.10 39.58
CA ASP F 160 -29.62 -17.87 39.42
C ASP F 160 -29.84 -18.74 40.65
N GLY F 161 -31.10 -19.13 40.86
CA GLY F 161 -31.43 -19.98 41.99
C GLY F 161 -30.78 -21.34 41.91
N GLU F 162 -30.79 -21.94 40.71
CA GLU F 162 -30.18 -23.25 40.52
C GLU F 162 -28.67 -23.19 40.68
N THR F 163 -28.04 -22.12 40.19
CA THR F 163 -26.60 -22.00 40.31
C THR F 163 -26.18 -21.66 41.74
N LYS F 164 -26.96 -20.81 42.43
CA LYS F 164 -26.63 -20.48 43.81
C LYS F 164 -26.86 -21.67 44.73
N ARG F 165 -27.90 -22.47 44.47
CA ARG F 165 -28.18 -23.64 45.29
C ARG F 165 -27.10 -24.70 45.10
N ARG F 166 -26.94 -25.20 43.87
CA ARG F 166 -25.88 -26.16 43.55
C ARG F 166 -24.65 -25.37 43.15
N ALA F 167 -23.99 -24.78 44.14
CA ALA F 167 -22.90 -23.85 43.92
C ALA F 167 -21.55 -24.52 44.06
N LYS F 168 -20.56 -23.96 43.38
CA LYS F 168 -19.18 -24.44 43.44
C LYS F 168 -18.28 -23.22 43.23
N THR F 169 -17.86 -22.61 44.36
CA THR F 169 -17.15 -21.33 44.46
C THR F 169 -17.60 -20.33 43.39
N SER F 170 -16.65 -19.70 42.66
CA SER F 170 -16.94 -18.88 41.48
C SER F 170 -17.84 -17.69 41.84
N ASN F 171 -17.25 -16.76 42.60
CA ASN F 171 -17.95 -15.55 43.03
C ASN F 171 -18.49 -14.73 41.87
N VAL F 172 -17.84 -14.77 40.72
CA VAL F 172 -18.29 -14.04 39.53
C VAL F 172 -18.33 -15.01 38.35
N SER F 173 -19.48 -15.06 37.68
CA SER F 173 -19.70 -15.94 36.54
C SER F 173 -19.91 -15.09 35.28
N ILE F 174 -19.30 -15.51 34.18
CA ILE F 174 -19.44 -14.86 32.89
C ILE F 174 -20.06 -15.84 31.91
N LEU F 175 -21.12 -15.41 31.23
CA LEU F 175 -21.75 -16.24 30.22
C LEU F 175 -20.79 -16.51 29.06
N SER F 176 -20.81 -17.74 28.56
CA SER F 176 -19.90 -18.14 27.51
C SER F 176 -20.30 -17.50 26.18
N GLY F 177 -19.45 -17.72 25.17
CA GLY F 177 -19.69 -17.17 23.85
C GLY F 177 -18.70 -16.09 23.47
N GLN F 178 -19.15 -14.84 23.45
CA GLN F 178 -18.31 -13.74 23.02
C GLN F 178 -17.55 -13.08 24.17
N LEU F 179 -18.19 -12.95 25.33
CA LEU F 179 -17.54 -12.30 26.46
C LEU F 179 -16.40 -13.14 27.01
N GLN F 180 -16.58 -14.46 27.03
CA GLN F 180 -15.51 -15.36 27.45
C GLN F 180 -14.32 -15.28 26.50
N THR F 181 -14.58 -15.25 25.19
CA THR F 181 -13.51 -15.14 24.21
C THR F 181 -12.80 -13.80 24.32
N LEU F 182 -13.55 -12.73 24.60
CA LEU F 182 -12.93 -11.41 24.79
C LEU F 182 -12.04 -11.40 26.02
N LEU F 183 -12.51 -11.99 27.13
CA LEU F 183 -11.73 -11.98 28.36
C LEU F 183 -10.53 -12.93 28.27
N ASP F 184 -10.76 -14.13 27.74
CA ASP F 184 -9.71 -15.16 27.52
C ASP F 184 -9.01 -15.52 28.83
N LEU F 185 -9.79 -16.08 29.76
CA LEU F 185 -9.30 -16.50 31.06
C LEU F 185 -9.78 -17.91 31.37
N PRO F 186 -9.01 -18.68 32.16
CA PRO F 186 -9.42 -20.05 32.50
C PRO F 186 -10.66 -20.11 33.39
N SER F 187 -11.10 -21.33 33.72
CA SER F 187 -12.37 -21.52 34.39
C SER F 187 -12.33 -21.13 35.87
N ARG F 188 -11.14 -20.96 36.45
CA ARG F 188 -11.02 -20.55 37.85
C ARG F 188 -9.78 -19.67 37.97
N SER F 189 -9.98 -18.36 37.93
CA SER F 189 -8.88 -17.40 37.97
C SER F 189 -9.22 -16.30 38.97
N ARG F 190 -8.22 -15.49 39.28
CA ARG F 190 -8.36 -14.40 40.23
C ARG F 190 -8.69 -13.11 39.48
N ILE F 191 -9.78 -12.46 39.88
CA ILE F 191 -10.19 -11.18 39.30
C ILE F 191 -10.47 -10.21 40.42
N TRP F 192 -10.63 -8.94 40.05
CA TRP F 192 -10.86 -7.87 41.01
C TRP F 192 -12.14 -7.13 40.68
N ILE F 193 -12.71 -6.50 41.70
CA ILE F 193 -14.03 -5.88 41.62
C ILE F 193 -13.97 -4.52 42.29
N LYS F 194 -14.50 -3.49 41.63
CA LYS F 194 -14.67 -2.17 42.22
C LYS F 194 -16.17 -1.83 42.24
N LEU F 195 -16.48 -0.68 42.85
CA LEU F 195 -17.84 -0.20 43.02
C LEU F 195 -17.93 1.27 42.64
N LYS F 196 -17.48 1.59 41.43
CA LYS F 196 -17.62 2.92 40.85
C LYS F 196 -19.07 3.40 40.94
N PRO F 197 -19.35 4.40 41.78
CA PRO F 197 -20.74 4.82 42.04
C PRO F 197 -21.23 5.99 41.19
N ASN F 198 -20.41 6.56 40.32
CA ASN F 198 -20.81 7.69 39.49
C ASN F 198 -21.28 7.17 38.14
N LYS F 199 -22.55 6.75 38.11
CA LYS F 199 -23.15 6.28 36.86
C LYS F 199 -23.25 7.41 35.84
N PHE F 200 -23.59 8.62 36.30
CA PHE F 200 -23.71 9.76 35.39
C PHE F 200 -22.36 10.17 34.83
N ASP F 201 -21.30 10.12 35.66
CA ASP F 201 -20.00 10.58 35.23
C ASP F 201 -19.24 9.57 34.40
N LEU F 202 -19.65 8.30 34.40
CA LEU F 202 -18.99 7.26 33.64
C LEU F 202 -19.75 6.89 32.38
N GLN F 203 -20.61 7.77 31.89
CA GLN F 203 -21.30 7.53 30.63
C GLN F 203 -20.31 7.60 29.48
N ALA F 204 -20.39 6.62 28.58
CA ALA F 204 -19.69 6.73 27.31
C ALA F 204 -20.31 7.84 26.48
N ASP F 205 -19.49 8.49 25.67
CA ASP F 205 -20.00 9.60 24.86
C ASP F 205 -20.64 9.08 23.57
N VAL F 206 -19.91 8.27 22.80
CA VAL F 206 -20.38 7.74 21.53
C VAL F 206 -20.28 6.23 21.58
N VAL F 207 -21.39 5.54 21.35
CA VAL F 207 -21.43 4.09 21.21
C VAL F 207 -21.91 3.79 19.80
N GLU F 208 -21.10 3.07 19.04
CA GLU F 208 -21.45 2.77 17.66
C GLU F 208 -22.42 1.60 17.58
N PHE F 209 -22.89 1.32 16.37
CA PHE F 209 -23.87 0.28 16.12
C PHE F 209 -23.87 -0.01 14.62
N ASN F 210 -24.21 -1.25 14.27
CA ASN F 210 -24.29 -1.67 12.87
C ASN F 210 -25.62 -2.39 12.65
N ILE F 211 -26.30 -2.04 11.56
CA ILE F 211 -27.66 -2.53 11.30
C ILE F 211 -27.73 -3.24 9.95
N LYS F 212 -26.68 -4.01 9.61
CA LYS F 212 -26.56 -4.65 8.31
C LYS F 212 -27.75 -5.55 7.97
N ASP F 213 -28.22 -5.42 6.72
CA ASP F 213 -29.20 -6.32 6.10
C ASP F 213 -30.57 -6.28 6.78
N CYS F 214 -30.91 -5.16 7.39
CA CYS F 214 -32.22 -5.03 8.01
C CYS F 214 -32.61 -3.57 8.04
N LEU F 215 -33.90 -3.31 7.86
CA LEU F 215 -34.42 -1.95 7.80
C LEU F 215 -34.92 -1.56 9.18
N LEU F 216 -34.22 -0.62 9.81
CA LEU F 216 -34.65 -0.01 11.06
C LEU F 216 -35.15 1.39 10.76
N ASN F 217 -36.36 1.69 11.21
CA ASN F 217 -36.86 3.04 11.12
C ASN F 217 -36.07 3.94 12.08
N ARG F 218 -36.21 5.25 11.89
CA ARG F 218 -35.61 6.20 12.80
C ARG F 218 -36.17 6.04 14.21
N GLY F 219 -37.50 5.85 14.31
CA GLY F 219 -38.09 5.56 15.59
C GLY F 219 -37.69 4.20 16.13
N ASP F 220 -37.41 3.24 15.25
CA ASP F 220 -36.88 1.96 15.69
C ASP F 220 -35.50 2.12 16.31
N MET F 221 -34.66 2.98 15.72
CA MET F 221 -33.37 3.29 16.32
C MET F 221 -33.55 3.97 17.66
N TRP F 222 -34.54 4.87 17.76
CA TRP F 222 -34.84 5.53 19.03
C TRP F 222 -35.26 4.52 20.10
N VAL F 223 -36.11 3.56 19.74
CA VAL F 223 -36.57 2.56 20.70
C VAL F 223 -35.43 1.63 21.11
N LEU F 224 -34.60 1.22 20.15
CA LEU F 224 -33.47 0.35 20.44
C LEU F 224 -32.45 1.05 21.33
N SER F 225 -32.25 2.35 21.13
CA SER F 225 -31.39 3.11 22.04
C SER F 225 -32.03 3.27 23.41
N SER F 226 -33.36 3.38 23.46
CA SER F 226 -34.05 3.48 24.74
C SER F 226 -33.93 2.19 25.54
N LYS F 227 -33.91 1.04 24.86
CA LYS F 227 -33.69 -0.22 25.56
C LYS F 227 -32.24 -0.41 25.99
N LEU F 228 -31.31 0.30 25.35
CA LEU F 228 -29.90 0.25 25.74
C LEU F 228 -29.54 1.38 26.69
N VAL F 229 -30.31 1.54 27.77
CA VAL F 229 -30.00 2.54 28.78
C VAL F 229 -29.83 1.82 30.11
N ASP F 230 -28.88 2.31 30.91
CA ASP F 230 -28.43 1.69 32.15
C ASP F 230 -27.96 0.25 31.91
N THR F 231 -27.36 0.02 30.75
CA THR F 231 -26.84 -1.29 30.38
C THR F 231 -25.46 -1.11 29.79
N CYS F 232 -24.50 -1.86 30.31
CA CYS F 232 -23.10 -1.75 29.88
C CYS F 232 -22.86 -2.66 28.68
N VAL F 233 -22.11 -2.15 27.72
CA VAL F 233 -21.77 -2.90 26.52
C VAL F 233 -20.26 -2.95 26.36
N PHE F 234 -19.82 -3.75 25.38
CA PHE F 234 -18.41 -3.89 25.07
C PHE F 234 -18.25 -4.02 23.56
N MET F 235 -17.02 -4.21 23.12
CA MET F 235 -16.73 -4.23 21.69
C MET F 235 -17.20 -5.53 21.06
N ASP F 236 -17.79 -5.42 19.86
CA ASP F 236 -18.25 -6.54 19.05
C ASP F 236 -19.31 -7.38 19.77
N GLN F 237 -20.16 -6.72 20.55
CA GLN F 237 -21.27 -7.40 21.20
C GLN F 237 -22.47 -7.39 20.27
N ARG F 238 -22.91 -8.58 19.86
CA ARG F 238 -24.02 -8.73 18.93
C ARG F 238 -25.32 -8.59 19.71
N LEU F 239 -25.88 -7.39 19.71
CA LEU F 239 -27.20 -7.19 20.29
C LEU F 239 -28.27 -7.75 19.36
N ALA F 240 -29.47 -7.91 19.91
CA ALA F 240 -30.60 -8.40 19.15
C ALA F 240 -31.82 -7.55 19.43
N PHE F 241 -32.53 -7.18 18.38
CA PHE F 241 -33.77 -6.43 18.48
C PHE F 241 -34.86 -7.21 17.78
N LEU F 242 -35.94 -7.52 18.50
CA LEU F 242 -37.07 -8.30 18.00
C LEU F 242 -36.65 -9.67 17.48
N ASP F 243 -35.59 -10.24 18.06
CA ASP F 243 -35.08 -11.58 17.81
C ASP F 243 -34.59 -11.81 16.38
N SER F 244 -34.59 -10.78 15.53
CA SER F 244 -34.12 -10.93 14.16
C SER F 244 -33.10 -9.88 13.76
N ILE F 245 -33.25 -8.64 14.23
CA ILE F 245 -32.31 -7.58 13.89
C ILE F 245 -31.02 -7.79 14.67
N ARG F 246 -29.90 -7.75 13.97
CA ARG F 246 -28.59 -7.95 14.58
C ARG F 246 -27.85 -6.63 14.66
N GLY F 247 -27.17 -6.41 15.79
CA GLY F 247 -26.34 -5.25 15.99
C GLY F 247 -24.89 -5.64 16.20
N THR F 248 -24.02 -4.64 16.24
CA THR F 248 -22.61 -4.84 16.52
C THR F 248 -22.05 -3.54 17.08
N ILE F 249 -21.54 -3.59 18.32
CA ILE F 249 -21.01 -2.41 19.00
C ILE F 249 -19.56 -2.27 18.54
N LYS F 250 -19.37 -1.59 17.42
CA LYS F 250 -18.04 -1.39 16.86
C LYS F 250 -17.51 0.00 17.24
N GLY F 251 -17.29 0.18 18.54
CA GLY F 251 -16.68 1.39 19.04
C GLY F 251 -17.40 1.99 20.22
N ILE F 252 -16.69 2.16 21.34
CA ILE F 252 -17.21 2.83 22.52
C ILE F 252 -16.21 3.91 22.89
N TYR F 253 -16.68 5.15 22.98
CA TYR F 253 -15.80 6.29 23.17
C TYR F 253 -16.11 6.99 24.49
N ARG F 254 -15.05 7.44 25.17
CA ARG F 254 -15.20 8.17 26.41
C ARG F 254 -13.95 9.02 26.61
N ASN F 255 -14.14 10.34 26.69
CA ASN F 255 -13.05 11.31 26.90
C ASN F 255 -11.94 11.17 25.86
N GLY F 256 -12.34 10.90 24.62
CA GLY F 256 -11.38 10.74 23.55
C GLY F 256 -10.67 9.41 23.51
N LYS F 257 -11.06 8.46 24.37
CA LYS F 257 -10.45 7.15 24.42
C LYS F 257 -11.44 6.10 23.93
N LYS F 258 -10.96 5.20 23.07
CA LYS F 258 -11.77 4.08 22.58
C LYS F 258 -11.68 2.96 23.60
N ILE F 259 -12.61 2.99 24.56
CA ILE F 259 -12.60 2.01 25.63
C ILE F 259 -13.18 0.68 25.12
N VAL F 260 -12.69 -0.42 25.68
CA VAL F 260 -13.14 -1.74 25.28
C VAL F 260 -14.58 -1.95 25.71
N SER F 261 -14.91 -1.59 26.94
CA SER F 261 -16.27 -1.68 27.44
C SER F 261 -16.67 -0.35 28.05
N GLY F 262 -17.95 -0.03 27.93
CA GLY F 262 -18.46 1.23 28.44
C GLY F 262 -19.86 1.08 28.99
N TYR F 263 -20.28 2.13 29.68
CA TYR F 263 -21.62 2.22 30.26
C TYR F 263 -22.44 3.22 29.46
N ILE F 264 -23.63 2.81 29.03
CA ILE F 264 -24.53 3.66 28.27
C ILE F 264 -25.53 4.28 29.23
N GLY F 265 -25.53 5.62 29.31
CA GLY F 265 -26.39 6.35 30.20
C GLY F 265 -27.45 7.15 29.47
N GLU F 266 -28.03 8.11 30.19
CA GLU F 266 -29.09 8.93 29.61
C GLU F 266 -28.54 9.92 28.60
N GLN F 267 -27.27 10.33 28.75
CA GLN F 267 -26.66 11.34 27.89
C GLN F 267 -25.55 10.74 27.02
N THR F 268 -25.77 9.53 26.51
CA THR F 268 -24.81 8.88 25.62
C THR F 268 -25.30 9.03 24.19
N ARG F 269 -24.47 9.61 23.33
CA ARG F 269 -24.83 9.84 21.93
C ARG F 269 -24.54 8.56 21.14
N ILE F 270 -25.48 7.63 21.22
CA ILE F 270 -25.38 6.38 20.48
C ILE F 270 -25.76 6.63 19.02
N ILE F 271 -24.94 6.14 18.11
CA ILE F 271 -25.16 6.31 16.68
C ILE F 271 -25.39 4.94 16.06
N PHE F 272 -26.13 4.94 14.95
CA PHE F 272 -26.51 3.72 14.24
C PHE F 272 -26.00 3.83 12.81
N ARG F 273 -24.79 3.35 12.58
CA ARG F 273 -24.26 3.29 11.23
C ARG F 273 -24.81 2.06 10.52
N SER F 274 -24.98 2.19 9.20
CA SER F 274 -25.58 1.15 8.38
C SER F 274 -24.54 0.52 7.48
N GLU F 275 -24.43 -0.80 7.55
CA GLU F 275 -23.51 -1.56 6.72
C GLU F 275 -24.16 -2.02 5.42
N SER F 276 -25.47 -1.85 5.28
CA SER F 276 -26.18 -2.13 4.04
C SER F 276 -27.14 -0.96 3.81
N ALA F 277 -26.73 -0.04 2.94
CA ALA F 277 -27.44 1.21 2.75
C ALA F 277 -27.49 1.54 1.26
N ARG F 278 -28.37 2.48 0.92
CA ARG F 278 -28.49 2.93 -0.46
C ARG F 278 -27.52 4.06 -0.72
N LEU F 279 -26.86 4.01 -1.87
CA LEU F 279 -25.85 4.99 -2.22
C LEU F 279 -26.14 5.55 -3.61
N ILE F 280 -25.93 6.85 -3.77
CA ILE F 280 -26.06 7.54 -5.05
C ILE F 280 -24.71 8.14 -5.38
N PHE F 281 -24.25 7.90 -6.61
CA PHE F 281 -23.03 8.48 -7.12
C PHE F 281 -23.38 9.49 -8.20
N LEU F 282 -22.78 10.67 -8.13
CA LEU F 282 -23.00 11.73 -9.11
C LEU F 282 -21.62 12.12 -9.65
N ILE F 283 -21.30 11.59 -10.82
CA ILE F 283 -20.03 11.86 -11.46
C ILE F 283 -20.17 13.05 -12.38
N GLN F 284 -19.35 14.09 -12.17
CA GLN F 284 -19.35 15.24 -13.06
C GLN F 284 -18.49 14.94 -14.28
N ILE F 285 -19.11 14.88 -15.44
CA ILE F 285 -18.39 14.84 -16.71
C ILE F 285 -18.24 16.29 -17.17
N THR F 286 -17.01 16.80 -17.10
CA THR F 286 -16.73 18.17 -17.47
C THR F 286 -15.53 18.20 -18.40
N ASP F 287 -15.04 19.41 -18.71
CA ASP F 287 -13.85 19.53 -19.53
C ASP F 287 -12.60 19.08 -18.80
N GLU F 288 -12.65 19.02 -17.47
CA GLU F 288 -11.49 18.69 -16.65
C GLU F 288 -11.25 17.18 -16.54
N MET F 289 -12.20 16.36 -16.96
CA MET F 289 -12.05 14.91 -16.79
C MET F 289 -10.96 14.36 -17.70
N TRP F 290 -10.74 14.98 -18.85
CA TRP F 290 -9.70 14.56 -19.77
C TRP F 290 -8.42 15.36 -19.60
N ASN F 291 -8.37 16.27 -18.63
CA ASN F 291 -7.15 16.96 -18.29
C ASN F 291 -6.18 16.01 -17.60
N PHE F 292 -4.93 16.42 -17.51
CA PHE F 292 -3.87 15.61 -16.93
C PHE F 292 -3.41 16.20 -15.61
N GLU F 293 -3.17 15.34 -14.64
CA GLU F 293 -2.59 15.76 -13.37
C GLU F 293 -1.08 15.93 -13.53
N GLU F 294 -0.44 16.44 -12.47
CA GLU F 294 0.98 16.78 -12.55
C GLU F 294 1.86 15.55 -12.71
N THR F 295 1.45 14.41 -12.13
CA THR F 295 2.24 13.19 -12.28
C THR F 295 2.15 12.62 -13.69
N GLY F 296 1.03 12.82 -14.36
CA GLY F 296 0.87 12.29 -15.71
C GLY F 296 -0.33 11.38 -15.87
N GLU F 297 -1.35 11.58 -15.03
CA GLU F 297 -2.55 10.75 -15.07
C GLU F 297 -3.78 11.61 -15.33
N GLN F 298 -4.65 11.11 -16.18
CA GLN F 298 -5.95 11.71 -16.39
C GLN F 298 -6.84 11.50 -15.17
N LEU F 299 -7.75 12.43 -14.95
CA LEU F 299 -8.58 12.39 -13.74
C LEU F 299 -9.61 11.27 -13.81
N PHE F 300 -10.17 11.03 -15.00
CA PHE F 300 -11.10 9.91 -15.12
C PHE F 300 -10.36 8.57 -15.05
N GLN F 301 -9.08 8.56 -15.45
CA GLN F 301 -8.28 7.36 -15.27
C GLN F 301 -8.09 7.06 -13.79
N LYS F 302 -7.90 8.11 -12.98
CA LYS F 302 -7.87 7.94 -11.54
C LYS F 302 -9.21 7.47 -11.00
N MET F 303 -10.31 7.96 -11.59
CA MET F 303 -11.64 7.59 -11.12
C MET F 303 -11.95 6.13 -11.41
N VAL F 304 -11.62 5.65 -12.61
CA VAL F 304 -12.00 4.30 -13.02
C VAL F 304 -10.91 3.26 -12.77
N ASN F 305 -9.71 3.68 -12.38
CA ASN F 305 -8.62 2.75 -12.14
C ASN F 305 -8.14 2.71 -10.70
N SER F 306 -8.40 3.75 -9.91
CA SER F 306 -7.91 3.83 -8.54
C SER F 306 -8.97 4.10 -7.50
N PHE F 307 -10.05 4.82 -7.83
CA PHE F 307 -11.06 5.13 -6.82
C PHE F 307 -12.09 4.02 -6.68
N PHE F 308 -12.77 3.70 -7.78
CA PHE F 308 -13.82 2.69 -7.74
C PHE F 308 -13.34 1.29 -7.37
N PRO F 309 -12.25 0.75 -7.95
CA PRO F 309 -11.79 -0.58 -7.47
C PRO F 309 -11.41 -0.60 -6.01
N LYS F 310 -10.81 0.47 -5.50
CA LYS F 310 -10.45 0.51 -4.09
C LYS F 310 -11.69 0.53 -3.20
N ILE F 311 -12.71 1.30 -3.59
CA ILE F 311 -13.91 1.37 -2.78
C ILE F 311 -14.68 0.05 -2.84
N PHE F 312 -14.63 -0.66 -3.97
CA PHE F 312 -15.31 -1.95 -4.04
C PHE F 312 -14.55 -3.02 -3.26
N LYS F 313 -13.22 -2.99 -3.29
CA LYS F 313 -12.43 -3.90 -2.47
C LYS F 313 -12.66 -3.64 -0.99
N LYS F 314 -12.75 -2.38 -0.59
CA LYS F 314 -13.03 -2.06 0.81
C LYS F 314 -14.43 -2.48 1.20
N TRP F 315 -15.41 -2.34 0.29
CA TRP F 315 -16.77 -2.77 0.60
C TRP F 315 -16.86 -4.28 0.74
N LYS F 316 -16.11 -5.02 -0.08
CA LYS F 316 -16.13 -6.47 0.03
C LYS F 316 -15.35 -6.95 1.26
N ASP F 317 -14.28 -6.24 1.64
CA ASP F 317 -13.49 -6.65 2.79
C ASP F 317 -14.28 -6.55 4.09
N VAL F 318 -15.06 -5.49 4.25
CA VAL F 318 -15.95 -5.36 5.40
C VAL F 318 -17.19 -6.22 5.25
N ASP F 319 -17.40 -6.79 4.05
CA ASP F 319 -18.58 -7.60 3.71
C ASP F 319 -19.86 -6.80 3.90
N THR F 320 -19.95 -5.72 3.15
CA THR F 320 -21.13 -4.85 3.11
C THR F 320 -22.06 -5.30 1.99
N HIS F 321 -23.31 -4.85 2.09
CA HIS F 321 -24.35 -5.19 1.12
C HIS F 321 -25.03 -3.93 0.62
N HIS F 322 -24.23 -2.96 0.22
CA HIS F 322 -24.75 -1.69 -0.25
C HIS F 322 -25.46 -1.84 -1.59
N THR F 323 -26.23 -0.83 -1.95
CA THR F 323 -26.99 -0.79 -3.19
C THR F 323 -26.56 0.47 -3.95
N ILE F 324 -25.76 0.29 -4.99
CA ILE F 324 -25.14 1.41 -5.69
C ILE F 324 -26.09 1.94 -6.75
N THR F 325 -25.89 3.23 -7.10
CA THR F 325 -26.62 3.88 -8.21
C THR F 325 -25.71 4.97 -8.76
N ILE F 326 -24.95 4.63 -9.80
CA ILE F 326 -24.01 5.56 -10.40
C ILE F 326 -24.70 6.30 -11.52
N ALA F 327 -24.57 7.63 -11.53
CA ALA F 327 -25.21 8.45 -12.56
C ALA F 327 -24.32 9.63 -12.91
N PHE F 328 -24.02 9.78 -14.20
CA PHE F 328 -23.31 10.92 -14.71
C PHE F 328 -24.21 12.16 -14.67
N ALA F 329 -23.59 13.33 -14.76
CA ALA F 329 -24.32 14.59 -14.78
C ALA F 329 -23.47 15.61 -15.52
N ILE F 330 -23.90 15.99 -16.72
CA ILE F 330 -23.08 16.71 -17.68
C ILE F 330 -23.74 18.05 -17.95
N SER F 331 -22.92 19.10 -18.06
CA SER F 331 -23.38 20.41 -18.49
C SER F 331 -22.63 20.83 -19.73
N MET F 332 -23.37 21.20 -20.77
CA MET F 332 -22.82 21.61 -22.05
C MET F 332 -22.99 23.11 -22.23
N ASP F 333 -21.91 23.78 -22.61
CA ASP F 333 -21.92 25.22 -22.85
C ASP F 333 -22.18 25.47 -24.33
N LEU F 334 -23.35 26.02 -24.64
CA LEU F 334 -23.74 26.23 -26.03
C LEU F 334 -23.04 27.43 -26.66
N SER F 335 -22.65 28.42 -25.86
CA SER F 335 -22.07 29.64 -26.39
C SER F 335 -20.66 29.39 -26.92
N ASP F 336 -20.24 30.25 -27.84
CA ASP F 336 -18.94 30.12 -28.49
C ASP F 336 -17.86 30.97 -27.85
N THR F 337 -18.16 31.67 -26.77
CA THR F 337 -17.16 32.49 -26.10
C THR F 337 -16.13 31.60 -25.40
N SER F 338 -14.88 32.04 -25.41
CA SER F 338 -13.81 31.26 -24.81
C SER F 338 -13.91 31.28 -23.29
N PHE F 339 -13.33 30.27 -22.66
CA PHE F 339 -13.41 30.14 -21.21
C PHE F 339 -12.56 31.17 -20.48
N LYS F 340 -11.56 31.75 -21.16
CA LYS F 340 -10.75 32.78 -20.53
C LYS F 340 -11.51 34.07 -20.31
N ASP F 341 -12.59 34.31 -21.07
CA ASP F 341 -13.35 35.54 -20.98
C ASP F 341 -14.53 35.44 -20.04
N LEU F 342 -14.45 34.61 -19.02
CA LEU F 342 -15.55 34.40 -18.08
C LEU F 342 -15.24 35.11 -16.76
N THR F 343 -16.17 35.94 -16.32
CA THR F 343 -16.01 36.63 -15.05
C THR F 343 -16.19 35.65 -13.90
N PRO F 344 -15.33 35.70 -12.88
CA PRO F 344 -15.53 34.82 -11.72
C PRO F 344 -16.80 35.16 -10.96
N GLY F 345 -17.44 34.12 -10.43
CA GLY F 345 -18.65 34.27 -9.65
C GLY F 345 -19.94 34.29 -10.44
N GLU F 346 -19.87 34.22 -11.76
CA GLU F 346 -21.04 34.30 -12.62
C GLU F 346 -21.28 32.96 -13.28
N SER F 347 -22.51 32.48 -13.21
CA SER F 347 -22.86 31.22 -13.84
C SER F 347 -22.91 31.36 -15.36
N LEU F 348 -22.79 30.23 -16.05
CA LEU F 348 -22.90 30.22 -17.49
C LEU F 348 -24.31 30.59 -17.92
N LYS F 349 -24.42 31.43 -18.94
CA LYS F 349 -25.72 31.94 -19.35
C LYS F 349 -26.50 30.91 -20.13
N ASN F 350 -25.96 30.46 -21.26
CA ASN F 350 -26.61 29.48 -22.12
C ASN F 350 -25.95 28.13 -21.87
N SER F 351 -26.69 27.21 -21.25
CA SER F 351 -26.17 25.90 -20.91
C SER F 351 -27.29 24.86 -20.99
N GLN F 352 -26.91 23.62 -21.29
CA GLN F 352 -27.84 22.51 -21.35
C GLN F 352 -27.38 21.42 -20.40
N ASP F 353 -28.33 20.83 -19.66
CA ASP F 353 -28.02 19.84 -18.64
C ASP F 353 -28.50 18.47 -19.06
N TYR F 354 -27.57 17.52 -19.13
CA TYR F 354 -27.86 16.13 -19.42
C TYR F 354 -27.57 15.29 -18.19
N PHE F 355 -28.32 14.20 -18.04
CA PHE F 355 -28.09 13.21 -16.98
C PHE F 355 -28.15 11.84 -17.64
N ARG F 356 -27.19 10.98 -17.31
CA ARG F 356 -27.12 9.63 -17.87
C ARG F 356 -26.90 8.66 -16.72
N ILE F 357 -27.92 7.86 -16.43
CA ILE F 357 -27.83 6.88 -15.33
C ILE F 357 -27.15 5.63 -15.87
N VAL F 358 -25.95 5.36 -15.38
CA VAL F 358 -25.19 4.20 -15.82
C VAL F 358 -25.77 2.92 -15.24
N VAL F 359 -25.94 2.87 -13.93
CA VAL F 359 -26.49 1.71 -13.26
C VAL F 359 -27.53 2.18 -12.24
N ASP F 360 -28.67 1.50 -12.23
CA ASP F 360 -29.73 1.73 -11.25
C ASP F 360 -29.39 1.02 -9.95
N GLN F 361 -30.38 0.85 -9.08
CA GLN F 361 -30.14 0.20 -7.80
C GLN F 361 -29.71 -1.24 -7.98
N VAL F 362 -28.40 -1.48 -7.83
CA VAL F 362 -27.81 -2.80 -8.05
C VAL F 362 -26.83 -3.07 -6.92
N SER F 363 -26.92 -4.25 -6.32
CA SER F 363 -26.08 -4.60 -5.19
C SER F 363 -24.63 -4.79 -5.64
N ILE F 364 -23.70 -4.59 -4.69
CA ILE F 364 -22.28 -4.57 -5.01
C ILE F 364 -21.71 -5.94 -5.30
N ILE F 365 -22.45 -7.02 -5.05
CA ILE F 365 -21.96 -8.37 -5.35
C ILE F 365 -21.82 -8.62 -6.83
N HIS F 366 -22.49 -7.84 -7.67
CA HIS F 366 -22.28 -7.86 -9.12
C HIS F 366 -21.30 -6.77 -9.54
N TRP F 367 -20.37 -6.40 -8.64
CA TRP F 367 -19.58 -5.20 -8.79
C TRP F 367 -18.76 -5.20 -10.07
N VAL F 368 -18.21 -6.36 -10.45
CA VAL F 368 -17.46 -6.47 -11.70
C VAL F 368 -18.30 -6.00 -12.87
N ASP F 369 -19.52 -6.54 -12.98
CA ASP F 369 -20.41 -6.13 -14.05
C ASP F 369 -20.69 -4.65 -14.00
N ILE F 370 -20.90 -4.11 -12.78
CA ILE F 370 -21.14 -2.69 -12.60
C ILE F 370 -19.99 -1.90 -13.22
N MET F 371 -18.77 -2.27 -12.84
CA MET F 371 -17.62 -1.52 -13.31
C MET F 371 -17.48 -1.64 -14.81
N GLU F 372 -17.78 -2.83 -15.35
CA GLU F 372 -17.73 -3.01 -16.80
C GLU F 372 -18.67 -2.04 -17.48
N THR F 373 -19.93 -1.97 -16.99
CA THR F 373 -20.89 -1.05 -17.56
C THR F 373 -20.39 0.37 -17.48
N LEU F 374 -19.82 0.74 -16.32
CA LEU F 374 -19.36 2.09 -16.10
C LEU F 374 -18.30 2.46 -17.13
N ARG F 375 -17.37 1.53 -17.39
CA ARG F 375 -16.30 1.82 -18.34
C ARG F 375 -16.87 2.08 -19.71
N GLU F 376 -17.81 1.23 -20.15
CA GLU F 376 -18.42 1.43 -21.46
C GLU F 376 -19.16 2.76 -21.50
N GLU F 377 -19.85 3.08 -20.40
CA GLU F 377 -20.67 4.29 -20.43
C GLU F 377 -19.81 5.54 -20.34
N PHE F 378 -18.52 5.39 -20.05
CA PHE F 378 -17.66 6.57 -20.11
C PHE F 378 -17.02 6.68 -21.48
N MET F 379 -16.84 5.55 -22.17
CA MET F 379 -16.17 5.59 -23.46
C MET F 379 -17.13 5.91 -24.59
N GLU F 380 -18.43 5.98 -24.30
CA GLU F 380 -19.46 6.26 -25.29
C GLU F 380 -20.27 7.49 -24.87
N ILE F 381 -19.68 8.35 -24.04
CA ILE F 381 -20.33 9.57 -23.61
C ILE F 381 -19.91 10.78 -24.43
N ARG F 382 -18.78 10.72 -25.14
CA ARG F 382 -18.45 11.79 -26.07
C ARG F 382 -19.27 11.70 -27.34
N LYS F 383 -19.52 10.48 -27.83
CA LYS F 383 -20.29 10.30 -29.06
C LYS F 383 -21.75 10.67 -28.87
N ASP F 384 -22.30 10.44 -27.68
CA ASP F 384 -23.71 10.70 -27.43
C ASP F 384 -24.02 12.18 -27.30
N LEU F 385 -23.02 13.01 -27.03
CA LEU F 385 -23.24 14.42 -26.75
C LEU F 385 -22.56 15.36 -27.73
N LEU F 386 -21.30 15.13 -28.05
CA LEU F 386 -20.58 16.02 -28.97
C LEU F 386 -21.14 15.94 -30.38
N ASN F 387 -21.55 14.75 -30.82
CA ASN F 387 -22.30 14.61 -32.06
C ASN F 387 -23.75 15.02 -31.82
N LYS F 388 -24.27 15.86 -32.71
CA LYS F 388 -25.66 16.27 -32.66
C LYS F 388 -26.32 15.96 -33.99
N GLN F 389 -27.58 15.50 -33.91
CA GLN F 389 -28.35 15.13 -35.09
C GLN F 389 -28.85 16.38 -35.80
N THR F 390 -28.67 16.42 -37.11
CA THR F 390 -29.10 17.54 -37.94
C THR F 390 -30.21 17.08 -38.86
N ASP F 391 -31.21 17.95 -39.05
CA ASP F 391 -32.36 17.63 -39.90
C ASP F 391 -32.00 17.49 -41.37
N LYS F 392 -30.83 17.98 -41.78
CA LYS F 392 -30.42 17.87 -43.18
C LYS F 392 -30.15 16.43 -43.57
N GLY F 393 -29.64 15.62 -42.63
CA GLY F 393 -29.38 14.22 -42.91
C GLY F 393 -28.05 13.72 -42.38
N TYR F 394 -27.33 14.57 -41.65
CA TYR F 394 -26.04 14.19 -41.11
C TYR F 394 -25.92 14.53 -39.63
N SER F 395 -24.70 14.40 -39.10
CA SER F 395 -24.40 14.79 -37.72
C SER F 395 -23.37 15.90 -37.74
N VAL F 396 -23.32 16.66 -36.64
CA VAL F 396 -22.36 17.75 -36.50
C VAL F 396 -21.60 17.55 -35.19
N ALA F 397 -20.27 17.62 -35.25
CA ALA F 397 -19.42 17.50 -34.06
C ALA F 397 -19.23 18.87 -33.43
N ASN F 398 -20.31 19.36 -32.83
CA ASN F 398 -20.33 20.68 -32.20
C ASN F 398 -20.81 20.57 -30.76
N GLY F 399 -20.16 21.32 -29.88
CA GLY F 399 -20.50 21.32 -28.47
C GLY F 399 -19.26 21.14 -27.60
N ARG F 400 -19.28 21.78 -26.45
CA ARG F 400 -18.15 21.72 -25.52
C ARG F 400 -18.66 21.55 -24.10
N PHE F 401 -17.96 20.71 -23.33
CA PHE F 401 -18.31 20.52 -21.93
C PHE F 401 -17.98 21.76 -21.12
N SER F 402 -18.85 22.07 -20.15
CA SER F 402 -18.58 23.18 -19.26
C SER F 402 -17.49 22.80 -18.27
N PRO F 403 -16.68 23.75 -17.81
CA PRO F 403 -15.69 23.45 -16.78
C PRO F 403 -16.34 23.23 -15.41
N VAL F 404 -15.53 22.73 -14.48
CA VAL F 404 -16.04 22.37 -13.15
C VAL F 404 -16.48 23.61 -12.39
N ILE F 405 -15.73 24.71 -12.52
CA ILE F 405 -16.02 25.93 -11.79
C ILE F 405 -17.38 26.48 -12.21
N LYS F 406 -17.69 26.41 -13.50
CA LYS F 406 -18.95 26.88 -14.03
C LYS F 406 -20.00 25.79 -14.13
N SER F 407 -19.74 24.61 -13.60
CA SER F 407 -20.66 23.49 -13.75
C SER F 407 -21.88 23.67 -12.84
N ASN F 408 -22.84 22.77 -13.01
CA ASN F 408 -24.14 22.87 -12.35
C ASN F 408 -24.18 22.06 -11.05
N PHE F 409 -23.25 22.36 -10.14
CA PHE F 409 -23.09 21.55 -8.94
C PHE F 409 -24.33 21.59 -8.06
N LEU F 410 -24.93 22.76 -7.90
CA LEU F 410 -26.17 22.86 -7.13
C LEU F 410 -27.30 22.10 -7.81
N GLU F 411 -27.29 22.06 -9.15
CA GLU F 411 -28.29 21.28 -9.87
C GLU F 411 -28.09 19.78 -9.66
N LEU F 412 -26.83 19.32 -9.58
CA LEU F 412 -26.57 17.94 -9.18
C LEU F 412 -27.11 17.65 -7.77
N VAL F 413 -26.83 18.54 -6.83
CA VAL F 413 -27.25 18.32 -5.44
C VAL F 413 -28.77 18.26 -5.36
N ASN F 414 -29.45 19.17 -6.04
CA ASN F 414 -30.89 19.26 -5.93
C ASN F 414 -31.59 18.27 -6.86
N PHE F 415 -30.84 17.68 -7.80
CA PHE F 415 -31.31 16.51 -8.53
C PHE F 415 -31.20 15.25 -7.69
N ALA F 416 -30.17 15.15 -6.86
CA ALA F 416 -30.05 14.04 -5.93
C ALA F 416 -31.10 14.10 -4.84
N THR F 417 -31.45 15.29 -4.37
CA THR F 417 -32.50 15.42 -3.35
C THR F 417 -33.90 15.37 -3.97
N THR F 418 -34.15 14.34 -4.77
CA THR F 418 -35.48 14.07 -5.31
C THR F 418 -36.01 12.69 -4.98
N ILE F 419 -35.13 11.72 -4.74
CA ILE F 419 -35.54 10.39 -4.34
C ILE F 419 -35.91 10.32 -2.87
N LEU F 420 -35.56 11.33 -2.08
CA LEU F 420 -35.83 11.35 -0.65
C LEU F 420 -36.79 12.46 -0.25
N THR F 421 -37.36 13.18 -1.23
CA THR F 421 -38.26 14.29 -0.95
C THR F 421 -39.51 13.84 -0.20
N ASP F 422 -40.17 12.80 -0.68
CA ASP F 422 -41.36 12.31 -0.01
C ASP F 422 -40.96 11.40 1.15
N PRO F 423 -41.36 11.72 2.39
CA PRO F 423 -41.06 10.82 3.51
C PRO F 423 -41.77 9.49 3.41
N PHE F 424 -42.98 9.47 2.87
CA PHE F 424 -43.74 8.22 2.71
C PHE F 424 -43.53 7.62 1.33
N LYS F 425 -42.27 7.43 0.95
CA LYS F 425 -41.93 6.75 -0.28
C LYS F 425 -42.06 5.24 -0.08
N GLN F 426 -41.95 4.49 -1.17
CA GLN F 426 -41.94 3.04 -1.08
C GLN F 426 -40.69 2.58 -0.35
N LEU F 427 -40.86 1.62 0.55
CA LEU F 427 -39.83 1.30 1.53
C LEU F 427 -38.83 0.30 0.96
N ASP F 428 -37.54 0.56 1.20
CA ASP F 428 -36.51 -0.42 0.92
C ASP F 428 -36.35 -1.31 2.14
N LEU F 429 -36.83 -2.54 2.04
CA LEU F 429 -36.95 -3.41 3.21
C LEU F 429 -35.64 -4.05 3.63
N ARG F 430 -34.53 -3.76 2.95
CA ARG F 430 -33.25 -4.30 3.34
C ARG F 430 -32.13 -3.26 3.41
N HIS F 431 -32.42 -1.99 3.17
CA HIS F 431 -31.42 -0.92 3.23
C HIS F 431 -32.05 0.31 3.90
N THR F 432 -31.20 1.10 4.57
CA THR F 432 -31.67 2.17 5.43
C THR F 432 -31.25 3.56 4.99
N THR F 433 -29.95 3.80 4.80
CA THR F 433 -29.43 5.14 4.61
C THR F 433 -29.36 5.47 3.11
N THR F 434 -29.32 6.75 2.80
CA THR F 434 -29.40 7.25 1.42
C THR F 434 -28.20 8.15 1.13
N HIS F 435 -27.00 7.62 1.36
CA HIS F 435 -25.79 8.43 1.22
C HIS F 435 -25.57 8.88 -0.22
N VAL F 436 -25.06 10.09 -0.39
CA VAL F 436 -24.84 10.69 -1.70
C VAL F 436 -23.40 11.18 -1.81
N MET F 437 -22.72 10.75 -2.86
CA MET F 437 -21.35 11.16 -3.14
C MET F 437 -21.30 11.83 -4.50
N ILE F 438 -20.56 12.92 -4.59
CA ILE F 438 -20.36 13.64 -5.84
C ILE F 438 -18.88 13.58 -6.18
N ILE F 439 -18.56 12.97 -7.30
CA ILE F 439 -17.17 12.85 -7.75
C ILE F 439 -16.90 13.96 -8.74
N SER F 440 -16.02 14.88 -8.36
CA SER F 440 -15.73 16.04 -9.19
C SER F 440 -14.24 16.09 -9.52
N PRO F 441 -13.88 16.51 -10.73
CA PRO F 441 -12.47 16.67 -11.10
C PRO F 441 -11.88 18.03 -10.76
N GLY F 442 -12.54 18.84 -9.95
CA GLY F 442 -12.03 20.13 -9.54
C GLY F 442 -11.30 20.06 -8.22
N SER F 443 -11.18 21.22 -7.57
CA SER F 443 -10.51 21.34 -6.29
C SER F 443 -11.39 22.07 -5.28
N GLY F 444 -12.70 21.81 -5.32
CA GLY F 444 -13.60 22.39 -4.35
C GLY F 444 -13.93 23.85 -4.59
N LEU F 445 -13.70 24.36 -5.78
CA LEU F 445 -14.02 25.73 -6.14
C LEU F 445 -15.17 25.71 -7.14
N PHE F 446 -16.25 26.40 -6.82
CA PHE F 446 -17.44 26.40 -7.66
C PHE F 446 -17.99 27.82 -7.77
N ASP F 447 -18.60 28.12 -8.90
CA ASP F 447 -19.34 29.35 -9.11
C ASP F 447 -20.83 29.05 -9.11
N VAL F 448 -21.56 29.69 -8.22
CA VAL F 448 -22.95 29.36 -7.97
C VAL F 448 -23.80 30.63 -8.03
N ASP F 449 -25.10 30.43 -8.21
CA ASP F 449 -26.07 31.50 -8.12
C ASP F 449 -26.55 31.63 -6.67
N TYR F 450 -26.91 32.86 -6.29
CA TYR F 450 -27.27 33.14 -4.89
C TYR F 450 -28.58 32.47 -4.50
N SER F 451 -29.61 32.64 -5.33
CA SER F 451 -30.94 32.10 -4.99
C SER F 451 -30.93 30.58 -4.98
N LEU F 452 -30.22 29.98 -5.95
CA LEU F 452 -30.09 28.52 -5.97
C LEU F 452 -29.36 28.02 -4.75
N LEU F 453 -28.35 28.76 -4.28
CA LEU F 453 -27.64 28.37 -3.07
C LEU F 453 -28.53 28.45 -1.84
N ARG F 454 -29.34 29.51 -1.75
CA ARG F 454 -30.28 29.62 -0.63
C ARG F 454 -31.28 28.48 -0.63
N LEU F 455 -31.84 28.16 -1.80
CA LEU F 455 -32.82 27.08 -1.87
C LEU F 455 -32.18 25.73 -1.59
N THR F 456 -30.94 25.52 -2.07
CA THR F 456 -30.24 24.27 -1.84
C THR F 456 -29.96 24.07 -0.35
N GLY F 457 -29.51 25.12 0.34
CA GLY F 457 -29.30 25.01 1.77
C GLY F 457 -30.57 24.76 2.55
N LYS F 458 -31.65 25.47 2.20
CA LYS F 458 -32.92 25.27 2.90
C LYS F 458 -33.50 23.89 2.65
N LYS F 459 -33.26 23.31 1.46
CA LYS F 459 -33.73 21.97 1.21
C LYS F 459 -32.88 20.93 1.94
N LEU F 460 -31.56 21.11 1.95
CA LEU F 460 -30.69 20.12 2.58
C LEU F 460 -30.75 20.17 4.09
N LEU F 461 -31.25 21.27 4.67
CA LEU F 461 -31.52 21.32 6.10
C LEU F 461 -32.85 20.67 6.48
N SER F 462 -33.45 19.88 5.58
CA SER F 462 -34.76 19.31 5.87
C SER F 462 -34.91 17.87 5.38
N LEU F 463 -33.81 17.16 5.10
CA LEU F 463 -33.90 15.80 4.62
C LEU F 463 -32.63 15.03 5.01
N GLU F 464 -32.74 13.70 5.02
CA GLU F 464 -31.76 12.82 5.66
C GLU F 464 -30.66 12.42 4.67
N MET F 465 -29.84 13.38 4.29
CA MET F 465 -28.77 13.08 3.34
C MET F 465 -27.45 13.67 3.81
N THR F 466 -26.37 12.93 3.54
CA THR F 466 -25.01 13.40 3.76
C THR F 466 -24.30 13.39 2.42
N MET F 467 -23.79 14.54 2.01
CA MET F 467 -23.19 14.70 0.70
C MET F 467 -21.68 14.81 0.83
N ASP F 468 -20.99 13.78 0.36
CA ASP F 468 -19.53 13.68 0.45
C ASP F 468 -18.96 13.98 -0.94
N LEU F 469 -18.61 15.23 -1.16
CA LEU F 469 -17.95 15.60 -2.41
C LEU F 469 -16.50 15.16 -2.36
N ILE F 470 -16.12 14.28 -3.27
CA ILE F 470 -14.75 13.81 -3.40
C ILE F 470 -14.16 14.41 -4.67
N CYS F 471 -13.00 15.05 -4.51
CA CYS F 471 -12.31 15.72 -5.60
C CYS F 471 -11.10 14.92 -6.00
N LEU F 472 -10.91 14.78 -7.31
CA LEU F 472 -9.81 14.00 -7.85
C LEU F 472 -8.54 14.82 -8.07
N SER F 473 -8.55 16.10 -7.71
CA SER F 473 -7.38 16.95 -7.83
C SER F 473 -6.80 17.21 -6.45
N LYS F 474 -5.61 17.81 -6.44
CA LYS F 474 -4.90 18.07 -5.21
C LYS F 474 -5.60 19.15 -4.39
N ALA F 475 -5.43 19.07 -3.08
CA ALA F 475 -6.07 20.02 -2.18
C ALA F 475 -5.48 21.41 -2.39
N PRO F 476 -6.31 22.43 -2.59
CA PRO F 476 -5.78 23.75 -2.91
C PRO F 476 -5.43 24.54 -1.65
N LEU F 477 -4.85 25.72 -1.88
CA LEU F 477 -4.43 26.56 -0.77
C LEU F 477 -5.61 27.17 -0.03
N HIS F 478 -6.69 27.48 -0.73
CA HIS F 478 -7.84 28.07 -0.09
C HIS F 478 -8.66 27.01 0.65
N ILE F 479 -9.56 27.48 1.50
CA ILE F 479 -10.42 26.57 2.26
C ILE F 479 -11.46 25.96 1.34
N VAL F 480 -11.77 24.69 1.57
CA VAL F 480 -12.74 23.96 0.74
C VAL F 480 -13.90 23.50 1.62
N PRO F 481 -15.13 23.47 1.10
CA PRO F 481 -15.59 23.90 -0.23
C PRO F 481 -15.76 25.40 -0.34
N LEU F 482 -15.48 26.00 -1.48
CA LEU F 482 -15.57 27.44 -1.68
C LEU F 482 -16.54 27.74 -2.80
N PHE F 483 -17.51 28.60 -2.51
CA PHE F 483 -18.52 29.02 -3.48
C PHE F 483 -18.37 30.52 -3.70
N ARG F 484 -18.15 30.91 -4.95
CA ARG F 484 -18.06 32.31 -5.33
C ARG F 484 -19.35 32.73 -6.02
N TYR F 485 -19.96 33.80 -5.53
CA TYR F 485 -21.22 34.24 -6.11
C TYR F 485 -21.27 35.76 -6.11
N ARG F 486 -22.33 36.29 -6.72
CA ARG F 486 -22.54 37.72 -6.85
C ARG F 486 -23.89 38.09 -6.23
N ASP F 487 -23.92 39.20 -5.50
CA ASP F 487 -25.16 39.70 -4.93
C ASP F 487 -25.92 40.49 -5.98
N PHE F 488 -27.02 41.11 -5.57
CA PHE F 488 -27.83 41.89 -6.49
C PHE F 488 -27.16 43.18 -6.93
N GLU F 489 -26.17 43.66 -6.16
CA GLU F 489 -25.40 44.84 -6.52
C GLU F 489 -24.10 44.50 -7.23
N ASN F 490 -23.93 43.23 -7.63
CA ASN F 490 -22.77 42.73 -8.38
C ASN F 490 -21.48 42.95 -7.60
N LYS F 491 -21.38 42.29 -6.45
CA LYS F 491 -20.17 42.24 -5.66
C LYS F 491 -19.81 40.79 -5.38
N LEU F 492 -18.53 40.46 -5.52
CA LEU F 492 -18.07 39.09 -5.35
C LEU F 492 -18.09 38.71 -3.87
N HIS F 493 -18.60 37.50 -3.59
CA HIS F 493 -18.69 37.00 -2.22
C HIS F 493 -18.28 35.52 -2.21
N HIS F 494 -17.52 35.16 -1.19
CA HIS F 494 -17.02 33.81 -1.00
C HIS F 494 -17.69 33.20 0.23
N CYS F 495 -18.26 32.01 0.08
CA CYS F 495 -18.90 31.34 1.20
C CYS F 495 -18.51 29.88 1.22
N VAL F 496 -18.47 29.31 2.42
CA VAL F 496 -18.22 27.89 2.62
C VAL F 496 -19.52 27.26 3.12
N PRO F 497 -20.13 26.34 2.38
CA PRO F 497 -21.36 25.72 2.85
C PRO F 497 -21.11 24.75 3.99
N LEU F 498 -22.14 24.57 4.82
CA LEU F 498 -22.07 23.70 5.98
C LEU F 498 -22.79 22.38 5.75
N TRP F 499 -23.17 22.06 4.51
CA TRP F 499 -23.86 20.82 4.21
C TRP F 499 -23.07 19.89 3.31
N LEU F 500 -21.81 20.19 3.03
CA LEU F 500 -20.99 19.41 2.12
C LEU F 500 -19.69 19.02 2.81
N SER F 501 -19.31 17.75 2.70
CA SER F 501 -18.06 17.29 3.27
C SER F 501 -17.09 16.96 2.14
N VAL F 502 -15.93 17.61 2.15
CA VAL F 502 -14.99 17.54 1.03
C VAL F 502 -13.86 16.58 1.39
N PHE F 503 -13.68 15.58 0.54
CA PHE F 503 -12.56 14.66 0.63
C PHE F 503 -11.71 14.76 -0.63
N PHE F 504 -10.43 14.45 -0.50
CA PHE F 504 -9.50 14.48 -1.61
C PHE F 504 -8.91 13.09 -1.81
N TRP F 505 -8.90 12.63 -3.05
CA TRP F 505 -8.39 11.32 -3.40
C TRP F 505 -6.96 11.46 -3.91
N ASN F 506 -6.04 10.68 -3.34
CA ASN F 506 -4.64 10.72 -3.74
C ASN F 506 -4.28 9.49 -4.55
N GLU F 515 9.11 16.85 0.44
CA GLU F 515 9.26 17.32 -0.92
C GLU F 515 8.35 18.51 -1.18
N TRP F 516 7.73 18.55 -2.36
CA TRP F 516 6.86 19.65 -2.74
C TRP F 516 5.85 19.15 -3.77
N THR F 517 4.59 19.50 -3.57
CA THR F 517 3.51 19.10 -4.46
C THR F 517 2.80 20.35 -4.98
N PRO F 518 2.69 20.53 -6.30
CA PRO F 518 2.02 21.71 -6.83
C PRO F 518 0.52 21.70 -6.59
N ARG F 519 0.05 22.59 -5.72
CA ARG F 519 -1.35 22.65 -5.33
C ARG F 519 -2.14 23.69 -6.12
N CYS F 520 -1.51 24.38 -7.07
CA CYS F 520 -2.17 25.34 -7.93
C CYS F 520 -2.08 24.89 -9.37
N LYS F 521 -3.14 25.14 -10.14
CA LYS F 521 -3.26 24.62 -11.50
C LYS F 521 -3.05 25.75 -12.49
N ILE F 522 -1.97 25.66 -13.27
CA ILE F 522 -1.74 26.53 -14.41
C ILE F 522 -1.72 25.62 -15.63
N TYR F 523 -2.84 25.55 -16.34
CA TYR F 523 -3.00 24.56 -17.39
C TYR F 523 -2.19 24.90 -18.64
N ASP F 524 -2.10 26.19 -18.98
CA ASP F 524 -1.43 26.60 -20.19
C ASP F 524 0.08 26.44 -20.12
N LEU F 525 0.66 26.51 -18.91
CA LEU F 525 2.09 26.35 -18.73
C LEU F 525 2.49 24.92 -18.44
N GLN F 526 1.57 24.09 -17.93
CA GLN F 526 1.88 22.69 -17.70
C GLN F 526 2.03 21.94 -19.01
N MET F 527 1.13 22.18 -19.97
CA MET F 527 1.14 21.49 -21.25
C MET F 527 1.79 22.29 -22.37
N MET F 528 2.39 23.44 -22.04
CA MET F 528 3.08 24.31 -23.00
C MET F 528 2.17 24.73 -24.14
N GLY F 529 0.94 25.11 -23.78
CA GLY F 529 -0.07 25.46 -24.75
C GLY F 529 0.08 26.81 -25.41
N ILE F 530 1.01 27.64 -24.93
CA ILE F 530 1.29 28.93 -25.53
C ILE F 530 2.74 28.91 -26.02
N THR F 531 2.94 29.24 -27.29
CA THR F 531 4.24 29.09 -27.93
C THR F 531 5.18 30.21 -27.50
N GLU F 532 6.37 30.22 -28.09
CA GLU F 532 7.45 31.08 -27.61
C GLU F 532 7.22 32.54 -27.98
N ASN F 533 6.81 32.83 -29.21
CA ASN F 533 6.82 34.20 -29.69
C ASN F 533 5.69 35.04 -29.09
N GLU F 534 4.56 34.42 -28.76
CA GLU F 534 3.43 35.14 -28.20
C GLU F 534 3.39 35.08 -26.68
N LEU F 535 4.40 34.50 -26.05
CA LEU F 535 4.54 34.48 -24.59
C LEU F 535 5.45 35.58 -24.08
N ILE F 536 5.97 36.44 -24.96
CA ILE F 536 6.91 37.47 -24.53
C ILE F 536 6.16 38.57 -23.76
N ARG F 537 6.90 39.26 -22.90
CA ARG F 537 6.31 40.28 -22.05
C ARG F 537 5.98 41.53 -22.85
N GLU F 538 4.81 42.12 -22.56
CA GLU F 538 4.38 43.34 -23.24
C GLU F 538 4.36 44.56 -22.33
N VAL F 539 4.26 44.38 -21.02
CA VAL F 539 4.24 45.50 -20.07
C VAL F 539 5.51 45.42 -19.25
N ASP F 540 6.39 46.40 -19.45
CA ASP F 540 7.68 46.43 -18.76
C ASP F 540 7.56 47.28 -17.49
N VAL F 541 8.72 47.63 -16.92
CA VAL F 541 8.76 48.50 -15.75
C VAL F 541 8.29 49.90 -16.15
N GLU F 542 7.43 50.48 -15.31
CA GLU F 542 6.87 51.79 -15.62
C GLU F 542 7.93 52.88 -15.48
N TYR F 543 7.84 53.88 -16.35
CA TYR F 543 8.77 54.99 -16.35
C TYR F 543 8.58 55.86 -15.10
N LEU F 544 9.65 56.55 -14.71
CA LEU F 544 9.59 57.44 -13.57
C LEU F 544 8.71 58.65 -13.88
N GLN F 545 8.12 59.21 -12.83
CA GLN F 545 7.18 60.31 -12.98
C GLN F 545 7.54 61.45 -12.02
N LEU F 546 7.16 62.66 -12.41
CA LEU F 546 7.33 63.82 -11.55
C LEU F 546 6.12 64.01 -10.67
N ASN F 547 6.34 64.63 -9.51
CA ASN F 547 5.27 64.86 -8.54
C ASN F 547 4.71 66.28 -8.61
N LYS F 548 5.17 67.09 -9.56
CA LYS F 548 4.77 68.49 -9.75
C LYS F 548 5.07 69.36 -8.53
N LYS F 549 5.94 68.89 -7.63
CA LYS F 549 6.38 69.66 -6.49
C LYS F 549 7.88 69.53 -6.28
N VAL F 550 8.58 68.82 -7.16
CA VAL F 550 10.01 68.56 -7.04
C VAL F 550 10.75 69.52 -7.96
N LYS F 551 11.78 70.17 -7.43
CA LYS F 551 12.56 71.13 -8.20
C LYS F 551 13.90 70.60 -8.68
N SER F 552 14.58 69.77 -7.89
CA SER F 552 15.91 69.32 -8.23
C SER F 552 15.96 67.80 -8.19
N LEU F 553 17.03 67.24 -8.78
CA LEU F 553 17.19 65.79 -8.84
C LEU F 553 17.48 65.21 -7.46
N SER F 554 18.15 65.97 -6.59
CA SER F 554 18.34 65.53 -5.22
C SER F 554 17.02 65.40 -4.49
N GLU F 555 16.10 66.34 -4.73
CA GLU F 555 14.77 66.27 -4.12
C GLU F 555 14.00 65.06 -4.63
N PHE F 556 14.11 64.76 -5.92
CA PHE F 556 13.43 63.60 -6.47
C PHE F 556 13.99 62.29 -5.92
N MET F 557 15.32 62.21 -5.79
CA MET F 557 15.92 61.01 -5.22
C MET F 557 15.52 60.82 -3.76
N ASN F 558 15.53 61.92 -2.98
CA ASN F 558 15.10 61.84 -1.59
C ASN F 558 13.63 61.48 -1.48
N ASP F 559 12.80 61.99 -2.39
CA ASP F 559 11.38 61.66 -2.36
C ASP F 559 11.11 60.21 -2.75
N TYR F 560 11.89 59.67 -3.70
CA TYR F 560 11.70 58.29 -4.07
C TYR F 560 12.17 57.35 -2.98
N ASP F 561 13.27 57.68 -2.30
CA ASP F 561 13.71 56.87 -1.18
C ASP F 561 12.78 57.02 0.02
N LYS F 562 12.12 58.17 0.14
CA LYS F 562 11.19 58.39 1.24
C LYS F 562 9.87 57.68 1.03
N ASN F 563 9.48 57.43 -0.21
CA ASN F 563 8.21 56.79 -0.55
C ASN F 563 8.44 55.42 -1.21
N ALA F 564 9.61 54.84 -1.00
CA ALA F 564 9.91 53.53 -1.58
C ALA F 564 9.20 52.39 -0.91
N PHE F 565 8.67 52.60 0.29
CA PHE F 565 8.03 51.52 1.04
C PHE F 565 6.60 51.82 1.44
N GLU F 566 6.05 52.95 1.04
CA GLU F 566 4.65 53.25 1.34
C GLU F 566 3.73 52.47 0.40
N VAL F 567 2.59 52.05 0.93
CA VAL F 567 1.56 51.37 0.16
C VAL F 567 0.34 52.28 0.10
N LYS F 568 -0.15 52.53 -1.11
CA LYS F 568 -1.29 53.42 -1.31
C LYS F 568 -2.57 52.79 -0.77
N ARG F 843 -27.58 32.07 12.84
CA ARG F 843 -26.72 31.18 13.59
C ARG F 843 -27.04 29.73 13.29
N ILE F 844 -28.32 29.45 13.01
CA ILE F 844 -28.81 28.12 12.69
C ILE F 844 -29.40 28.06 11.30
N SER F 845 -30.23 29.05 10.95
CA SER F 845 -30.83 29.10 9.62
C SER F 845 -29.80 29.35 8.52
N GLU F 846 -28.65 29.91 8.87
CA GLU F 846 -27.59 30.09 7.88
C GLU F 846 -27.00 28.75 7.48
N THR F 847 -26.80 28.57 6.17
CA THR F 847 -26.23 27.34 5.63
C THR F 847 -24.83 27.54 5.07
N TRP F 848 -24.27 28.74 5.18
CA TRP F 848 -22.92 29.01 4.72
C TRP F 848 -22.27 30.01 5.66
N VAL F 849 -20.94 29.96 5.73
CA VAL F 849 -20.15 30.95 6.44
C VAL F 849 -19.46 31.84 5.42
N ASP F 850 -19.50 33.14 5.66
CA ASP F 850 -19.00 34.13 4.71
C ASP F 850 -17.52 34.36 4.94
N ILE F 851 -16.68 33.83 4.06
CA ILE F 851 -15.24 34.05 4.15
C ILE F 851 -14.93 35.39 3.51
N LYS F 852 -14.16 36.23 4.21
CA LYS F 852 -13.86 37.57 3.71
C LYS F 852 -13.02 37.51 2.45
N SER F 853 -12.02 36.64 2.41
CA SER F 853 -11.20 36.47 1.22
C SER F 853 -10.58 35.08 1.25
N PRO F 854 -10.46 34.42 0.10
CA PRO F 854 -9.74 33.14 0.08
C PRO F 854 -8.25 33.28 0.35
N SER F 855 -7.68 34.46 0.16
CA SER F 855 -6.26 34.66 0.35
C SER F 855 -5.86 34.89 1.80
N ILE F 856 -6.81 35.17 2.68
CA ILE F 856 -6.51 35.27 4.10
C ILE F 856 -6.49 33.85 4.67
N PRO F 857 -5.71 33.58 5.73
CA PRO F 857 -5.64 32.20 6.22
C PRO F 857 -6.79 31.86 7.17
N VAL F 858 -6.77 30.65 7.72
CA VAL F 858 -7.78 30.27 8.69
C VAL F 858 -7.52 31.00 10.01
N SER F 859 -8.59 31.40 10.68
CA SER F 859 -8.50 32.12 11.94
C SER F 859 -8.51 31.11 13.07
N SER F 860 -7.35 30.95 13.74
CA SER F 860 -7.15 29.99 14.84
C SER F 860 -7.46 28.60 14.30
N GLU F 861 -8.44 27.89 14.84
CA GLU F 861 -8.84 26.57 14.37
C GLU F 861 -10.35 26.52 14.18
N PHE F 862 -10.89 27.55 13.53
CA PHE F 862 -12.33 27.65 13.33
C PHE F 862 -12.85 26.67 12.28
N ALA F 863 -11.97 25.99 11.54
CA ALA F 863 -12.40 25.03 10.54
C ALA F 863 -13.09 23.82 11.17
N ASN F 864 -12.74 23.48 12.40
CA ASN F 864 -13.43 22.39 13.09
C ASN F 864 -14.83 22.77 13.50
N GLU F 865 -15.12 24.06 13.62
CA GLU F 865 -16.48 24.53 13.88
C GLU F 865 -17.34 24.53 12.63
N LEU F 866 -16.76 24.31 11.46
CA LEU F 866 -17.50 24.23 10.20
C LEU F 866 -18.03 22.81 10.05
N LEU F 867 -19.03 22.49 10.86
CA LEU F 867 -19.69 21.20 10.85
C LEU F 867 -21.20 21.41 10.81
N PRO F 868 -21.93 20.49 10.17
CA PRO F 868 -23.40 20.58 10.22
C PRO F 868 -23.91 20.43 11.64
N ILE F 869 -24.94 21.20 11.97
CA ILE F 869 -25.49 21.13 13.32
C ILE F 869 -26.25 19.82 13.53
N ARG F 870 -26.94 19.33 12.50
CA ARG F 870 -27.75 18.14 12.65
C ARG F 870 -26.90 16.87 12.73
N TRP F 871 -25.75 16.87 12.07
CA TRP F 871 -24.85 15.73 12.07
C TRP F 871 -23.67 15.93 13.00
N LYS F 872 -23.74 16.91 13.90
CA LYS F 872 -22.61 17.20 14.78
C LYS F 872 -22.43 16.11 15.83
N ASP F 873 -23.49 15.40 16.19
CA ASP F 873 -23.43 14.43 17.27
C ASP F 873 -22.86 13.09 16.85
N VAL F 874 -22.57 12.89 15.57
CA VAL F 874 -22.00 11.61 15.15
C VAL F 874 -20.51 11.57 15.47
N TRP F 875 -19.86 12.72 15.60
CA TRP F 875 -18.45 12.72 15.92
C TRP F 875 -18.24 12.63 17.43
N PRO F 876 -17.14 12.01 17.86
CA PRO F 876 -16.85 11.93 19.30
C PRO F 876 -16.43 13.28 19.88
N LYS F 877 -16.24 13.33 21.20
CA LYS F 877 -15.96 14.60 21.85
C LYS F 877 -14.55 15.11 21.52
N TYR F 878 -13.57 14.21 21.47
CA TYR F 878 -12.18 14.62 21.32
C TYR F 878 -11.40 13.84 20.28
N VAL F 879 -11.98 12.82 19.67
CA VAL F 879 -11.26 12.06 18.64
C VAL F 879 -11.12 12.91 17.39
N ALA F 880 -9.90 12.94 16.84
CA ALA F 880 -9.63 13.74 15.66
C ALA F 880 -10.36 13.19 14.44
N ARG F 881 -10.54 14.06 13.45
CA ARG F 881 -11.29 13.71 12.24
C ARG F 881 -10.47 12.93 11.23
N LYS F 882 -9.18 12.70 11.49
CA LYS F 882 -8.34 11.96 10.55
C LYS F 882 -8.68 10.48 10.51
N TYR F 883 -9.44 9.98 11.48
CA TYR F 883 -9.80 8.56 11.52
C TYR F 883 -11.12 8.27 10.83
N SER F 884 -12.09 9.18 10.95
CA SER F 884 -13.42 8.98 10.36
C SER F 884 -13.48 9.48 8.93
N LYS F 885 -12.57 9.00 8.09
CA LYS F 885 -12.59 9.29 6.66
C LYS F 885 -13.17 8.14 5.86
N TRP F 886 -12.59 6.94 6.01
CA TRP F 886 -13.09 5.77 5.30
C TRP F 886 -14.39 5.27 5.89
N ARG F 887 -14.70 5.61 7.14
CA ARG F 887 -15.93 5.13 7.75
C ARG F 887 -17.16 5.79 7.14
N SER F 888 -17.03 7.02 6.66
CA SER F 888 -18.14 7.67 5.96
C SER F 888 -18.46 6.97 4.64
N PHE F 889 -17.43 6.52 3.93
CA PHE F 889 -17.64 5.83 2.67
C PHE F 889 -18.15 4.41 2.88
N THR F 890 -17.47 3.63 3.72
CA THR F 890 -17.79 2.21 3.84
C THR F 890 -19.07 1.98 4.61
N THR F 891 -19.28 2.69 5.71
CA THR F 891 -20.41 2.46 6.60
C THR F 891 -21.08 3.79 6.89
N PRO F 892 -21.97 4.24 6.01
CA PRO F 892 -22.59 5.57 6.17
C PRO F 892 -23.42 5.67 7.44
N ALA F 893 -23.39 6.84 8.05
CA ALA F 893 -24.03 7.09 9.34
C ALA F 893 -25.42 7.67 9.14
N GLU F 894 -26.37 7.18 9.92
CA GLU F 894 -27.72 7.72 9.89
C GLU F 894 -27.76 9.06 10.60
N LEU F 895 -28.88 9.77 10.42
CA LEU F 895 -29.06 11.05 11.09
C LEU F 895 -29.38 10.81 12.56
N PRO F 896 -28.63 11.40 13.49
CA PRO F 896 -28.80 11.04 14.90
C PRO F 896 -30.14 11.50 15.47
N ILE F 897 -30.60 10.77 16.49
CA ILE F 897 -31.85 11.11 17.14
C ILE F 897 -31.74 12.43 17.89
N THR F 898 -30.58 12.67 18.49
CA THR F 898 -30.37 13.83 19.34
C THR F 898 -29.80 15.00 18.56
N ILE F 899 -30.18 16.21 18.98
CA ILE F 899 -29.68 17.46 18.43
C ILE F 899 -29.22 18.33 19.59
N SER F 900 -28.04 18.94 19.44
CA SER F 900 -27.41 19.71 20.51
C SER F 900 -27.41 21.21 20.23
N ASP F 901 -28.30 21.70 19.38
CA ASP F 901 -28.40 23.11 19.06
C ASP F 901 -29.85 23.55 19.12
N PHE F 902 -30.06 24.85 19.37
CA PHE F 902 -31.39 25.40 19.54
C PHE F 902 -31.32 26.90 19.38
N PRO F 903 -32.35 27.55 18.83
CA PRO F 903 -32.31 29.01 18.69
C PRO F 903 -32.30 29.71 20.03
N SER F 904 -31.71 30.91 20.04
CA SER F 904 -31.63 31.71 21.25
C SER F 904 -32.96 32.41 21.50
N LYS F 905 -32.99 33.27 22.53
CA LYS F 905 -34.22 33.93 22.91
C LYS F 905 -34.66 34.95 21.87
N ASP F 906 -33.70 35.61 21.22
CA ASP F 906 -34.05 36.63 20.24
C ASP F 906 -34.59 36.02 18.96
N ASP F 907 -34.17 34.80 18.62
CA ASP F 907 -34.62 34.17 17.39
C ASP F 907 -36.08 33.76 17.47
N PHE F 908 -36.57 33.40 18.66
CA PHE F 908 -37.98 33.04 18.82
C PHE F 908 -38.88 34.27 18.78
N ASP F 909 -38.35 35.46 18.97
CA ASP F 909 -39.11 36.69 18.91
C ASP F 909 -38.86 37.47 17.62
N ARG F 910 -38.19 36.87 16.64
CA ARG F 910 -37.88 37.55 15.39
C ARG F 910 -38.63 36.95 14.21
N ASN F 911 -38.44 35.66 13.92
CA ASN F 911 -39.08 35.01 12.78
C ASN F 911 -39.56 33.62 13.19
N PHE F 912 -40.79 33.57 13.71
CA PHE F 912 -41.46 32.34 14.13
C PHE F 912 -42.92 32.69 14.36
N ILE F 913 -43.77 31.66 14.32
CA ILE F 913 -45.17 31.79 14.66
C ILE F 913 -45.52 30.73 15.71
N PHE F 914 -46.79 30.69 16.09
CA PHE F 914 -47.23 29.83 17.19
C PHE F 914 -48.55 29.17 16.84
N ARG F 915 -48.67 27.88 17.18
CA ARG F 915 -49.92 27.14 17.03
C ARG F 915 -50.13 26.35 18.32
N ASN F 916 -51.18 25.53 18.35
CA ASN F 916 -51.49 24.77 19.55
C ASN F 916 -52.30 23.53 19.19
N HIS F 917 -51.92 22.40 19.77
CA HIS F 917 -52.66 21.16 19.68
C HIS F 917 -53.05 20.71 21.08
N SER F 918 -53.99 19.78 21.15
CA SER F 918 -54.36 19.15 22.41
C SER F 918 -54.99 17.80 22.05
N VAL F 919 -54.27 16.73 22.33
CA VAL F 919 -54.67 15.40 21.88
C VAL F 919 -54.86 14.48 23.08
N THR F 920 -55.90 13.64 22.99
CA THR F 920 -56.24 12.66 24.00
C THR F 920 -57.07 11.57 23.32
N LEU F 921 -56.64 10.31 23.49
CA LEU F 921 -57.27 9.21 22.76
C LEU F 921 -58.69 8.97 23.24
N ASN F 922 -59.53 8.50 22.32
CA ASN F 922 -60.94 8.26 22.63
C ASN F 922 -61.11 6.95 23.39
N THR F 923 -62.35 6.72 23.83
CA THR F 923 -62.67 5.48 24.54
C THR F 923 -62.65 4.25 23.64
N ASP F 924 -62.59 4.43 22.32
CA ASP F 924 -62.53 3.29 21.43
C ASP F 924 -61.15 2.63 21.45
N GLN F 925 -60.10 3.44 21.54
CA GLN F 925 -58.74 2.90 21.49
C GLN F 925 -58.32 2.31 22.83
N GLU F 926 -58.97 2.70 23.93
CA GLU F 926 -58.66 2.08 25.22
C GLU F 926 -59.35 0.75 25.41
N GLN F 927 -60.20 0.33 24.46
CA GLN F 927 -60.65 -1.05 24.42
C GLN F 927 -59.46 -1.98 24.22
N TYR F 928 -58.52 -1.56 23.37
CA TYR F 928 -57.22 -2.19 23.28
C TYR F 928 -56.31 -1.64 24.37
N ASN F 929 -55.18 -2.32 24.59
CA ASN F 929 -54.26 -1.92 25.66
C ASN F 929 -53.42 -0.73 25.20
N GLN F 930 -54.07 0.42 25.14
CA GLN F 930 -53.43 1.67 24.70
C GLN F 930 -53.85 2.78 25.63
N THR F 931 -52.90 3.26 26.44
CA THR F 931 -53.10 4.41 27.31
C THR F 931 -52.44 5.63 26.68
N TYR F 932 -52.41 6.73 27.44
CA TYR F 932 -51.86 7.98 26.92
C TYR F 932 -50.36 7.89 26.66
N LYS F 933 -49.66 7.05 27.41
CA LYS F 933 -48.24 6.86 27.18
C LYS F 933 -47.97 6.23 25.82
N ASP F 934 -48.81 5.27 25.43
CA ASP F 934 -48.67 4.66 24.11
C ASP F 934 -48.94 5.67 23.00
N LEU F 935 -49.93 6.54 23.21
CA LEU F 935 -50.20 7.62 22.26
C LEU F 935 -49.02 8.58 22.15
N LEU F 936 -48.40 8.91 23.28
CA LEU F 936 -47.24 9.78 23.27
C LEU F 936 -46.07 9.13 22.54
N ARG F 937 -45.84 7.84 22.78
CA ARG F 937 -44.77 7.13 22.08
C ARG F 937 -45.04 7.08 20.58
N ASP F 938 -46.28 6.83 20.18
CA ASP F 938 -46.62 6.80 18.76
C ASP F 938 -46.48 8.17 18.14
N MET F 939 -46.83 9.22 18.88
CA MET F 939 -46.72 10.57 18.34
C MET F 939 -45.27 11.00 18.18
N ILE F 940 -44.41 10.61 19.12
CA ILE F 940 -42.98 10.89 18.95
C ILE F 940 -42.41 10.06 17.81
N TYR F 941 -42.89 8.82 17.65
CA TYR F 941 -42.46 7.97 16.54
C TYR F 941 -42.83 8.58 15.20
N MET F 942 -44.03 9.16 15.11
CA MET F 942 -44.49 9.77 13.87
C MET F 942 -43.93 11.18 13.67
N ARG F 943 -43.52 11.87 14.75
CA ARG F 943 -42.74 13.10 14.59
C ARG F 943 -41.42 12.80 13.91
N LEU F 944 -40.80 11.68 14.26
CA LEU F 944 -39.66 11.15 13.54
C LEU F 944 -40.14 10.57 12.22
N LEU F 945 -39.25 9.91 11.49
CA LEU F 945 -39.46 9.40 10.14
C LEU F 945 -39.75 10.50 9.13
N THR F 946 -39.52 11.76 9.53
CA THR F 946 -39.77 12.92 8.63
C THR F 946 -38.53 13.81 8.67
N GLY F 947 -37.68 13.61 9.68
CA GLY F 947 -36.45 14.39 9.81
C GLY F 947 -36.28 15.05 11.16
N PHE F 948 -37.23 14.83 12.06
CA PHE F 948 -37.20 15.48 13.37
C PHE F 948 -36.07 14.92 14.21
N GLN F 949 -35.57 15.74 15.13
CA GLN F 949 -34.49 15.36 16.03
C GLN F 949 -34.82 15.80 17.44
N ILE F 950 -34.58 14.92 18.42
CA ILE F 950 -34.94 15.20 19.80
C ILE F 950 -33.90 16.11 20.43
N CYS F 951 -34.37 17.16 21.10
CA CYS F 951 -33.50 18.20 21.62
C CYS F 951 -33.22 17.97 23.10
N VAL F 952 -31.94 17.75 23.41
CA VAL F 952 -31.48 17.67 24.79
C VAL F 952 -30.11 18.34 24.87
N GLY F 953 -29.93 19.18 25.87
CA GLY F 953 -28.69 19.90 26.02
C GLY F 953 -28.88 21.13 26.87
N ARG F 954 -28.00 22.11 26.64
CA ARG F 954 -27.98 23.32 27.47
C ARG F 954 -28.91 24.41 26.94
N GLN F 955 -28.92 24.62 25.61
CA GLN F 955 -29.73 25.69 25.04
C GLN F 955 -31.22 25.43 25.22
N VAL F 956 -31.63 24.17 25.08
CA VAL F 956 -33.04 23.82 25.27
C VAL F 956 -33.45 24.03 26.71
N GLU F 957 -32.57 23.69 27.65
CA GLU F 957 -32.84 23.95 29.06
C GLU F 957 -32.91 25.45 29.35
N LYS F 958 -32.06 26.23 28.69
CA LYS F 958 -32.09 27.68 28.86
C LYS F 958 -33.40 28.27 28.36
N ILE F 959 -33.88 27.78 27.21
CA ILE F 959 -35.17 28.25 26.69
C ILE F 959 -36.31 27.80 27.61
N GLU F 960 -36.22 26.57 28.13
CA GLU F 960 -37.28 26.04 28.98
C GLU F 960 -37.38 26.80 30.30
N LEU F 961 -36.24 27.15 30.90
CA LEU F 961 -36.25 27.91 32.14
C LEU F 961 -36.81 29.31 31.93
N SER F 962 -36.45 29.96 30.83
CA SER F 962 -36.91 31.32 30.53
C SER F 962 -38.28 31.24 29.86
N ARG F 963 -39.26 30.80 30.63
CA ARG F 963 -40.63 30.69 30.14
C ARG F 963 -41.63 31.19 31.18
N THR F 970 -39.12 21.94 33.47
CA THR F 970 -38.11 21.70 34.49
C THR F 970 -37.02 20.76 33.98
N VAL F 971 -37.40 19.51 33.71
CA VAL F 971 -36.47 18.49 33.23
C VAL F 971 -36.87 18.12 31.81
N VAL F 972 -35.93 18.25 30.88
CA VAL F 972 -36.15 17.85 29.50
C VAL F 972 -35.69 16.41 29.35
N ASN F 973 -36.35 15.67 28.45
CA ASN F 973 -36.12 14.25 28.29
C ASN F 973 -35.62 13.94 26.89
N LYS F 974 -34.77 12.92 26.79
CA LYS F 974 -34.29 12.40 25.52
C LYS F 974 -34.95 11.07 25.16
N TYR F 975 -34.86 10.08 26.04
CA TYR F 975 -35.54 8.82 25.85
C TYR F 975 -36.91 8.91 26.52
N LEU F 976 -37.60 7.77 26.63
CA LEU F 976 -38.97 7.78 27.13
C LEU F 976 -39.21 6.49 27.90
N ASP F 977 -39.26 6.59 29.23
CA ASP F 977 -39.49 5.45 30.11
C ASP F 977 -40.83 5.61 30.81
N PHE F 978 -41.71 4.62 30.64
CA PHE F 978 -43.05 4.69 31.19
C PHE F 978 -43.16 4.21 32.63
N ASN F 979 -42.12 3.55 33.15
CA ASN F 979 -42.21 2.94 34.48
C ASN F 979 -42.01 3.98 35.58
N GLN F 980 -40.83 4.61 35.60
CA GLN F 980 -40.51 5.54 36.68
C GLN F 980 -41.22 6.87 36.51
N ASN F 981 -40.92 7.57 35.41
CA ASN F 981 -41.49 8.89 35.19
C ASN F 981 -42.93 8.79 34.72
N ASP F 982 -43.71 9.83 35.01
CA ASP F 982 -45.12 9.89 34.65
C ASP F 982 -45.50 11.22 34.01
N ALA F 983 -44.54 12.05 33.65
CA ALA F 983 -44.81 13.33 32.99
C ALA F 983 -43.58 13.70 32.19
N PHE F 984 -43.73 13.79 30.87
CA PHE F 984 -42.60 13.96 29.97
C PHE F 984 -42.75 15.26 29.19
N LYS F 985 -41.62 15.93 28.98
CA LYS F 985 -41.56 17.14 28.17
C LYS F 985 -40.34 17.06 27.28
N LEU F 986 -40.53 17.20 25.97
CA LEU F 986 -39.42 17.05 25.06
C LEU F 986 -39.63 17.85 23.79
N TYR F 987 -38.54 18.39 23.26
CA TYR F 987 -38.54 19.22 22.07
C TYR F 987 -38.01 18.43 20.89
N LEU F 988 -38.49 18.76 19.69
CA LEU F 988 -37.99 18.20 18.45
C LEU F 988 -37.75 19.34 17.48
N MET F 989 -36.77 19.20 16.61
CA MET F 989 -36.34 20.33 15.80
C MET F 989 -35.97 19.91 14.39
N ILE F 990 -36.57 20.61 13.41
CA ILE F 990 -36.14 20.64 12.03
C ILE F 990 -36.06 22.11 11.64
N ASP F 991 -35.38 22.39 10.52
CA ASP F 991 -35.26 23.76 10.05
C ASP F 991 -36.60 24.38 9.72
N SER F 992 -37.57 23.57 9.31
CA SER F 992 -38.89 24.09 8.98
C SER F 992 -39.65 24.53 10.23
N GLU F 993 -39.60 23.71 11.29
CA GLU F 993 -40.41 23.98 12.47
C GLU F 993 -39.81 23.29 13.68
N ILE F 994 -40.18 23.79 14.86
CA ILE F 994 -39.72 23.27 16.14
C ILE F 994 -40.92 22.90 16.98
N HIS F 995 -41.00 21.65 17.40
CA HIS F 995 -42.11 21.16 18.20
C HIS F 995 -41.70 21.04 19.66
N ARG F 996 -42.65 21.26 20.55
CA ARG F 996 -42.49 20.87 21.94
C ARG F 996 -43.72 20.08 22.37
N ILE F 997 -43.50 18.92 22.97
CA ILE F 997 -44.56 18.03 23.40
C ILE F 997 -44.47 17.85 24.91
N THR F 998 -45.56 18.12 25.60
CA THR F 998 -45.66 18.00 27.04
C THR F 998 -46.81 17.08 27.40
N CYS F 999 -46.66 16.38 28.52
CA CYS F 999 -47.68 15.46 29.00
C CYS F 999 -47.69 15.47 30.51
N SER F 1000 -48.79 15.01 31.08
CA SER F 1000 -48.95 14.88 32.52
C SER F 1000 -49.74 13.62 32.81
N SER F 1001 -50.19 13.47 34.05
CA SER F 1001 -51.03 12.34 34.40
C SER F 1001 -52.45 12.49 33.87
N SER F 1002 -52.84 13.70 33.47
CA SER F 1002 -54.19 13.95 32.98
C SER F 1002 -54.42 13.37 31.59
N GLY F 1003 -53.37 13.03 30.86
CA GLY F 1003 -53.51 12.47 29.54
C GLY F 1003 -53.75 13.48 28.43
N ILE F 1004 -53.78 14.77 28.74
CA ILE F 1004 -53.98 15.80 27.74
C ILE F 1004 -52.60 16.17 27.20
N ILE F 1005 -52.23 15.57 26.07
CA ILE F 1005 -50.91 15.79 25.49
C ILE F 1005 -50.94 17.10 24.72
N ASP F 1006 -50.03 18.01 25.05
CA ASP F 1006 -49.99 19.34 24.47
C ASP F 1006 -48.81 19.46 23.53
N VAL F 1007 -49.07 19.94 22.32
CA VAL F 1007 -48.05 20.11 21.29
C VAL F 1007 -48.07 21.56 20.84
N GLU F 1008 -46.94 22.24 20.95
CA GLU F 1008 -46.79 23.60 20.45
C GLU F 1008 -45.73 23.61 19.36
N ARG F 1009 -46.10 24.12 18.19
CA ARG F 1009 -45.22 24.12 17.03
C ARG F 1009 -44.89 25.55 16.63
N TYR F 1010 -43.59 25.84 16.52
CA TYR F 1010 -43.10 27.14 16.08
C TYR F 1010 -42.60 26.95 14.65
N LEU F 1011 -43.32 27.53 13.70
CA LEU F 1011 -42.98 27.37 12.29
C LEU F 1011 -42.05 28.49 11.84
N ARG F 1012 -40.93 28.11 11.25
CA ARG F 1012 -39.99 29.09 10.70
C ARG F 1012 -40.57 29.65 9.41
N LYS F 1013 -40.79 30.96 9.37
CA LYS F 1013 -41.45 31.57 8.23
C LYS F 1013 -40.50 31.64 7.04
N ASP F 1014 -41.05 31.39 5.85
CA ASP F 1014 -40.27 31.43 4.62
C ASP F 1014 -39.83 32.85 4.30
N GLU F 1015 -38.64 32.96 3.72
CA GLU F 1015 -38.03 34.25 3.43
C GLU F 1015 -38.26 34.62 1.96
N ALA F 1016 -39.35 35.37 1.73
CA ALA F 1016 -39.68 36.00 0.45
C ALA F 1016 -39.82 35.00 -0.69
N ASN F 1017 -40.28 33.78 -0.38
CA ASN F 1017 -40.63 32.75 -1.36
C ASN F 1017 -39.44 32.42 -2.28
N LEU F 1018 -38.42 31.81 -1.66
CA LEU F 1018 -37.22 31.40 -2.40
C LEU F 1018 -37.52 30.43 -3.52
N PHE F 1019 -38.58 29.64 -3.39
CA PHE F 1019 -38.97 28.69 -4.43
C PHE F 1019 -39.70 29.35 -5.58
N ASP F 1020 -40.01 30.65 -5.47
CA ASP F 1020 -40.56 31.40 -6.59
C ASP F 1020 -39.54 32.29 -7.27
N GLN F 1021 -38.39 32.52 -6.65
CA GLN F 1021 -37.36 33.38 -7.20
C GLN F 1021 -36.35 32.63 -8.05
N VAL F 1022 -36.53 31.32 -8.23
CA VAL F 1022 -35.59 30.52 -9.00
C VAL F 1022 -36.24 30.13 -10.33
N PRO F 1023 -35.53 30.23 -11.45
CA PRO F 1023 -36.13 29.87 -12.74
C PRO F 1023 -36.42 28.39 -12.86
N SER F 1024 -37.38 28.08 -13.71
CA SER F 1024 -37.71 26.69 -14.01
C SER F 1024 -36.55 26.03 -14.74
N TYR F 1025 -36.25 24.79 -14.36
CA TYR F 1025 -35.07 24.09 -14.83
C TYR F 1025 -35.44 22.64 -15.10
N ILE F 1026 -35.55 22.28 -16.37
CA ILE F 1026 -35.94 20.95 -16.79
C ILE F 1026 -34.80 20.36 -17.61
N PRO F 1027 -34.05 19.43 -17.05
CA PRO F 1027 -32.90 18.85 -17.77
C PRO F 1027 -33.36 17.72 -18.70
N LEU F 1028 -32.38 17.09 -19.32
CA LEU F 1028 -32.62 15.95 -20.20
C LEU F 1028 -32.03 14.70 -19.57
N VAL F 1029 -32.87 13.70 -19.33
CA VAL F 1029 -32.49 12.50 -18.59
C VAL F 1029 -32.55 11.31 -19.53
N LYS F 1030 -31.46 10.55 -19.58
CA LYS F 1030 -31.39 9.30 -20.35
C LYS F 1030 -31.15 8.17 -19.36
N THR F 1031 -32.13 7.28 -19.22
CA THR F 1031 -32.01 6.18 -18.28
C THR F 1031 -31.27 5.01 -18.96
N ARG F 1032 -31.22 3.88 -18.27
CA ARG F 1032 -30.40 2.76 -18.76
C ARG F 1032 -31.06 2.05 -19.94
N TYR F 1033 -32.39 1.97 -19.96
CA TYR F 1033 -33.09 1.27 -21.03
C TYR F 1033 -33.46 2.19 -22.20
N GLU F 1034 -33.18 3.48 -22.09
CA GLU F 1034 -33.47 4.40 -23.17
C GLU F 1034 -32.28 4.50 -24.13
N SER F 1035 -32.52 5.10 -25.29
CA SER F 1035 -31.49 5.32 -26.28
C SER F 1035 -31.41 6.77 -26.76
N SER F 1036 -32.34 7.63 -26.37
CA SER F 1036 -32.33 9.03 -26.74
C SER F 1036 -32.59 9.87 -25.50
N PHE F 1037 -31.99 11.05 -25.48
CA PHE F 1037 -32.09 11.96 -24.34
C PHE F 1037 -33.47 12.60 -24.33
N ARG F 1038 -34.39 12.04 -23.54
CA ARG F 1038 -35.73 12.58 -23.43
C ARG F 1038 -35.73 13.76 -22.46
N ASP F 1039 -36.92 14.22 -22.09
CA ASP F 1039 -37.07 15.37 -21.21
C ASP F 1039 -37.51 14.90 -19.83
N ALA F 1040 -36.92 15.47 -18.79
CA ALA F 1040 -37.26 15.10 -17.42
C ALA F 1040 -38.67 15.55 -17.08
N MET F 1041 -39.38 14.73 -16.32
CA MET F 1041 -40.78 14.97 -16.01
C MET F 1041 -40.99 15.71 -14.70
N ILE F 1042 -39.92 16.04 -13.99
CA ILE F 1042 -40.01 16.77 -12.74
C ILE F 1042 -38.96 17.87 -12.74
N ASP F 1043 -39.32 19.03 -12.19
CA ASP F 1043 -38.33 20.08 -11.97
C ASP F 1043 -37.58 19.76 -10.68
N PRO F 1044 -36.27 19.50 -10.73
CA PRO F 1044 -35.54 19.18 -9.49
C PRO F 1044 -35.50 20.34 -8.51
N LEU F 1045 -35.50 21.57 -9.00
CA LEU F 1045 -35.33 22.72 -8.12
C LEU F 1045 -36.60 23.05 -7.35
N HIS F 1046 -37.77 22.77 -7.90
CA HIS F 1046 -39.02 23.19 -7.30
C HIS F 1046 -39.76 22.06 -6.59
N VAL F 1047 -39.09 20.95 -6.33
CA VAL F 1047 -39.64 19.88 -5.50
C VAL F 1047 -38.96 19.94 -4.13
N LYS F 1048 -39.75 19.86 -3.08
CA LYS F 1048 -39.24 20.09 -1.73
C LYS F 1048 -40.01 19.23 -0.74
N ARG F 1049 -39.37 18.97 0.40
CA ARG F 1049 -40.04 18.26 1.49
C ARG F 1049 -41.08 19.19 2.10
N GLU F 1050 -42.36 18.86 1.89
CA GLU F 1050 -43.43 19.75 2.30
C GLU F 1050 -43.72 19.62 3.78
N SER F 1051 -44.24 20.71 4.35
CA SER F 1051 -44.61 20.73 5.76
C SER F 1051 -45.91 19.98 5.94
N LEU F 1052 -45.85 18.90 6.72
CA LEU F 1052 -47.01 18.04 6.91
C LEU F 1052 -48.01 18.69 7.86
N ASN F 1053 -49.28 18.36 7.65
CA ASN F 1053 -50.36 18.85 8.52
C ASN F 1053 -50.43 17.94 9.74
N TRP F 1054 -49.68 18.31 10.78
CA TRP F 1054 -49.50 17.42 11.92
C TRP F 1054 -50.75 17.29 12.78
N ASN F 1055 -51.70 18.20 12.65
CA ASN F 1055 -52.92 18.12 13.45
C ASN F 1055 -53.73 16.89 13.08
N GLN F 1056 -53.91 16.64 11.78
CA GLN F 1056 -54.64 15.46 11.35
C GLN F 1056 -53.86 14.19 11.61
N ILE F 1057 -52.53 14.25 11.55
CA ILE F 1057 -51.69 13.09 11.88
C ILE F 1057 -51.90 12.70 13.33
N ASP F 1058 -51.83 13.68 14.24
CA ASP F 1058 -52.06 13.39 15.64
C ASP F 1058 -53.50 12.98 15.92
N GLN F 1059 -54.44 13.48 15.12
CA GLN F 1059 -55.84 13.11 15.31
C GLN F 1059 -56.07 11.65 14.93
N VAL F 1060 -55.58 11.23 13.76
CA VAL F 1060 -55.78 9.85 13.33
C VAL F 1060 -54.90 8.89 14.13
N LEU F 1061 -53.82 9.38 14.73
CA LEU F 1061 -52.97 8.53 15.54
C LEU F 1061 -53.55 8.30 16.93
N ALA F 1062 -54.55 9.07 17.32
CA ALA F 1062 -55.20 8.93 18.62
C ALA F 1062 -56.51 8.15 18.54
N GLY F 1063 -56.83 7.57 17.40
CA GLY F 1063 -58.08 6.85 17.24
C GLY F 1063 -59.24 7.65 16.73
N TYR F 1064 -58.99 8.85 16.20
CA TYR F 1064 -60.04 9.71 15.66
C TYR F 1064 -60.04 9.72 14.13
N GLY F 1065 -59.77 8.57 13.52
CA GLY F 1065 -59.69 8.44 12.08
C GLY F 1065 -61.01 8.25 11.37
N ASP F 1066 -62.13 8.31 12.09
CA ASP F 1066 -63.45 8.12 11.50
C ASP F 1066 -64.06 9.43 10.99
N ASN F 1067 -63.23 10.41 10.64
CA ASN F 1067 -63.74 11.69 10.15
C ASN F 1067 -64.34 11.58 8.76
N LEU F 1068 -63.96 10.55 7.99
CA LEU F 1068 -64.50 10.27 6.64
C LEU F 1068 -64.29 11.46 5.70
N ILE F 1069 -63.10 12.05 5.74
CA ILE F 1069 -62.73 13.16 4.88
C ILE F 1069 -61.49 12.75 4.08
N ASP F 1070 -61.50 13.02 2.77
CA ASP F 1070 -60.38 12.66 1.92
C ASP F 1070 -59.17 13.54 2.22
N ARG F 1071 -58.25 13.04 3.03
CA ARG F 1071 -57.07 13.79 3.39
C ARG F 1071 -56.10 13.88 2.23
N LYS F 1072 -55.41 15.02 2.13
CA LYS F 1072 -54.44 15.23 1.07
C LYS F 1072 -53.14 14.47 1.30
N TRP F 1073 -52.94 13.89 2.49
CA TRP F 1073 -51.75 13.14 2.81
C TRP F 1073 -52.07 11.67 2.94
N HIS F 1074 -51.10 10.82 2.60
CA HIS F 1074 -51.25 9.38 2.68
C HIS F 1074 -50.20 8.83 3.64
N GLY F 1075 -50.54 7.70 4.27
CA GLY F 1075 -49.59 7.00 5.10
C GLY F 1075 -48.68 6.13 4.27
N PHE F 1076 -47.88 5.32 4.96
CA PHE F 1076 -47.08 4.32 4.29
C PHE F 1076 -48.00 3.29 3.63
N ARG F 1077 -47.70 2.95 2.38
CA ARG F 1077 -48.54 2.06 1.61
C ARG F 1077 -47.69 1.03 0.89
N ALA F 1078 -48.24 -0.18 0.73
CA ALA F 1078 -47.57 -1.23 -0.02
C ALA F 1078 -48.61 -2.03 -0.80
N LYS F 1079 -48.32 -2.28 -2.07
CA LYS F 1079 -49.23 -3.03 -2.93
C LYS F 1079 -48.57 -4.32 -3.39
N TYR F 1080 -49.24 -5.44 -3.15
CA TYR F 1080 -48.73 -6.77 -3.44
C TYR F 1080 -49.64 -7.46 -4.44
N VAL F 1081 -49.03 -8.16 -5.37
CA VAL F 1081 -49.72 -8.78 -6.49
C VAL F 1081 -49.45 -10.28 -6.45
N VAL F 1082 -50.52 -11.06 -6.43
CA VAL F 1082 -50.45 -12.51 -6.57
C VAL F 1082 -50.56 -12.85 -8.04
N LEU F 1083 -49.59 -13.60 -8.54
CA LEU F 1083 -49.47 -13.96 -9.95
C LEU F 1083 -49.33 -15.47 -10.06
N PRO F 1084 -50.18 -16.15 -10.82
CA PRO F 1084 -50.02 -17.60 -11.04
C PRO F 1084 -48.76 -17.88 -11.86
N THR F 1085 -47.82 -18.61 -11.27
CA THR F 1085 -46.56 -18.91 -11.94
C THR F 1085 -46.35 -20.40 -12.19
N ASP F 1086 -46.37 -21.23 -11.16
CA ASP F 1086 -45.93 -22.62 -11.32
C ASP F 1086 -46.42 -23.46 -10.16
N ILE F 1087 -46.80 -24.70 -10.45
CA ILE F 1087 -47.21 -25.66 -9.44
C ILE F 1087 -45.96 -26.35 -8.85
N PRO F 1088 -45.83 -26.42 -7.54
CA PRO F 1088 -44.70 -27.13 -6.94
C PRO F 1088 -44.82 -28.63 -7.15
N PRO F 1089 -43.71 -29.37 -7.12
CA PRO F 1089 -43.78 -30.82 -7.21
C PRO F 1089 -44.53 -31.43 -6.04
N ASN F 1090 -45.21 -32.54 -6.31
CA ASN F 1090 -46.08 -33.26 -5.36
C ASN F 1090 -47.16 -32.28 -4.91
N THR F 1091 -47.50 -32.25 -3.61
CA THR F 1091 -48.56 -31.41 -3.05
C THR F 1091 -49.88 -31.60 -3.79
N TYR F 1092 -50.17 -32.86 -4.14
CA TYR F 1092 -51.40 -33.16 -4.88
C TYR F 1092 -52.63 -32.99 -4.01
N SER F 1093 -52.51 -33.24 -2.70
CA SER F 1093 -53.58 -33.06 -1.72
C SER F 1093 -54.85 -33.84 -2.04
N ASN F 1104 -55.62 -31.00 -10.22
CA ASN F 1104 -55.62 -30.11 -11.37
C ASN F 1104 -54.83 -28.84 -11.07
N PRO F 1105 -54.08 -28.36 -12.07
CA PRO F 1105 -53.28 -27.14 -11.89
C PRO F 1105 -54.05 -25.84 -12.02
N GLU F 1106 -55.37 -25.90 -12.21
CA GLU F 1106 -56.19 -24.71 -12.36
C GLU F 1106 -57.13 -24.47 -11.18
N GLU F 1107 -57.28 -25.45 -10.29
CA GLU F 1107 -58.13 -25.30 -9.12
C GLU F 1107 -57.37 -25.33 -7.81
N ILE F 1108 -56.11 -25.74 -7.81
CA ILE F 1108 -55.29 -25.66 -6.61
C ILE F 1108 -54.94 -24.21 -6.29
N ARG F 1109 -54.87 -23.36 -7.31
CA ARG F 1109 -54.65 -21.93 -7.07
C ARG F 1109 -55.87 -21.28 -6.46
N VAL F 1110 -57.06 -21.78 -6.77
CA VAL F 1110 -58.28 -21.33 -6.09
C VAL F 1110 -58.17 -21.60 -4.59
N GLU F 1111 -57.73 -22.81 -4.24
CA GLU F 1111 -57.51 -23.13 -2.83
C GLU F 1111 -56.38 -22.30 -2.24
N GLY F 1112 -55.38 -21.95 -3.04
CA GLY F 1112 -54.31 -21.10 -2.54
C GLY F 1112 -54.79 -19.71 -2.18
N LEU F 1113 -55.59 -19.08 -3.05
CA LEU F 1113 -56.17 -17.79 -2.71
C LEU F 1113 -57.12 -17.90 -1.53
N ARG F 1114 -57.88 -19.00 -1.46
CA ARG F 1114 -58.80 -19.18 -0.33
C ARG F 1114 -58.02 -19.29 0.98
N ARG F 1115 -56.91 -20.01 0.98
CA ARG F 1115 -56.09 -20.14 2.18
C ARG F 1115 -55.42 -18.82 2.53
N LEU F 1116 -54.99 -18.05 1.53
CA LEU F 1116 -54.37 -16.75 1.79
C LEU F 1116 -55.37 -15.78 2.40
N ILE F 1117 -56.59 -15.74 1.86
CA ILE F 1117 -57.64 -14.89 2.41
C ILE F 1117 -58.02 -15.35 3.82
N GLY F 1118 -58.08 -16.66 4.04
CA GLY F 1118 -58.37 -17.15 5.38
C GLY F 1118 -57.31 -16.81 6.39
N SER F 1119 -56.04 -16.88 5.98
CA SER F 1119 -54.94 -16.49 6.88
C SER F 1119 -54.98 -15.00 7.17
N ILE F 1120 -55.33 -14.19 6.17
CA ILE F 1120 -55.41 -12.74 6.39
C ILE F 1120 -56.55 -12.42 7.35
N THR F 1121 -57.73 -13.01 7.13
CA THR F 1121 -58.87 -12.72 8.00
C THR F 1121 -58.70 -13.33 9.38
N ARG F 1122 -57.90 -14.39 9.50
CA ARG F 1122 -57.58 -14.97 10.80
C ARG F 1122 -56.61 -14.10 11.59
N SER F 1123 -55.89 -13.21 10.91
CA SER F 1123 -54.94 -12.31 11.56
C SER F 1123 -55.58 -10.98 11.94
N ARG F 1124 -56.89 -10.98 12.17
CA ARG F 1124 -57.59 -9.76 12.54
C ARG F 1124 -57.20 -9.30 13.94
N LEU F 1125 -56.99 -7.99 14.08
CA LEU F 1125 -56.71 -7.42 15.38
C LEU F 1125 -57.97 -7.42 16.23
N ARG F 1126 -57.86 -7.91 17.47
CA ARG F 1126 -59.01 -8.08 18.33
C ARG F 1126 -58.72 -7.48 19.71
N THR F 1127 -59.79 -7.03 20.37
CA THR F 1127 -59.70 -6.48 21.71
C THR F 1127 -59.42 -7.57 22.73
N GLU F 1128 -59.13 -7.15 23.96
CA GLU F 1128 -58.80 -8.10 25.01
C GLU F 1128 -60.00 -8.96 25.40
N LYS F 1129 -61.21 -8.40 25.35
CA LYS F 1129 -62.40 -9.17 25.66
C LYS F 1129 -62.60 -10.31 24.68
N GLU F 1130 -62.37 -10.06 23.39
CA GLU F 1130 -62.40 -11.12 22.40
C GLU F 1130 -61.10 -11.93 22.38
N LYS F 1131 -60.03 -11.41 22.97
CA LYS F 1131 -58.79 -12.17 23.03
C LYS F 1131 -58.88 -13.29 24.07
N LYS F 1132 -59.49 -12.99 25.23
CA LYS F 1132 -59.62 -14.01 26.26
C LYS F 1132 -60.64 -15.08 25.88
N GLY F 1133 -61.70 -14.70 25.18
CA GLY F 1133 -62.73 -15.65 24.80
C GLY F 1133 -62.29 -16.58 23.68
N ARG F 1134 -63.07 -17.64 23.50
CA ARG F 1134 -62.80 -18.63 22.46
C ARG F 1134 -63.86 -18.57 21.36
N ARG F 1138 -66.44 -20.21 17.55
CA ARG F 1138 -66.13 -20.34 16.14
C ARG F 1138 -66.29 -19.01 15.40
N GLU F 1139 -65.23 -18.58 14.73
CA GLU F 1139 -65.28 -17.34 13.97
C GLU F 1139 -66.11 -17.52 12.70
N GLU F 1140 -66.52 -16.39 12.13
CA GLU F 1140 -67.28 -16.40 10.89
C GLU F 1140 -66.42 -16.88 9.73
N ILE F 1141 -67.08 -17.44 8.72
CA ILE F 1141 -66.36 -17.93 7.54
C ILE F 1141 -65.78 -16.76 6.75
N GLN F 1142 -64.75 -17.06 5.96
CA GLN F 1142 -64.12 -16.04 5.15
C GLN F 1142 -65.03 -15.61 4.00
N PRO F 1143 -64.93 -14.35 3.57
CA PRO F 1143 -65.70 -13.91 2.40
C PRO F 1143 -65.24 -14.64 1.15
N GLU F 1144 -66.19 -14.85 0.24
CA GLU F 1144 -65.91 -15.56 -1.00
C GLU F 1144 -65.23 -14.66 -2.01
N VAL F 1145 -64.27 -15.23 -2.75
CA VAL F 1145 -63.72 -14.59 -3.93
C VAL F 1145 -64.36 -15.23 -5.15
N MET F 1146 -64.85 -14.38 -6.07
CA MET F 1146 -65.67 -14.82 -7.19
C MET F 1146 -64.87 -14.77 -8.48
N PHE F 1147 -64.96 -15.83 -9.27
CA PHE F 1147 -64.14 -15.98 -10.46
C PHE F 1147 -64.99 -15.87 -11.71
N TYR F 1148 -64.34 -15.43 -12.78
CA TYR F 1148 -65.00 -15.24 -14.07
C TYR F 1148 -63.93 -15.26 -15.16
N THR F 1149 -64.38 -15.20 -16.40
CA THR F 1149 -63.49 -15.17 -17.55
C THR F 1149 -63.80 -13.95 -18.39
N GLY F 1150 -62.75 -13.35 -18.96
CA GLY F 1150 -62.91 -12.16 -19.77
C GLY F 1150 -62.77 -10.89 -18.96
N PRO F 1151 -63.07 -9.76 -19.59
CA PRO F 1151 -63.01 -8.48 -18.88
C PRO F 1151 -64.02 -8.39 -17.74
N LEU F 1152 -63.69 -7.54 -16.76
CA LEU F 1152 -64.51 -7.42 -15.55
C LEU F 1152 -65.87 -6.81 -15.88
N TYR F 1153 -65.93 -5.91 -16.86
CA TYR F 1153 -67.19 -5.28 -17.22
C TYR F 1153 -68.19 -6.27 -17.78
N ASN F 1154 -67.71 -7.36 -18.40
CA ASN F 1154 -68.62 -8.44 -18.78
C ASN F 1154 -69.24 -9.10 -17.57
N PHE F 1155 -68.49 -9.27 -16.48
CA PHE F 1155 -69.09 -9.84 -15.28
C PHE F 1155 -70.05 -8.85 -14.62
N ILE F 1156 -69.69 -7.57 -14.63
CA ILE F 1156 -70.56 -6.56 -14.02
C ILE F 1156 -71.88 -6.47 -14.77
N ASN F 1157 -71.81 -6.57 -16.09
CA ASN F 1157 -73.06 -6.56 -16.89
C ASN F 1157 -73.64 -7.99 -16.95
N GLU F 1158 -73.38 -8.79 -15.91
CA GLU F 1158 -73.86 -10.20 -15.87
C GLU F 1158 -74.63 -10.45 -14.57
N GLN F 1159 -74.38 -9.63 -13.54
CA GLN F 1159 -75.03 -9.84 -12.22
C GLN F 1159 -76.54 -9.54 -12.31
N GLN F 1160 -76.98 -8.93 -13.41
CA GLN F 1160 -78.42 -8.57 -13.58
C GLN F 1160 -79.30 -9.79 -13.27
N THR F 1161 -78.77 -11.01 -13.42
CA THR F 1161 -79.57 -12.24 -13.21
C THR F 1161 -80.49 -12.11 -11.98
N SER F 1162 -81.79 -12.38 -12.15
CA SER F 1162 -82.72 -12.33 -11.02
C SER F 1162 -82.63 -13.64 -10.25
N LEU F 1163 -81.47 -13.83 -9.62
CA LEU F 1163 -81.24 -14.97 -8.76
C LEU F 1163 -80.19 -14.60 -7.73
N GLU F 1164 -80.44 -15.01 -6.48
CA GLU F 1164 -79.53 -14.86 -5.34
C GLU F 1164 -79.21 -13.40 -5.00
N SER F 1165 -78.43 -13.20 -3.95
CA SER F 1165 -77.98 -11.87 -3.57
C SER F 1165 -76.52 -11.81 -3.14
N SER F 1166 -75.84 -12.94 -3.06
CA SER F 1166 -74.42 -12.96 -2.69
C SER F 1166 -73.54 -13.03 -3.94
N ALA F 1167 -73.63 -11.98 -4.75
CA ALA F 1167 -72.85 -11.90 -5.99
C ALA F 1167 -72.51 -10.43 -6.22
N ILE F 1168 -71.33 -10.04 -5.74
CA ILE F 1168 -70.76 -8.69 -5.87
C ILE F 1168 -71.79 -7.68 -5.35
N ASN F 1169 -72.12 -7.78 -4.06
CA ASN F 1169 -73.08 -6.89 -3.44
C ASN F 1169 -72.73 -6.64 -1.98
N PRO F 1339 -74.70 4.46 -6.11
CA PRO F 1339 -74.46 3.07 -6.50
C PRO F 1339 -73.01 2.79 -6.89
N ILE F 1340 -72.11 2.91 -5.92
CA ILE F 1340 -70.70 2.61 -6.11
C ILE F 1340 -70.45 1.16 -5.72
N LEU F 1341 -69.60 0.48 -6.48
CA LEU F 1341 -69.34 -0.94 -6.31
C LEU F 1341 -67.98 -1.11 -5.63
N MET F 1342 -68.00 -1.61 -4.40
CA MET F 1342 -66.77 -1.84 -3.65
C MET F 1342 -66.16 -3.15 -4.11
N LEU F 1343 -65.12 -3.06 -4.94
CA LEU F 1343 -64.44 -4.24 -5.46
C LEU F 1343 -63.55 -4.90 -4.43
N SER F 1344 -63.26 -4.25 -3.31
CA SER F 1344 -62.40 -4.79 -2.27
C SER F 1344 -63.04 -4.55 -0.91
N ASN F 1345 -62.50 -5.23 0.10
CA ASN F 1345 -62.92 -5.01 1.47
C ASN F 1345 -61.69 -4.97 2.36
N SER F 1346 -61.83 -4.27 3.50
CA SER F 1346 -60.71 -3.89 4.34
C SER F 1346 -60.91 -4.37 5.77
N LEU F 1347 -59.79 -4.65 6.45
CA LEU F 1347 -59.83 -4.96 7.87
C LEU F 1347 -58.47 -4.67 8.50
N VAL F 1348 -58.49 -4.40 9.80
CA VAL F 1348 -57.29 -4.09 10.57
C VAL F 1348 -56.66 -5.39 11.05
N ILE F 1349 -55.34 -5.50 10.93
CA ILE F 1349 -54.66 -6.74 11.30
C ILE F 1349 -53.77 -6.53 12.53
N ASP F 1350 -53.14 -7.61 12.96
CA ASP F 1350 -52.42 -7.72 14.24
C ASP F 1350 -51.02 -8.23 14.01
N VAL F 1351 -50.27 -7.54 13.15
CA VAL F 1351 -49.00 -7.92 12.53
C VAL F 1351 -48.03 -8.63 13.47
N ASP F 1352 -47.98 -8.19 14.74
CA ASP F 1352 -47.13 -8.85 15.72
C ASP F 1352 -47.97 -9.60 16.72
N PRO F 1353 -48.14 -10.92 16.56
CA PRO F 1353 -49.02 -11.66 17.47
C PRO F 1353 -48.31 -12.15 18.73
N ALA F 1354 -46.99 -12.33 18.64
CA ALA F 1354 -46.22 -13.00 19.69
C ALA F 1354 -45.80 -12.08 20.81
N GLY F 1355 -46.16 -10.82 20.77
CA GLY F 1355 -45.67 -9.88 21.75
C GLY F 1355 -44.21 -9.53 21.58
N LYS F 1356 -43.69 -9.67 20.36
CA LYS F 1356 -42.29 -9.33 20.09
C LYS F 1356 -42.04 -7.84 20.28
N SER F 1357 -42.97 -7.00 19.83
CA SER F 1357 -42.82 -5.56 19.89
C SER F 1357 -43.52 -5.02 21.14
N SER F 1358 -42.92 -3.99 21.74
CA SER F 1358 -43.49 -3.39 22.94
C SER F 1358 -44.69 -2.51 22.64
N LYS F 1359 -44.85 -2.06 21.40
CA LYS F 1359 -45.98 -1.23 21.01
C LYS F 1359 -47.14 -2.13 20.59
N GLN F 1360 -48.18 -1.52 20.04
CA GLN F 1360 -49.27 -2.24 19.40
C GLN F 1360 -49.15 -2.05 17.89
N GLU F 1361 -49.03 -3.15 17.17
CA GLU F 1361 -48.84 -3.12 15.73
C GLU F 1361 -50.19 -3.32 15.04
N SER F 1362 -50.50 -2.45 14.08
CA SER F 1362 -51.79 -2.52 13.41
C SER F 1362 -51.66 -1.90 12.02
N CYS F 1363 -51.69 -2.74 10.99
CA CYS F 1363 -51.81 -2.30 9.61
C CYS F 1363 -53.28 -2.35 9.20
N THR F 1364 -53.53 -2.14 7.91
CA THR F 1364 -54.86 -2.26 7.34
C THR F 1364 -54.74 -2.98 6.00
N VAL F 1365 -55.46 -4.08 5.84
CA VAL F 1365 -55.41 -4.86 4.62
C VAL F 1365 -56.66 -4.58 3.79
N HIS F 1366 -56.44 -4.47 2.49
CA HIS F 1366 -57.48 -4.39 1.48
C HIS F 1366 -57.31 -5.60 0.58
N TYR F 1367 -58.37 -6.38 0.40
CA TYR F 1367 -58.30 -7.52 -0.51
C TYR F 1367 -59.50 -7.51 -1.43
N ASP F 1368 -59.27 -7.89 -2.68
CA ASP F 1368 -60.30 -7.81 -3.71
C ASP F 1368 -61.35 -8.92 -3.52
N ARG F 1369 -62.46 -8.76 -4.23
CA ARG F 1369 -63.54 -9.72 -4.20
C ARG F 1369 -63.71 -10.47 -5.52
N VAL F 1370 -62.81 -10.26 -6.48
CA VAL F 1370 -62.84 -10.92 -7.77
C VAL F 1370 -61.45 -11.45 -8.10
N HIS F 1371 -61.41 -12.46 -8.96
CA HIS F 1371 -60.13 -13.04 -9.39
C HIS F 1371 -60.32 -13.78 -10.70
N ASN F 1372 -59.32 -13.70 -11.56
CA ASN F 1372 -59.24 -14.50 -12.77
C ASN F 1372 -57.86 -15.11 -12.87
N PRO F 1373 -57.72 -16.25 -13.55
CA PRO F 1373 -56.38 -16.75 -13.85
C PRO F 1373 -55.57 -15.81 -14.72
N ASP F 1374 -56.24 -15.01 -15.56
CA ASP F 1374 -55.58 -14.06 -16.44
C ASP F 1374 -55.51 -12.65 -15.85
N HIS F 1375 -56.03 -12.45 -14.65
CA HIS F 1375 -56.03 -11.13 -14.00
C HIS F 1375 -55.39 -11.26 -12.63
N CYS F 1376 -54.37 -10.43 -12.38
CA CYS F 1376 -53.56 -10.59 -11.18
C CYS F 1376 -54.34 -10.14 -9.94
N PHE F 1377 -53.94 -10.65 -8.78
CA PHE F 1377 -54.66 -10.42 -7.53
C PHE F 1377 -53.97 -9.33 -6.71
N HIS F 1378 -54.76 -8.48 -6.06
CA HIS F 1378 -54.25 -7.32 -5.35
C HIS F 1378 -54.52 -7.45 -3.85
N ILE F 1379 -53.47 -7.31 -3.04
CA ILE F 1379 -53.56 -7.16 -1.60
C ILE F 1379 -52.83 -5.89 -1.21
N ARG F 1380 -53.45 -5.06 -0.38
CA ARG F 1380 -52.87 -3.76 -0.05
C ARG F 1380 -52.71 -3.61 1.46
N LEU F 1381 -51.53 -3.09 1.85
CA LEU F 1381 -51.17 -2.88 3.25
C LEU F 1381 -50.97 -1.39 3.47
N GLU F 1382 -51.80 -0.80 4.32
CA GLU F 1382 -51.71 0.61 4.65
C GLU F 1382 -51.37 0.74 6.13
N TRP F 1383 -50.31 1.48 6.45
CA TRP F 1383 -49.89 1.61 7.83
C TRP F 1383 -49.29 2.98 8.06
N LEU F 1384 -49.24 3.38 9.31
CA LEU F 1384 -48.79 4.71 9.69
C LEU F 1384 -47.67 4.69 10.71
N THR F 1385 -47.68 3.75 11.66
CA THR F 1385 -46.68 3.74 12.70
C THR F 1385 -46.14 2.35 13.03
N THR F 1386 -46.35 1.37 12.16
CA THR F 1386 -45.91 0.01 12.46
C THR F 1386 -44.42 -0.16 12.17
N THR F 1387 -43.85 -1.20 12.77
CA THR F 1387 -42.44 -1.49 12.57
C THR F 1387 -42.22 -2.12 11.19
N PRO F 1388 -41.30 -1.59 10.39
CA PRO F 1388 -41.10 -2.16 9.06
C PRO F 1388 -40.17 -3.36 9.04
N LYS F 1389 -40.36 -4.26 9.98
CA LYS F 1389 -39.77 -5.59 9.97
C LYS F 1389 -40.79 -6.66 10.28
N LEU F 1390 -41.75 -6.37 11.16
CA LEU F 1390 -42.83 -7.30 11.42
C LEU F 1390 -43.74 -7.43 10.20
N ILE F 1391 -43.94 -6.32 9.49
CA ILE F 1391 -44.70 -6.39 8.24
C ILE F 1391 -43.93 -7.17 7.19
N ASP F 1392 -42.60 -7.13 7.23
CA ASP F 1392 -41.79 -7.88 6.28
C ASP F 1392 -41.90 -9.38 6.52
N ASP F 1393 -41.85 -9.82 7.78
CA ASP F 1393 -42.01 -11.25 8.03
C ASP F 1393 -43.46 -11.70 7.88
N LEU F 1394 -44.43 -10.80 8.06
CA LEU F 1394 -45.80 -11.15 7.71
C LEU F 1394 -45.95 -11.39 6.21
N VAL F 1395 -45.33 -10.53 5.40
CA VAL F 1395 -45.32 -10.73 3.96
C VAL F 1395 -44.58 -12.02 3.60
N GLY F 1396 -43.52 -12.33 4.35
CA GLY F 1396 -42.81 -13.58 4.12
C GLY F 1396 -43.64 -14.81 4.44
N ASN F 1397 -44.41 -14.76 5.52
CA ASN F 1397 -45.34 -15.84 5.85
C ASN F 1397 -46.40 -16.01 4.77
N TRP F 1398 -46.94 -14.89 4.27
CA TRP F 1398 -47.90 -14.95 3.18
C TRP F 1398 -47.27 -15.55 1.92
N SER F 1399 -46.04 -15.16 1.62
CA SER F 1399 -45.36 -15.66 0.43
C SER F 1399 -45.08 -17.16 0.53
N ARG F 1400 -44.69 -17.63 1.72
CA ARG F 1400 -44.49 -19.06 1.92
C ARG F 1400 -45.81 -19.82 1.80
N LEU F 1401 -46.89 -19.26 2.35
CA LEU F 1401 -48.20 -19.91 2.24
C LEU F 1401 -48.66 -19.97 0.80
N CYS F 1402 -48.35 -18.94 0.01
CA CYS F 1402 -48.60 -19.00 -1.42
C CYS F 1402 -47.77 -20.10 -2.07
N GLU F 1403 -46.46 -20.11 -1.81
CA GLU F 1403 -45.55 -21.02 -2.51
C GLU F 1403 -45.75 -22.48 -2.13
N ARG F 1404 -46.44 -22.78 -1.02
CA ARG F 1404 -46.87 -24.15 -0.78
C ARG F 1404 -47.82 -24.62 -1.86
N TYR F 1405 -48.76 -23.77 -2.25
CA TYR F 1405 -49.59 -23.92 -3.44
C TYR F 1405 -48.82 -23.33 -4.62
N GLY F 1406 -49.51 -23.02 -5.71
CA GLY F 1406 -48.85 -22.35 -6.82
C GLY F 1406 -48.57 -20.89 -6.53
N LEU F 1407 -48.80 -20.01 -7.51
CA LEU F 1407 -48.71 -18.55 -7.36
C LEU F 1407 -47.31 -18.05 -6.99
N LYS F 1408 -47.19 -16.74 -6.86
CA LYS F 1408 -45.95 -16.09 -6.44
C LYS F 1408 -46.29 -14.66 -6.04
N MET F 1409 -46.11 -14.33 -4.76
CA MET F 1409 -46.40 -12.98 -4.30
C MET F 1409 -45.28 -12.04 -4.69
N ILE F 1410 -45.63 -10.90 -5.29
CA ILE F 1410 -44.69 -9.89 -5.73
C ILE F 1410 -45.15 -8.56 -5.16
N GLU F 1411 -44.26 -7.58 -5.16
CA GLU F 1411 -44.59 -6.23 -4.71
C GLU F 1411 -44.38 -5.25 -5.85
N ILE F 1412 -45.34 -4.35 -6.06
CA ILE F 1412 -45.18 -3.34 -7.09
C ILE F 1412 -45.44 -1.98 -6.47
N PRO F 1413 -44.85 -0.92 -7.04
CA PRO F 1413 -45.10 0.43 -6.50
C PRO F 1413 -46.57 0.81 -6.59
N TRP F 1414 -47.02 1.52 -5.54
CA TRP F 1414 -48.42 1.91 -5.46
C TRP F 1414 -48.80 2.89 -6.56
N GLU F 1415 -47.90 3.82 -6.88
CA GLU F 1415 -48.16 4.78 -7.92
C GLU F 1415 -48.04 4.13 -9.29
N GLU F 1416 -48.50 4.85 -10.31
CA GLU F 1416 -48.48 4.36 -11.67
C GLU F 1416 -47.05 4.27 -12.19
N LEU F 1417 -46.88 3.48 -13.24
CA LEU F 1417 -45.56 3.37 -13.89
C LEU F 1417 -45.17 4.68 -14.55
N CYS F 1418 -46.13 5.41 -15.09
CA CYS F 1418 -45.85 6.65 -15.81
C CYS F 1418 -45.37 7.77 -14.89
N THR F 1419 -45.52 7.63 -13.58
CA THR F 1419 -45.11 8.66 -12.64
C THR F 1419 -43.73 8.41 -12.04
N ILE F 1420 -43.06 7.31 -12.38
CA ILE F 1420 -41.74 7.05 -11.82
C ILE F 1420 -40.65 7.99 -12.35
N PRO F 1421 -40.73 8.59 -13.56
CA PRO F 1421 -39.77 9.68 -13.84
C PRO F 1421 -40.08 10.95 -13.08
N SER F 1422 -41.34 11.13 -12.66
CA SER F 1422 -41.76 12.30 -11.91
C SER F 1422 -41.60 12.13 -10.41
N VAL F 1423 -41.05 11.01 -9.96
CA VAL F 1423 -40.78 10.78 -8.55
C VAL F 1423 -39.31 10.40 -8.38
N ASN F 1424 -38.86 9.39 -9.15
CA ASN F 1424 -37.53 8.80 -9.01
C ASN F 1424 -36.81 8.96 -10.34
N PRO F 1425 -36.05 10.04 -10.53
CA PRO F 1425 -35.39 10.27 -11.83
C PRO F 1425 -34.32 9.23 -12.17
N PHE F 1426 -33.83 8.47 -11.21
CA PHE F 1426 -32.82 7.45 -11.48
C PHE F 1426 -33.41 6.15 -11.98
N HIS F 1427 -34.73 6.01 -11.97
CA HIS F 1427 -35.38 4.75 -12.33
C HIS F 1427 -35.28 4.51 -13.83
N SER F 1428 -35.08 3.26 -14.21
CA SER F 1428 -35.09 2.89 -15.61
C SER F 1428 -36.52 2.91 -16.15
N PHE F 1429 -36.71 3.56 -17.28
CA PHE F 1429 -38.05 3.81 -17.82
C PHE F 1429 -37.92 4.07 -19.30
N VAL F 1430 -38.43 3.18 -20.13
CA VAL F 1430 -38.28 3.30 -21.58
C VAL F 1430 -39.65 3.32 -22.23
N GLU F 1431 -39.86 4.25 -23.16
CA GLU F 1431 -41.07 4.29 -23.95
C GLU F 1431 -40.84 3.56 -25.27
N ILE F 1432 -41.84 2.79 -25.69
CA ILE F 1432 -41.75 1.92 -26.85
C ILE F 1432 -42.77 2.38 -27.88
N LYS F 1433 -42.28 2.81 -29.05
CA LYS F 1433 -43.11 2.98 -30.23
C LYS F 1433 -42.88 1.76 -31.10
N LEU F 1434 -43.81 0.81 -31.04
CA LEU F 1434 -43.61 -0.49 -31.65
C LEU F 1434 -43.60 -0.38 -33.18
N ALA F 1435 -42.97 -1.36 -33.82
CA ALA F 1435 -42.57 -1.23 -35.22
C ALA F 1435 -43.76 -1.17 -36.17
N ILE F 1436 -44.73 -2.06 -35.99
CA ILE F 1436 -45.88 -2.15 -36.89
C ILE F 1436 -47.09 -1.57 -36.17
N ASN F 1437 -47.70 -0.55 -36.76
CA ASN F 1437 -48.92 0.02 -36.23
C ASN F 1437 -50.09 -0.78 -36.77
N PRO F 1438 -50.83 -1.52 -35.93
CA PRO F 1438 -51.92 -2.34 -36.45
C PRO F 1438 -53.17 -1.57 -36.84
N TRP F 1439 -53.24 -0.28 -36.52
CA TRP F 1439 -54.41 0.50 -36.88
C TRP F 1439 -54.34 1.05 -38.29
N GLU F 1440 -53.17 1.00 -38.93
CA GLU F 1440 -53.02 1.54 -40.28
C GLU F 1440 -52.22 0.67 -41.23
N ASP F 1441 -51.70 -0.47 -40.77
CA ASP F 1441 -50.95 -1.35 -41.66
C ASP F 1441 -51.91 -2.06 -42.61
N PRO F 1442 -51.60 -2.13 -43.91
CA PRO F 1442 -52.48 -2.85 -44.84
C PRO F 1442 -52.60 -4.33 -44.55
N GLU F 1443 -51.55 -4.96 -44.02
CA GLU F 1443 -51.60 -6.39 -43.72
C GLU F 1443 -52.50 -6.70 -42.54
N PHE F 1444 -52.67 -5.76 -41.60
CA PHE F 1444 -53.50 -5.97 -40.42
C PHE F 1444 -54.39 -4.74 -40.27
N LYS F 1445 -55.64 -4.85 -40.74
CA LYS F 1445 -56.58 -3.74 -40.64
C LYS F 1445 -57.99 -4.27 -40.83
N ASP F 1446 -58.88 -3.93 -39.91
CA ASP F 1446 -60.30 -4.28 -40.02
C ASP F 1446 -61.10 -3.38 -39.10
N ARG F 1447 -62.19 -2.81 -39.62
CA ARG F 1447 -63.04 -1.96 -38.79
C ARG F 1447 -63.85 -2.78 -37.80
N GLU F 1448 -64.28 -3.99 -38.18
CA GLU F 1448 -65.05 -4.83 -37.29
C GLU F 1448 -64.22 -5.30 -36.10
N LEU F 1449 -62.95 -5.62 -36.35
CA LEU F 1449 -62.05 -6.03 -35.26
C LEU F 1449 -61.84 -4.88 -34.28
N PHE F 1450 -61.66 -3.66 -34.80
CA PHE F 1450 -61.43 -2.52 -33.92
C PHE F 1450 -62.71 -2.12 -33.19
N ALA F 1451 -63.88 -2.38 -33.78
CA ALA F 1451 -65.12 -2.24 -33.05
C ALA F 1451 -65.21 -3.28 -31.93
N LYS F 1452 -64.74 -4.50 -32.20
CA LYS F 1452 -64.74 -5.54 -31.18
C LYS F 1452 -63.63 -5.34 -30.16
N SER F 1453 -62.39 -5.26 -30.64
CA SER F 1453 -61.22 -5.09 -29.76
C SER F 1453 -60.23 -4.17 -30.47
N LYS F 1454 -60.19 -2.91 -30.05
CA LYS F 1454 -59.30 -1.93 -30.68
C LYS F 1454 -57.83 -2.27 -30.44
N PHE F 1455 -57.49 -2.67 -29.22
CA PHE F 1455 -56.12 -3.02 -28.86
C PHE F 1455 -55.86 -4.52 -28.93
N TYR F 1456 -56.52 -5.22 -29.86
CA TYR F 1456 -56.42 -6.67 -29.93
C TYR F 1456 -54.99 -7.11 -30.21
N TYR F 1457 -54.33 -6.45 -31.15
CA TYR F 1457 -52.95 -6.81 -31.48
C TYR F 1457 -52.01 -6.52 -30.32
N HIS F 1458 -52.21 -5.39 -29.63
CA HIS F 1458 -51.36 -5.05 -28.50
C HIS F 1458 -51.59 -5.99 -27.31
N VAL F 1459 -52.85 -6.34 -27.05
CA VAL F 1459 -53.15 -7.26 -25.96
C VAL F 1459 -52.59 -8.65 -26.25
N TYR F 1460 -52.69 -9.11 -27.50
CA TYR F 1460 -52.09 -10.40 -27.84
C TYR F 1460 -50.57 -10.34 -27.80
N LEU F 1461 -49.98 -9.19 -28.14
CA LEU F 1461 -48.53 -9.03 -28.03
C LEU F 1461 -48.09 -9.13 -26.57
N LEU F 1462 -48.84 -8.50 -25.67
CA LEU F 1462 -48.51 -8.58 -24.25
C LEU F 1462 -48.76 -9.98 -23.69
N LYS F 1463 -49.76 -10.68 -24.22
CA LYS F 1463 -50.02 -12.05 -23.77
C LYS F 1463 -48.91 -12.99 -24.24
N ALA F 1464 -48.45 -12.85 -25.48
CA ALA F 1464 -47.44 -13.75 -26.01
C ALA F 1464 -46.06 -13.48 -25.44
N SER F 1465 -45.83 -12.31 -24.87
CA SER F 1465 -44.55 -11.98 -24.24
C SER F 1465 -44.56 -12.23 -22.74
N GLY F 1466 -45.64 -12.77 -22.19
CA GLY F 1466 -45.68 -13.10 -20.78
C GLY F 1466 -45.99 -11.95 -19.85
N PHE F 1467 -47.19 -11.39 -19.95
CA PHE F 1467 -47.64 -10.34 -19.04
C PHE F 1467 -49.06 -10.64 -18.59
N LEU F 1468 -49.42 -10.12 -17.41
CA LEU F 1468 -50.75 -10.25 -16.84
C LEU F 1468 -51.31 -8.85 -16.61
N LEU F 1469 -52.61 -8.69 -16.79
CA LEU F 1469 -53.22 -7.38 -16.63
C LEU F 1469 -53.29 -6.99 -15.16
N ASP F 1470 -52.83 -5.78 -14.85
CA ASP F 1470 -52.87 -5.27 -13.48
C ASP F 1470 -54.16 -4.49 -13.24
N ASN F 1471 -54.44 -3.50 -14.08
CA ASN F 1471 -55.68 -2.72 -14.00
C ASN F 1471 -56.80 -3.53 -14.63
N ARG F 1472 -57.42 -4.38 -13.82
CA ARG F 1472 -58.54 -5.17 -14.31
C ARG F 1472 -59.83 -4.38 -14.38
N ALA F 1473 -59.85 -3.18 -13.79
CA ALA F 1473 -61.06 -2.39 -13.66
C ALA F 1473 -60.93 -1.08 -14.42
N SER F 1474 -60.28 -1.12 -15.58
CA SER F 1474 -60.01 0.08 -16.35
C SER F 1474 -61.01 0.20 -17.50
N LYS F 1475 -60.79 1.20 -18.36
CA LYS F 1475 -61.74 1.54 -19.41
C LYS F 1475 -61.06 1.66 -20.77
N PHE F 1476 -59.94 0.97 -20.96
CA PHE F 1476 -59.24 1.00 -22.23
C PHE F 1476 -59.33 -0.31 -23.00
N LEU F 1477 -59.79 -1.38 -22.38
CA LEU F 1477 -59.87 -2.68 -23.03
C LEU F 1477 -61.28 -3.18 -23.23
N GLN F 1478 -62.16 -2.98 -22.26
CA GLN F 1478 -63.54 -3.45 -22.35
C GLN F 1478 -64.41 -2.41 -23.05
N ASN F 1479 -65.52 -2.89 -23.62
CA ASN F 1479 -66.46 -2.02 -24.33
C ASN F 1479 -67.88 -2.41 -23.90
N GLN F 1480 -68.33 -1.85 -22.78
CA GLN F 1480 -69.68 -2.08 -22.26
C GLN F 1480 -70.04 -0.92 -21.34
N ASP F 1481 -71.21 -1.01 -20.72
CA ASP F 1481 -71.72 0.02 -19.83
C ASP F 1481 -71.49 -0.38 -18.38
N ILE F 1482 -72.05 0.42 -17.46
CA ILE F 1482 -71.83 0.22 -16.03
C ILE F 1482 -72.98 0.87 -15.28
N GLU F 1483 -73.25 0.36 -14.08
CA GLU F 1483 -74.24 0.95 -13.17
C GLU F 1483 -73.48 1.87 -12.21
N PHE F 1484 -73.17 3.07 -12.69
CA PHE F 1484 -72.31 4.07 -12.05
C PHE F 1484 -70.90 3.58 -11.80
N ASP F 1485 -70.05 4.46 -11.30
CA ASP F 1485 -68.62 4.17 -11.18
C ASP F 1485 -68.35 3.14 -10.09
N ILE F 1486 -67.24 2.44 -10.24
CA ILE F 1486 -66.78 1.45 -9.27
C ILE F 1486 -65.65 2.06 -8.45
N MET F 1487 -65.72 1.89 -7.13
CA MET F 1487 -64.76 2.48 -6.22
C MET F 1487 -64.15 1.40 -5.34
N TYR F 1488 -62.83 1.38 -5.25
CA TYR F 1488 -62.14 0.40 -4.43
C TYR F 1488 -62.34 0.72 -2.95
N SER F 1489 -61.93 -0.23 -2.10
CA SER F 1489 -62.04 -0.05 -0.67
C SER F 1489 -61.03 0.95 -0.13
N TRP F 1490 -60.01 1.29 -0.92
CA TRP F 1490 -59.01 2.27 -0.50
C TRP F 1490 -59.19 3.63 -1.16
N GLY F 1491 -59.75 3.68 -2.36
CA GLY F 1491 -60.00 4.95 -3.00
C GLY F 1491 -60.39 4.78 -4.46
N LYS F 1492 -60.55 5.92 -5.12
CA LYS F 1492 -60.89 5.93 -6.54
C LYS F 1492 -59.68 5.54 -7.37
N PRO F 1493 -59.83 4.69 -8.39
CA PRO F 1493 -58.69 4.32 -9.22
C PRO F 1493 -58.24 5.45 -10.14
N GLN F 1494 -57.14 6.11 -9.78
CA GLN F 1494 -56.60 7.21 -10.57
C GLN F 1494 -55.46 6.71 -11.47
N PHE F 1495 -55.84 5.86 -12.42
CA PHE F 1495 -54.88 5.26 -13.33
C PHE F 1495 -55.10 5.81 -14.73
N LYS F 1496 -54.05 6.39 -15.32
CA LYS F 1496 -54.16 6.99 -16.64
C LYS F 1496 -54.23 5.94 -17.74
N TYR F 1497 -53.42 4.89 -17.62
CA TYR F 1497 -53.36 3.85 -18.64
C TYR F 1497 -53.43 2.48 -17.96
N VAL F 1498 -53.71 1.46 -18.77
CA VAL F 1498 -53.75 0.10 -18.25
C VAL F 1498 -52.33 -0.38 -17.99
N GLN F 1499 -52.17 -1.09 -16.87
CA GLN F 1499 -50.86 -1.54 -16.39
C GLN F 1499 -50.80 -3.06 -16.46
N TYR F 1500 -49.59 -3.58 -16.70
CA TYR F 1500 -49.35 -5.00 -16.86
C TYR F 1500 -48.12 -5.38 -16.05
N ILE F 1501 -48.17 -6.55 -15.41
CA ILE F 1501 -47.08 -7.07 -14.59
C ILE F 1501 -46.56 -8.33 -15.27
N HIS F 1502 -45.24 -8.44 -15.39
CA HIS F 1502 -44.66 -9.67 -15.92
C HIS F 1502 -44.92 -10.81 -14.94
N HIS F 1503 -45.14 -12.01 -15.47
CA HIS F 1503 -45.51 -13.14 -14.63
C HIS F 1503 -44.36 -13.54 -13.70
N THR F 1504 -43.12 -13.24 -14.09
CA THR F 1504 -42.00 -13.41 -13.18
C THR F 1504 -42.09 -12.44 -12.00
N GLY F 1505 -42.64 -11.26 -12.24
CA GLY F 1505 -42.69 -10.23 -11.24
C GLY F 1505 -41.57 -9.22 -11.31
N ALA F 1506 -40.81 -9.20 -12.40
CA ALA F 1506 -39.63 -8.35 -12.50
C ALA F 1506 -39.87 -7.08 -13.29
N TYR F 1507 -40.80 -7.07 -14.24
CA TYR F 1507 -41.00 -5.93 -15.11
C TYR F 1507 -42.44 -5.48 -15.11
N VAL F 1508 -42.63 -4.19 -15.34
CA VAL F 1508 -43.95 -3.58 -15.44
C VAL F 1508 -44.04 -2.89 -16.80
N ALA F 1509 -45.12 -3.19 -17.51
CA ALA F 1509 -45.45 -2.53 -18.76
C ALA F 1509 -46.74 -1.73 -18.59
N GLU F 1510 -46.99 -0.82 -19.53
CA GLU F 1510 -48.16 0.04 -19.47
C GLU F 1510 -48.57 0.39 -20.89
N LEU F 1511 -49.83 0.18 -21.22
CA LEU F 1511 -50.31 0.36 -22.59
C LEU F 1511 -51.01 1.71 -22.72
N ARG F 1512 -50.47 2.57 -23.58
CA ARG F 1512 -50.98 3.91 -23.75
C ARG F 1512 -52.16 3.92 -24.71
N GLU F 1513 -52.75 5.11 -24.89
CA GLU F 1513 -53.87 5.25 -25.81
C GLU F 1513 -53.43 5.21 -27.26
N ASN F 1514 -52.26 5.78 -27.56
CA ASN F 1514 -51.78 5.92 -28.92
C ASN F 1514 -50.94 4.74 -29.38
N GLY F 1515 -51.04 3.60 -28.70
CA GLY F 1515 -50.31 2.42 -29.09
C GLY F 1515 -48.92 2.30 -28.54
N CYS F 1516 -48.37 3.36 -27.94
CA CYS F 1516 -47.06 3.29 -27.33
C CYS F 1516 -47.14 2.50 -26.02
N LEU F 1517 -45.98 2.05 -25.56
CA LEU F 1517 -45.88 1.27 -24.34
C LEU F 1517 -44.88 1.92 -23.40
N PHE F 1518 -45.03 1.65 -22.12
CA PHE F 1518 -44.05 2.00 -21.10
C PHE F 1518 -43.50 0.72 -20.50
N LEU F 1519 -42.17 0.68 -20.34
CA LEU F 1519 -41.52 -0.53 -19.86
C LEU F 1519 -40.50 -0.15 -18.80
N ALA F 1520 -40.51 -0.87 -17.68
CA ALA F 1520 -39.61 -0.55 -16.58
C ALA F 1520 -39.40 -1.79 -15.73
N PRO F 1521 -38.32 -1.86 -14.94
CA PRO F 1521 -38.14 -2.98 -14.04
C PRO F 1521 -38.72 -2.71 -12.65
N ASN F 1522 -39.05 -3.81 -11.97
CA ASN F 1522 -39.54 -3.74 -10.60
C ASN F 1522 -38.33 -3.78 -9.67
N ASN F 1523 -37.95 -2.62 -9.13
CA ASN F 1523 -36.74 -2.54 -8.34
C ASN F 1523 -36.90 -3.16 -6.96
N ILE F 1524 -38.14 -3.21 -6.44
CA ILE F 1524 -38.34 -3.76 -5.11
C ILE F 1524 -38.13 -5.28 -5.10
N TYR F 1525 -38.61 -5.97 -6.15
CA TYR F 1525 -38.38 -7.40 -6.24
C TYR F 1525 -36.91 -7.72 -6.46
N ILE F 1526 -36.22 -6.93 -7.28
CA ILE F 1526 -34.81 -7.17 -7.54
C ILE F 1526 -33.99 -6.92 -6.28
N SER F 1527 -34.31 -5.87 -5.53
CA SER F 1527 -33.60 -5.58 -4.29
C SER F 1527 -33.90 -6.63 -3.22
N ARG F 1528 -35.14 -7.10 -3.15
CA ARG F 1528 -35.49 -8.11 -2.16
C ARG F 1528 -34.88 -9.46 -2.53
N VAL F 1529 -34.84 -9.79 -3.81
CA VAL F 1529 -34.27 -11.05 -4.27
C VAL F 1529 -33.04 -10.80 -5.12
N ALA F 1548 -30.82 -11.16 -15.18
CA ALA F 1548 -32.21 -10.77 -14.99
C ALA F 1548 -32.53 -9.50 -15.76
N GLN F 1549 -31.59 -9.09 -16.63
CA GLN F 1549 -31.76 -7.91 -17.46
C GLN F 1549 -31.89 -8.24 -18.93
N LYS F 1550 -31.65 -9.48 -19.33
CA LYS F 1550 -31.78 -9.85 -20.73
C LYS F 1550 -33.22 -10.08 -21.15
N VAL F 1551 -34.13 -10.35 -20.22
CA VAL F 1551 -35.52 -10.58 -20.57
C VAL F 1551 -36.19 -9.28 -21.02
N ILE F 1552 -35.95 -8.19 -20.31
CA ILE F 1552 -36.55 -6.91 -20.67
C ILE F 1552 -35.96 -6.39 -21.98
N LEU F 1553 -34.66 -6.60 -22.19
CA LEU F 1553 -34.05 -6.20 -23.45
C LEU F 1553 -34.55 -7.07 -24.61
N ASN F 1554 -34.80 -8.36 -24.36
CA ASN F 1554 -35.38 -9.22 -25.38
C ASN F 1554 -36.79 -8.78 -25.73
N PHE F 1555 -37.57 -8.37 -24.73
CA PHE F 1555 -38.91 -7.84 -25.02
C PHE F 1555 -38.83 -6.55 -25.82
N LYS F 1556 -37.86 -5.69 -25.49
CA LYS F 1556 -37.68 -4.46 -26.26
C LYS F 1556 -37.27 -4.78 -27.69
N SER F 1557 -36.45 -5.81 -27.89
CA SER F 1557 -36.08 -6.23 -29.23
C SER F 1557 -37.28 -6.75 -30.01
N THR F 1558 -38.13 -7.56 -29.35
CA THR F 1558 -39.32 -8.07 -30.03
C THR F 1558 -40.30 -6.95 -30.38
N CYS F 1559 -40.39 -5.93 -29.53
CA CYS F 1559 -41.25 -4.80 -29.84
C CYS F 1559 -40.62 -3.82 -30.82
N LEU F 1560 -39.30 -3.90 -31.05
CA LEU F 1560 -38.65 -3.02 -32.00
C LEU F 1560 -38.27 -3.70 -33.31
N ASP F 1561 -38.10 -5.02 -33.33
CA ASP F 1561 -37.82 -5.72 -34.58
C ASP F 1561 -39.10 -5.88 -35.38
N TYR F 1562 -39.01 -5.62 -36.69
CA TYR F 1562 -40.18 -5.74 -37.54
C TYR F 1562 -40.58 -7.19 -37.76
N GLN F 1563 -39.59 -8.09 -37.87
CA GLN F 1563 -39.89 -9.47 -38.22
C GLN F 1563 -40.60 -10.21 -37.09
N LYS F 1564 -40.10 -10.06 -35.85
CA LYS F 1564 -40.70 -10.77 -34.73
C LYS F 1564 -42.08 -10.21 -34.39
N LEU F 1565 -42.23 -8.89 -34.41
CA LEU F 1565 -43.52 -8.28 -34.19
C LEU F 1565 -44.50 -8.66 -35.30
N ARG F 1566 -43.99 -8.77 -36.53
CA ARG F 1566 -44.82 -9.23 -37.64
C ARG F 1566 -45.27 -10.66 -37.42
N SER F 1567 -44.39 -11.50 -36.90
CA SER F 1567 -44.76 -12.89 -36.62
C SER F 1567 -45.83 -12.97 -35.54
N ILE F 1568 -45.69 -12.18 -34.48
CA ILE F 1568 -46.68 -12.20 -33.40
C ILE F 1568 -48.03 -11.66 -33.89
N PHE F 1569 -48.00 -10.58 -34.66
CA PHE F 1569 -49.25 -10.03 -35.22
C PHE F 1569 -49.89 -10.98 -36.22
N LEU F 1570 -49.07 -11.70 -37.00
CA LEU F 1570 -49.60 -12.72 -37.91
C LEU F 1570 -50.25 -13.85 -37.14
N ASP F 1571 -49.65 -14.25 -36.02
CA ASP F 1571 -50.28 -15.27 -35.18
C ASP F 1571 -51.60 -14.77 -34.61
N ALA F 1572 -51.65 -13.49 -34.23
CA ALA F 1572 -52.90 -12.91 -33.74
C ALA F 1572 -53.98 -12.90 -34.82
N LYS F 1573 -53.60 -12.53 -36.06
CA LYS F 1573 -54.56 -12.53 -37.16
C LYS F 1573 -55.01 -13.94 -37.50
N GLU F 1574 -54.08 -14.92 -37.44
CA GLU F 1574 -54.44 -16.31 -37.72
C GLU F 1574 -55.39 -16.85 -36.67
N MET F 1575 -55.19 -16.49 -35.40
CA MET F 1575 -56.14 -16.90 -34.36
C MET F 1575 -57.47 -16.19 -34.51
N TRP F 1576 -57.46 -14.93 -34.98
CA TRP F 1576 -58.71 -14.21 -35.18
C TRP F 1576 -59.52 -14.80 -36.34
N ILE F 1577 -58.84 -15.22 -37.40
CA ILE F 1577 -59.53 -15.80 -38.55
C ILE F 1577 -60.11 -17.17 -38.18
N THR F 1578 -59.31 -18.01 -37.54
CA THR F 1578 -59.76 -19.34 -37.14
C THR F 1578 -60.30 -19.32 -35.71
N LYS G 45 -50.94 -51.23 35.21
CA LYS G 45 -49.54 -51.66 35.23
C LYS G 45 -48.60 -50.47 35.20
N GLU G 46 -49.08 -49.34 34.67
CA GLU G 46 -48.24 -48.15 34.59
C GLU G 46 -48.03 -47.51 35.96
N HIS G 47 -48.95 -47.74 36.89
CA HIS G 47 -48.72 -47.28 38.27
C HIS G 47 -47.61 -48.07 38.94
N GLU G 48 -47.49 -49.36 38.62
CA GLU G 48 -46.36 -50.14 39.09
C GLU G 48 -45.06 -49.61 38.49
N HIS G 49 -45.10 -49.17 37.23
CA HIS G 49 -43.94 -48.53 36.63
C HIS G 49 -43.63 -47.19 37.29
N GLU G 50 -44.65 -46.46 37.72
CA GLU G 50 -44.42 -45.21 38.45
C GLU G 50 -43.76 -45.46 39.79
N GLN G 51 -44.21 -46.50 40.50
CA GLN G 51 -43.57 -46.88 41.76
C GLN G 51 -42.14 -47.37 41.52
N LYS G 52 -41.91 -48.09 40.42
CA LYS G 52 -40.56 -48.51 40.06
C LYS G 52 -39.67 -47.32 39.74
N LEU G 53 -40.23 -46.29 39.08
CA LEU G 53 -39.47 -45.09 38.80
C LEU G 53 -39.16 -44.31 40.07
N LEU G 54 -40.09 -44.28 41.01
CA LEU G 54 -39.82 -43.64 42.30
C LEU G 54 -38.72 -44.38 43.06
N ALA G 55 -38.76 -45.72 43.04
CA ALA G 55 -37.71 -46.50 43.66
C ALA G 55 -36.38 -46.29 42.94
N ARG G 56 -36.40 -46.15 41.62
CA ARG G 56 -35.19 -45.87 40.85
C ARG G 56 -34.63 -44.50 41.20
N GLU G 57 -35.51 -43.51 41.39
CA GLU G 57 -35.06 -42.18 41.79
C GLU G 57 -34.43 -42.21 43.17
N GLN G 58 -35.05 -42.93 44.11
CA GLN G 58 -34.46 -43.06 45.45
C GLN G 58 -33.12 -43.79 45.39
N GLU G 59 -33.03 -44.85 44.58
CA GLU G 59 -31.79 -45.61 44.47
C GLU G 59 -30.69 -44.79 43.83
N LEU G 60 -31.03 -43.98 42.81
CA LEU G 60 -30.02 -43.17 42.15
C LEU G 60 -29.57 -42.02 43.03
N ARG G 61 -30.48 -41.43 43.82
CA ARG G 61 -30.07 -40.43 44.79
C ARG G 61 -29.20 -41.03 45.87
N ASP G 62 -29.50 -42.25 46.31
CA ASP G 62 -28.66 -42.94 47.27
C ASP G 62 -27.29 -43.26 46.70
N ILE G 63 -27.24 -43.63 45.41
CA ILE G 63 -25.96 -43.89 44.76
C ILE G 63 -25.13 -42.62 44.67
N VAL G 64 -25.77 -41.50 44.32
CA VAL G 64 -25.08 -40.22 44.23
C VAL G 64 -24.57 -39.81 45.61
N ALA G 65 -25.37 -40.00 46.65
CA ALA G 65 -24.94 -39.66 48.01
C ALA G 65 -23.80 -40.57 48.47
N ASN G 66 -23.84 -41.84 48.09
CA ASN G 66 -22.79 -42.78 48.50
C ASN G 66 -21.47 -42.45 47.82
N THR G 67 -21.50 -42.19 46.51
CA THR G 67 -20.26 -41.85 45.82
C THR G 67 -19.82 -40.42 46.10
N ASN G 68 -20.70 -39.59 46.68
CA ASN G 68 -20.34 -38.25 47.10
C ASN G 68 -19.64 -38.25 48.45
N ASP G 69 -19.88 -39.28 49.27
CA ASP G 69 -19.35 -39.32 50.62
C ASP G 69 -17.90 -39.75 50.69
N LYS G 70 -17.35 -40.32 49.62
CA LYS G 70 -15.96 -40.80 49.62
C LYS G 70 -15.00 -39.83 48.96
N LEU G 71 -15.46 -38.64 48.59
CA LEU G 71 -14.60 -37.67 47.92
C LEU G 71 -13.64 -37.07 48.93
N ILE G 72 -12.35 -37.11 48.62
CA ILE G 72 -11.29 -36.59 49.48
C ILE G 72 -10.62 -35.43 48.76
N ASP G 73 -10.57 -34.29 49.41
CA ASP G 73 -9.87 -33.12 48.89
C ASP G 73 -8.44 -33.08 49.43
N ILE G 74 -7.63 -32.19 48.86
CA ILE G 74 -6.25 -32.06 49.31
C ILE G 74 -6.19 -31.45 50.70
N SER G 75 -7.20 -30.65 51.08
CA SER G 75 -7.26 -30.13 52.44
C SER G 75 -7.48 -31.25 53.44
N MET G 76 -8.26 -32.26 53.08
CA MET G 76 -8.42 -33.43 53.94
C MET G 76 -7.13 -34.21 54.05
N ILE G 77 -6.31 -34.24 53.00
CA ILE G 77 -5.03 -34.94 53.06
C ILE G 77 -4.06 -34.19 53.95
N ASN G 78 -4.00 -32.86 53.82
CA ASN G 78 -3.00 -32.09 54.56
C ASN G 78 -3.31 -32.03 56.04
N ASN G 79 -4.59 -31.93 56.41
CA ASN G 79 -5.01 -31.78 57.79
C ASN G 79 -5.85 -32.98 58.25
N SER G 80 -5.39 -34.19 57.91
CA SER G 80 -6.17 -35.38 58.25
C SER G 80 -6.19 -35.64 59.75
N GLY G 81 -5.02 -35.61 60.39
CA GLY G 81 -4.91 -35.92 61.79
C GLY G 81 -4.94 -37.40 62.13
N ILE G 82 -5.06 -38.27 61.13
CA ILE G 82 -5.04 -39.71 61.37
C ILE G 82 -3.64 -40.16 61.77
N VAL G 83 -2.62 -39.65 61.08
CA VAL G 83 -1.23 -40.04 61.34
C VAL G 83 -0.79 -39.32 62.61
N ILE G 84 -0.82 -40.02 63.74
CA ILE G 84 -0.46 -39.47 65.04
C ILE G 84 0.66 -40.30 65.64
N GLN G 85 1.49 -39.65 66.45
CA GLN G 85 2.60 -40.34 67.10
C GLN G 85 2.08 -41.29 68.17
N GLY G 86 2.41 -42.56 68.03
CA GLY G 86 1.96 -43.56 68.99
C GLY G 86 3.07 -44.46 69.49
N THR G 87 3.13 -44.66 70.79
CA THR G 87 4.08 -45.58 71.41
C THR G 87 3.33 -46.78 71.96
N ASP G 88 4.10 -47.81 72.32
CA ASP G 88 3.49 -49.02 72.89
C ASP G 88 2.84 -48.72 74.24
N LEU G 89 3.51 -47.95 75.09
CA LEU G 89 2.96 -47.62 76.39
C LEU G 89 1.72 -46.74 76.26
N GLN G 90 1.73 -45.78 75.34
CA GLN G 90 0.55 -44.94 75.14
C GLN G 90 -0.60 -45.73 74.54
N GLU G 91 -0.31 -46.68 73.65
CA GLU G 91 -1.36 -47.54 73.11
C GLU G 91 -1.96 -48.43 74.19
N ALA G 92 -1.12 -48.96 75.08
CA ALA G 92 -1.63 -49.74 76.21
C ALA G 92 -2.47 -48.88 77.15
N LEU G 93 -2.04 -47.63 77.37
CA LEU G 93 -2.80 -46.71 78.22
C LEU G 93 -4.15 -46.38 77.60
N ASP G 94 -4.19 -46.17 76.28
CA ASP G 94 -5.47 -45.92 75.61
C ASP G 94 -6.36 -47.15 75.64
N LYS G 95 -5.78 -48.35 75.51
CA LYS G 95 -6.55 -49.57 75.60
C LYS G 95 -7.16 -49.74 76.99
N ARG G 96 -6.39 -49.42 78.04
CA ARG G 96 -6.92 -49.49 79.39
C ARG G 96 -7.96 -48.41 79.64
N GLN G 97 -7.80 -47.23 79.04
CA GLN G 97 -8.79 -46.16 79.18
C GLN G 97 -10.11 -46.56 78.53
N GLN G 98 -10.04 -47.17 77.34
CA GLN G 98 -11.26 -47.61 76.67
C GLN G 98 -11.88 -48.82 77.36
N GLU G 99 -11.06 -49.68 77.95
CA GLU G 99 -11.58 -50.85 78.65
C GLU G 99 -12.28 -50.45 79.95
N GLU G 100 -11.68 -49.53 80.70
CA GLU G 100 -12.26 -49.09 81.97
C GLU G 100 -13.42 -48.12 81.73
N THR G 138 -1.62 -46.13 91.88
CA THR G 138 -1.08 -46.84 93.03
C THR G 138 0.24 -47.53 92.67
N ASN G 139 1.12 -47.68 93.66
CA ASN G 139 2.41 -48.32 93.46
C ASN G 139 2.25 -49.82 93.71
N THR G 140 2.05 -50.58 92.62
CA THR G 140 1.87 -52.02 92.75
C THR G 140 3.17 -52.72 93.11
N PHE G 141 4.27 -52.34 92.45
CA PHE G 141 5.55 -53.02 92.63
C PHE G 141 6.18 -52.65 93.96
N THR G 142 6.66 -53.66 94.68
CA THR G 142 7.34 -53.48 95.96
C THR G 142 8.80 -53.87 95.81
N LEU G 143 9.69 -52.97 96.21
CA LEU G 143 11.12 -53.24 96.12
C LEU G 143 11.54 -54.15 97.27
N LEU G 144 12.31 -55.18 96.96
CA LEU G 144 12.80 -56.11 97.96
C LEU G 144 14.29 -55.92 98.21
N SER G 153 17.99 -66.94 87.68
CA SER G 153 19.21 -66.46 88.33
C SER G 153 19.89 -65.39 87.49
N LYS G 154 20.98 -64.84 88.01
CA LYS G 154 21.74 -63.83 87.27
C LYS G 154 22.37 -64.43 86.01
N GLU G 155 22.91 -65.65 86.12
CA GLU G 155 23.50 -66.30 84.95
C GLU G 155 22.46 -66.63 83.90
N GLN G 156 21.30 -67.16 84.32
CA GLN G 156 20.26 -67.52 83.38
C GLN G 156 19.69 -66.30 82.67
N LEU G 157 19.44 -65.22 83.44
CA LEU G 157 18.90 -64.00 82.84
C LEU G 157 19.92 -63.34 81.93
N LYS G 158 21.20 -63.31 82.34
CA LYS G 158 22.24 -62.73 81.52
C LYS G 158 22.45 -63.51 80.22
N LYS G 159 22.29 -64.83 80.27
CA LYS G 159 22.39 -65.63 79.05
C LYS G 159 21.17 -65.40 78.15
N LEU G 160 19.97 -65.40 78.74
CA LEU G 160 18.75 -65.33 77.94
C LEU G 160 18.55 -63.96 77.31
N HIS G 161 18.89 -62.89 78.03
CA HIS G 161 18.77 -61.54 77.47
C HIS G 161 19.70 -61.36 76.28
N SER G 162 20.95 -61.80 76.42
CA SER G 162 21.91 -61.72 75.32
C SER G 162 21.49 -62.59 74.15
N ASN G 163 20.96 -63.79 74.42
CA ASN G 163 20.53 -64.67 73.34
C ASN G 163 19.32 -64.10 72.60
N ILE G 164 18.40 -63.48 73.33
CA ILE G 164 17.23 -62.86 72.71
C ILE G 164 17.65 -61.68 71.84
N LEU G 165 18.57 -60.85 72.35
CA LEU G 165 19.08 -59.73 71.56
C LEU G 165 19.82 -60.21 70.31
N ASN G 166 20.61 -61.28 70.44
CA ASN G 166 21.32 -61.83 69.30
C ASN G 166 20.36 -62.41 68.27
N GLU G 167 19.32 -63.10 68.71
CA GLU G 167 18.33 -63.65 67.77
C GLU G 167 17.52 -62.55 67.11
N ILE G 168 17.30 -61.43 67.80
CA ILE G 168 16.65 -60.29 67.18
C ILE G 168 17.55 -59.67 66.13
N PHE G 169 18.84 -59.48 66.45
CA PHE G 169 19.75 -58.83 65.52
C PHE G 169 20.12 -59.73 64.34
N SER G 170 20.00 -61.04 64.49
CA SER G 170 20.40 -61.95 63.42
C SER G 170 19.40 -61.94 62.28
N GLN G 171 18.11 -61.93 62.59
CA GLN G 171 17.08 -61.95 61.56
C GLN G 171 16.85 -60.59 60.92
N SER G 172 17.39 -59.51 61.50
CA SER G 172 17.30 -58.19 60.91
C SER G 172 18.39 -57.91 59.90
N GLN G 173 19.34 -58.83 59.74
CA GLN G 173 20.42 -58.67 58.76
C GLN G 173 19.89 -59.01 57.38
N VAL G 174 19.79 -58.00 56.52
CA VAL G 174 19.25 -58.15 55.17
C VAL G 174 20.39 -57.97 54.19
N ASN G 175 20.61 -58.96 53.34
CA ASN G 175 21.66 -58.93 52.32
C ASN G 175 21.05 -58.60 50.97
N LYS G 176 21.59 -57.58 50.32
CA LYS G 176 21.09 -57.16 49.02
C LYS G 176 21.40 -58.23 47.96
N PRO G 177 20.57 -58.35 46.93
CA PRO G 177 20.88 -59.29 45.84
C PRO G 177 21.85 -58.74 44.81
N GLY G 178 22.39 -57.54 45.03
CA GLY G 178 23.33 -56.94 44.12
C GLY G 178 23.51 -55.47 44.41
N PRO G 179 24.18 -54.75 43.51
CA PRO G 179 24.32 -53.30 43.68
C PRO G 179 22.99 -52.59 43.49
N LEU G 180 22.82 -51.49 44.22
CA LEU G 180 21.59 -50.71 44.15
C LEU G 180 21.62 -49.68 43.04
N THR G 181 22.75 -48.99 42.86
CA THR G 181 22.91 -47.99 41.82
C THR G 181 23.94 -48.47 40.82
N VAL G 182 23.59 -48.46 39.54
CA VAL G 182 24.50 -48.88 38.48
C VAL G 182 25.07 -47.63 37.81
N PRO G 183 26.33 -47.65 37.39
CA PRO G 183 26.90 -46.51 36.68
C PRO G 183 26.57 -46.59 35.19
N PHE G 184 27.17 -45.68 34.43
CA PHE G 184 27.03 -45.70 32.98
C PHE G 184 27.92 -46.76 32.36
N ILE H 9 9.40 -69.19 85.04
CA ILE H 9 9.28 -68.10 84.08
C ILE H 9 7.88 -68.09 83.46
N LYS H 10 7.18 -66.97 83.62
CA LYS H 10 5.83 -66.82 83.09
C LYS H 10 5.78 -66.00 81.80
N GLY H 11 6.70 -65.07 81.61
CA GLY H 11 6.71 -64.27 80.40
C GLY H 11 7.85 -63.29 80.42
N THR H 12 8.06 -62.65 79.28
CA THR H 12 9.16 -61.70 79.09
C THR H 12 8.65 -60.44 78.44
N ILE H 13 9.23 -59.30 78.84
CA ILE H 13 8.97 -58.00 78.23
C ILE H 13 10.30 -57.32 77.97
N ALA H 14 10.56 -56.97 76.72
CA ALA H 14 11.78 -56.26 76.34
C ALA H 14 11.42 -54.84 75.95
N PHE H 15 12.06 -53.86 76.58
CA PHE H 15 11.77 -52.48 76.26
C PHE H 15 12.99 -51.62 76.53
N ASP H 16 13.23 -50.65 75.65
CA ASP H 16 14.40 -49.78 75.77
C ASP H 16 14.11 -48.69 76.82
N THR H 17 14.98 -47.68 76.87
CA THR H 17 14.78 -46.59 77.82
C THR H 17 13.53 -45.78 77.52
N HIS H 18 13.07 -45.79 76.26
CA HIS H 18 11.80 -45.15 75.93
C HIS H 18 10.60 -45.95 76.40
N GLY H 19 10.79 -47.21 76.76
CA GLY H 19 9.71 -48.05 77.25
C GLY H 19 8.90 -48.74 76.18
N ASN H 20 9.22 -48.55 74.90
CA ASN H 20 8.48 -49.21 73.84
C ASN H 20 8.80 -50.71 73.80
N VAL H 21 7.75 -51.51 73.63
CA VAL H 21 7.88 -52.96 73.70
C VAL H 21 8.66 -53.48 72.50
N ILE H 22 9.66 -54.31 72.76
CA ILE H 22 10.40 -54.99 71.71
C ILE H 22 9.89 -56.42 71.62
N GLU H 23 9.40 -56.94 72.74
CA GLU H 23 8.84 -58.29 72.81
C GLU H 23 7.97 -58.38 74.05
N SER H 24 6.82 -59.03 73.91
CA SER H 24 5.88 -59.21 75.02
C SER H 24 5.34 -60.64 74.97
N THR H 25 5.79 -61.47 75.89
CA THR H 25 5.41 -62.87 75.94
C THR H 25 4.73 -63.20 77.27
N GLY H 26 3.90 -64.24 77.24
CA GLY H 26 3.27 -64.73 78.46
C GLY H 26 2.28 -63.74 79.03
N VAL H 27 2.18 -63.72 80.36
CA VAL H 27 1.30 -62.79 81.05
C VAL H 27 1.74 -61.35 80.79
N GLY H 28 3.03 -61.13 80.59
CA GLY H 28 3.53 -59.82 80.19
C GLY H 28 3.01 -59.34 78.85
N SER H 29 2.51 -60.25 78.02
CA SER H 29 1.83 -59.83 76.79
C SER H 29 0.54 -59.07 77.08
N GLN H 30 -0.05 -59.27 78.25
CA GLN H 30 -1.24 -58.54 78.68
C GLN H 30 -0.99 -57.68 79.91
N ARG H 31 0.26 -57.31 80.17
CA ARG H 31 0.64 -56.54 81.35
C ARG H 31 1.58 -55.40 80.95
N ILE H 32 1.21 -54.70 79.88
CA ILE H 32 2.06 -53.64 79.34
C ILE H 32 2.04 -52.38 80.22
N GLU H 33 0.89 -52.06 80.81
CA GLU H 33 0.67 -50.76 81.44
C GLU H 33 1.54 -50.52 82.66
N ASP H 34 2.20 -51.54 83.20
CA ASP H 34 3.12 -51.36 84.32
C ASP H 34 4.49 -50.84 83.89
N ILE H 35 4.77 -50.82 82.58
CA ILE H 35 6.10 -50.41 82.10
C ILE H 35 6.40 -48.97 82.50
N GLY H 36 5.41 -48.09 82.39
CA GLY H 36 5.61 -46.70 82.81
C GLY H 36 5.91 -46.58 84.29
N ASP H 37 5.43 -47.53 85.09
CA ASP H 37 5.83 -47.57 86.49
C ASP H 37 7.26 -48.10 86.63
N LEU H 38 7.60 -49.14 85.85
CA LEU H 38 8.89 -49.80 86.01
C LEU H 38 10.06 -48.94 85.54
N SER H 39 9.79 -47.84 84.84
CA SER H 39 10.85 -46.89 84.51
C SER H 39 11.33 -46.11 85.72
N LYS H 40 10.58 -46.13 86.83
CA LYS H 40 10.95 -45.43 88.04
C LYS H 40 11.63 -46.32 89.07
N VAL H 41 11.98 -47.54 88.70
CA VAL H 41 12.61 -48.49 89.62
C VAL H 41 14.12 -48.48 89.39
N THR H 42 14.87 -48.27 90.47
CA THR H 42 16.32 -48.22 90.40
C THR H 42 16.90 -49.62 90.23
N LEU H 43 18.12 -49.66 89.69
CA LEU H 43 18.85 -50.90 89.46
C LEU H 43 20.17 -50.87 90.22
N ASP H 44 21.00 -51.89 90.01
CA ASP H 44 22.32 -51.98 90.61
C ASP H 44 23.38 -51.78 89.53
N ALA H 45 24.64 -51.99 89.91
CA ALA H 45 25.74 -51.85 88.95
C ALA H 45 25.66 -52.89 87.84
N GLU H 46 25.27 -54.12 88.17
CA GLU H 46 25.15 -55.18 87.17
C GLU H 46 23.87 -55.09 86.37
N GLY H 47 22.91 -54.26 86.78
CA GLY H 47 21.63 -54.15 86.10
C GLY H 47 20.56 -55.10 86.59
N PHE H 48 20.89 -56.02 87.49
CA PHE H 48 19.93 -56.99 87.98
C PHE H 48 19.06 -56.39 89.07
N ALA H 49 17.76 -56.69 89.00
CA ALA H 49 16.83 -56.25 90.02
C ALA H 49 15.72 -57.28 90.17
N GLN H 50 15.20 -57.40 91.40
CA GLN H 50 14.12 -58.34 91.71
C GLN H 50 13.03 -57.56 92.44
N VAL H 51 11.94 -57.26 91.74
CA VAL H 51 10.86 -56.44 92.28
C VAL H 51 9.59 -57.28 92.34
N GLN H 52 8.93 -57.27 93.49
CA GLN H 52 7.72 -58.06 93.68
C GLN H 52 6.47 -57.21 93.56
N GLY H 53 5.49 -57.71 92.81
CA GLY H 53 4.23 -57.03 92.63
C GLY H 53 3.17 -57.94 92.04
N ASP H 54 1.93 -57.77 92.49
CA ASP H 54 0.77 -58.58 92.04
C ASP H 54 1.03 -60.07 92.22
N SER H 55 1.68 -60.41 93.35
CA SER H 55 2.08 -61.78 93.69
C SER H 55 2.94 -62.41 92.59
N LEU H 56 3.81 -61.59 91.98
CA LEU H 56 4.74 -62.06 90.97
C LEU H 56 6.09 -61.40 91.18
N LEU H 57 7.15 -62.12 90.83
CA LEU H 57 8.52 -61.61 90.94
C LEU H 57 9.03 -61.24 89.56
N VAL H 58 9.41 -59.99 89.38
CA VAL H 58 9.90 -59.48 88.10
C VAL H 58 11.41 -59.30 88.23
N HIS H 59 12.15 -59.97 87.34
CA HIS H 59 13.59 -59.84 87.25
C HIS H 59 13.93 -58.89 86.11
N LEU H 60 14.57 -57.79 86.45
CA LEU H 60 14.94 -56.75 85.50
C LEU H 60 16.43 -56.81 85.21
N TYR H 61 16.77 -56.78 83.93
CA TYR H 61 18.18 -56.72 83.51
C TYR H 61 18.31 -55.66 82.43
N LYS H 62 19.19 -54.68 82.66
CA LYS H 62 19.41 -53.59 81.72
C LYS H 62 20.79 -53.74 81.08
N ARG H 63 20.82 -53.97 79.77
CA ARG H 63 22.06 -54.02 79.01
C ARG H 63 21.85 -53.31 77.69
N ASN H 64 22.80 -52.43 77.34
CA ASN H 64 22.73 -51.60 76.14
C ASN H 64 21.44 -50.78 76.08
N ASP H 65 21.09 -50.17 77.23
CA ASP H 65 19.94 -49.29 77.39
C ASP H 65 18.61 -49.99 77.08
N ILE H 66 18.55 -51.31 77.30
CA ILE H 66 17.35 -52.09 77.10
C ILE H 66 17.09 -52.91 78.36
N THR H 67 15.95 -52.68 79.00
CA THR H 67 15.54 -53.43 80.17
C THR H 67 14.66 -54.59 79.75
N LEU H 68 15.02 -55.79 80.21
CA LEU H 68 14.24 -57.00 80.02
C LEU H 68 13.66 -57.40 81.38
N ALA H 69 12.35 -57.59 81.41
CA ALA H 69 11.63 -57.97 82.62
C ALA H 69 11.08 -59.38 82.44
N VAL H 70 11.42 -60.26 83.38
CA VAL H 70 11.00 -61.66 83.34
C VAL H 70 10.08 -61.90 84.53
N TYR H 71 8.88 -62.41 84.24
CA TYR H 71 7.88 -62.69 85.26
C TYR H 71 8.05 -64.11 85.76
N THR H 72 8.06 -64.27 87.08
CA THR H 72 8.12 -65.58 87.73
C THR H 72 7.07 -65.65 88.82
N SER H 73 6.59 -66.87 89.08
CA SER H 73 5.59 -67.07 90.11
C SER H 73 6.20 -66.90 91.49
N ALA H 74 5.52 -66.14 92.36
CA ALA H 74 6.01 -65.93 93.71
C ALA H 74 5.92 -67.21 94.53
N GLN H 75 4.88 -67.99 94.33
CA GLN H 75 4.72 -69.25 95.06
C GLN H 75 5.57 -70.36 94.46
N MET I 3 22.36 -43.40 38.57
CA MET I 3 21.10 -44.05 38.23
C MET I 3 20.62 -44.94 39.36
N LEU I 4 19.60 -45.75 39.08
CA LEU I 4 19.01 -46.63 40.07
C LEU I 4 18.63 -47.96 39.41
N HIS I 5 18.48 -48.98 40.24
CA HIS I 5 18.08 -50.31 39.77
C HIS I 5 16.81 -50.72 40.51
N SER I 6 15.73 -50.92 39.76
CA SER I 6 14.45 -51.24 40.38
C SER I 6 14.40 -52.69 40.89
N LYS I 7 15.13 -53.60 40.24
CA LYS I 7 15.03 -55.01 40.61
C LYS I 7 15.73 -55.28 41.95
N ASN I 8 16.91 -54.71 42.15
CA ASN I 8 17.62 -54.93 43.41
C ASN I 8 16.92 -54.25 44.57
N VAL I 9 16.36 -53.05 44.34
CA VAL I 9 15.61 -52.37 45.39
C VAL I 9 14.32 -53.13 45.68
N LYS I 10 13.69 -53.71 44.64
CA LYS I 10 12.51 -54.54 44.85
C LYS I 10 12.83 -55.78 45.67
N GLY I 11 13.98 -56.41 45.39
CA GLY I 11 14.38 -57.55 46.19
C GLY I 11 14.69 -57.18 47.63
N PHE I 12 15.33 -56.02 47.83
CA PHE I 12 15.61 -55.56 49.19
C PHE I 12 14.32 -55.29 49.97
N LEU I 13 13.35 -54.64 49.31
CA LEU I 13 12.08 -54.34 49.98
C LEU I 13 11.27 -55.60 50.24
N GLU I 14 11.38 -56.60 49.35
CA GLU I 14 10.73 -57.88 49.60
C GLU I 14 11.39 -58.62 50.75
N ASN I 15 12.71 -58.50 50.87
CA ASN I 15 13.43 -59.13 51.97
C ASN I 15 13.10 -58.46 53.30
N THR I 16 12.86 -57.15 53.29
CA THR I 16 12.47 -56.47 54.52
C THR I 16 11.04 -56.77 54.94
N LEU I 17 10.30 -57.55 54.14
CA LEU I 17 8.97 -58.02 54.54
C LEU I 17 9.03 -59.34 55.30
N LYS I 18 10.22 -59.87 55.54
CA LYS I 18 10.35 -61.15 56.23
C LYS I 18 9.96 -61.00 57.70
N PRO I 19 9.18 -61.91 58.25
CA PRO I 19 8.79 -61.81 59.66
C PRO I 19 9.85 -62.39 60.58
N TYR I 20 9.56 -62.43 61.88
CA TYR I 20 10.49 -62.94 62.88
C TYR I 20 9.91 -64.18 63.52
N ASP I 21 10.74 -65.22 63.63
CA ASP I 21 10.36 -66.49 64.25
C ASP I 21 11.44 -66.86 65.26
N LEU I 22 11.25 -66.43 66.51
CA LEU I 22 12.21 -66.69 67.57
C LEU I 22 12.08 -68.12 68.06
N HIS I 23 13.22 -68.78 68.26
CA HIS I 23 13.25 -70.20 68.63
C HIS I 23 13.52 -70.43 70.10
N SER I 24 14.37 -69.62 70.74
CA SER I 24 14.60 -69.76 72.17
C SER I 24 13.34 -69.44 72.96
N VAL I 25 12.62 -68.40 72.56
CA VAL I 25 11.30 -68.06 73.11
C VAL I 25 10.30 -68.16 71.98
N ASP I 26 9.22 -68.92 72.20
CA ASP I 26 8.22 -69.13 71.16
C ASP I 26 7.38 -67.87 70.99
N PHE I 27 7.84 -66.96 70.13
CA PHE I 27 7.18 -65.66 69.92
C PHE I 27 7.15 -65.40 68.41
N LYS I 28 6.08 -65.81 67.76
CA LYS I 28 5.92 -65.61 66.33
C LYS I 28 5.35 -64.22 66.06
N THR I 29 5.90 -63.54 65.06
CA THR I 29 5.43 -62.23 64.64
C THR I 29 4.97 -62.30 63.19
N SER I 30 3.94 -61.53 62.87
CA SER I 30 3.47 -61.47 61.49
C SER I 30 4.41 -60.61 60.65
N SER I 31 4.28 -60.75 59.34
CA SER I 31 5.05 -59.93 58.42
C SER I 31 4.50 -58.50 58.40
N LEU I 32 5.33 -57.58 57.90
CA LEU I 32 4.90 -56.20 57.75
C LEU I 32 3.84 -56.08 56.67
N GLN I 33 2.97 -55.08 56.82
CA GLN I 33 1.93 -54.86 55.82
C GLN I 33 2.53 -54.36 54.50
N SER I 34 3.48 -53.44 54.57
CA SER I 34 4.09 -52.89 53.37
C SER I 34 5.47 -52.36 53.70
N SER I 35 6.34 -52.34 52.69
CA SER I 35 7.70 -51.85 52.82
C SER I 35 8.04 -51.05 51.57
N MET I 36 8.33 -49.75 51.74
CA MET I 36 8.48 -48.91 50.56
C MET I 36 9.56 -47.87 50.79
N ILE I 37 10.03 -47.31 49.68
CA ILE I 37 10.96 -46.19 49.66
C ILE I 37 10.28 -45.06 48.91
N ILE I 38 10.19 -43.89 49.55
CA ILE I 38 9.46 -42.76 49.02
C ILE I 38 10.38 -41.55 48.97
N THR I 39 9.89 -40.47 48.37
CA THR I 39 10.66 -39.25 48.27
C THR I 39 10.42 -38.37 49.49
N ALA I 40 11.37 -37.47 49.74
CA ALA I 40 11.27 -36.52 50.84
C ALA I 40 10.73 -35.17 50.41
N THR I 41 10.32 -35.02 49.15
CA THR I 41 9.78 -33.77 48.64
C THR I 41 8.27 -33.83 48.41
N ASN I 42 7.80 -34.80 47.62
CA ASN I 42 6.39 -34.93 47.30
C ASN I 42 5.72 -36.10 48.00
N GLY I 43 6.48 -37.05 48.52
CA GLY I 43 5.91 -38.15 49.28
C GLY I 43 5.34 -39.28 48.47
N GLY I 44 5.50 -39.25 47.15
CA GLY I 44 5.01 -40.35 46.33
C GLY I 44 5.95 -41.55 46.37
N ILE I 45 5.45 -42.67 45.86
CA ILE I 45 6.16 -43.93 45.97
C ILE I 45 7.24 -44.00 44.90
N LEU I 46 8.50 -44.13 45.33
CA LEU I 46 9.57 -44.46 44.41
C LEU I 46 9.60 -45.96 44.16
N SER I 47 9.68 -46.76 45.23
CA SER I 47 9.61 -48.20 45.11
C SER I 47 8.75 -48.75 46.24
N TYR I 48 8.15 -49.91 46.03
CA TYR I 48 7.24 -50.47 47.02
C TYR I 48 7.29 -51.99 46.96
N ALA I 49 6.83 -52.60 48.05
CA ALA I 49 6.66 -54.04 48.11
C ALA I 49 5.62 -54.37 49.17
N THR I 50 4.79 -55.37 48.87
CA THR I 50 3.73 -55.82 49.76
C THR I 50 3.97 -57.27 50.15
N SER I 51 3.57 -57.62 51.37
CA SER I 51 3.73 -58.98 51.86
C SER I 51 2.88 -59.97 51.07
N ASN I 52 1.66 -59.59 50.73
CA ASN I 52 0.78 -60.46 49.97
C ASN I 52 0.33 -59.78 48.68
N GLU I 62 -5.78 -54.92 42.93
CA GLU I 62 -4.34 -54.65 42.98
C GLU I 62 -4.06 -53.17 42.81
N ILE I 63 -4.76 -52.54 41.86
CA ILE I 63 -4.59 -51.11 41.61
C ILE I 63 -5.12 -50.30 42.78
N ASN I 64 -6.23 -50.77 43.39
CA ASN I 64 -6.81 -50.06 44.54
C ASN I 64 -5.86 -50.04 45.72
N SER I 65 -5.18 -51.16 45.99
CA SER I 65 -4.22 -51.18 47.09
C SER I 65 -3.00 -50.33 46.78
N VAL I 66 -2.59 -50.25 45.52
CA VAL I 66 -1.49 -49.38 45.14
C VAL I 66 -1.85 -47.91 45.36
N ASN I 67 -3.07 -47.52 44.96
CA ASN I 67 -3.52 -46.15 45.18
C ASN I 67 -3.65 -45.83 46.66
N ASN I 68 -4.16 -46.79 47.44
CA ASN I 68 -4.28 -46.59 48.88
C ASN I 68 -2.89 -46.48 49.53
N LEU I 69 -1.92 -47.27 49.06
CA LEU I 69 -0.57 -47.18 49.59
C LEU I 69 0.08 -45.85 49.22
N LYS I 70 -0.19 -45.35 48.02
CA LYS I 70 0.31 -44.02 47.63
C LYS I 70 -0.31 -42.93 48.50
N MET I 71 -1.61 -43.05 48.80
CA MET I 71 -2.25 -42.10 49.69
C MET I 71 -1.66 -42.16 51.10
N MET I 72 -1.38 -43.37 51.59
CA MET I 72 -0.77 -43.52 52.91
C MET I 72 0.65 -42.96 52.94
N SER I 73 1.40 -43.15 51.85
CA SER I 73 2.74 -42.57 51.77
C SER I 73 2.67 -41.04 51.76
N LEU I 74 1.70 -40.48 51.04
CA LEU I 74 1.52 -39.03 51.03
C LEU I 74 1.16 -38.52 52.42
N LEU I 75 0.27 -39.23 53.13
CA LEU I 75 -0.10 -38.83 54.48
C LEU I 75 1.09 -38.90 55.44
N ILE I 76 1.89 -39.97 55.33
CA ILE I 76 3.03 -40.13 56.22
C ILE I 76 4.09 -39.08 55.96
N LYS I 77 4.33 -38.75 54.69
CA LYS I 77 5.29 -37.68 54.38
C LYS I 77 4.75 -36.32 54.81
N ASP I 78 3.43 -36.11 54.71
CA ASP I 78 2.83 -34.86 55.16
C ASP I 78 2.99 -34.69 56.67
N LYS I 79 2.83 -35.78 57.42
CA LYS I 79 3.06 -35.71 58.85
C LYS I 79 4.55 -35.56 59.18
N TRP I 80 5.43 -36.16 58.37
CA TRP I 80 6.86 -36.11 58.64
C TRP I 80 7.49 -34.77 58.29
N SER I 81 6.90 -34.03 57.35
CA SER I 81 7.48 -32.77 56.91
C SER I 81 7.49 -31.73 58.03
N GLU I 82 6.42 -31.66 58.82
CA GLU I 82 6.39 -30.72 59.93
C GLU I 82 7.28 -31.19 61.08
N ASP I 83 7.42 -32.51 61.26
CA ASP I 83 8.28 -33.03 62.32
C ASP I 83 9.75 -32.80 62.01
N GLU I 84 10.14 -32.84 60.73
CA GLU I 84 11.53 -32.60 60.37
C GLU I 84 11.90 -31.13 60.53
N ASN I 85 10.94 -30.23 60.41
CA ASN I 85 11.20 -28.79 60.47
C ASN I 85 10.88 -28.20 61.84
N ASP I 86 10.63 -29.03 62.85
CA ASP I 86 10.31 -28.57 64.19
C ASP I 86 11.45 -28.92 65.14
N THR I 87 11.92 -27.92 65.89
CA THR I 87 12.97 -28.14 66.88
C THR I 87 12.47 -28.09 68.31
N GLU I 88 11.27 -27.56 68.55
CA GLU I 88 10.69 -27.57 69.88
C GLU I 88 10.19 -28.96 70.23
N GLU I 89 10.25 -29.28 71.53
CA GLU I 89 9.92 -30.60 72.06
C GLU I 89 10.74 -31.70 71.37
N GLN I 90 12.02 -31.43 71.18
CA GLN I 90 12.91 -32.36 70.48
C GLN I 90 13.19 -33.62 71.30
N HIS I 91 13.04 -33.56 72.62
CA HIS I 91 13.27 -34.72 73.47
C HIS I 91 11.99 -35.55 73.62
N SER I 92 11.46 -35.97 72.48
CA SER I 92 10.24 -36.76 72.43
C SER I 92 10.57 -38.24 72.60
N ASN I 93 9.63 -38.97 73.19
CA ASN I 93 9.83 -40.39 73.46
C ASN I 93 9.67 -41.26 72.22
N SER I 94 9.03 -40.75 71.17
CA SER I 94 8.81 -41.52 69.95
C SER I 94 9.90 -41.28 68.91
N CYS I 95 10.89 -40.45 69.21
CA CYS I 95 11.98 -40.16 68.29
C CYS I 95 13.21 -40.98 68.67
N TYR I 96 13.80 -41.64 67.69
CA TYR I 96 14.97 -42.49 67.89
C TYR I 96 16.05 -42.07 66.88
N PRO I 97 16.76 -40.98 67.15
CA PRO I 97 17.80 -40.51 66.23
C PRO I 97 19.06 -41.36 66.33
N VAL I 98 19.37 -42.09 65.28
CA VAL I 98 20.56 -42.94 65.23
C VAL I 98 21.54 -42.33 64.25
N GLU I 99 22.83 -42.54 64.51
CA GLU I 99 23.91 -42.05 63.65
C GLU I 99 24.80 -43.23 63.29
N ILE I 100 24.78 -43.63 62.02
CA ILE I 100 25.56 -44.75 61.52
C ILE I 100 26.54 -44.22 60.49
N ASP I 101 27.80 -44.61 60.62
CA ASP I 101 28.89 -44.21 59.71
C ASP I 101 29.00 -42.69 59.63
N SER I 102 28.90 -42.04 60.80
CA SER I 102 28.99 -40.58 60.94
C SER I 102 27.94 -39.87 60.08
N PHE I 103 26.74 -40.44 60.02
CA PHE I 103 25.62 -39.84 59.30
C PHE I 103 24.42 -39.81 60.23
N LYS I 104 23.97 -38.60 60.59
CA LYS I 104 22.89 -38.43 61.55
C LYS I 104 21.55 -38.39 60.85
N THR I 105 20.57 -39.07 61.44
CA THR I 105 19.21 -39.11 60.93
C THR I 105 18.24 -39.16 62.10
N LYS I 106 16.95 -39.01 61.78
CA LYS I 106 15.88 -39.07 62.77
C LYS I 106 14.81 -40.04 62.31
N ILE I 107 14.39 -40.93 63.19
CA ILE I 107 13.39 -41.95 62.90
C ILE I 107 12.13 -41.63 63.67
N TYR I 108 10.99 -41.63 62.99
CA TYR I 108 9.72 -41.27 63.59
C TYR I 108 8.72 -42.41 63.44
N THR I 109 8.05 -42.76 64.53
CA THR I 109 7.01 -43.77 64.53
C THR I 109 5.64 -43.09 64.67
N TYR I 110 4.64 -43.68 64.03
CA TYR I 110 3.29 -43.13 64.02
C TYR I 110 2.28 -44.26 64.07
N GLU I 111 1.08 -43.93 64.54
CA GLU I 111 -0.05 -44.84 64.57
C GLU I 111 -1.10 -44.32 63.60
N MET I 112 -1.43 -45.14 62.61
CA MET I 112 -2.45 -44.83 61.62
C MET I 112 -3.61 -45.79 61.87
N GLU I 113 -4.53 -45.37 62.76
CA GLU I 113 -5.65 -46.17 63.22
C GLU I 113 -5.18 -47.51 63.79
N ASP I 114 -5.23 -48.57 62.99
CA ASP I 114 -4.83 -49.90 63.42
C ASP I 114 -3.50 -50.33 62.83
N LEU I 115 -2.68 -49.38 62.38
CA LEU I 115 -1.46 -49.68 61.66
C LEU I 115 -0.29 -48.97 62.33
N HIS I 116 0.86 -49.65 62.42
CA HIS I 116 2.07 -49.06 62.97
C HIS I 116 2.99 -48.70 61.81
N THR I 117 3.28 -47.41 61.65
CA THR I 117 4.06 -46.91 60.52
C THR I 117 5.34 -46.27 61.03
N CYS I 118 6.48 -46.83 60.64
CA CYS I 118 7.78 -46.30 61.04
C CYS I 118 8.49 -45.75 59.80
N VAL I 119 8.90 -44.48 59.87
CA VAL I 119 9.56 -43.83 58.76
C VAL I 119 10.93 -43.36 59.23
N ALA I 120 11.89 -43.39 58.30
CA ALA I 120 13.24 -42.96 58.60
C ALA I 120 13.84 -42.33 57.36
N GLN I 121 14.34 -41.10 57.49
CA GLN I 121 15.02 -40.46 56.38
C GLN I 121 16.39 -41.09 56.19
N ILE I 122 16.69 -41.45 54.95
CA ILE I 122 18.03 -41.93 54.59
C ILE I 122 18.96 -40.74 54.77
N PRO I 123 20.03 -40.86 55.56
CA PRO I 123 20.80 -39.68 55.97
C PRO I 123 21.50 -39.00 54.80
N ASN I 124 21.53 -37.66 54.87
CA ASN I 124 22.18 -36.80 53.88
C ASN I 124 21.65 -37.06 52.47
N SER I 125 20.34 -37.26 52.36
CA SER I 125 19.73 -37.58 51.09
C SER I 125 18.26 -37.18 51.14
N ASP I 126 17.63 -37.14 49.97
CA ASP I 126 16.24 -36.71 49.82
C ASP I 126 15.28 -37.90 49.70
N LEU I 127 15.55 -38.99 50.39
CA LEU I 127 14.73 -40.18 50.34
C LEU I 127 14.28 -40.59 51.74
N LEU I 128 13.21 -41.37 51.80
CA LEU I 128 12.66 -41.88 53.05
C LEU I 128 12.38 -43.37 52.89
N LEU I 129 12.55 -44.11 53.98
CA LEU I 129 12.22 -45.53 54.05
C LEU I 129 11.09 -45.73 55.03
N LEU I 130 10.06 -46.47 54.62
CA LEU I 130 8.84 -46.62 55.39
C LEU I 130 8.46 -48.08 55.52
N PHE I 131 8.16 -48.48 56.76
CA PHE I 131 7.70 -49.83 57.07
C PHE I 131 6.34 -49.71 57.76
N ILE I 132 5.33 -50.40 57.24
CA ILE I 132 4.00 -50.39 57.83
C ILE I 132 3.64 -51.82 58.21
N ALA I 133 3.22 -52.00 59.47
CA ALA I 133 2.83 -53.31 59.97
C ALA I 133 1.50 -53.19 60.70
N GLU I 134 0.99 -54.32 61.15
CA GLU I 134 -0.29 -54.36 61.85
C GLU I 134 -0.15 -53.76 63.25
N GLY I 135 -1.29 -53.57 63.92
CA GLY I 135 -1.30 -52.95 65.23
C GLY I 135 -0.69 -53.81 66.33
N SER I 136 -0.65 -55.12 66.14
CA SER I 136 -0.04 -56.00 67.13
C SER I 136 1.48 -56.03 67.04
N PHE I 137 2.06 -55.44 66.01
CA PHE I 137 3.50 -55.46 65.85
C PHE I 137 4.17 -54.54 66.87
N PRO I 138 5.21 -54.99 67.56
CA PRO I 138 5.89 -54.12 68.52
C PRO I 138 6.67 -53.01 67.84
N TYR I 139 6.73 -51.86 68.51
CA TYR I 139 7.46 -50.71 67.96
C TYR I 139 8.97 -50.89 68.05
N GLY I 140 9.44 -51.56 69.10
CA GLY I 140 10.87 -51.74 69.27
C GLY I 140 11.47 -52.63 68.19
N LEU I 141 10.76 -53.70 67.83
CA LEU I 141 11.22 -54.56 66.74
C LEU I 141 11.23 -53.80 65.42
N LEU I 142 10.25 -52.92 65.21
CA LEU I 142 10.24 -52.08 64.02
C LEU I 142 11.43 -51.13 64.00
N VAL I 143 11.77 -50.56 65.16
CA VAL I 143 12.92 -49.65 65.25
C VAL I 143 14.21 -50.40 64.93
N ILE I 144 14.37 -51.59 65.50
CA ILE I 144 15.55 -52.40 65.23
C ILE I 144 15.61 -52.81 63.76
N LYS I 145 14.45 -53.16 63.19
CA LYS I 145 14.37 -53.54 61.78
C LYS I 145 14.79 -52.40 60.88
N ILE I 146 14.27 -51.20 61.14
CA ILE I 146 14.59 -50.07 60.27
C ILE I 146 16.04 -49.61 60.49
N GLU I 147 16.58 -49.78 61.70
CA GLU I 147 17.98 -49.45 61.93
C GLU I 147 18.91 -50.39 61.17
N ARG I 148 18.65 -51.70 61.25
CA ARG I 148 19.48 -52.66 60.54
C ARG I 148 19.26 -52.58 59.03
N ALA I 149 18.08 -52.11 58.59
CA ALA I 149 17.87 -51.90 57.17
C ALA I 149 18.66 -50.70 56.67
N MET I 150 18.65 -49.61 57.43
CA MET I 150 19.45 -48.44 57.07
C MET I 150 20.94 -48.70 57.20
N ARG I 151 21.33 -49.72 57.98
CA ARG I 151 22.75 -50.06 58.08
C ARG I 151 23.30 -50.61 56.76
N GLU I 152 22.50 -51.35 56.01
CA GLU I 152 22.96 -51.99 54.78
C GLU I 152 22.75 -51.13 53.54
N LEU I 153 22.19 -49.93 53.68
CA LEU I 153 21.86 -49.07 52.54
C LEU I 153 22.91 -47.99 52.33
N THR I 154 24.18 -48.32 52.54
CA THR I 154 25.25 -47.36 52.38
C THR I 154 25.45 -46.89 50.95
N ASP I 155 25.04 -47.71 49.96
CA ASP I 155 25.21 -47.33 48.56
C ASP I 155 24.24 -46.22 48.16
N LEU I 156 23.06 -46.18 48.79
CA LEU I 156 22.07 -45.15 48.48
C LEU I 156 22.33 -43.85 49.25
N PHE I 157 23.38 -43.79 50.06
CA PHE I 157 23.69 -42.56 50.78
C PHE I 157 24.17 -41.49 49.83
N GLY I 158 23.73 -40.25 50.08
CA GLY I 158 24.11 -39.14 49.23
C GLY I 158 23.42 -39.08 47.89
N TYR I 159 22.24 -39.70 47.76
CA TYR I 159 21.49 -39.71 46.52
C TYR I 159 20.40 -38.64 46.55
N LYS I 160 20.38 -37.80 45.54
CA LYS I 160 19.41 -36.71 45.44
C LYS I 160 18.65 -36.81 44.13
N LEU I 161 17.42 -36.30 44.13
CA LEU I 161 16.58 -36.32 42.94
C LEU I 161 17.11 -35.34 41.90
N GLY I 162 17.02 -35.73 40.63
CA GLY I 162 17.48 -34.90 39.54
C GLY I 162 16.40 -33.98 39.00
MG MG J . 8.34 -24.88 -4.35
AL AF3 K . 7.83 -25.72 -8.17
F1 AF3 K . 8.53 -24.99 -6.88
F2 AF3 K . 6.77 -24.88 -9.07
F3 AF3 K . 8.50 -27.09 -8.76
PB GDP L . 6.89 -27.45 -5.66
O1B GDP L . 7.76 -27.84 -4.49
O2B GDP L . 7.47 -28.01 -6.94
O3B GDP L . 6.84 -25.94 -5.76
O3A GDP L . 5.41 -28.03 -5.45
PA GDP L . 4.51 -27.53 -4.22
O1A GDP L . 4.37 -26.02 -4.23
O2A GDP L . 5.08 -28.00 -2.90
O5' GDP L . 3.08 -28.21 -4.50
C5' GDP L . 1.94 -27.81 -3.77
C4' GDP L . 0.75 -28.62 -4.24
O4' GDP L . 1.15 -29.98 -4.36
C3' GDP L . -0.36 -28.57 -3.21
O3' GDP L . -1.50 -27.89 -3.75
C2' GDP L . -0.71 -30.01 -2.90
O2' GDP L . -2.11 -30.23 -3.08
C1' GDP L . 0.08 -30.81 -3.91
N9 GDP L . 0.58 -32.08 -3.34
C8 GDP L . 1.85 -32.34 -2.94
N7 GDP L . 1.96 -33.60 -2.47
C5 GDP L . 0.75 -34.18 -2.56
C6 GDP L . 0.17 -35.50 -2.23
O6 GDP L . 0.86 -36.41 -1.74
N1 GDP L . -1.14 -35.69 -2.48
C2 GDP L . -1.91 -34.73 -3.01
N2 GDP L . -3.22 -35.00 -3.23
N3 GDP L . -1.45 -33.49 -3.33
C4 GDP L . -0.15 -33.17 -3.14
PB GDP M . -25.94 -40.96 0.80
O1B GDP M . -26.00 -41.00 2.31
O2B GDP M . -27.32 -40.69 0.25
O3B GDP M . -25.43 -42.27 0.28
O3A GDP M . -24.96 -39.77 0.34
PA GDP M . -23.37 -39.93 0.58
O1A GDP M . -22.82 -41.05 -0.26
O2A GDP M . -23.07 -40.16 2.04
O5' GDP M . -22.78 -38.51 0.08
C5' GDP M . -21.38 -38.34 -0.02
C4' GDP M . -21.08 -37.04 -0.72
O4' GDP M . -21.63 -35.95 0.02
C3' GDP M . -19.58 -36.80 -0.82
O3' GDP M . -19.16 -36.79 -2.18
C2' GDP M . -19.32 -35.45 -0.19
O2' GDP M . -18.68 -34.59 -1.13
C1' GDP M . -20.69 -34.90 0.18
N9 GDP M . -20.71 -34.43 1.59
C8 GDP M . -21.32 -35.06 2.60
N7 GDP M . -21.15 -34.38 3.76
C5 GDP M . -20.42 -33.30 3.49
C6 GDP M . -19.87 -32.16 4.27
O6 GDP M . -20.08 -32.06 5.50
N1 GDP M . -19.15 -31.25 3.61
C2 GDP M . -18.90 -31.33 2.30
N2 GDP M . -18.17 -30.36 1.71
N3 GDP M . -19.37 -32.34 1.52
C4 GDP M . -20.12 -33.33 2.06
#